data_8PWU
#
_entry.id   8PWU
#
_cell.length_a   115.309
_cell.length_b   134.522
_cell.length_c   198.667
_cell.angle_alpha   90.000
_cell.angle_beta   93.560
_cell.angle_gamma   90.000
#
_symmetry.space_group_name_H-M   'P 1 21 1'
#
loop_
_entity.id
_entity.type
_entity.pdbx_description
1 polymer 'Reticulocyte-binding protein homolog 5'
2 polymer 'monoclonal antibody MAD10-255'
#
loop_
_entity_poly.entity_id
_entity_poly.type
_entity_poly.pdbx_seq_one_letter_code
_entity_poly.pdbx_strand_id
1 'polypeptide(L)'
;KNVNFLQYHFKELSNYNIANSIDILQEKEGHLDFVIIPHYTFLDYYKHLSYNSIYHKSSTYGKYIAVDAFIKKINEAYDK
VKSKCNDIKNDLIATIKKLEHPYDINNKNRAFKKMMDEYNTKKKKLIKCIKNHENDFNKICMDMKNYGTNLFEQLSCYNN
NFCNTNGIRYHYDEYIHKLILSVKSKNLNKDLSDMTNILQQSELLLTNLNKKMGSYIYIDTIKFIHKEMKHIFNRIEYHT
KIINDKTKIIQDKIKLNIWRTFQKDELLKRILDMSNEYSLFITSDHLRQMLYNTFYSKEKHLNNIFHHLIYVLQMKFNDV
PIKMEYFQTYKKNKPLTQ
;
A,C,E,G,I,K
2 'polypeptide(L)'
;QVQLQESGPGLVKPSETLSLTCTVSGGSISTYYWSWIRQPPGKGLEWLGYIYHSGSTDYNPSLESRVTISVDTSRTRFSL
RLRSVTAADTAVYYCARSTTMIQQYFDYWGRGTLVTVSSGGGGSGGGGSGGGGSDIQMTQSPSSLSASLGDRVTITCQAS
QGISNSLNWYQQKPGKAPKVLIYDASNLETGVPSRFSGSGSGTDFTFTITSLQPEDIATYYCQQYHYLPLTFGGGTKLEI
KGTKHHHHHH
;
B,D,F,H,J
#
# COMPACT_ATOMS: atom_id res chain seq x y z
N ALA A 19 37.44 3.56 -14.88
CA ALA A 19 38.52 3.57 -15.87
C ALA A 19 39.64 4.59 -15.49
N ASN A 20 39.24 5.83 -15.20
CA ASN A 20 40.12 6.94 -14.79
C ASN A 20 39.29 7.99 -13.98
N SER A 21 38.33 7.48 -13.19
CA SER A 21 37.46 8.31 -12.40
C SER A 21 37.50 7.75 -10.99
N ILE A 22 38.68 7.80 -10.38
CA ILE A 22 38.92 7.36 -9.01
C ILE A 22 39.23 8.60 -8.19
N ASP A 23 38.83 8.60 -6.93
CA ASP A 23 39.12 9.73 -6.05
C ASP A 23 39.85 9.24 -4.83
N ILE A 24 41.09 9.70 -4.62
CA ILE A 24 41.89 9.33 -3.47
C ILE A 24 41.52 10.22 -2.29
N LEU A 25 41.34 9.63 -1.10
CA LEU A 25 40.88 10.36 0.08
C LEU A 25 41.65 10.05 1.37
N GLN A 26 42.28 11.05 1.96
CA GLN A 26 43.01 10.93 3.22
C GLN A 26 42.33 11.76 4.35
N GLU A 27 41.11 11.38 4.76
CA GLU A 27 40.34 12.12 5.78
C GLU A 27 41.03 12.24 7.13
N LYS A 28 41.75 11.18 7.56
CA LYS A 28 42.50 11.12 8.82
C LYS A 28 44.02 10.99 8.54
N GLU A 29 44.87 11.06 9.59
CA GLU A 29 46.31 10.91 9.40
C GLU A 29 46.64 9.43 9.17
N GLY A 30 47.24 9.15 8.03
CA GLY A 30 47.62 7.79 7.63
C GLY A 30 46.45 6.89 7.25
N HIS A 31 45.38 7.49 6.73
CA HIS A 31 44.18 6.74 6.33
C HIS A 31 43.83 7.09 4.89
N LEU A 32 44.36 6.33 3.91
CA LEU A 32 44.03 6.56 2.50
C LEU A 32 42.95 5.55 2.06
N ASP A 33 42.04 6.00 1.18
CA ASP A 33 40.96 5.22 0.58
C ASP A 33 40.65 5.76 -0.84
N PHE A 34 39.85 5.04 -1.62
CA PHE A 34 39.51 5.46 -2.96
C PHE A 34 38.04 5.21 -3.28
N VAL A 35 37.51 6.01 -4.19
CA VAL A 35 36.12 5.88 -4.61
C VAL A 35 36.11 5.85 -6.11
N ILE A 36 35.57 4.78 -6.69
CA ILE A 36 35.44 4.72 -8.14
C ILE A 36 34.14 5.45 -8.38
N ILE A 37 34.23 6.72 -8.82
CA ILE A 37 33.07 7.61 -9.03
C ILE A 37 31.86 6.92 -9.71
N PRO A 38 32.05 6.26 -10.86
CA PRO A 38 30.90 5.65 -11.54
C PRO A 38 30.24 4.52 -10.78
N HIS A 39 31.02 3.78 -10.01
CA HIS A 39 30.50 2.68 -9.21
C HIS A 39 29.64 3.23 -8.09
N TYR A 40 30.06 4.36 -7.48
CA TYR A 40 29.30 4.97 -6.41
C TYR A 40 27.93 5.40 -6.92
N THR A 41 27.89 6.15 -8.05
CA THR A 41 26.63 6.62 -8.66
C THR A 41 25.72 5.43 -9.01
N PHE A 42 26.30 4.39 -9.63
CA PHE A 42 25.55 3.21 -10.05
C PHE A 42 24.87 2.51 -8.89
N LEU A 43 25.62 2.15 -7.84
CA LEU A 43 25.04 1.50 -6.69
C LEU A 43 24.01 2.41 -5.98
N ASP A 44 24.25 3.73 -6.00
CA ASP A 44 23.33 4.67 -5.38
C ASP A 44 22.03 4.77 -6.16
N TYR A 45 22.10 4.70 -7.50
CA TYR A 45 20.93 4.76 -8.36
C TYR A 45 19.98 3.59 -8.07
N TYR A 46 20.57 2.39 -7.93
CA TYR A 46 19.79 1.21 -7.64
C TYR A 46 19.34 1.15 -6.18
N LYS A 47 20.01 1.90 -5.28
CA LYS A 47 19.59 2.00 -3.90
C LYS A 47 18.27 2.77 -3.87
N HIS A 48 18.19 3.89 -4.62
CA HIS A 48 16.99 4.72 -4.72
C HIS A 48 15.86 4.05 -5.48
N LEU A 49 16.18 3.25 -6.49
CA LEU A 49 15.17 2.52 -7.24
C LEU A 49 14.47 1.50 -6.34
N SER A 50 15.25 0.83 -5.48
CA SER A 50 14.76 -0.17 -4.54
C SER A 50 13.76 0.44 -3.56
N TYR A 51 14.15 1.52 -2.89
CA TYR A 51 13.30 2.16 -1.91
C TYR A 51 12.06 2.70 -2.52
N ASN A 52 12.17 3.29 -3.71
CA ASN A 52 11.05 3.86 -4.42
C ASN A 52 10.01 2.82 -4.79
N SER A 53 10.45 1.61 -5.15
CA SER A 53 9.55 0.53 -5.55
C SER A 53 8.83 -0.04 -4.33
N ILE A 54 9.54 -0.24 -3.19
CA ILE A 54 8.90 -0.79 -1.99
C ILE A 54 8.00 0.25 -1.29
N TYR A 55 8.31 1.57 -1.42
CA TYR A 55 7.53 2.61 -0.75
C TYR A 55 6.24 2.95 -1.44
N HIS A 56 6.13 2.68 -2.75
CA HIS A 56 4.99 2.99 -3.61
C HIS A 56 3.66 2.62 -3.02
N LYS A 57 3.57 1.43 -2.48
CA LYS A 57 2.37 0.89 -1.87
C LYS A 57 2.71 0.63 -0.41
N SER A 58 1.76 0.79 0.53
CA SER A 58 2.08 0.58 1.94
C SER A 58 2.32 -0.84 2.26
N SER A 59 1.58 -1.77 1.62
CA SER A 59 1.78 -3.21 1.83
C SER A 59 3.30 -3.63 1.80
N THR A 60 4.07 -2.99 0.92
CA THR A 60 5.48 -3.26 0.74
C THR A 60 6.50 -2.37 1.51
N TYR A 61 6.09 -1.39 2.36
CA TYR A 61 7.06 -0.51 3.05
C TYR A 61 8.05 -1.33 3.87
N GLY A 62 7.53 -2.27 4.64
CA GLY A 62 8.31 -3.13 5.54
C GLY A 62 9.48 -3.83 4.90
N LYS A 63 9.44 -4.00 3.58
CA LYS A 63 10.51 -4.63 2.82
C LYS A 63 11.82 -3.84 2.93
N TYR A 64 11.82 -2.59 3.43
CA TYR A 64 13.05 -1.80 3.54
C TYR A 64 14.09 -2.49 4.41
N ILE A 65 13.67 -3.33 5.37
CA ILE A 65 14.53 -4.10 6.27
C ILE A 65 15.43 -5.00 5.42
N ALA A 66 14.81 -5.71 4.45
CA ALA A 66 15.51 -6.62 3.57
C ALA A 66 16.39 -5.89 2.62
N VAL A 67 15.94 -4.73 2.12
CA VAL A 67 16.71 -3.93 1.19
C VAL A 67 17.95 -3.39 1.87
N ASP A 68 17.82 -2.91 3.10
CA ASP A 68 18.93 -2.41 3.88
C ASP A 68 19.96 -3.56 4.09
N ALA A 69 19.47 -4.78 4.41
CA ALA A 69 20.31 -5.94 4.63
C ALA A 69 21.06 -6.31 3.39
N PHE A 70 20.39 -6.27 2.22
CA PHE A 70 21.01 -6.61 0.95
C PHE A 70 22.06 -5.60 0.58
N ILE A 71 21.76 -4.31 0.73
CA ILE A 71 22.72 -3.26 0.44
C ILE A 71 23.98 -3.39 1.32
N LYS A 72 23.82 -3.84 2.60
CA LYS A 72 24.94 -4.13 3.48
C LYS A 72 25.79 -5.25 2.89
N LYS A 73 25.15 -6.27 2.30
CA LYS A 73 25.89 -7.38 1.68
C LYS A 73 26.68 -6.84 0.47
N ILE A 74 26.08 -5.92 -0.31
CA ILE A 74 26.74 -5.32 -1.46
C ILE A 74 27.98 -4.53 -1.03
N ASN A 75 27.85 -3.76 0.04
CA ASN A 75 28.98 -2.98 0.54
C ASN A 75 30.06 -3.90 1.08
N GLU A 76 29.71 -4.90 1.90
CA GLU A 76 30.68 -5.83 2.44
C GLU A 76 31.41 -6.60 1.32
N ALA A 77 30.67 -6.94 0.23
CA ALA A 77 31.24 -7.66 -0.92
C ALA A 77 32.21 -6.80 -1.72
N TYR A 78 31.83 -5.54 -1.95
CA TYR A 78 32.64 -4.57 -2.68
C TYR A 78 33.89 -4.22 -1.89
N ASP A 79 33.78 -4.10 -0.55
CA ASP A 79 34.91 -3.83 0.33
C ASP A 79 35.92 -4.96 0.30
N LYS A 80 35.45 -6.21 0.16
CA LYS A 80 36.32 -7.37 0.07
C LYS A 80 37.17 -7.29 -1.21
N VAL A 81 36.63 -6.74 -2.31
CA VAL A 81 37.38 -6.55 -3.57
C VAL A 81 38.41 -5.41 -3.44
N LYS A 82 38.01 -4.29 -2.80
CA LYS A 82 38.89 -3.15 -2.55
C LYS A 82 40.07 -3.60 -1.67
N SER A 83 39.79 -4.46 -0.66
CA SER A 83 40.78 -4.98 0.28
C SER A 83 41.86 -5.83 -0.36
N LYS A 84 41.68 -6.27 -1.61
CA LYS A 84 42.73 -7.02 -2.32
C LYS A 84 43.93 -6.07 -2.61
N CYS A 85 43.62 -4.83 -2.96
CA CYS A 85 44.61 -3.80 -3.22
C CYS A 85 45.12 -3.12 -1.94
N ASN A 86 45.00 -3.77 -0.77
CA ASN A 86 45.40 -3.17 0.50
C ASN A 86 46.87 -3.10 0.71
N ASP A 87 47.64 -4.04 0.14
CA ASP A 87 49.08 -4.04 0.31
C ASP A 87 49.69 -2.85 -0.41
N ILE A 88 49.21 -2.59 -1.64
CA ILE A 88 49.64 -1.47 -2.47
C ILE A 88 49.23 -0.15 -1.85
N LYS A 89 48.01 -0.10 -1.28
CA LYS A 89 47.46 1.08 -0.61
C LYS A 89 48.28 1.39 0.64
N ASN A 90 48.59 0.37 1.48
CA ASN A 90 49.38 0.56 2.70
C ASN A 90 50.83 0.95 2.42
N ASP A 91 51.35 0.58 1.24
CA ASP A 91 52.68 0.95 0.78
C ASP A 91 52.68 2.44 0.42
N LEU A 92 51.63 2.91 -0.27
CA LEU A 92 51.51 4.31 -0.62
C LEU A 92 51.25 5.17 0.63
N ILE A 93 50.56 4.61 1.66
CA ILE A 93 50.32 5.30 2.92
C ILE A 93 51.66 5.51 3.65
N ALA A 94 52.51 4.46 3.65
CA ALA A 94 53.84 4.52 4.26
C ALA A 94 54.76 5.53 3.56
N THR A 95 54.64 5.65 2.23
CA THR A 95 55.40 6.61 1.42
C THR A 95 54.95 8.03 1.73
N ILE A 96 53.63 8.29 1.70
CA ILE A 96 53.05 9.60 1.99
C ILE A 96 53.41 10.03 3.43
N LYS A 97 53.47 9.06 4.38
CA LYS A 97 53.84 9.32 5.77
C LYS A 97 55.26 9.87 5.84
N LYS A 98 56.21 9.27 5.07
CA LYS A 98 57.61 9.71 5.02
C LYS A 98 57.75 11.10 4.37
N LEU A 99 56.95 11.36 3.34
CA LEU A 99 56.95 12.65 2.66
C LEU A 99 56.37 13.77 3.53
N GLU A 100 55.60 13.42 4.57
CA GLU A 100 55.00 14.38 5.49
C GLU A 100 55.86 14.54 6.75
N HIS A 101 57.20 14.65 6.57
CA HIS A 101 58.18 14.85 7.65
C HIS A 101 59.18 15.93 7.23
N LYS A 114 64.93 12.44 -1.70
CA LYS A 114 63.57 12.84 -2.04
C LYS A 114 62.85 11.76 -2.84
N MET A 115 61.76 11.24 -2.28
CA MET A 115 61.00 10.15 -2.88
C MET A 115 59.67 10.53 -3.51
N MET A 116 59.57 11.76 -4.04
CA MET A 116 58.39 12.24 -4.77
C MET A 116 58.14 11.34 -6.00
N ASP A 117 59.22 10.89 -6.65
CA ASP A 117 59.16 9.99 -7.81
C ASP A 117 58.63 8.61 -7.40
N GLU A 118 59.00 8.15 -6.20
CA GLU A 118 58.56 6.88 -5.60
C GLU A 118 57.05 6.91 -5.25
N TYR A 119 56.56 8.09 -4.87
CA TYR A 119 55.16 8.30 -4.55
C TYR A 119 54.34 8.13 -5.84
N ASN A 120 54.78 8.74 -6.95
CA ASN A 120 54.06 8.66 -8.21
C ASN A 120 53.97 7.23 -8.72
N THR A 121 55.05 6.46 -8.61
CA THR A 121 55.07 5.07 -9.03
C THR A 121 54.18 4.18 -8.15
N LYS A 122 54.13 4.48 -6.84
CA LYS A 122 53.26 3.70 -5.93
C LYS A 122 51.77 4.07 -6.09
N LYS A 123 51.49 5.31 -6.54
CA LYS A 123 50.14 5.80 -6.80
C LYS A 123 49.63 5.18 -8.10
N LYS A 124 50.48 5.11 -9.13
CA LYS A 124 50.14 4.44 -10.39
C LYS A 124 49.87 2.95 -10.15
N LYS A 125 50.65 2.34 -9.23
CA LYS A 125 50.56 0.94 -8.83
C LYS A 125 49.20 0.59 -8.22
N LEU A 126 48.67 1.52 -7.43
CA LEU A 126 47.38 1.34 -6.77
C LEU A 126 46.29 1.39 -7.82
N ILE A 127 46.32 2.40 -8.69
CA ILE A 127 45.38 2.56 -9.80
C ILE A 127 45.36 1.33 -10.67
N LYS A 128 46.55 0.76 -10.94
CA LYS A 128 46.67 -0.44 -11.76
C LYS A 128 45.85 -1.60 -11.21
N CYS A 129 46.10 -2.03 -9.95
CA CYS A 129 45.36 -3.18 -9.41
C CYS A 129 43.87 -2.90 -9.23
N ILE A 130 43.46 -1.61 -9.19
CA ILE A 130 42.03 -1.29 -9.12
C ILE A 130 41.43 -1.66 -10.48
N LYS A 131 42.06 -1.21 -11.57
CA LYS A 131 41.63 -1.56 -12.91
C LYS A 131 41.71 -3.05 -13.18
N ASN A 132 42.56 -3.79 -12.45
CA ASN A 132 42.69 -5.24 -12.57
C ASN A 132 41.43 -5.91 -12.02
N HIS A 133 40.94 -5.44 -10.86
CA HIS A 133 39.72 -5.99 -10.27
C HIS A 133 38.43 -5.45 -10.84
N GLU A 134 38.51 -4.80 -12.00
CA GLU A 134 37.40 -4.20 -12.72
C GLU A 134 36.18 -5.11 -12.80
N ASN A 135 36.34 -6.36 -13.25
CA ASN A 135 35.19 -7.26 -13.40
C ASN A 135 34.71 -7.85 -12.09
N ASP A 136 35.54 -7.84 -11.04
CA ASP A 136 35.11 -8.33 -9.73
C ASP A 136 34.10 -7.31 -9.12
N PHE A 137 34.37 -6.01 -9.32
CA PHE A 137 33.52 -4.91 -8.88
C PHE A 137 32.28 -4.87 -9.75
N ASN A 138 32.42 -5.06 -11.08
CA ASN A 138 31.33 -5.06 -12.04
C ASN A 138 30.30 -6.11 -11.73
N LYS A 139 30.74 -7.28 -11.24
CA LYS A 139 29.82 -8.35 -10.90
C LYS A 139 28.93 -7.93 -9.70
N ILE A 140 29.51 -7.23 -8.72
CA ILE A 140 28.77 -6.73 -7.55
C ILE A 140 27.76 -5.68 -7.99
N CYS A 141 28.21 -4.73 -8.83
CA CYS A 141 27.39 -3.66 -9.37
C CYS A 141 26.22 -4.23 -10.14
N MET A 142 26.48 -5.25 -10.98
CA MET A 142 25.44 -5.91 -11.75
C MET A 142 24.41 -6.61 -10.89
N ASP A 143 24.84 -7.26 -9.79
CA ASP A 143 23.94 -7.92 -8.85
C ASP A 143 23.04 -6.86 -8.19
N MET A 144 23.59 -5.67 -7.89
CA MET A 144 22.83 -4.57 -7.33
C MET A 144 21.78 -4.07 -8.32
N LYS A 145 22.15 -3.94 -9.62
CA LYS A 145 21.22 -3.53 -10.68
C LYS A 145 20.06 -4.52 -10.74
N ASN A 146 20.35 -5.83 -10.70
CA ASN A 146 19.36 -6.91 -10.70
C ASN A 146 18.41 -6.82 -9.51
N TYR A 147 18.93 -6.52 -8.30
CA TYR A 147 18.09 -6.47 -7.12
C TYR A 147 17.05 -5.40 -7.20
N GLY A 148 17.50 -4.16 -7.51
CA GLY A 148 16.66 -2.98 -7.64
C GLY A 148 15.71 -3.10 -8.82
N THR A 149 16.18 -3.68 -9.91
CA THR A 149 15.35 -3.90 -11.08
C THR A 149 14.25 -4.90 -10.77
N ASN A 150 14.52 -5.97 -9.97
CA ASN A 150 13.47 -6.90 -9.61
C ASN A 150 12.39 -6.21 -8.81
N LEU A 151 12.78 -5.32 -7.88
CA LEU A 151 11.80 -4.60 -7.08
C LEU A 151 11.00 -3.66 -7.96
N PHE A 152 11.69 -2.94 -8.88
CA PHE A 152 11.09 -1.99 -9.81
C PHE A 152 10.04 -2.65 -10.70
N GLU A 153 10.33 -3.89 -11.14
CA GLU A 153 9.47 -4.69 -11.99
C GLU A 153 8.22 -5.20 -11.31
N GLN A 154 8.25 -5.36 -10.00
CA GLN A 154 7.05 -5.73 -9.25
C GLN A 154 6.52 -4.43 -8.68
N LEU A 155 5.73 -3.68 -9.45
CA LEU A 155 5.26 -2.37 -8.98
C LEU A 155 3.81 -2.33 -9.31
N SER A 156 2.92 -2.65 -8.37
CA SER A 156 1.48 -2.63 -8.65
C SER A 156 0.95 -1.18 -8.77
N CYS A 157 -0.23 -1.06 -9.33
CA CYS A 157 -0.94 0.16 -9.49
C CYS A 157 -2.33 -0.40 -9.58
N TYR A 158 -3.15 0.04 -8.69
CA TYR A 158 -4.55 -0.35 -8.64
C TYR A 158 -5.28 0.04 -9.97
N ASN A 159 -4.92 1.20 -10.58
CA ASN A 159 -5.54 1.58 -11.83
C ASN A 159 -4.64 1.59 -13.02
N ASN A 160 -3.35 1.90 -12.86
CA ASN A 160 -2.43 1.86 -14.00
C ASN A 160 -2.58 3.08 -14.94
N ASN A 161 -3.73 3.72 -14.93
CA ASN A 161 -3.95 5.00 -15.61
C ASN A 161 -3.84 6.13 -14.54
N PHE A 162 -3.99 5.78 -13.24
CA PHE A 162 -3.86 6.66 -12.09
C PHE A 162 -3.05 5.85 -11.10
N CYS A 163 -1.75 6.16 -11.02
CA CYS A 163 -0.75 5.50 -10.16
C CYS A 163 -0.36 6.50 -9.13
N ASN A 164 -0.44 6.11 -7.88
CA ASN A 164 -0.13 7.03 -6.81
C ASN A 164 1.33 7.41 -6.69
N THR A 165 1.59 8.71 -6.62
CA THR A 165 2.97 9.19 -6.42
C THR A 165 3.32 9.23 -4.93
N ASN A 166 2.84 8.27 -4.12
CA ASN A 166 3.10 8.27 -2.68
C ASN A 166 4.51 7.88 -2.42
N GLY A 167 4.97 6.82 -3.11
CA GLY A 167 6.31 6.28 -3.00
C GLY A 167 7.36 7.31 -3.28
N ILE A 168 7.09 8.19 -4.28
CA ILE A 168 8.02 9.26 -4.62
C ILE A 168 8.19 10.22 -3.46
N ARG A 169 7.07 10.71 -2.86
CA ARG A 169 7.23 11.66 -1.74
C ARG A 169 7.79 10.96 -0.52
N TYR A 170 7.25 9.81 -0.06
CA TYR A 170 7.74 9.13 1.15
C TYR A 170 9.23 8.93 1.12
N HIS A 171 9.75 8.54 -0.06
CA HIS A 171 11.17 8.35 -0.29
C HIS A 171 11.85 9.69 -0.18
N TYR A 172 11.57 10.64 -1.16
CA TYR A 172 12.12 12.00 -1.18
C TYR A 172 12.21 12.62 0.21
N ASP A 173 11.08 12.68 0.93
CA ASP A 173 10.99 13.23 2.27
C ASP A 173 11.94 12.59 3.27
N GLU A 174 12.01 11.23 3.32
CA GLU A 174 12.92 10.60 4.27
C GLU A 174 14.37 10.68 3.83
N TYR A 175 14.70 10.11 2.68
CA TYR A 175 16.09 10.04 2.23
C TYR A 175 16.71 11.31 1.61
N ILE A 176 16.01 12.03 0.72
CA ILE A 176 16.64 13.13 -0.05
C ILE A 176 16.40 14.55 0.44
N HIS A 177 15.22 14.86 0.93
CA HIS A 177 14.86 16.21 1.33
C HIS A 177 15.80 16.83 2.33
N LYS A 178 16.13 16.08 3.38
CA LYS A 178 17.01 16.53 4.42
C LYS A 178 18.39 17.00 3.88
N LEU A 179 18.95 16.25 2.92
CA LEU A 179 20.23 16.53 2.28
C LEU A 179 20.16 17.81 1.48
N ILE A 180 19.02 18.08 0.82
CA ILE A 180 18.83 19.30 0.04
C ILE A 180 18.98 20.51 0.97
N LEU A 181 18.31 20.45 2.13
CA LEU A 181 18.32 21.53 3.11
C LEU A 181 19.68 21.73 3.77
N SER A 182 20.45 20.65 4.05
CA SER A 182 21.77 20.81 4.67
C SER A 182 22.70 21.54 3.71
N VAL A 183 22.65 21.19 2.44
CA VAL A 183 23.46 21.80 1.40
C VAL A 183 23.04 23.25 1.14
N LYS A 184 21.73 23.50 1.15
CA LYS A 184 21.20 24.85 0.95
C LYS A 184 21.73 25.82 2.01
N SER A 185 21.84 25.34 3.27
CA SER A 185 22.35 26.13 4.38
C SER A 185 23.87 26.32 4.38
N LYS A 186 24.58 25.38 3.79
CA LYS A 186 26.04 25.36 3.82
C LYS A 186 26.77 26.50 3.09
N ASN A 187 26.30 26.91 1.88
CA ASN A 187 27.01 27.93 1.08
C ASN A 187 28.41 27.40 0.72
N LEU A 188 28.44 26.40 -0.18
CA LEU A 188 29.65 25.72 -0.61
C LEU A 188 30.60 26.60 -1.43
N ASN A 189 30.15 27.76 -1.87
CA ASN A 189 30.98 28.67 -2.65
C ASN A 189 31.91 29.44 -1.71
N LYS A 190 31.41 29.82 -0.52
CA LYS A 190 32.21 30.48 0.52
C LYS A 190 33.27 29.51 1.02
N ASP A 191 32.93 28.22 1.17
CA ASP A 191 33.87 27.18 1.59
C ASP A 191 35.05 27.11 0.61
N LEU A 192 34.76 27.21 -0.71
CA LEU A 192 35.75 27.19 -1.78
C LEU A 192 36.60 28.45 -1.75
N SER A 193 35.98 29.61 -1.49
CA SER A 193 36.68 30.87 -1.41
C SER A 193 37.67 30.85 -0.24
N ASP A 194 37.27 30.30 0.91
CA ASP A 194 38.13 30.17 2.09
C ASP A 194 39.30 29.20 1.85
N MET A 195 39.12 28.22 0.96
CA MET A 195 40.16 27.27 0.60
C MET A 195 41.17 27.88 -0.34
N THR A 196 40.76 28.84 -1.19
CA THR A 196 41.71 29.50 -2.09
C THR A 196 42.63 30.37 -1.25
N ASN A 197 42.08 31.08 -0.24
CA ASN A 197 42.86 31.93 0.67
C ASN A 197 43.91 31.10 1.39
N ILE A 198 43.58 29.86 1.78
CA ILE A 198 44.52 28.97 2.44
C ILE A 198 45.67 28.62 1.50
N LEU A 199 45.34 28.27 0.25
CA LEU A 199 46.33 27.93 -0.77
C LEU A 199 47.18 29.15 -1.22
N GLN A 200 46.61 30.35 -1.14
CA GLN A 200 47.30 31.58 -1.51
C GLN A 200 48.29 31.96 -0.41
N GLN A 201 47.89 31.77 0.88
CA GLN A 201 48.75 32.06 2.02
C GLN A 201 49.94 31.12 1.99
N SER A 202 49.70 29.84 1.71
CA SER A 202 50.76 28.85 1.63
C SER A 202 51.65 29.12 0.42
N GLU A 203 51.06 29.55 -0.70
CA GLU A 203 51.82 29.86 -1.93
C GLU A 203 52.74 31.05 -1.73
N LEU A 204 52.30 32.01 -0.92
CA LEU A 204 53.11 33.19 -0.64
C LEU A 204 54.22 32.91 0.36
N LEU A 205 53.92 32.10 1.37
CA LEU A 205 54.91 31.68 2.36
C LEU A 205 55.97 30.82 1.68
N LEU A 206 55.57 29.97 0.72
CA LEU A 206 56.44 29.08 -0.07
C LEU A 206 57.40 29.89 -0.93
N THR A 207 56.92 30.98 -1.54
CA THR A 207 57.77 31.82 -2.38
C THR A 207 58.66 32.76 -1.52
N ASN A 208 58.18 33.16 -0.33
CA ASN A 208 58.95 33.98 0.59
C ASN A 208 60.08 33.18 1.22
N LEU A 209 59.87 31.87 1.45
CA LEU A 209 60.90 31.01 1.99
C LEU A 209 61.95 30.81 0.90
N ASN A 210 61.53 30.51 -0.34
CA ASN A 210 62.42 30.29 -1.48
C ASN A 210 63.29 31.53 -1.79
N LYS A 211 62.67 32.72 -1.77
CA LYS A 211 63.37 33.98 -2.04
C LYS A 211 64.25 34.41 -0.87
N LYS A 212 63.66 34.50 0.34
CA LYS A 212 64.39 34.95 1.52
C LYS A 212 65.30 33.87 2.13
N MET A 213 64.75 32.93 2.91
CA MET A 213 65.57 31.91 3.56
C MET A 213 65.27 30.49 3.07
N GLY A 214 65.82 30.14 1.91
CA GLY A 214 65.64 28.80 1.34
C GLY A 214 66.46 27.73 2.02
N SER A 215 67.36 28.12 2.94
CA SER A 215 68.24 27.23 3.71
C SER A 215 67.48 26.58 4.88
N TYR A 216 66.22 26.17 4.63
CA TYR A 216 65.38 25.59 5.67
C TYR A 216 65.11 24.12 5.45
N ILE A 217 64.95 23.40 6.55
CA ILE A 217 64.56 22.00 6.52
C ILE A 217 63.02 22.00 6.28
N TYR A 218 62.49 20.90 5.71
CA TYR A 218 61.06 20.72 5.43
C TYR A 218 60.46 21.64 4.36
N ILE A 219 61.28 22.33 3.56
CA ILE A 219 60.78 23.20 2.50
C ILE A 219 60.12 22.38 1.38
N ASP A 220 60.67 21.19 1.11
CA ASP A 220 60.16 20.27 0.09
C ASP A 220 58.84 19.63 0.53
N THR A 221 58.71 19.34 1.83
CA THR A 221 57.47 18.76 2.36
C THR A 221 56.32 19.78 2.29
N ILE A 222 56.62 21.09 2.46
CA ILE A 222 55.61 22.16 2.34
C ILE A 222 55.15 22.23 0.89
N LYS A 223 56.10 22.19 -0.06
CA LYS A 223 55.85 22.24 -1.49
C LYS A 223 54.99 21.05 -1.93
N PHE A 224 55.23 19.86 -1.35
CA PHE A 224 54.47 18.66 -1.67
C PHE A 224 53.05 18.74 -1.14
N ILE A 225 52.90 19.11 0.14
CA ILE A 225 51.59 19.22 0.77
C ILE A 225 50.73 20.27 0.06
N HIS A 226 51.32 21.41 -0.29
CA HIS A 226 50.60 22.45 -1.01
C HIS A 226 50.22 21.98 -2.41
N LYS A 227 51.08 21.21 -3.07
CA LYS A 227 50.78 20.69 -4.41
C LYS A 227 49.62 19.71 -4.34
N GLU A 228 49.62 18.85 -3.31
CA GLU A 228 48.57 17.86 -3.08
C GLU A 228 47.25 18.54 -2.71
N MET A 229 47.30 19.56 -1.87
CA MET A 229 46.13 20.32 -1.45
C MET A 229 45.54 21.15 -2.58
N LYS A 230 46.37 21.57 -3.56
CA LYS A 230 45.90 22.34 -4.71
C LYS A 230 45.03 21.43 -5.59
N HIS A 231 45.44 20.16 -5.76
CA HIS A 231 44.71 19.18 -6.54
C HIS A 231 43.41 18.75 -5.83
N ILE A 232 43.43 18.59 -4.49
CA ILE A 232 42.25 18.27 -3.68
C ILE A 232 41.20 19.36 -3.86
N PHE A 233 41.65 20.63 -3.85
CA PHE A 233 40.79 21.77 -4.05
C PHE A 233 40.08 21.70 -5.39
N ASN A 234 40.78 21.32 -6.46
CA ASN A 234 40.17 21.24 -7.79
C ASN A 234 39.09 20.18 -7.85
N ARG A 235 39.27 19.06 -7.13
CA ARG A 235 38.28 17.99 -7.07
C ARG A 235 37.08 18.40 -6.25
N ILE A 236 37.27 19.21 -5.20
CA ILE A 236 36.18 19.77 -4.40
C ILE A 236 35.40 20.79 -5.27
N GLU A 237 36.14 21.61 -6.01
CA GLU A 237 35.60 22.61 -6.92
C GLU A 237 34.69 21.96 -7.99
N TYR A 238 35.05 20.75 -8.43
CA TYR A 238 34.28 19.99 -9.41
C TYR A 238 32.97 19.48 -8.79
N HIS A 239 33.06 18.83 -7.63
CA HIS A 239 31.90 18.27 -6.97
C HIS A 239 30.93 19.32 -6.49
N THR A 240 31.42 20.46 -5.97
CA THR A 240 30.52 21.54 -5.53
C THR A 240 29.73 22.12 -6.70
N LYS A 241 30.31 22.12 -7.91
CA LYS A 241 29.63 22.61 -9.11
C LYS A 241 28.43 21.71 -9.40
N ILE A 242 28.62 20.38 -9.29
CA ILE A 242 27.57 19.38 -9.51
C ILE A 242 26.49 19.53 -8.47
N ILE A 243 26.85 19.53 -7.16
CA ILE A 243 25.89 19.71 -6.06
C ILE A 243 25.03 20.95 -6.26
N ASN A 244 25.66 22.06 -6.63
CA ASN A 244 24.97 23.32 -6.86
C ASN A 244 23.81 23.21 -7.84
N ASP A 245 24.06 22.70 -9.07
CA ASP A 245 22.96 22.64 -10.05
C ASP A 245 22.04 21.46 -9.80
N LYS A 246 22.59 20.34 -9.29
CA LYS A 246 21.77 19.20 -8.97
C LYS A 246 20.78 19.49 -7.86
N THR A 247 21.11 20.41 -6.94
CA THR A 247 20.19 20.82 -5.89
C THR A 247 19.00 21.50 -6.53
N LYS A 248 19.25 22.43 -7.49
CA LYS A 248 18.19 23.14 -8.21
C LYS A 248 17.31 22.15 -8.98
N ILE A 249 17.97 21.26 -9.76
CA ILE A 249 17.26 20.25 -10.55
C ILE A 249 16.34 19.38 -9.71
N ILE A 250 16.87 18.72 -8.64
CA ILE A 250 16.09 17.88 -7.75
C ILE A 250 14.89 18.63 -7.15
N GLN A 251 15.12 19.86 -6.70
CA GLN A 251 14.08 20.67 -6.10
C GLN A 251 12.98 21.05 -7.05
N ASP A 252 13.33 21.27 -8.32
CA ASP A 252 12.36 21.64 -9.34
C ASP A 252 11.57 20.41 -9.79
N LYS A 253 12.30 19.29 -9.99
CA LYS A 253 11.74 18.07 -10.50
C LYS A 253 10.77 17.47 -9.52
N ILE A 254 11.18 17.32 -8.26
CA ILE A 254 10.33 16.70 -7.27
C ILE A 254 8.94 17.33 -7.19
N LYS A 255 8.85 18.65 -7.38
CA LYS A 255 7.58 19.36 -7.36
C LYS A 255 6.58 18.80 -8.35
N LEU A 256 7.08 18.32 -9.49
CA LEU A 256 6.27 17.85 -10.62
C LEU A 256 5.87 16.39 -10.57
N ASN A 257 6.51 15.60 -9.70
CA ASN A 257 6.24 14.18 -9.59
C ASN A 257 5.77 13.88 -8.15
N ILE A 258 4.92 14.74 -7.53
CA ILE A 258 4.63 14.54 -6.12
C ILE A 258 3.15 14.49 -5.73
N TRP A 259 2.25 15.37 -6.26
CA TRP A 259 0.84 15.22 -5.86
C TRP A 259 -0.01 14.93 -7.10
N ARG A 260 0.49 14.02 -7.94
CA ARG A 260 -0.06 13.61 -9.24
C ARG A 260 -0.48 12.11 -9.27
N THR A 261 -1.02 11.67 -10.41
CA THR A 261 -1.34 10.29 -10.66
C THR A 261 -0.92 10.01 -12.07
N PHE A 262 0.28 9.46 -12.23
CA PHE A 262 0.79 9.14 -13.54
C PHE A 262 0.26 7.80 -14.07
N GLN A 263 0.34 7.57 -15.39
CA GLN A 263 0.04 6.25 -15.97
C GLN A 263 1.26 5.42 -15.64
N LYS A 264 1.11 4.12 -15.30
CA LYS A 264 2.25 3.28 -14.90
C LYS A 264 3.55 3.50 -15.68
N ASP A 265 3.49 3.53 -17.02
CA ASP A 265 4.65 3.78 -17.88
C ASP A 265 5.37 5.09 -17.51
N GLU A 266 4.60 6.17 -17.36
CA GLU A 266 5.10 7.48 -17.00
C GLU A 266 5.55 7.57 -15.55
N LEU A 267 4.88 6.84 -14.65
CA LEU A 267 5.23 6.76 -13.24
C LEU A 267 6.62 6.14 -13.11
N LEU A 268 6.85 5.00 -13.79
CA LEU A 268 8.12 4.32 -13.75
C LEU A 268 9.23 5.19 -14.32
N LYS A 269 8.93 5.92 -15.42
CA LYS A 269 9.89 6.84 -16.06
C LYS A 269 10.38 7.89 -15.07
N ARG A 270 9.46 8.39 -14.22
CA ARG A 270 9.83 9.42 -13.29
C ARG A 270 10.67 8.83 -12.19
N ILE A 271 10.31 7.66 -11.67
CA ILE A 271 11.11 6.99 -10.64
C ILE A 271 12.57 6.81 -11.11
N LEU A 272 12.76 6.45 -12.39
CA LEU A 272 14.10 6.28 -12.91
C LEU A 272 14.81 7.63 -12.99
N ASP A 273 14.12 8.64 -13.52
CA ASP A 273 14.67 9.98 -13.68
C ASP A 273 15.09 10.57 -12.35
N MET A 274 14.24 10.42 -11.33
CA MET A 274 14.53 10.92 -10.01
C MET A 274 15.70 10.16 -9.43
N SER A 275 15.66 8.83 -9.46
CA SER A 275 16.77 8.00 -8.95
C SER A 275 18.10 8.37 -9.58
N ASN A 276 18.08 8.89 -10.82
CA ASN A 276 19.28 9.33 -11.53
C ASN A 276 19.79 10.65 -10.95
N GLU A 277 18.89 11.64 -10.81
CA GLU A 277 19.23 12.94 -10.26
C GLU A 277 19.70 12.81 -8.82
N TYR A 278 19.03 11.96 -8.02
CA TYR A 278 19.41 11.71 -6.64
C TYR A 278 20.82 11.12 -6.60
N SER A 279 21.12 10.10 -7.43
CA SER A 279 22.42 9.43 -7.46
C SER A 279 23.60 10.35 -7.82
N LEU A 280 23.46 11.22 -8.83
CA LEU A 280 24.52 12.15 -9.19
C LEU A 280 24.77 13.14 -8.07
N PHE A 281 23.69 13.62 -7.43
CA PHE A 281 23.77 14.56 -6.33
C PHE A 281 24.44 13.93 -5.12
N ILE A 282 23.97 12.77 -4.69
CA ILE A 282 24.51 12.11 -3.51
C ILE A 282 25.97 11.74 -3.69
N THR A 283 26.38 11.36 -4.91
CA THR A 283 27.76 11.00 -5.19
C THR A 283 28.68 12.21 -5.01
N SER A 284 28.39 13.31 -5.71
CA SER A 284 29.20 14.51 -5.64
C SER A 284 29.16 15.14 -4.27
N ASP A 285 28.03 15.04 -3.56
CA ASP A 285 27.94 15.59 -2.21
C ASP A 285 28.78 14.79 -1.23
N HIS A 286 28.69 13.46 -1.31
CA HIS A 286 29.43 12.57 -0.43
C HIS A 286 30.93 12.76 -0.63
N LEU A 287 31.36 12.79 -1.89
CA LEU A 287 32.77 12.98 -2.23
C LEU A 287 33.29 14.35 -1.85
N ARG A 288 32.50 15.41 -2.03
CA ARG A 288 32.92 16.76 -1.67
C ARG A 288 33.19 16.84 -0.17
N GLN A 289 32.34 16.22 0.64
CA GLN A 289 32.53 16.23 2.10
C GLN A 289 33.75 15.44 2.48
N MET A 290 34.00 14.30 1.81
CA MET A 290 35.17 13.48 2.13
C MET A 290 36.45 14.21 1.77
N LEU A 291 36.49 14.86 0.57
CA LEU A 291 37.62 15.65 0.06
C LEU A 291 37.87 16.87 0.92
N TYR A 292 36.81 17.47 1.44
CA TYR A 292 36.87 18.61 2.34
C TYR A 292 37.65 18.23 3.61
N ASN A 293 37.35 17.06 4.17
CA ASN A 293 38.02 16.55 5.36
C ASN A 293 39.48 16.27 5.09
N THR A 294 39.81 15.77 3.89
CA THR A 294 41.20 15.48 3.53
C THR A 294 41.98 16.79 3.27
N PHE A 295 41.33 17.81 2.71
CA PHE A 295 41.98 19.09 2.47
C PHE A 295 42.39 19.71 3.80
N TYR A 296 41.48 19.68 4.79
CA TYR A 296 41.78 20.24 6.09
C TYR A 296 42.63 19.30 6.98
N SER A 297 42.67 18.00 6.68
CA SER A 297 43.59 17.09 7.38
C SER A 297 45.00 17.37 6.89
N LYS A 298 45.18 17.59 5.58
CA LYS A 298 46.48 17.92 5.03
C LYS A 298 46.91 19.30 5.50
N GLU A 299 45.97 20.27 5.63
CA GLU A 299 46.31 21.59 6.14
C GLU A 299 46.66 21.56 7.65
N LYS A 300 46.19 20.55 8.39
CA LYS A 300 46.54 20.40 9.80
C LYS A 300 48.02 20.02 9.88
N HIS A 301 48.45 18.98 9.13
CA HIS A 301 49.86 18.57 9.09
C HIS A 301 50.78 19.68 8.56
N LEU A 302 50.24 20.50 7.64
CA LEU A 302 50.90 21.65 7.02
C LEU A 302 51.10 22.72 8.09
N ASN A 303 50.08 23.00 8.91
CA ASN A 303 50.19 23.99 9.98
C ASN A 303 51.05 23.51 11.15
N ASN A 304 51.26 22.19 11.31
CA ASN A 304 52.16 21.63 12.32
C ASN A 304 53.60 22.05 11.98
N ILE A 305 53.95 22.04 10.67
CA ILE A 305 55.24 22.45 10.15
C ILE A 305 55.39 23.96 10.27
N PHE A 306 54.31 24.71 10.07
CA PHE A 306 54.33 26.16 10.23
C PHE A 306 54.57 26.56 11.67
N HIS A 307 54.09 25.76 12.65
CA HIS A 307 54.36 26.03 14.07
C HIS A 307 55.82 25.84 14.40
N HIS A 308 56.50 24.92 13.70
CA HIS A 308 57.93 24.66 13.81
C HIS A 308 58.65 25.86 13.21
N LEU A 309 58.27 26.27 12.00
CA LEU A 309 58.86 27.41 11.29
C LEU A 309 58.77 28.70 12.08
N ILE A 310 57.70 28.92 12.85
CA ILE A 310 57.60 30.13 13.66
C ILE A 310 58.48 29.98 14.90
N TYR A 311 58.48 28.80 15.52
CA TYR A 311 59.30 28.53 16.70
C TYR A 311 60.79 28.70 16.39
N VAL A 312 61.26 28.12 15.28
CA VAL A 312 62.63 28.19 14.82
C VAL A 312 63.00 29.65 14.58
N LEU A 313 62.19 30.37 13.81
CA LEU A 313 62.45 31.79 13.55
C LEU A 313 62.46 32.61 14.82
N GLN A 314 61.65 32.25 15.82
CA GLN A 314 61.62 32.97 17.09
C GLN A 314 62.84 32.68 17.96
N MET A 315 63.21 31.41 18.08
CA MET A 315 64.38 31.01 18.87
C MET A 315 65.70 31.49 18.23
N LYS A 316 65.73 31.62 16.89
CA LYS A 316 66.87 32.19 16.16
C LYS A 316 66.93 33.68 16.47
N PHE A 317 65.77 34.37 16.52
CA PHE A 317 65.60 35.78 16.86
C PHE A 317 66.00 36.13 18.31
N ASN A 318 66.43 35.13 19.11
CA ASN A 318 66.90 35.33 20.48
C ASN A 318 68.42 35.67 20.43
N GLN B 1 2.69 -11.78 -14.50
CA GLN B 1 3.77 -12.25 -13.61
C GLN B 1 4.83 -13.08 -14.37
N VAL B 2 6.09 -13.08 -13.93
CA VAL B 2 7.16 -13.80 -14.63
C VAL B 2 6.91 -15.30 -14.62
N GLN B 3 7.04 -15.97 -15.77
CA GLN B 3 6.76 -17.39 -15.89
C GLN B 3 7.79 -18.10 -16.77
N LEU B 4 8.26 -19.27 -16.32
CA LEU B 4 9.22 -20.04 -17.09
C LEU B 4 8.56 -21.32 -17.60
N GLN B 5 8.81 -21.68 -18.87
CA GLN B 5 8.24 -22.89 -19.45
C GLN B 5 9.25 -23.65 -20.29
N GLU B 6 9.59 -24.85 -19.83
CA GLU B 6 10.55 -25.70 -20.53
C GLU B 6 9.87 -26.54 -21.61
N SER B 7 10.55 -26.68 -22.74
CA SER B 7 10.05 -27.40 -23.90
C SER B 7 11.22 -28.15 -24.54
N GLY B 8 11.14 -29.47 -24.57
CA GLY B 8 12.22 -30.27 -25.12
C GLY B 8 11.84 -31.57 -25.78
N PRO B 9 12.84 -32.45 -25.98
CA PRO B 9 12.56 -33.72 -26.66
C PRO B 9 11.83 -34.74 -25.77
N GLY B 10 12.24 -34.84 -24.50
CA GLY B 10 11.64 -35.78 -23.56
C GLY B 10 12.15 -37.22 -23.67
N LEU B 11 12.88 -37.53 -24.74
CA LEU B 11 13.45 -38.84 -24.96
C LEU B 11 14.68 -38.66 -25.83
N VAL B 12 15.88 -38.95 -25.27
CA VAL B 12 17.12 -38.80 -26.03
C VAL B 12 17.87 -40.13 -26.05
N LYS B 13 18.34 -40.54 -27.25
CA LYS B 13 19.09 -41.78 -27.38
C LYS B 13 20.50 -41.60 -26.81
N PRO B 14 21.04 -42.63 -26.13
CA PRO B 14 22.36 -42.50 -25.49
C PRO B 14 23.50 -41.97 -26.37
N SER B 15 24.32 -41.10 -25.78
CA SER B 15 25.48 -40.41 -26.37
C SER B 15 25.13 -39.23 -27.29
N GLU B 16 23.84 -38.96 -27.49
CA GLU B 16 23.40 -37.82 -28.30
C GLU B 16 23.30 -36.58 -27.39
N THR B 17 23.06 -35.40 -27.99
CA THR B 17 22.96 -34.16 -27.21
C THR B 17 21.49 -33.84 -26.82
N LEU B 18 21.23 -33.73 -25.50
CA LEU B 18 19.92 -33.38 -24.95
C LEU B 18 19.73 -31.87 -25.10
N SER B 19 18.65 -31.42 -25.77
CA SER B 19 18.43 -30.00 -25.96
C SER B 19 17.04 -29.50 -25.54
N LEU B 20 16.93 -28.92 -24.34
CA LEU B 20 15.68 -28.36 -23.86
C LEU B 20 15.82 -26.85 -23.85
N THR B 21 14.74 -26.13 -24.13
CA THR B 21 14.77 -24.67 -24.09
C THR B 21 13.75 -24.18 -23.10
N CYS B 22 14.00 -23.04 -22.54
CA CYS B 22 13.09 -22.40 -21.62
C CYS B 22 12.60 -21.14 -22.21
N THR B 23 11.31 -20.89 -22.05
CA THR B 23 10.70 -19.68 -22.61
C THR B 23 10.20 -18.72 -21.51
N VAL B 24 10.97 -17.64 -21.26
CA VAL B 24 10.68 -16.63 -20.24
C VAL B 24 9.55 -15.73 -20.70
N SER B 25 8.35 -15.96 -20.18
CA SER B 25 7.16 -15.19 -20.53
C SER B 25 6.74 -14.26 -19.39
N GLY B 26 6.16 -13.12 -19.73
CA GLY B 26 5.75 -12.15 -18.72
C GLY B 26 6.93 -11.55 -17.98
N GLY B 27 8.03 -11.34 -18.68
CA GLY B 27 9.23 -10.78 -18.08
C GLY B 27 10.43 -10.92 -18.99
N SER B 28 11.44 -10.09 -18.78
CA SER B 28 12.65 -10.11 -19.60
C SER B 28 13.77 -10.94 -19.00
N ILE B 29 14.72 -11.37 -19.84
CA ILE B 29 15.87 -12.12 -19.34
C ILE B 29 16.84 -11.15 -18.73
N SER B 30 17.31 -10.16 -19.54
CA SER B 30 18.30 -9.14 -19.18
C SER B 30 19.49 -9.75 -18.38
N THR B 31 19.98 -9.07 -17.34
CA THR B 31 21.16 -9.55 -16.61
C THR B 31 20.86 -10.53 -15.44
N TYR B 32 19.71 -11.22 -15.43
CA TYR B 32 19.42 -12.18 -14.36
C TYR B 32 20.18 -13.49 -14.52
N TYR B 33 20.11 -14.38 -13.51
CA TYR B 33 20.80 -15.66 -13.54
C TYR B 33 19.77 -16.70 -13.95
N TRP B 34 20.04 -17.40 -15.05
CA TRP B 34 19.14 -18.36 -15.65
C TRP B 34 19.77 -19.73 -15.60
N SER B 35 19.33 -20.55 -14.65
CA SER B 35 19.92 -21.85 -14.40
C SER B 35 19.02 -22.98 -14.84
N TRP B 36 19.62 -24.17 -14.96
CA TRP B 36 18.96 -25.42 -15.33
C TRP B 36 19.30 -26.36 -14.18
N ILE B 37 18.30 -26.87 -13.51
CA ILE B 37 18.48 -27.79 -12.39
C ILE B 37 17.77 -29.10 -12.74
N ARG B 38 18.39 -30.27 -12.49
CA ARG B 38 17.71 -31.52 -12.78
C ARG B 38 17.43 -32.36 -11.55
N GLN B 39 16.42 -33.20 -11.64
CA GLN B 39 16.05 -34.07 -10.54
C GLN B 39 15.74 -35.49 -11.02
N PRO B 40 16.69 -36.43 -10.83
CA PRO B 40 16.43 -37.83 -11.22
C PRO B 40 15.20 -38.39 -10.53
N PRO B 41 14.44 -39.29 -11.18
CA PRO B 41 13.22 -39.82 -10.53
C PRO B 41 13.47 -40.45 -9.17
N GLY B 42 12.81 -39.90 -8.17
CA GLY B 42 12.96 -40.36 -6.78
C GLY B 42 14.24 -39.92 -6.10
N LYS B 43 15.00 -39.02 -6.72
CA LYS B 43 16.26 -38.54 -6.16
C LYS B 43 16.19 -37.02 -5.89
N GLY B 44 17.31 -36.42 -5.48
CA GLY B 44 17.37 -35.01 -5.11
C GLY B 44 17.66 -34.09 -6.27
N LEU B 45 18.05 -32.85 -5.95
CA LEU B 45 18.30 -31.85 -6.97
C LEU B 45 19.79 -31.58 -7.27
N GLU B 46 20.09 -31.35 -8.56
CA GLU B 46 21.43 -31.03 -9.00
C GLU B 46 21.39 -29.81 -9.89
N TRP B 47 22.13 -28.77 -9.54
CA TRP B 47 22.21 -27.57 -10.36
C TRP B 47 23.23 -27.86 -11.46
N LEU B 48 22.81 -27.75 -12.73
CA LEU B 48 23.70 -28.03 -13.85
C LEU B 48 24.62 -26.84 -14.21
N GLY B 49 24.07 -25.63 -14.16
CA GLY B 49 24.79 -24.41 -14.46
C GLY B 49 23.87 -23.22 -14.67
N TYR B 50 24.42 -22.02 -14.93
CA TYR B 50 23.59 -20.84 -15.22
C TYR B 50 24.25 -19.84 -16.16
N ILE B 51 23.44 -18.98 -16.75
CA ILE B 51 23.90 -17.90 -17.61
C ILE B 51 23.45 -16.61 -16.93
N TYR B 52 24.34 -15.62 -16.85
CA TYR B 52 24.04 -14.41 -16.12
C TYR B 52 24.71 -13.19 -16.67
N HIS B 53 24.25 -12.03 -16.25
CA HIS B 53 24.82 -10.76 -16.64
C HIS B 53 24.90 -10.62 -18.18
N SER B 54 26.01 -10.14 -18.71
CA SER B 54 26.15 -9.98 -20.14
C SER B 54 26.55 -11.26 -20.87
N GLY B 55 25.92 -12.37 -20.50
CA GLY B 55 26.13 -13.67 -21.12
C GLY B 55 27.26 -14.49 -20.53
N SER B 56 27.63 -14.21 -19.30
CA SER B 56 28.66 -14.99 -18.62
C SER B 56 28.05 -16.33 -18.17
N THR B 57 28.88 -17.37 -17.97
CA THR B 57 28.35 -18.67 -17.54
C THR B 57 29.20 -19.33 -16.50
N ASP B 58 28.55 -20.13 -15.65
CA ASP B 58 29.19 -20.94 -14.63
C ASP B 58 28.47 -22.28 -14.52
N TYR B 59 29.20 -23.39 -14.72
CA TYR B 59 28.63 -24.74 -14.72
C TYR B 59 29.15 -25.61 -13.57
N ASN B 60 28.44 -26.71 -13.26
CA ASN B 60 28.84 -27.63 -12.19
C ASN B 60 29.92 -28.55 -12.75
N PRO B 61 31.10 -28.59 -12.14
CA PRO B 61 32.16 -29.47 -12.63
C PRO B 61 31.75 -30.93 -12.76
N SER B 62 30.76 -31.37 -11.97
CA SER B 62 30.26 -32.74 -12.06
C SER B 62 29.73 -33.06 -13.47
N LEU B 63 29.28 -32.05 -14.21
CA LEU B 63 28.79 -32.27 -15.57
C LEU B 63 29.88 -32.63 -16.57
N GLU B 64 31.16 -32.57 -16.18
CA GLU B 64 32.32 -32.94 -17.00
C GLU B 64 32.43 -32.13 -18.29
N SER B 65 32.14 -30.83 -18.24
CA SER B 65 32.30 -29.94 -19.41
C SER B 65 31.35 -30.22 -20.61
N ARG B 66 30.49 -31.27 -20.55
CA ARG B 66 29.55 -31.57 -21.64
C ARG B 66 28.26 -30.74 -21.59
N VAL B 67 28.21 -29.66 -20.80
CA VAL B 67 27.03 -28.81 -20.64
C VAL B 67 27.25 -27.42 -21.27
N THR B 68 26.21 -26.85 -21.90
CA THR B 68 26.31 -25.53 -22.49
C THR B 68 24.98 -24.79 -22.36
N ILE B 69 24.98 -23.62 -21.72
CA ILE B 69 23.75 -22.83 -21.58
C ILE B 69 23.92 -21.57 -22.38
N SER B 70 22.98 -21.33 -23.28
CA SER B 70 23.05 -20.19 -24.17
C SER B 70 21.75 -19.44 -24.16
N VAL B 71 21.77 -18.18 -24.60
CA VAL B 71 20.56 -17.37 -24.60
C VAL B 71 20.43 -16.48 -25.81
N ASP B 72 19.31 -16.63 -26.56
CA ASP B 72 19.01 -15.64 -27.57
C ASP B 72 18.07 -14.72 -26.83
N THR B 73 18.59 -13.60 -26.23
CA THR B 73 17.83 -12.61 -25.41
C THR B 73 16.63 -12.04 -26.14
N SER B 74 16.78 -11.77 -27.46
CA SER B 74 15.76 -11.27 -28.39
C SER B 74 14.56 -12.23 -28.44
N ARG B 75 14.86 -13.53 -28.54
CA ARG B 75 13.88 -14.62 -28.49
C ARG B 75 13.18 -14.65 -27.07
N THR B 76 13.91 -14.22 -26.00
CA THR B 76 13.63 -14.28 -24.57
C THR B 76 13.48 -15.73 -24.24
N ARG B 77 14.52 -16.45 -24.52
CA ARG B 77 14.62 -17.85 -24.24
C ARG B 77 16.05 -18.16 -23.93
N PHE B 78 16.27 -19.07 -23.01
CA PHE B 78 17.59 -19.61 -22.76
C PHE B 78 17.48 -21.12 -22.96
N SER B 79 18.58 -21.79 -23.32
CA SER B 79 18.51 -23.21 -23.59
C SER B 79 19.71 -23.98 -23.09
N LEU B 80 19.50 -25.29 -22.88
CA LEU B 80 20.50 -26.25 -22.39
C LEU B 80 20.88 -27.23 -23.48
N ARG B 81 22.15 -27.64 -23.52
CA ARG B 81 22.64 -28.68 -24.42
C ARG B 81 23.57 -29.56 -23.60
N LEU B 82 23.18 -30.83 -23.44
CA LEU B 82 23.94 -31.77 -22.63
C LEU B 82 24.46 -32.89 -23.52
N ARG B 83 25.72 -32.81 -23.89
CA ARG B 83 26.35 -33.76 -24.79
C ARG B 83 26.61 -35.12 -24.17
N SER B 84 26.67 -36.16 -25.02
CA SER B 84 26.96 -37.54 -24.64
C SER B 84 26.13 -38.03 -23.44
N VAL B 85 24.80 -38.11 -23.59
CA VAL B 85 23.92 -38.53 -22.52
C VAL B 85 24.07 -40.02 -22.14
N THR B 86 23.71 -40.32 -20.91
CA THR B 86 23.76 -41.64 -20.28
C THR B 86 22.38 -41.83 -19.61
N ALA B 87 22.02 -43.07 -19.21
CA ALA B 87 20.79 -43.27 -18.43
C ALA B 87 20.86 -42.51 -17.08
N ALA B 88 22.07 -42.03 -16.70
CA ALA B 88 22.37 -41.19 -15.55
C ALA B 88 21.67 -39.83 -15.70
N ASP B 89 21.58 -39.32 -16.93
CA ASP B 89 20.96 -38.05 -17.23
C ASP B 89 19.43 -38.13 -17.40
N THR B 90 18.80 -39.26 -17.05
CA THR B 90 17.34 -39.39 -17.07
C THR B 90 16.87 -38.63 -15.84
N ALA B 91 16.21 -37.47 -16.02
CA ALA B 91 15.79 -36.62 -14.90
C ALA B 91 14.66 -35.63 -15.30
N VAL B 92 14.03 -34.95 -14.33
CA VAL B 92 13.05 -33.92 -14.61
C VAL B 92 13.85 -32.63 -14.67
N TYR B 93 13.91 -32.02 -15.85
CA TYR B 93 14.69 -30.81 -16.04
C TYR B 93 13.91 -29.53 -15.75
N TYR B 94 14.29 -28.85 -14.67
CA TYR B 94 13.72 -27.60 -14.23
C TYR B 94 14.59 -26.48 -14.76
N CYS B 95 13.95 -25.49 -15.28
CA CYS B 95 14.56 -24.31 -15.79
C CYS B 95 14.26 -23.32 -14.68
N ALA B 96 15.25 -22.73 -13.99
CA ALA B 96 14.91 -21.79 -12.88
C ALA B 96 15.65 -20.41 -12.98
N ARG B 97 15.37 -19.46 -12.04
CA ARG B 97 15.98 -18.14 -12.08
C ARG B 97 16.33 -17.56 -10.70
N SER B 98 17.61 -17.20 -10.48
CA SER B 98 18.05 -16.45 -9.30
C SER B 98 18.32 -14.98 -9.74
N THR B 99 18.34 -14.00 -8.81
CA THR B 99 18.59 -12.58 -9.18
C THR B 99 20.04 -12.16 -9.00
N THR B 100 20.70 -12.69 -7.95
CA THR B 100 22.08 -12.35 -7.67
C THR B 100 22.88 -13.65 -7.35
N MET B 101 24.13 -13.44 -6.93
CA MET B 101 25.05 -14.33 -6.29
C MET B 101 25.35 -13.78 -4.86
N ILE B 102 25.19 -12.43 -4.65
CA ILE B 102 25.36 -11.74 -3.37
C ILE B 102 24.39 -12.33 -2.35
N GLN B 103 23.12 -12.53 -2.74
CA GLN B 103 22.09 -13.14 -1.89
C GLN B 103 21.27 -14.08 -2.78
N GLN B 104 21.89 -15.08 -3.31
CA GLN B 104 21.27 -16.00 -4.27
C GLN B 104 20.17 -16.91 -3.67
N TYR B 105 19.03 -16.99 -4.38
CA TYR B 105 17.89 -17.88 -4.14
C TYR B 105 17.04 -17.91 -5.41
N PHE B 106 16.29 -18.99 -5.59
CA PHE B 106 15.51 -19.17 -6.79
C PHE B 106 14.11 -18.57 -6.76
N ASP B 107 13.98 -17.40 -7.44
CA ASP B 107 12.78 -16.58 -7.64
C ASP B 107 11.68 -17.31 -8.38
N TYR B 108 11.99 -17.92 -9.54
CA TYR B 108 10.98 -18.57 -10.34
C TYR B 108 11.50 -19.88 -10.88
N TRP B 109 10.64 -20.88 -10.93
CA TRP B 109 10.98 -22.19 -11.46
C TRP B 109 9.93 -22.55 -12.51
N GLY B 110 10.36 -23.20 -13.56
CA GLY B 110 9.44 -23.69 -14.58
C GLY B 110 8.64 -24.89 -14.11
N ARG B 111 7.85 -25.48 -14.99
CA ARG B 111 7.02 -26.64 -14.63
C ARG B 111 7.85 -27.96 -14.52
N GLY B 112 8.94 -28.02 -15.25
CA GLY B 112 9.83 -29.18 -15.26
C GLY B 112 9.36 -30.22 -16.24
N THR B 113 10.27 -30.67 -17.14
CA THR B 113 9.92 -31.70 -18.12
C THR B 113 10.84 -32.89 -17.95
N LEU B 114 10.24 -34.06 -18.00
CA LEU B 114 10.98 -35.30 -17.86
C LEU B 114 11.71 -35.59 -19.16
N VAL B 115 13.00 -35.87 -19.07
CA VAL B 115 13.82 -36.30 -20.19
C VAL B 115 14.33 -37.67 -19.83
N THR B 116 13.98 -38.69 -20.61
CA THR B 116 14.36 -40.05 -20.27
C THR B 116 15.32 -40.66 -21.33
N VAL B 117 16.59 -40.86 -20.96
CA VAL B 117 17.59 -41.45 -21.87
C VAL B 117 17.45 -42.95 -21.85
N ILE B 136 30.49 -28.52 -2.02
CA ILE B 136 30.06 -28.55 -0.63
C ILE B 136 28.96 -29.57 -0.42
N GLN B 137 29.19 -30.41 0.58
CA GLN B 137 28.26 -31.47 0.92
C GLN B 137 27.17 -31.06 1.90
N MET B 138 25.97 -30.82 1.35
CA MET B 138 24.81 -30.50 2.14
C MET B 138 24.12 -31.77 2.61
N THR B 139 24.52 -32.24 3.78
CA THR B 139 23.98 -33.43 4.40
C THR B 139 22.69 -33.11 5.17
N GLN B 140 21.50 -33.40 4.56
CA GLN B 140 20.21 -33.13 5.21
C GLN B 140 19.83 -34.29 6.05
N SER B 141 19.70 -34.04 7.35
CA SER B 141 19.55 -35.00 8.43
C SER B 141 18.32 -35.94 8.38
N PRO B 142 17.03 -35.54 8.51
CA PRO B 142 15.94 -36.55 8.45
C PRO B 142 15.49 -36.72 7.00
N SER B 143 16.01 -37.72 6.29
CA SER B 143 15.66 -37.96 4.88
C SER B 143 14.16 -38.16 4.68
N SER B 144 13.52 -38.85 5.62
CA SER B 144 12.09 -39.05 5.64
C SER B 144 11.61 -38.66 7.03
N LEU B 145 10.33 -38.34 7.16
CA LEU B 145 9.76 -37.95 8.44
C LEU B 145 8.26 -38.05 8.34
N SER B 146 7.63 -38.76 9.29
CA SER B 146 6.18 -38.85 9.29
C SER B 146 5.65 -38.44 10.64
N ALA B 147 5.07 -37.24 10.73
CA ALA B 147 4.52 -36.73 11.98
C ALA B 147 3.00 -36.48 11.84
N SER B 148 2.27 -36.41 12.97
CA SER B 148 0.83 -36.12 12.93
C SER B 148 0.63 -34.59 12.80
N LEU B 149 -0.59 -34.14 12.45
CA LEU B 149 -0.82 -32.70 12.32
C LEU B 149 -0.66 -32.01 13.65
N GLY B 150 -0.09 -30.84 13.63
CA GLY B 150 0.14 -30.08 14.84
C GLY B 150 1.55 -30.25 15.40
N ASP B 151 2.18 -31.41 15.11
CA ASP B 151 3.53 -31.67 15.60
C ASP B 151 4.52 -30.67 15.06
N ARG B 152 5.58 -30.41 15.82
CA ARG B 152 6.62 -29.51 15.35
C ARG B 152 7.65 -30.37 14.65
N VAL B 153 7.90 -30.12 13.35
CA VAL B 153 8.92 -30.87 12.63
C VAL B 153 10.15 -30.01 12.47
N THR B 154 11.32 -30.61 12.73
CA THR B 154 12.58 -29.88 12.67
CA THR B 154 12.58 -29.88 12.67
C THR B 154 13.67 -30.70 11.95
N ILE B 155 14.10 -30.20 10.78
CA ILE B 155 15.10 -30.75 9.86
C ILE B 155 16.46 -30.05 10.10
N THR B 156 17.56 -30.71 9.73
CA THR B 156 18.89 -30.15 9.88
C THR B 156 19.70 -30.30 8.62
N CYS B 157 20.50 -29.29 8.30
CA CYS B 157 21.41 -29.32 7.15
C CYS B 157 22.80 -28.97 7.62
N GLN B 158 23.78 -29.78 7.22
CA GLN B 158 25.16 -29.50 7.60
C GLN B 158 26.06 -29.43 6.37
N ALA B 159 26.83 -28.34 6.25
CA ALA B 159 27.73 -28.19 5.12
C ALA B 159 29.09 -28.82 5.39
N SER B 160 29.78 -29.23 4.32
CA SER B 160 31.12 -29.77 4.43
C SER B 160 32.14 -28.75 5.00
N GLN B 161 31.82 -27.45 4.91
CA GLN B 161 32.68 -26.38 5.41
C GLN B 161 31.89 -25.09 5.71
N GLY B 162 32.60 -24.01 6.04
CA GLY B 162 31.99 -22.70 6.30
C GLY B 162 31.17 -22.16 5.16
N ILE B 163 29.94 -21.78 5.46
CA ILE B 163 28.93 -21.29 4.52
C ILE B 163 28.39 -19.89 4.92
N SER B 164 28.70 -19.42 6.13
CA SER B 164 28.20 -18.16 6.70
C SER B 164 26.68 -18.35 6.86
N ASN B 165 25.83 -17.44 6.39
CA ASN B 165 24.40 -17.70 6.39
C ASN B 165 23.94 -17.92 4.94
N SER B 166 24.82 -18.34 4.01
CA SER B 166 24.48 -18.53 2.61
C SER B 166 23.72 -19.82 2.38
N LEU B 167 22.60 -19.99 3.07
CA LEU B 167 21.76 -21.19 3.06
C LEU B 167 20.34 -20.85 2.70
N ASN B 168 19.69 -21.67 1.88
CA ASN B 168 18.31 -21.45 1.50
C ASN B 168 17.51 -22.71 1.77
N TRP B 169 16.19 -22.61 1.89
CA TRP B 169 15.35 -23.79 2.09
C TRP B 169 14.19 -23.72 1.09
N TYR B 170 13.87 -24.82 0.44
CA TYR B 170 12.79 -24.91 -0.54
C TYR B 170 11.78 -25.93 -0.10
N GLN B 171 10.56 -25.80 -0.59
CA GLN B 171 9.51 -26.75 -0.29
C GLN B 171 9.05 -27.25 -1.60
N GLN B 172 9.22 -28.55 -1.83
CA GLN B 172 8.80 -29.13 -3.10
C GLN B 172 7.56 -29.96 -2.92
N LYS B 173 6.42 -29.33 -3.28
CA LYS B 173 5.09 -29.94 -3.21
C LYS B 173 5.06 -31.18 -4.14
N PRO B 174 4.25 -32.22 -3.83
CA PRO B 174 4.24 -33.41 -4.68
C PRO B 174 3.90 -33.13 -6.15
N GLY B 175 4.83 -33.41 -7.06
CA GLY B 175 4.63 -33.16 -8.47
C GLY B 175 5.08 -31.77 -8.91
N LYS B 176 5.02 -30.80 -8.00
CA LYS B 176 5.41 -29.43 -8.28
C LYS B 176 6.95 -29.17 -8.19
N ALA B 177 7.40 -28.01 -8.68
CA ALA B 177 8.80 -27.60 -8.64
C ALA B 177 9.13 -27.08 -7.22
N PRO B 178 10.43 -27.07 -6.79
CA PRO B 178 10.75 -26.52 -5.48
C PRO B 178 10.41 -25.05 -5.38
N LYS B 179 10.14 -24.53 -4.17
CA LYS B 179 9.78 -23.13 -4.00
C LYS B 179 10.41 -22.60 -2.73
N VAL B 180 11.08 -21.42 -2.79
CA VAL B 180 11.76 -20.76 -1.67
C VAL B 180 10.87 -20.55 -0.49
N LEU B 181 11.32 -20.94 0.71
CA LEU B 181 10.60 -20.62 1.95
C LEU B 181 11.49 -19.65 2.71
N ILE B 182 12.77 -20.01 2.92
CA ILE B 182 13.73 -19.15 3.62
C ILE B 182 14.94 -18.92 2.72
N TYR B 183 15.47 -17.71 2.68
CA TYR B 183 16.71 -17.38 1.99
C TYR B 183 17.65 -16.83 3.08
N ASP B 184 18.96 -16.96 2.89
CA ASP B 184 19.93 -16.48 3.85
C ASP B 184 19.69 -16.95 5.29
N ALA B 185 19.53 -18.28 5.44
CA ALA B 185 19.40 -19.12 6.63
C ALA B 185 18.22 -18.85 7.50
N SER B 186 17.74 -17.61 7.63
CA SER B 186 16.68 -17.31 8.59
C SER B 186 15.49 -16.50 8.09
N ASN B 187 15.68 -15.75 6.98
CA ASN B 187 14.71 -14.82 6.41
C ASN B 187 13.67 -15.47 5.59
N LEU B 188 12.43 -15.22 5.92
CA LEU B 188 11.31 -15.76 5.20
C LEU B 188 11.06 -14.95 3.92
N GLU B 189 10.61 -15.58 2.83
CA GLU B 189 10.18 -14.83 1.64
C GLU B 189 8.83 -14.17 1.98
N THR B 190 8.46 -13.08 1.31
CA THR B 190 7.28 -12.29 1.69
C THR B 190 5.99 -13.07 2.11
N GLY B 191 5.42 -13.95 1.27
CA GLY B 191 4.18 -14.62 1.65
C GLY B 191 4.25 -15.84 2.54
N VAL B 192 5.42 -16.49 2.65
CA VAL B 192 5.55 -17.77 3.37
C VAL B 192 5.10 -17.67 4.83
N PRO B 193 4.28 -18.63 5.30
CA PRO B 193 3.72 -18.55 6.65
C PRO B 193 4.76 -18.51 7.75
N SER B 194 4.42 -17.90 8.86
CA SER B 194 5.35 -17.77 9.97
C SER B 194 5.66 -19.09 10.65
N ARG B 195 4.83 -20.14 10.46
CA ARG B 195 5.14 -21.43 11.09
C ARG B 195 6.49 -21.99 10.64
N PHE B 196 7.05 -21.49 9.52
CA PHE B 196 8.36 -21.91 9.02
C PHE B 196 9.45 -21.06 9.62
N SER B 197 10.55 -21.68 10.06
CA SER B 197 11.64 -20.98 10.74
C SER B 197 12.98 -21.43 10.31
N GLY B 198 13.77 -20.54 9.78
CA GLY B 198 15.14 -20.87 9.42
C GLY B 198 16.07 -20.40 10.52
N SER B 199 17.15 -21.12 10.72
CA SER B 199 18.11 -20.78 11.75
C SER B 199 19.46 -21.36 11.46
N GLY B 200 20.51 -20.75 12.00
CA GLY B 200 21.86 -21.27 11.80
C GLY B 200 22.84 -20.44 10.99
N SER B 201 24.12 -20.70 11.21
CA SER B 201 25.24 -20.06 10.54
C SER B 201 26.52 -20.86 10.67
N GLY B 202 27.32 -20.77 9.63
CA GLY B 202 28.60 -21.43 9.53
C GLY B 202 28.44 -22.78 8.91
N THR B 203 28.17 -23.79 9.75
CA THR B 203 28.12 -25.16 9.24
C THR B 203 26.83 -25.90 9.60
N ASP B 204 26.25 -25.61 10.77
CA ASP B 204 25.05 -26.30 11.22
C ASP B 204 23.83 -25.40 11.11
N PHE B 205 22.85 -25.85 10.31
CA PHE B 205 21.60 -25.14 10.00
C PHE B 205 20.40 -25.96 10.35
N THR B 206 19.30 -25.29 10.69
CA THR B 206 18.09 -25.99 11.08
C THR B 206 16.80 -25.28 10.59
N PHE B 207 15.94 -26.04 9.89
CA PHE B 207 14.63 -25.62 9.38
C PHE B 207 13.61 -26.22 10.33
N THR B 208 12.58 -25.47 10.67
CA THR B 208 11.60 -25.96 11.62
C THR B 208 10.19 -25.39 11.33
N ILE B 209 9.21 -26.31 11.20
CA ILE B 209 7.77 -26.01 11.07
C ILE B 209 7.27 -26.15 12.52
N THR B 210 6.84 -25.05 13.14
CA THR B 210 6.43 -25.04 14.53
C THR B 210 5.15 -25.84 14.79
N SER B 211 4.30 -26.00 13.75
CA SER B 211 3.06 -26.76 13.85
C SER B 211 2.67 -27.25 12.48
N LEU B 212 2.69 -28.58 12.29
CA LEU B 212 2.37 -29.25 11.04
C LEU B 212 0.94 -29.03 10.56
N GLN B 213 0.83 -28.65 9.27
CA GLN B 213 -0.44 -28.37 8.61
C GLN B 213 -0.62 -29.34 7.44
N PRO B 214 -1.87 -29.69 7.09
CA PRO B 214 -2.09 -30.58 5.93
C PRO B 214 -1.43 -30.09 4.64
N GLU B 215 -1.34 -28.76 4.48
CA GLU B 215 -0.70 -28.11 3.33
C GLU B 215 0.85 -28.16 3.43
N ASP B 216 1.44 -29.05 4.26
CA ASP B 216 2.88 -29.12 4.46
C ASP B 216 3.51 -30.41 3.98
N ILE B 217 2.70 -31.38 3.54
CA ILE B 217 3.15 -32.67 3.04
C ILE B 217 3.87 -32.46 1.73
N ALA B 218 5.18 -32.30 1.82
CA ALA B 218 6.06 -32.03 0.68
C ALA B 218 7.50 -32.46 1.06
N THR B 219 8.43 -32.50 0.09
CA THR B 219 9.82 -32.80 0.42
C THR B 219 10.59 -31.48 0.48
N TYR B 220 11.29 -31.23 1.59
CA TYR B 220 12.00 -29.97 1.78
C TYR B 220 13.46 -30.13 1.51
N TYR B 221 14.06 -29.19 0.81
CA TYR B 221 15.49 -29.23 0.48
C TYR B 221 16.21 -27.99 0.96
N CYS B 222 17.48 -28.12 1.32
CA CYS B 222 18.29 -26.94 1.63
C CYS B 222 19.23 -26.67 0.47
N GLN B 223 19.83 -25.49 0.41
CA GLN B 223 20.73 -25.19 -0.68
C GLN B 223 21.77 -24.23 -0.22
N GLN B 224 22.98 -24.31 -0.74
CA GLN B 224 24.01 -23.31 -0.42
C GLN B 224 24.38 -22.52 -1.68
N TYR B 225 24.89 -21.32 -1.53
CA TYR B 225 25.37 -20.52 -2.65
C TYR B 225 26.74 -19.88 -2.35
N HIS B 226 27.35 -20.20 -1.17
CA HIS B 226 28.61 -19.64 -0.72
C HIS B 226 29.73 -20.03 -1.66
N TYR B 227 29.84 -21.33 -1.98
CA TYR B 227 30.86 -21.78 -2.92
C TYR B 227 30.21 -22.19 -4.22
N LEU B 228 30.73 -21.60 -5.32
CA LEU B 228 30.18 -21.58 -6.67
C LEU B 228 29.46 -22.85 -7.12
N PRO B 229 29.98 -24.12 -7.09
CA PRO B 229 29.11 -25.24 -7.50
C PRO B 229 27.96 -25.35 -6.47
N LEU B 230 26.78 -24.77 -6.83
CA LEU B 230 25.58 -24.67 -6.03
C LEU B 230 25.10 -26.05 -5.70
N THR B 231 25.00 -26.37 -4.40
CA THR B 231 24.58 -27.70 -3.99
C THR B 231 23.34 -27.71 -3.12
N PHE B 232 22.54 -28.74 -3.29
CA PHE B 232 21.33 -28.95 -2.52
C PHE B 232 21.55 -30.04 -1.45
N GLY B 233 20.57 -30.17 -0.57
CA GLY B 233 20.58 -31.22 0.43
C GLY B 233 19.87 -32.45 -0.08
N GLY B 234 19.87 -33.49 0.73
CA GLY B 234 19.21 -34.75 0.40
C GLY B 234 17.69 -34.71 0.40
N GLY B 235 17.16 -33.72 1.06
CA GLY B 235 15.72 -33.55 1.18
C GLY B 235 15.14 -34.34 2.33
N THR B 236 13.96 -33.89 2.76
CA THR B 236 13.23 -34.54 3.81
C THR B 236 11.83 -34.81 3.31
N LYS B 237 11.52 -36.07 2.99
CA LYS B 237 10.20 -36.43 2.52
C LYS B 237 9.30 -36.44 3.74
N LEU B 238 8.53 -35.39 3.90
CA LEU B 238 7.62 -35.24 5.03
C LEU B 238 6.23 -35.75 4.66
N GLU B 239 5.65 -36.62 5.53
CA GLU B 239 4.31 -37.22 5.32
C GLU B 239 3.52 -37.26 6.64
N ILE B 240 2.20 -37.56 6.59
CA ILE B 240 1.39 -37.64 7.81
C ILE B 240 1.25 -39.06 8.37
N LYS B 241 1.38 -39.21 9.69
CA LYS B 241 1.21 -40.50 10.36
C LYS B 241 -0.12 -40.52 11.11
N ALA C 19 -31.48 -27.60 -25.36
CA ALA C 19 -31.83 -28.43 -26.52
C ALA C 19 -33.12 -29.27 -26.27
N ASN C 20 -33.19 -29.92 -25.11
CA ASN C 20 -34.34 -30.73 -24.68
C ASN C 20 -34.36 -30.81 -23.12
N SER C 21 -33.89 -29.74 -22.46
CA SER C 21 -33.82 -29.68 -21.01
C SER C 21 -34.48 -28.39 -20.58
N ILE C 22 -35.78 -28.31 -20.84
CA ILE C 22 -36.60 -27.16 -20.47
C ILE C 22 -37.56 -27.63 -19.38
N ASP C 23 -37.89 -26.77 -18.40
CA ASP C 23 -38.87 -27.14 -17.39
C ASP C 23 -40.00 -26.16 -17.46
N ILE C 24 -41.21 -26.68 -17.60
CA ILE C 24 -42.43 -25.87 -17.69
C ILE C 24 -42.98 -25.68 -16.28
N LEU C 25 -43.30 -24.43 -15.91
CA LEU C 25 -43.72 -24.11 -14.56
C LEU C 25 -45.00 -23.28 -14.48
N GLN C 26 -45.95 -23.71 -13.66
CA GLN C 26 -47.21 -23.00 -13.42
C GLN C 26 -47.42 -22.74 -11.94
N GLU C 27 -46.55 -21.91 -11.37
CA GLU C 27 -46.56 -21.56 -9.96
C GLU C 27 -47.89 -20.99 -9.45
N LYS C 28 -48.50 -20.10 -10.23
CA LYS C 28 -49.77 -19.47 -9.88
C LYS C 28 -50.85 -19.84 -10.93
N GLU C 29 -52.10 -19.41 -10.73
CA GLU C 29 -53.16 -19.72 -11.69
C GLU C 29 -52.99 -18.80 -12.90
N GLY C 30 -52.88 -19.41 -14.08
CA GLY C 30 -52.71 -18.68 -15.33
C GLY C 30 -51.33 -18.10 -15.55
N HIS C 31 -50.32 -18.75 -14.98
CA HIS C 31 -48.94 -18.33 -15.13
C HIS C 31 -48.19 -19.51 -15.67
N LEU C 32 -47.50 -19.38 -16.81
CA LEU C 32 -46.69 -20.47 -17.36
C LEU C 32 -45.34 -19.88 -17.75
N ASP C 33 -44.23 -20.44 -17.25
CA ASP C 33 -42.88 -19.97 -17.59
C ASP C 33 -41.93 -21.15 -17.79
N PHE C 34 -40.87 -20.96 -18.57
CA PHE C 34 -39.91 -22.02 -18.85
C PHE C 34 -38.50 -21.72 -18.32
N VAL C 35 -37.77 -22.76 -17.92
CA VAL C 35 -36.40 -22.65 -17.43
C VAL C 35 -35.55 -23.56 -18.31
N ILE C 36 -34.56 -23.00 -19.04
CA ILE C 36 -33.69 -23.86 -19.81
C ILE C 36 -32.62 -24.29 -18.83
N ILE C 37 -32.83 -25.47 -18.22
CA ILE C 37 -31.99 -26.07 -17.18
C ILE C 37 -30.48 -25.81 -17.36
N PRO C 38 -29.90 -26.06 -18.55
CA PRO C 38 -28.45 -25.86 -18.72
C PRO C 38 -28.03 -24.40 -18.68
N HIS C 39 -28.89 -23.52 -19.20
CA HIS C 39 -28.63 -22.09 -19.17
C HIS C 39 -28.61 -21.61 -17.74
N TYR C 40 -29.53 -22.13 -16.90
CA TYR C 40 -29.58 -21.76 -15.49
C TYR C 40 -28.28 -22.15 -14.80
N THR C 41 -27.84 -23.42 -14.94
CA THR C 41 -26.60 -23.89 -14.33
C THR C 41 -25.39 -23.07 -14.79
N PHE C 42 -25.32 -22.80 -16.10
CA PHE C 42 -24.21 -22.06 -16.68
C PHE C 42 -24.09 -20.67 -16.09
N LEU C 43 -25.18 -19.89 -16.13
CA LEU C 43 -25.15 -18.54 -15.60
C LEU C 43 -24.88 -18.54 -14.09
N ASP C 44 -25.34 -19.59 -13.37
CA ASP C 44 -25.12 -19.71 -11.94
C ASP C 44 -23.66 -20.02 -11.62
N TYR C 45 -23.02 -20.83 -12.44
CA TYR C 45 -21.60 -21.17 -12.26
C TYR C 45 -20.73 -19.91 -12.35
N TYR C 46 -21.02 -19.06 -13.35
CA TYR C 46 -20.28 -17.82 -13.54
C TYR C 46 -20.66 -16.75 -12.54
N LYS C 47 -21.84 -16.87 -11.91
CA LYS C 47 -22.27 -15.98 -10.84
C LYS C 47 -21.36 -16.28 -9.64
N HIS C 48 -21.14 -17.58 -9.32
CA HIS C 48 -20.28 -18.00 -8.20
C HIS C 48 -18.81 -17.73 -8.43
N LEU C 49 -18.36 -17.85 -9.68
CA LEU C 49 -16.97 -17.58 -10.02
C LEU C 49 -16.66 -16.10 -9.79
N SER C 50 -17.61 -15.23 -10.14
CA SER C 50 -17.48 -13.80 -10.00
C SER C 50 -17.31 -13.41 -8.54
N TYR C 51 -18.23 -13.86 -7.68
CA TYR C 51 -18.19 -13.52 -6.28
C TYR C 51 -16.96 -14.06 -5.59
N ASN C 52 -16.58 -15.29 -5.90
CA ASN C 52 -15.41 -15.92 -5.31
C ASN C 52 -14.10 -15.18 -5.65
N SER C 53 -14.01 -14.65 -6.88
CA SER C 53 -12.82 -13.93 -7.34
C SER C 53 -12.74 -12.57 -6.65
N ILE C 54 -13.90 -11.87 -6.53
CA ILE C 54 -13.90 -10.57 -5.91
C ILE C 54 -13.76 -10.66 -4.42
N TYR C 55 -14.19 -11.77 -3.76
CA TYR C 55 -14.11 -11.95 -2.29
C TYR C 55 -12.76 -12.35 -1.76
N HIS C 56 -11.93 -12.95 -2.60
CA HIS C 56 -10.62 -13.46 -2.27
C HIS C 56 -9.74 -12.51 -1.48
N LYS C 57 -9.64 -11.25 -1.98
CA LYS C 57 -8.91 -10.14 -1.38
C LYS C 57 -9.91 -9.09 -0.85
N SER C 58 -9.59 -8.44 0.27
CA SER C 58 -10.48 -7.44 0.87
C SER C 58 -10.68 -6.25 -0.04
N SER C 59 -9.57 -5.73 -0.62
CA SER C 59 -9.60 -4.61 -1.56
C SER C 59 -10.68 -4.77 -2.64
N THR C 60 -10.95 -6.01 -3.08
CA THR C 60 -11.96 -6.23 -4.09
C THR C 60 -13.39 -6.61 -3.61
N TYR C 61 -13.71 -6.72 -2.29
CA TYR C 61 -15.08 -7.14 -1.85
C TYR C 61 -16.15 -6.27 -2.43
N GLY C 62 -15.91 -4.96 -2.36
CA GLY C 62 -16.87 -3.96 -2.81
C GLY C 62 -17.35 -4.12 -4.23
N LYS C 63 -16.54 -4.77 -5.07
CA LYS C 63 -16.89 -5.03 -6.45
C LYS C 63 -18.20 -5.83 -6.58
N TYR C 64 -18.72 -6.49 -5.48
CA TYR C 64 -19.98 -7.26 -5.56
C TYR C 64 -21.14 -6.40 -6.04
N ILE C 65 -21.08 -5.08 -5.83
CA ILE C 65 -22.11 -4.15 -6.27
C ILE C 65 -22.16 -4.18 -7.80
N ALA C 66 -21.01 -3.93 -8.45
CA ALA C 66 -20.87 -3.93 -9.90
C ALA C 66 -21.25 -5.26 -10.48
N VAL C 67 -20.91 -6.34 -9.78
CA VAL C 67 -21.24 -7.71 -10.17
C VAL C 67 -22.74 -7.94 -10.20
N ASP C 68 -23.45 -7.55 -9.12
CA ASP C 68 -24.90 -7.66 -9.02
C ASP C 68 -25.52 -6.84 -10.15
N ALA C 69 -25.00 -5.64 -10.43
CA ALA C 69 -25.46 -4.74 -11.49
C ALA C 69 -25.32 -5.40 -12.83
N PHE C 70 -24.16 -6.07 -13.09
CA PHE C 70 -23.95 -6.75 -14.36
C PHE C 70 -24.92 -7.88 -14.49
N ILE C 71 -25.05 -8.72 -13.45
CA ILE C 71 -25.93 -9.88 -13.45
C ILE C 71 -27.37 -9.47 -13.75
N LYS C 72 -27.80 -8.29 -13.26
CA LYS C 72 -29.14 -7.79 -13.58
C LYS C 72 -29.30 -7.51 -15.04
N LYS C 73 -28.26 -6.97 -15.67
CA LYS C 73 -28.29 -6.72 -17.11
C LYS C 73 -28.39 -8.04 -17.88
N ILE C 74 -27.68 -9.10 -17.42
CA ILE C 74 -27.73 -10.44 -18.03
C ILE C 74 -29.15 -11.01 -17.95
N ASN C 75 -29.79 -10.88 -16.77
CA ASN C 75 -31.14 -11.38 -16.60
C ASN C 75 -32.12 -10.63 -17.45
N GLU C 76 -32.05 -9.30 -17.44
CA GLU C 76 -32.92 -8.48 -18.27
C GLU C 76 -32.75 -8.78 -19.77
N ALA C 77 -31.50 -9.04 -20.20
CA ALA C 77 -31.25 -9.33 -21.60
C ALA C 77 -31.85 -10.67 -21.95
N TYR C 78 -31.72 -11.67 -21.06
CA TYR C 78 -32.24 -13.01 -21.24
C TYR C 78 -33.77 -13.01 -21.23
N ASP C 79 -34.36 -12.28 -20.31
CA ASP C 79 -35.82 -12.15 -20.22
C ASP C 79 -36.36 -11.42 -21.44
N LYS C 80 -35.57 -10.54 -22.09
CA LYS C 80 -35.95 -9.83 -23.32
C LYS C 80 -36.02 -10.82 -24.46
N VAL C 81 -35.13 -11.81 -24.50
CA VAL C 81 -35.17 -12.85 -25.51
C VAL C 81 -36.33 -13.80 -25.22
N LYS C 82 -36.48 -14.21 -23.95
CA LYS C 82 -37.58 -15.07 -23.50
C LYS C 82 -38.94 -14.53 -23.93
N SER C 83 -39.07 -13.20 -23.88
CA SER C 83 -40.28 -12.46 -24.22
C SER C 83 -40.69 -12.54 -25.67
N LYS C 84 -39.82 -13.02 -26.57
CA LYS C 84 -40.18 -13.15 -27.97
C LYS C 84 -41.24 -14.27 -28.13
N CYS C 85 -41.10 -15.38 -27.35
CA CYS C 85 -42.07 -16.49 -27.35
C CYS C 85 -43.31 -16.20 -26.50
N ASN C 86 -43.57 -14.94 -26.15
CA ASN C 86 -44.68 -14.62 -25.26
C ASN C 86 -46.03 -14.85 -25.85
N ASP C 87 -46.18 -14.67 -27.16
CA ASP C 87 -47.47 -14.87 -27.82
C ASP C 87 -47.85 -16.35 -27.78
N ILE C 88 -46.88 -17.22 -28.07
CA ILE C 88 -47.04 -18.68 -28.05
C ILE C 88 -47.29 -19.17 -26.62
N LYS C 89 -46.59 -18.56 -25.64
CA LYS C 89 -46.74 -18.89 -24.22
C LYS C 89 -48.14 -18.51 -23.74
N ASN C 90 -48.59 -17.29 -24.09
CA ASN C 90 -49.92 -16.82 -23.69
C ASN C 90 -51.06 -17.59 -24.36
N ASP C 91 -50.80 -18.20 -25.53
CA ASP C 91 -51.74 -19.04 -26.25
C ASP C 91 -51.88 -20.36 -25.49
N LEU C 92 -50.75 -20.93 -25.03
CA LEU C 92 -50.76 -22.17 -24.25
C LEU C 92 -51.39 -21.94 -22.87
N ILE C 93 -51.23 -20.73 -22.29
CA ILE C 93 -51.85 -20.37 -21.01
C ILE C 93 -53.37 -20.35 -21.18
N ALA C 94 -53.86 -19.76 -22.30
CA ALA C 94 -55.29 -19.70 -22.62
C ALA C 94 -55.89 -21.09 -22.82
N THR C 95 -55.13 -22.01 -23.42
CA THR C 95 -55.53 -23.40 -23.65
C THR C 95 -55.63 -24.15 -22.32
N ILE C 96 -54.57 -24.08 -21.50
CA ILE C 96 -54.54 -24.73 -20.18
C ILE C 96 -55.65 -24.19 -19.29
N LYS C 97 -55.97 -22.88 -19.41
CA LYS C 97 -57.06 -22.26 -18.65
C LYS C 97 -58.41 -22.90 -18.99
N LYS C 98 -58.67 -23.15 -20.29
CA LYS C 98 -59.90 -23.79 -20.76
C LYS C 98 -59.98 -25.24 -20.30
N LEU C 99 -58.84 -25.95 -20.31
CA LEU C 99 -58.77 -27.34 -19.85
C LEU C 99 -58.98 -27.47 -18.33
N GLU C 100 -58.80 -26.38 -17.59
CA GLU C 100 -58.98 -26.37 -16.15
C GLU C 100 -60.38 -25.85 -15.76
N HIS C 101 -61.43 -26.32 -16.48
CA HIS C 101 -62.83 -25.97 -16.24
C HIS C 101 -63.68 -27.25 -16.30
N LYS C 114 -61.93 -31.96 -27.92
CA LYS C 114 -60.99 -32.70 -27.09
C LYS C 114 -60.14 -31.71 -26.36
N MET C 115 -59.54 -30.75 -27.11
CA MET C 115 -58.64 -29.70 -26.62
C MET C 115 -57.28 -30.21 -26.13
N MET C 116 -57.20 -31.46 -25.67
CA MET C 116 -55.95 -32.08 -25.20
C MET C 116 -54.94 -32.14 -26.36
N ASP C 117 -55.40 -32.50 -27.55
CA ASP C 117 -54.55 -32.57 -28.73
C ASP C 117 -54.02 -31.18 -29.09
N GLU C 118 -54.85 -30.14 -28.91
CA GLU C 118 -54.54 -28.73 -29.15
C GLU C 118 -53.52 -28.20 -28.11
N TYR C 119 -53.55 -28.75 -26.89
CA TYR C 119 -52.61 -28.42 -25.83
C TYR C 119 -51.23 -28.93 -26.22
N ASN C 120 -51.14 -30.18 -26.68
CA ASN C 120 -49.87 -30.79 -27.05
C ASN C 120 -49.20 -30.04 -28.18
N THR C 121 -49.97 -29.63 -29.20
CA THR C 121 -49.46 -28.89 -30.34
C THR C 121 -49.01 -27.48 -29.94
N LYS C 122 -49.71 -26.84 -29.00
CA LYS C 122 -49.31 -25.50 -28.54
C LYS C 122 -48.08 -25.56 -27.60
N LYS C 123 -47.89 -26.69 -26.90
CA LYS C 123 -46.75 -26.94 -26.01
C LYS C 123 -45.51 -27.19 -26.87
N LYS C 124 -45.65 -27.98 -27.93
CA LYS C 124 -44.58 -28.24 -28.88
C LYS C 124 -44.16 -26.92 -29.59
N LYS C 125 -45.15 -26.06 -29.88
CA LYS C 125 -44.98 -24.77 -30.53
C LYS C 125 -44.12 -23.82 -29.71
N LEU C 126 -44.28 -23.87 -28.38
CA LEU C 126 -43.51 -23.04 -27.45
C LEU C 126 -42.07 -23.53 -27.44
N ILE C 127 -41.87 -24.84 -27.28
CA ILE C 127 -40.55 -25.48 -27.30
C ILE C 127 -39.82 -25.17 -28.61
N LYS C 128 -40.55 -25.16 -29.74
CA LYS C 128 -39.97 -24.87 -31.04
C LYS C 128 -39.35 -23.47 -31.04
N CYS C 129 -40.15 -22.48 -30.66
CA CYS C 129 -39.78 -21.09 -30.57
C CYS C 129 -38.51 -20.90 -29.72
N ILE C 130 -38.39 -21.65 -28.63
CA ILE C 130 -37.27 -21.57 -27.71
C ILE C 130 -36.01 -22.04 -28.41
N LYS C 131 -36.09 -23.19 -29.08
CA LYS C 131 -34.98 -23.72 -29.86
C LYS C 131 -34.57 -22.80 -31.01
N ASN C 132 -35.51 -21.97 -31.51
CA ASN C 132 -35.24 -20.99 -32.58
C ASN C 132 -34.31 -19.91 -32.03
N HIS C 133 -34.60 -19.43 -30.82
CA HIS C 133 -33.78 -18.40 -30.20
C HIS C 133 -32.59 -18.99 -29.46
N GLU C 134 -32.10 -20.16 -29.90
CA GLU C 134 -30.98 -20.82 -29.24
C GLU C 134 -29.73 -19.96 -29.26
N ASN C 135 -29.45 -19.32 -30.40
CA ASN C 135 -28.27 -18.48 -30.52
C ASN C 135 -28.34 -17.23 -29.68
N ASP C 136 -29.52 -16.61 -29.64
CA ASP C 136 -29.76 -15.39 -28.86
C ASP C 136 -29.37 -15.56 -27.39
N PHE C 137 -29.81 -16.68 -26.78
CA PHE C 137 -29.51 -17.01 -25.39
C PHE C 137 -28.03 -17.26 -25.22
N ASN C 138 -27.41 -17.96 -26.18
CA ASN C 138 -25.99 -18.28 -26.16
C ASN C 138 -25.09 -17.07 -26.14
N LYS C 139 -25.48 -15.99 -26.83
CA LYS C 139 -24.69 -14.76 -26.82
C LYS C 139 -24.63 -14.20 -25.40
N ILE C 140 -25.78 -14.23 -24.70
CA ILE C 140 -25.90 -13.75 -23.32
C ILE C 140 -25.08 -14.63 -22.39
N CYS C 141 -25.19 -15.95 -22.55
CA CYS C 141 -24.47 -16.94 -21.76
C CYS C 141 -22.99 -16.74 -21.92
N MET C 142 -22.53 -16.55 -23.16
CA MET C 142 -21.11 -16.31 -23.46
C MET C 142 -20.55 -15.04 -22.85
N ASP C 143 -21.34 -13.95 -22.88
CA ASP C 143 -20.96 -12.70 -22.25
C ASP C 143 -20.83 -12.89 -20.72
N MET C 144 -21.71 -13.70 -20.13
CA MET C 144 -21.65 -14.00 -18.70
C MET C 144 -20.38 -14.79 -18.39
N LYS C 145 -20.02 -15.79 -19.22
CA LYS C 145 -18.79 -16.56 -19.05
C LYS C 145 -17.58 -15.61 -19.08
N ASN C 146 -17.55 -14.66 -20.03
CA ASN C 146 -16.50 -13.67 -20.15
C ASN C 146 -16.40 -12.81 -18.92
N TYR C 147 -17.54 -12.40 -18.35
CA TYR C 147 -17.50 -11.50 -17.18
C TYR C 147 -16.84 -12.14 -15.99
N GLY C 148 -17.31 -13.33 -15.62
CA GLY C 148 -16.79 -14.09 -14.50
C GLY C 148 -15.37 -14.54 -14.74
N THR C 149 -15.04 -14.90 -15.99
CA THR C 149 -13.68 -15.31 -16.33
C THR C 149 -12.73 -14.14 -16.19
N ASN C 150 -13.15 -12.92 -16.58
CA ASN C 150 -12.28 -11.77 -16.41
C ASN C 150 -11.97 -11.52 -14.95
N LEU C 151 -12.97 -11.68 -14.08
CA LEU C 151 -12.75 -11.50 -12.65
C LEU C 151 -11.83 -12.59 -12.12
N PHE C 152 -12.05 -13.83 -12.55
CA PHE C 152 -11.27 -15.01 -12.15
C PHE C 152 -9.79 -14.85 -12.49
N GLU C 153 -9.53 -14.28 -13.66
CA GLU C 153 -8.20 -14.06 -14.18
C GLU C 153 -7.43 -12.98 -13.40
N GLN C 154 -8.13 -12.01 -12.82
CA GLN C 154 -7.47 -10.97 -12.03
C GLN C 154 -7.63 -11.43 -10.61
N LEU C 155 -6.77 -12.32 -10.16
CA LEU C 155 -6.90 -12.86 -8.82
C LEU C 155 -5.52 -12.84 -8.32
N SER C 156 -5.15 -11.87 -7.50
CA SER C 156 -3.79 -11.81 -6.96
C SER C 156 -3.67 -12.82 -5.81
N CYS C 157 -2.45 -13.02 -5.39
CA CYS C 157 -2.08 -13.89 -4.33
C CYS C 157 -0.80 -13.24 -3.97
N TYR C 158 -0.70 -12.84 -2.74
CA TYR C 158 0.49 -12.22 -2.16
C TYR C 158 1.71 -13.15 -2.28
N ASN C 159 1.50 -14.48 -2.14
CA ASN C 159 2.62 -15.40 -2.30
C ASN C 159 2.52 -16.33 -3.47
N ASN C 160 1.32 -16.75 -3.88
CA ASN C 160 1.20 -17.64 -5.07
C ASN C 160 1.56 -19.09 -4.76
N ASN C 161 2.37 -19.33 -3.74
CA ASN C 161 2.63 -20.67 -3.19
C ASN C 161 1.78 -20.88 -1.89
N PHE C 162 1.26 -19.78 -1.33
CA PHE C 162 0.36 -19.73 -0.19
C PHE C 162 -0.69 -18.67 -0.58
N CYS C 163 -1.86 -19.12 -1.03
CA CYS C 163 -3.00 -18.30 -1.45
C CYS C 163 -4.10 -18.51 -0.42
N ASN C 164 -4.62 -17.42 0.17
CA ASN C 164 -5.65 -17.54 1.19
C ASN C 164 -7.02 -17.99 0.70
N THR C 165 -7.57 -19.00 1.37
CA THR C 165 -8.90 -19.50 1.06
C THR C 165 -9.93 -18.68 1.82
N ASN C 166 -9.75 -17.35 1.85
CA ASN C 166 -10.70 -16.49 2.54
C ASN C 166 -11.88 -16.28 1.67
N GLY C 167 -11.66 -15.99 0.39
CA GLY C 167 -12.72 -15.81 -0.59
C GLY C 167 -13.66 -16.98 -0.66
N ILE C 168 -13.10 -18.21 -0.63
CA ILE C 168 -13.93 -19.41 -0.65
C ILE C 168 -14.84 -19.46 0.58
N ARG C 169 -14.28 -19.22 1.76
CA ARG C 169 -15.05 -19.23 2.99
C ARG C 169 -16.08 -18.11 3.06
N TYR C 170 -15.71 -16.82 2.83
CA TYR C 170 -16.63 -15.66 2.85
C TYR C 170 -17.77 -15.89 1.88
N HIS C 171 -17.47 -16.51 0.70
CA HIS C 171 -18.46 -16.82 -0.33
C HIS C 171 -19.40 -17.89 0.13
N TYR C 172 -18.88 -19.07 0.55
CA TYR C 172 -19.66 -20.20 0.98
C TYR C 172 -20.55 -19.77 2.11
N ASP C 173 -19.99 -19.13 3.11
CA ASP C 173 -20.73 -18.68 4.27
C ASP C 173 -21.88 -17.76 3.92
N GLU C 174 -21.70 -16.75 3.04
CA GLU C 174 -22.82 -15.86 2.73
C GLU C 174 -23.79 -16.48 1.76
N TYR C 175 -23.35 -16.85 0.57
CA TYR C 175 -24.25 -17.36 -0.46
C TYR C 175 -24.73 -18.83 -0.37
N ILE C 176 -23.87 -19.78 -0.02
CA ILE C 176 -24.22 -21.20 -0.07
C ILE C 176 -24.60 -21.88 1.23
N HIS C 177 -23.93 -21.55 2.33
CA HIS C 177 -24.14 -22.21 3.60
C HIS C 177 -25.58 -22.21 4.06
N LYS C 178 -26.22 -21.06 3.98
CA LYS C 178 -27.61 -20.88 4.36
C LYS C 178 -28.55 -21.91 3.63
N LEU C 179 -28.33 -22.10 2.31
CA LEU C 179 -29.11 -23.00 1.46
C LEU C 179 -28.94 -24.44 1.87
N ILE C 180 -27.71 -24.82 2.30
CA ILE C 180 -27.41 -26.18 2.77
C ILE C 180 -28.27 -26.49 3.99
N LEU C 181 -28.31 -25.53 4.94
CA LEU C 181 -29.08 -25.69 6.17
C LEU C 181 -30.57 -25.72 5.95
N SER C 182 -31.11 -24.91 5.01
CA SER C 182 -32.56 -24.91 4.76
C SER C 182 -33.00 -26.26 4.22
N VAL C 183 -32.23 -26.81 3.30
CA VAL C 183 -32.48 -28.10 2.70
C VAL C 183 -32.30 -29.24 3.72
N LYS C 184 -31.29 -29.15 4.58
CA LYS C 184 -31.04 -30.14 5.63
C LYS C 184 -32.23 -30.25 6.57
N SER C 185 -32.86 -29.13 6.90
CA SER C 185 -34.03 -29.10 7.77
C SER C 185 -35.32 -29.58 7.09
N LYS C 186 -35.42 -29.42 5.79
CA LYS C 186 -36.61 -29.70 5.03
C LYS C 186 -37.07 -31.17 4.97
N ASN C 187 -36.15 -32.15 4.80
CA ASN C 187 -36.54 -33.56 4.63
C ASN C 187 -37.40 -33.68 3.35
N LEU C 188 -36.75 -33.53 2.19
CA LEU C 188 -37.39 -33.56 0.87
C LEU C 188 -37.94 -34.93 0.49
N ASN C 189 -37.59 -35.98 1.22
CA ASN C 189 -38.08 -37.32 0.95
C ASN C 189 -39.51 -37.48 1.49
N LYS C 190 -39.78 -36.89 2.66
CA LYS C 190 -41.12 -36.88 3.24
C LYS C 190 -42.05 -36.06 2.34
N ASP C 191 -41.57 -34.95 1.77
CA ASP C 191 -42.34 -34.10 0.85
C ASP C 191 -42.79 -34.93 -0.35
N LEU C 192 -41.89 -35.78 -0.88
CA LEU C 192 -42.15 -36.66 -2.02
C LEU C 192 -43.16 -37.75 -1.64
N SER C 193 -43.02 -38.31 -0.43
CA SER C 193 -43.93 -39.34 0.07
C SER C 193 -45.33 -38.78 0.20
N ASP C 194 -45.47 -37.54 0.70
CA ASP C 194 -46.77 -36.88 0.83
C ASP C 194 -47.40 -36.55 -0.53
N MET C 195 -46.58 -36.36 -1.57
CA MET C 195 -47.05 -36.11 -2.93
C MET C 195 -47.53 -37.38 -3.59
N THR C 196 -46.96 -38.55 -3.24
CA THR C 196 -47.44 -39.81 -3.81
C THR C 196 -48.83 -40.09 -3.27
N ASN C 197 -49.05 -39.86 -1.96
CA ASN C 197 -50.34 -40.05 -1.31
C ASN C 197 -51.41 -39.20 -1.97
N ILE C 198 -51.06 -37.96 -2.37
CA ILE C 198 -51.98 -37.07 -3.06
C ILE C 198 -52.37 -37.64 -4.43
N LEU C 199 -51.38 -38.14 -5.19
CA LEU C 199 -51.63 -38.73 -6.50
C LEU C 199 -52.37 -40.07 -6.41
N GLN C 200 -52.21 -40.80 -5.30
CA GLN C 200 -52.88 -42.08 -5.06
C GLN C 200 -54.34 -41.83 -4.71
N GLN C 201 -54.62 -40.80 -3.90
CA GLN C 201 -55.98 -40.42 -3.51
C GLN C 201 -56.75 -39.98 -4.74
N SER C 202 -56.11 -39.18 -5.60
CA SER C 202 -56.72 -38.72 -6.83
C SER C 202 -56.92 -39.87 -7.80
N GLU C 203 -55.96 -40.80 -7.86
CA GLU C 203 -56.05 -41.98 -8.73
C GLU C 203 -57.19 -42.91 -8.34
N LEU C 204 -57.47 -43.01 -7.03
CA LEU C 204 -58.54 -43.86 -6.50
C LEU C 204 -59.88 -43.19 -6.77
N LEU C 205 -59.99 -41.89 -6.54
CA LEU C 205 -61.22 -41.13 -6.78
C LEU C 205 -61.56 -41.14 -8.28
N LEU C 206 -60.54 -41.03 -9.14
CA LEU C 206 -60.64 -41.03 -10.59
C LEU C 206 -61.19 -42.37 -11.08
N THR C 207 -60.71 -43.48 -10.49
CA THR C 207 -61.16 -44.81 -10.89
C THR C 207 -62.53 -45.17 -10.28
N ASN C 208 -62.86 -44.60 -9.10
CA ASN C 208 -64.16 -44.79 -8.46
C ASN C 208 -65.24 -44.03 -9.21
N LEU C 209 -64.90 -42.89 -9.80
CA LEU C 209 -65.86 -42.14 -10.59
C LEU C 209 -66.14 -42.91 -11.88
N ASN C 210 -65.11 -43.44 -12.56
CA ASN C 210 -65.31 -44.19 -13.81
C ASN C 210 -66.11 -45.47 -13.60
N LYS C 211 -65.86 -46.18 -12.49
CA LYS C 211 -66.57 -47.43 -12.22
C LYS C 211 -68.04 -47.21 -11.82
N LYS C 212 -68.30 -46.45 -10.75
CA LYS C 212 -69.65 -46.23 -10.27
C LYS C 212 -70.38 -45.11 -10.99
N MET C 213 -69.84 -43.88 -10.95
CA MET C 213 -70.52 -42.73 -11.54
C MET C 213 -69.69 -42.01 -12.60
N GLY C 214 -69.66 -42.56 -13.81
CA GLY C 214 -68.90 -41.97 -14.92
C GLY C 214 -69.61 -40.86 -15.66
N SER C 215 -70.92 -40.72 -15.42
CA SER C 215 -71.78 -39.71 -16.05
C SER C 215 -71.62 -38.35 -15.39
N TYR C 216 -70.37 -37.97 -15.07
CA TYR C 216 -70.12 -36.71 -14.40
C TYR C 216 -69.41 -35.69 -15.27
N ILE C 217 -69.70 -34.43 -15.01
CA ILE C 217 -69.03 -33.30 -15.66
C ILE C 217 -67.65 -33.18 -14.96
N TYR C 218 -66.61 -32.75 -15.71
CA TYR C 218 -65.25 -32.53 -15.21
C TYR C 218 -64.38 -33.79 -15.09
N ILE C 219 -64.90 -34.99 -15.39
CA ILE C 219 -64.10 -36.23 -15.33
C ILE C 219 -62.83 -36.13 -16.16
N ASP C 220 -62.90 -35.40 -17.29
CA ASP C 220 -61.78 -35.20 -18.19
C ASP C 220 -60.78 -34.21 -17.61
N THR C 221 -61.27 -33.13 -16.99
CA THR C 221 -60.40 -32.12 -16.40
C THR C 221 -59.65 -32.70 -15.19
N ILE C 222 -60.28 -33.62 -14.43
CA ILE C 222 -59.63 -34.29 -13.29
C ILE C 222 -58.51 -35.19 -13.81
N LYS C 223 -58.80 -35.95 -14.87
CA LYS C 223 -57.85 -36.86 -15.51
C LYS C 223 -56.65 -36.10 -16.07
N PHE C 224 -56.89 -34.90 -16.63
CA PHE C 224 -55.83 -34.04 -17.19
C PHE C 224 -54.94 -33.49 -16.08
N ILE C 225 -55.55 -32.93 -15.04
CA ILE C 225 -54.83 -32.35 -13.92
C ILE C 225 -54.00 -33.42 -13.22
N HIS C 226 -54.53 -34.63 -13.05
CA HIS C 226 -53.78 -35.71 -12.44
C HIS C 226 -52.63 -36.13 -13.32
N LYS C 227 -52.84 -36.18 -14.64
CA LYS C 227 -51.79 -36.55 -15.58
C LYS C 227 -50.66 -35.55 -15.53
N GLU C 228 -51.01 -34.25 -15.46
CA GLU C 228 -50.04 -33.17 -15.42
C GLU C 228 -49.28 -33.20 -14.09
N MET C 229 -49.98 -33.44 -12.99
CA MET C 229 -49.41 -33.52 -11.65
C MET C 229 -48.51 -34.73 -11.47
N LYS C 230 -48.79 -35.82 -12.17
CA LYS C 230 -47.98 -37.03 -12.11
C LYS C 230 -46.59 -36.74 -12.72
N HIS C 231 -46.56 -35.95 -13.81
CA HIS C 231 -45.36 -35.52 -14.55
C HIS C 231 -44.54 -34.59 -13.67
N ILE C 232 -45.20 -33.60 -13.07
CA ILE C 232 -44.57 -32.62 -12.18
C ILE C 232 -43.86 -33.34 -11.04
N PHE C 233 -44.50 -34.35 -10.47
CA PHE C 233 -43.94 -35.15 -9.41
C PHE C 233 -42.64 -35.83 -9.84
N ASN C 234 -42.59 -36.37 -11.05
CA ASN C 234 -41.40 -37.04 -11.54
C ASN C 234 -40.22 -36.07 -11.70
N ARG C 235 -40.51 -34.83 -12.11
CA ARG C 235 -39.49 -33.81 -12.26
C ARG C 235 -38.96 -33.39 -10.88
N ILE C 236 -39.86 -33.30 -9.87
CA ILE C 236 -39.50 -32.99 -8.49
C ILE C 236 -38.65 -34.12 -7.93
N GLU C 237 -39.03 -35.36 -8.19
CA GLU C 237 -38.29 -36.53 -7.74
C GLU C 237 -36.87 -36.54 -8.31
N TYR C 238 -36.68 -36.02 -9.54
CA TYR C 238 -35.38 -35.92 -10.20
C TYR C 238 -34.51 -34.88 -9.49
N HIS C 239 -35.06 -33.68 -9.31
CA HIS C 239 -34.32 -32.59 -8.69
C HIS C 239 -33.99 -32.87 -7.24
N THR C 240 -34.90 -33.49 -6.47
CA THR C 240 -34.63 -33.82 -5.07
C THR C 240 -33.51 -34.83 -4.95
N LYS C 241 -33.34 -35.72 -5.94
CA LYS C 241 -32.26 -36.70 -5.94
C LYS C 241 -30.92 -35.96 -6.05
N ILE C 242 -30.84 -34.94 -6.94
CA ILE C 242 -29.65 -34.12 -7.14
C ILE C 242 -29.33 -33.34 -5.87
N ILE C 243 -30.31 -32.61 -5.32
CA ILE C 243 -30.13 -31.86 -4.10
C ILE C 243 -29.59 -32.73 -2.96
N ASN C 244 -30.16 -33.91 -2.80
CA ASN C 244 -29.74 -34.84 -1.76
C ASN C 244 -28.25 -35.16 -1.78
N ASP C 245 -27.70 -35.61 -2.93
CA ASP C 245 -26.27 -35.94 -2.96
C ASP C 245 -25.38 -34.70 -3.09
N LYS C 246 -25.83 -33.67 -3.82
CA LYS C 246 -25.06 -32.43 -3.93
C LYS C 246 -24.92 -31.72 -2.59
N THR C 247 -25.85 -31.94 -1.65
CA THR C 247 -25.74 -31.37 -0.31
C THR C 247 -24.58 -32.04 0.39
N LYS C 248 -24.48 -33.38 0.30
CA LYS C 248 -23.39 -34.16 0.90
C LYS C 248 -22.07 -33.76 0.29
N ILE C 249 -22.00 -33.70 -1.05
CA ILE C 249 -20.77 -33.33 -1.75
C ILE C 249 -20.27 -31.96 -1.35
N ILE C 250 -21.10 -30.91 -1.46
CA ILE C 250 -20.74 -29.54 -1.09
C ILE C 250 -20.21 -29.46 0.35
N GLN C 251 -20.90 -30.13 1.28
CA GLN C 251 -20.51 -30.14 2.70
C GLN C 251 -19.17 -30.79 2.94
N ASP C 252 -18.89 -31.85 2.19
CA ASP C 252 -17.64 -32.58 2.37
C ASP C 252 -16.48 -31.85 1.74
N LYS C 253 -16.71 -31.32 0.53
CA LYS C 253 -15.71 -30.61 -0.25
C LYS C 253 -15.30 -29.32 0.39
N ILE C 254 -16.28 -28.52 0.86
CA ILE C 254 -15.97 -27.23 1.45
C ILE C 254 -14.99 -27.34 2.61
N LYS C 255 -15.10 -28.42 3.42
CA LYS C 255 -14.20 -28.69 4.54
C LYS C 255 -12.74 -28.70 4.14
N LEU C 256 -12.46 -29.13 2.89
CA LEU C 256 -11.13 -29.32 2.33
C LEU C 256 -10.55 -28.12 1.59
N ASN C 257 -11.36 -27.07 1.33
CA ASN C 257 -10.86 -25.87 0.66
C ASN C 257 -11.14 -24.63 1.56
N ILE C 258 -10.99 -24.76 2.90
CA ILE C 258 -11.43 -23.65 3.72
C ILE C 258 -10.40 -23.05 4.71
N TRP C 259 -9.55 -23.83 5.41
CA TRP C 259 -8.56 -23.16 6.28
C TRP C 259 -7.15 -23.57 5.84
N ARG C 260 -6.95 -23.55 4.51
CA ARG C 260 -5.75 -23.95 3.78
C ARG C 260 -5.05 -22.77 3.05
N THR C 261 -3.90 -23.06 2.42
CA THR C 261 -3.19 -22.12 1.57
C THR C 261 -2.74 -22.90 0.39
N PHE C 262 -3.52 -22.84 -0.70
CA PHE C 262 -3.18 -23.52 -1.93
C PHE C 262 -2.20 -22.71 -2.77
N GLN C 263 -1.52 -23.37 -3.72
CA GLN C 263 -0.69 -22.67 -4.70
C GLN C 263 -1.70 -22.11 -5.69
N LYS C 264 -1.50 -20.90 -6.22
CA LYS C 264 -2.47 -20.26 -7.13
C LYS C 264 -3.17 -21.21 -8.13
N ASP C 265 -2.39 -22.04 -8.85
CA ASP C 265 -2.95 -23.02 -9.81
C ASP C 265 -3.99 -23.94 -9.16
N GLU C 266 -3.66 -24.49 -7.98
CA GLU C 266 -4.54 -25.36 -7.22
C GLU C 266 -5.71 -24.60 -6.58
N LEU C 267 -5.47 -23.36 -6.17
CA LEU C 267 -6.51 -22.50 -5.58
C LEU C 267 -7.59 -22.26 -6.62
N LEU C 268 -7.18 -21.89 -7.86
CA LEU C 268 -8.10 -21.61 -8.94
C LEU C 268 -8.90 -22.84 -9.29
N LYS C 269 -8.24 -24.03 -9.29
CA LYS C 269 -8.89 -25.31 -9.56
C LYS C 269 -10.03 -25.56 -8.53
N ARG C 270 -9.80 -25.24 -7.24
CA ARG C 270 -10.81 -25.44 -6.22
C ARG C 270 -11.96 -24.51 -6.42
N ILE C 271 -11.71 -23.23 -6.74
CA ILE C 271 -12.76 -22.25 -6.99
C ILE C 271 -13.69 -22.72 -8.13
N LEU C 272 -13.11 -23.30 -9.20
CA LEU C 272 -13.91 -23.79 -10.31
C LEU C 272 -14.75 -24.98 -9.86
N ASP C 273 -14.12 -25.92 -9.13
CA ASP C 273 -14.77 -27.13 -8.63
C ASP C 273 -15.94 -26.80 -7.71
N MET C 274 -15.75 -25.86 -6.80
CA MET C 274 -16.78 -25.45 -5.90
C MET C 274 -17.89 -24.76 -6.67
N SER C 275 -17.57 -23.76 -7.52
CA SER C 275 -18.56 -23.07 -8.36
C SER C 275 -19.41 -24.04 -9.19
N ASN C 276 -18.84 -25.21 -9.55
CA ASN C 276 -19.55 -26.22 -10.31
C ASN C 276 -20.57 -26.93 -9.41
N GLU C 277 -20.13 -27.40 -8.24
CA GLU C 277 -20.97 -28.09 -7.29
C GLU C 277 -22.09 -27.18 -6.82
N TYR C 278 -21.77 -25.91 -6.56
CA TYR C 278 -22.75 -24.92 -6.12
C TYR C 278 -23.82 -24.73 -7.22
N SER C 279 -23.40 -24.60 -8.50
CA SER C 279 -24.31 -24.37 -9.63
C SER C 279 -25.31 -25.52 -9.88
N LEU C 280 -24.84 -26.77 -9.83
CA LEU C 280 -25.73 -27.93 -10.01
C LEU C 280 -26.75 -27.99 -8.87
N PHE C 281 -26.29 -27.73 -7.63
CA PHE C 281 -27.13 -27.75 -6.46
C PHE C 281 -28.19 -26.67 -6.51
N ILE C 282 -27.78 -25.42 -6.77
CA ILE C 282 -28.71 -24.30 -6.79
C ILE C 282 -29.73 -24.43 -7.92
N THR C 283 -29.33 -25.01 -9.06
CA THR C 283 -30.26 -25.21 -10.17
C THR C 283 -31.37 -26.17 -9.78
N SER C 284 -31.01 -27.39 -9.33
CA SER C 284 -31.97 -28.41 -8.95
C SER C 284 -32.79 -27.99 -7.74
N ASP C 285 -32.20 -27.24 -6.79
CA ASP C 285 -32.95 -26.76 -5.64
C ASP C 285 -33.97 -25.71 -6.03
N HIS C 286 -33.58 -24.75 -6.87
CA HIS C 286 -34.44 -23.68 -7.34
C HIS C 286 -35.60 -24.27 -8.11
N LEU C 287 -35.33 -25.17 -9.04
CA LEU C 287 -36.37 -25.81 -9.84
C LEU C 287 -37.29 -26.70 -9.02
N ARG C 288 -36.76 -27.44 -8.03
CA ARG C 288 -37.59 -28.30 -7.18
C ARG C 288 -38.61 -27.46 -6.42
N GLN C 289 -38.19 -26.31 -5.90
CA GLN C 289 -39.09 -25.43 -5.17
C GLN C 289 -40.13 -24.84 -6.10
N MET C 290 -39.75 -24.47 -7.33
CA MET C 290 -40.72 -23.92 -8.28
C MET C 290 -41.74 -24.96 -8.69
N LEU C 291 -41.29 -26.19 -8.99
CA LEU C 291 -42.14 -27.31 -9.36
C LEU C 291 -43.05 -27.73 -8.22
N TYR C 292 -42.57 -27.63 -6.98
CA TYR C 292 -43.34 -27.92 -5.77
C TYR C 292 -44.55 -26.99 -5.71
N ASN C 293 -44.34 -25.70 -5.98
CA ASN C 293 -45.40 -24.71 -5.99
C ASN C 293 -46.41 -24.96 -7.08
N THR C 294 -45.95 -25.44 -8.25
CA THR C 294 -46.85 -25.74 -9.37
C THR C 294 -47.65 -27.02 -9.08
N PHE C 295 -47.05 -28.00 -8.40
CA PHE C 295 -47.74 -29.25 -8.05
C PHE C 295 -48.90 -28.94 -7.12
N TYR C 296 -48.66 -28.10 -6.11
CA TYR C 296 -49.69 -27.74 -5.17
C TYR C 296 -50.64 -26.66 -5.71
N SER C 297 -50.24 -25.89 -6.74
CA SER C 297 -51.17 -24.95 -7.40
C SER C 297 -52.15 -25.77 -8.24
N LYS C 298 -51.66 -26.81 -8.92
CA LYS C 298 -52.53 -27.68 -9.71
C LYS C 298 -53.45 -28.48 -8.77
N GLU C 299 -52.95 -28.92 -7.59
CA GLU C 299 -53.78 -29.64 -6.63
C GLU C 299 -54.83 -28.73 -6.00
N LYS C 300 -54.61 -27.40 -5.98
CA LYS C 300 -55.58 -26.45 -5.44
C LYS C 300 -56.77 -26.41 -6.41
N HIS C 301 -56.52 -26.23 -7.73
CA HIS C 301 -57.59 -26.23 -8.75
C HIS C 301 -58.31 -27.57 -8.81
N LEU C 302 -57.59 -28.66 -8.54
CA LEU C 302 -58.05 -30.03 -8.48
C LEU C 302 -59.01 -30.17 -7.31
N ASN C 303 -58.64 -29.66 -6.13
CA ASN C 303 -59.49 -29.73 -4.96
C ASN C 303 -60.71 -28.81 -5.04
N ASN C 304 -60.66 -27.77 -5.89
CA ASN C 304 -61.81 -26.89 -6.13
C ASN C 304 -62.92 -27.70 -6.82
N ILE C 305 -62.53 -28.58 -7.76
CA ILE C 305 -63.45 -29.48 -8.47
C ILE C 305 -63.97 -30.55 -7.52
N PHE C 306 -63.14 -31.02 -6.59
CA PHE C 306 -63.55 -32.00 -5.58
C PHE C 306 -64.58 -31.40 -4.64
N HIS C 307 -64.46 -30.11 -4.31
CA HIS C 307 -65.44 -29.39 -3.48
C HIS C 307 -66.76 -29.17 -4.25
N HIS C 308 -66.75 -29.25 -5.60
CA HIS C 308 -67.96 -29.16 -6.42
C HIS C 308 -68.64 -30.55 -6.35
N LEU C 309 -67.85 -31.62 -6.57
CA LEU C 309 -68.28 -33.01 -6.56
C LEU C 309 -68.94 -33.37 -5.24
N ILE C 310 -68.40 -32.87 -4.11
CA ILE C 310 -69.00 -33.14 -2.82
C ILE C 310 -70.35 -32.45 -2.73
N TYR C 311 -70.43 -31.19 -3.17
CA TYR C 311 -71.66 -30.42 -3.14
C TYR C 311 -72.75 -31.05 -3.99
N VAL C 312 -72.44 -31.43 -5.23
CA VAL C 312 -73.38 -32.06 -6.15
C VAL C 312 -73.90 -33.36 -5.54
N LEU C 313 -72.98 -34.17 -4.99
CA LEU C 313 -73.33 -35.44 -4.36
C LEU C 313 -74.08 -35.28 -3.02
N GLN C 314 -73.96 -34.12 -2.37
CA GLN C 314 -74.65 -33.83 -1.12
C GLN C 314 -76.07 -33.38 -1.43
N MET C 315 -76.22 -32.47 -2.41
CA MET C 315 -77.49 -31.89 -2.83
C MET C 315 -78.46 -32.92 -3.44
N LYS C 316 -77.91 -33.92 -4.11
CA LYS C 316 -78.65 -35.03 -4.70
C LYS C 316 -79.28 -35.89 -3.59
N PHE C 317 -78.59 -36.00 -2.43
CA PHE C 317 -79.05 -36.80 -1.29
C PHE C 317 -80.32 -36.29 -0.66
N ASN C 318 -80.49 -34.97 -0.61
CA ASN C 318 -81.70 -34.38 -0.05
C ASN C 318 -81.75 -32.88 -0.30
N GLN D 1 0.40 -8.88 -16.13
CA GLN D 1 -0.86 -8.22 -16.48
C GLN D 1 -1.16 -8.32 -17.99
N VAL D 2 -2.45 -8.28 -18.41
CA VAL D 2 -2.82 -8.41 -19.83
C VAL D 2 -2.28 -7.23 -20.62
N GLN D 3 -1.65 -7.51 -21.77
CA GLN D 3 -1.03 -6.48 -22.60
C GLN D 3 -1.27 -6.70 -24.07
N LEU D 4 -1.63 -5.63 -24.79
CA LEU D 4 -1.83 -5.75 -26.23
C LEU D 4 -0.75 -4.98 -26.99
N GLN D 5 -0.16 -5.59 -28.03
CA GLN D 5 0.88 -4.91 -28.79
C GLN D 5 0.71 -5.10 -30.29
N GLU D 6 0.49 -3.99 -31.00
CA GLU D 6 0.30 -3.99 -32.45
C GLU D 6 1.62 -3.91 -33.16
N SER D 7 1.72 -4.66 -34.26
CA SER D 7 2.93 -4.77 -35.07
C SER D 7 2.52 -4.85 -36.53
N GLY D 8 2.95 -3.89 -37.32
CA GLY D 8 2.57 -3.86 -38.72
C GLY D 8 3.57 -3.23 -39.67
N PRO D 9 3.10 -2.92 -40.91
CA PRO D 9 4.00 -2.31 -41.90
C PRO D 9 4.30 -0.83 -41.63
N GLY D 10 3.28 -0.07 -41.28
CA GLY D 10 3.46 1.35 -41.02
C GLY D 10 3.48 2.25 -42.25
N LEU D 11 3.59 1.65 -43.43
CA LEU D 11 3.57 2.38 -44.69
C LEU D 11 3.04 1.43 -45.76
N VAL D 12 1.84 1.72 -46.29
CA VAL D 12 1.23 0.86 -47.29
C VAL D 12 0.97 1.67 -48.56
N LYS D 13 1.35 1.12 -49.73
CA LYS D 13 1.12 1.79 -51.00
C LYS D 13 -0.37 1.67 -51.38
N PRO D 14 -0.92 2.72 -52.01
CA PRO D 14 -2.36 2.73 -52.32
C PRO D 14 -2.91 1.51 -53.07
N SER D 15 -4.11 1.06 -52.66
CA SER D 15 -4.85 -0.09 -53.17
C SER D 15 -4.33 -1.45 -52.70
N GLU D 16 -3.24 -1.47 -51.91
CA GLU D 16 -2.71 -2.72 -51.36
C GLU D 16 -3.44 -3.04 -50.04
N THR D 17 -3.20 -4.23 -49.48
CA THR D 17 -3.84 -4.62 -48.23
C THR D 17 -3.00 -4.27 -47.00
N LEU D 18 -3.55 -3.45 -46.09
CA LEU D 18 -2.89 -3.09 -44.84
C LEU D 18 -3.02 -4.27 -43.86
N SER D 19 -1.89 -4.79 -43.36
CA SER D 19 -1.95 -5.93 -42.45
C SER D 19 -1.20 -5.75 -41.17
N LEU D 20 -1.94 -5.41 -40.11
CA LEU D 20 -1.37 -5.27 -38.78
C LEU D 20 -1.82 -6.45 -37.95
N THR D 21 -1.00 -6.84 -36.99
CA THR D 21 -1.37 -7.92 -36.08
C THR D 21 -1.23 -7.44 -34.66
N CYS D 22 -2.03 -8.00 -33.77
CA CYS D 22 -1.96 -7.67 -32.38
C CYS D 22 -1.59 -8.90 -31.56
N THR D 23 -0.59 -8.74 -30.68
CA THR D 23 -0.10 -9.85 -29.88
C THR D 23 -0.53 -9.74 -28.42
N VAL D 24 -1.55 -10.54 -28.03
CA VAL D 24 -2.11 -10.59 -26.67
C VAL D 24 -1.17 -11.34 -25.75
N SER D 25 -0.42 -10.60 -24.95
CA SER D 25 0.56 -11.17 -24.02
C SER D 25 0.07 -11.05 -22.59
N GLY D 26 0.45 -12.00 -21.75
CA GLY D 26 0.04 -11.99 -20.35
C GLY D 26 -1.45 -12.20 -20.17
N GLY D 27 -2.03 -13.03 -21.03
CA GLY D 27 -3.45 -13.30 -21.00
C GLY D 27 -3.90 -14.02 -22.26
N SER D 28 -5.02 -14.73 -22.17
CA SER D 28 -5.53 -15.50 -23.30
C SER D 28 -6.55 -14.73 -24.15
N ILE D 29 -6.75 -15.16 -25.40
CA ILE D 29 -7.76 -14.51 -26.23
C ILE D 29 -9.13 -15.03 -25.83
N SER D 30 -9.30 -16.35 -25.93
CA SER D 30 -10.54 -17.08 -25.65
C SER D 30 -11.79 -16.35 -26.28
N THR D 31 -12.92 -16.29 -25.57
CA THR D 31 -14.15 -15.75 -26.10
C THR D 31 -14.33 -14.22 -25.91
N TYR D 32 -13.24 -13.44 -25.71
CA TYR D 32 -13.39 -11.98 -25.57
C TYR D 32 -13.63 -11.30 -26.94
N TYR D 33 -13.98 -10.00 -26.90
CA TYR D 33 -14.24 -9.17 -28.09
C TYR D 33 -12.97 -8.36 -28.41
N TRP D 34 -12.26 -8.80 -29.45
CA TRP D 34 -11.02 -8.21 -29.93
C TRP D 34 -11.30 -7.25 -31.08
N SER D 35 -11.16 -5.94 -30.83
CA SER D 35 -11.47 -4.92 -31.82
C SER D 35 -10.22 -4.20 -32.33
N TRP D 36 -10.37 -3.49 -33.45
CA TRP D 36 -9.35 -2.66 -34.07
C TRP D 36 -10.01 -1.31 -34.24
N ILE D 37 -9.46 -0.29 -33.63
CA ILE D 37 -10.00 1.06 -33.70
C ILE D 37 -8.93 1.98 -34.32
N ARG D 38 -9.28 2.86 -35.28
CA ARG D 38 -8.27 3.75 -35.86
C ARG D 38 -8.53 5.21 -35.56
N GLN D 39 -7.46 6.00 -35.58
CA GLN D 39 -7.57 7.42 -35.31
C GLN D 39 -6.72 8.23 -36.30
N PRO D 40 -7.37 8.84 -37.29
CA PRO D 40 -6.63 9.67 -38.25
C PRO D 40 -5.88 10.80 -37.57
N PRO D 41 -4.73 11.23 -38.10
CA PRO D 41 -3.96 12.32 -37.46
C PRO D 41 -4.77 13.59 -37.25
N GLY D 42 -4.88 13.97 -35.98
CA GLY D 42 -5.62 15.14 -35.56
C GLY D 42 -7.13 14.98 -35.61
N LYS D 43 -7.61 13.74 -35.74
CA LYS D 43 -9.05 13.48 -35.80
C LYS D 43 -9.48 12.55 -34.64
N GLY D 44 -10.74 12.13 -34.64
CA GLY D 44 -11.30 11.30 -33.60
C GLY D 44 -11.14 9.81 -33.83
N LEU D 45 -11.93 9.01 -33.12
CA LEU D 45 -11.82 7.56 -33.21
C LEU D 45 -12.92 6.86 -34.02
N GLU D 46 -12.53 5.81 -34.77
CA GLU D 46 -13.44 4.99 -35.57
C GLU D 46 -13.21 3.51 -35.25
N TRP D 47 -14.26 2.81 -34.81
CA TRP D 47 -14.17 1.39 -34.53
C TRP D 47 -14.30 0.68 -35.86
N LEU D 48 -13.30 -0.12 -36.26
CA LEU D 48 -13.31 -0.83 -37.54
C LEU D 48 -14.13 -2.12 -37.50
N GLY D 49 -14.02 -2.87 -36.41
CA GLY D 49 -14.74 -4.12 -36.22
C GLY D 49 -14.18 -4.94 -35.08
N TYR D 50 -14.78 -6.11 -34.79
CA TYR D 50 -14.26 -6.99 -33.74
C TYR D 50 -14.55 -8.45 -34.02
N ILE D 51 -13.79 -9.31 -33.35
CA ILE D 51 -13.97 -10.74 -33.42
C ILE D 51 -14.26 -11.19 -31.98
N TYR D 52 -15.24 -12.07 -31.81
CA TYR D 52 -15.68 -12.45 -30.49
C TYR D 52 -16.23 -13.83 -30.34
N HIS D 53 -16.36 -14.26 -29.07
CA HIS D 53 -16.88 -15.55 -28.66
C HIS D 53 -16.18 -16.68 -29.44
N SER D 54 -16.93 -17.55 -30.12
CA SER D 54 -16.38 -18.66 -30.87
C SER D 54 -15.90 -18.27 -32.28
N GLY D 55 -15.42 -17.04 -32.45
CA GLY D 55 -14.88 -16.59 -33.72
C GLY D 55 -15.85 -15.79 -34.58
N SER D 56 -16.96 -15.37 -34.01
CA SER D 56 -17.93 -14.57 -34.73
C SER D 56 -17.38 -13.17 -34.99
N THR D 57 -17.93 -12.45 -35.98
CA THR D 57 -17.41 -11.11 -36.32
C THR D 57 -18.45 -10.09 -36.74
N ASP D 58 -18.23 -8.85 -36.31
CA ASP D 58 -19.04 -7.71 -36.67
C ASP D 58 -18.10 -6.59 -37.06
N TYR D 59 -18.33 -6.00 -38.22
CA TYR D 59 -17.48 -4.94 -38.79
C TYR D 59 -18.28 -3.65 -39.02
N ASN D 60 -17.56 -2.52 -39.12
CA ASN D 60 -18.20 -1.22 -39.32
C ASN D 60 -18.59 -1.18 -40.77
N PRO D 61 -19.88 -1.02 -41.08
CA PRO D 61 -20.30 -0.94 -42.48
C PRO D 61 -19.60 0.18 -43.24
N SER D 62 -19.19 1.26 -42.54
CA SER D 62 -18.44 2.36 -43.16
C SER D 62 -17.14 1.86 -43.84
N LEU D 63 -16.59 0.71 -43.39
CA LEU D 63 -15.40 0.12 -43.98
C LEU D 63 -15.62 -0.54 -45.33
N GLU D 64 -16.86 -0.49 -45.88
CA GLU D 64 -17.26 -0.96 -47.20
C GLU D 64 -16.89 -2.42 -47.52
N SER D 65 -16.85 -3.29 -46.47
CA SER D 65 -16.59 -4.73 -46.57
C SER D 65 -15.11 -5.09 -46.87
N ARG D 66 -14.20 -4.11 -46.98
CA ARG D 66 -12.79 -4.42 -47.26
C ARG D 66 -11.95 -4.85 -46.04
N VAL D 67 -12.58 -4.91 -44.86
CA VAL D 67 -11.95 -5.26 -43.59
C VAL D 67 -12.18 -6.71 -43.19
N THR D 68 -11.16 -7.33 -42.57
CA THR D 68 -11.25 -8.70 -42.12
C THR D 68 -10.44 -8.89 -40.86
N ILE D 69 -11.08 -9.34 -39.79
CA ILE D 69 -10.39 -9.60 -38.53
C ILE D 69 -10.38 -11.09 -38.31
N SER D 70 -9.19 -11.64 -38.13
CA SER D 70 -9.02 -13.07 -37.95
C SER D 70 -8.19 -13.34 -36.74
N VAL D 71 -8.28 -14.54 -36.21
CA VAL D 71 -7.51 -14.90 -35.03
C VAL D 71 -6.98 -16.30 -35.08
N ASP D 72 -5.64 -16.44 -34.99
CA ASP D 72 -5.06 -17.76 -34.85
C ASP D 72 -4.85 -17.86 -33.33
N THR D 73 -5.92 -18.28 -32.55
CA THR D 73 -5.96 -18.37 -31.07
C THR D 73 -4.69 -19.00 -30.49
N SER D 74 -4.17 -20.03 -31.19
CA SER D 74 -2.96 -20.78 -30.90
C SER D 74 -1.73 -19.88 -30.82
N ARG D 75 -1.55 -18.99 -31.81
CA ARG D 75 -0.47 -18.00 -31.80
C ARG D 75 -0.68 -16.93 -30.68
N THR D 76 -1.96 -16.79 -30.18
CA THR D 76 -2.42 -15.80 -29.20
C THR D 76 -2.30 -14.44 -29.83
N ARG D 77 -2.90 -14.30 -31.00
CA ARG D 77 -2.84 -13.08 -31.77
C ARG D 77 -4.09 -12.94 -32.58
N PHE D 78 -4.54 -11.71 -32.78
CA PHE D 78 -5.59 -11.43 -33.74
C PHE D 78 -5.03 -10.41 -34.73
N SER D 79 -5.57 -10.37 -35.95
CA SER D 79 -5.00 -9.49 -36.96
C SER D 79 -6.02 -8.84 -37.86
N LEU D 80 -5.65 -7.69 -38.41
CA LEU D 80 -6.48 -6.89 -39.28
C LEU D 80 -5.94 -6.91 -40.71
N ARG D 81 -6.85 -6.92 -41.70
CA ARG D 81 -6.47 -6.84 -43.10
C ARG D 81 -7.44 -5.85 -43.73
N LEU D 82 -6.93 -4.74 -44.23
CA LEU D 82 -7.76 -3.70 -44.81
C LEU D 82 -7.41 -3.55 -46.28
N ARG D 83 -8.23 -4.15 -47.15
CA ARG D 83 -7.98 -4.17 -48.58
C ARG D 83 -8.22 -2.84 -49.27
N SER D 84 -7.54 -2.62 -50.41
CA SER D 84 -7.65 -1.43 -51.25
C SER D 84 -7.56 -0.11 -50.47
N VAL D 85 -6.41 0.17 -49.86
CA VAL D 85 -6.21 1.37 -49.06
C VAL D 85 -6.19 2.67 -49.90
N THR D 86 -6.52 3.76 -49.23
CA THR D 86 -6.60 5.13 -49.73
C THR D 86 -5.84 6.00 -48.71
N ALA D 87 -5.46 7.24 -49.09
CA ALA D 87 -4.85 8.15 -48.09
C ALA D 87 -5.83 8.42 -46.90
N ALA D 88 -7.13 8.05 -47.08
CA ALA D 88 -8.19 8.09 -46.09
C ALA D 88 -7.88 7.15 -44.92
N ASP D 89 -7.25 6.01 -45.21
CA ASP D 89 -6.90 5.03 -44.22
C ASP D 89 -5.59 5.30 -43.50
N THR D 90 -5.00 6.50 -43.68
CA THR D 90 -3.79 6.90 -42.94
C THR D 90 -4.28 7.22 -41.53
N ALA D 91 -3.92 6.39 -40.54
CA ALA D 91 -4.39 6.57 -39.17
C ALA D 91 -3.48 5.84 -38.13
N VAL D 92 -3.68 6.10 -36.82
CA VAL D 92 -2.97 5.37 -35.77
C VAL D 92 -3.89 4.20 -35.44
N TYR D 93 -3.43 2.97 -35.72
CA TYR D 93 -4.25 1.79 -35.49
C TYR D 93 -4.08 1.19 -34.10
N TYR D 94 -5.15 1.29 -33.31
CA TYR D 94 -5.22 0.76 -31.95
C TYR D 94 -5.91 -0.59 -32.00
N CYS D 95 -5.31 -1.54 -31.35
CA CYS D 95 -5.84 -2.87 -31.22
C CYS D 95 -6.48 -2.79 -29.85
N ALA D 96 -7.70 -3.31 -29.68
CA ALA D 96 -8.37 -3.17 -28.37
C ALA D 96 -9.19 -4.42 -27.95
N ARG D 97 -9.68 -4.43 -26.69
CA ARG D 97 -10.42 -5.54 -26.12
C ARG D 97 -11.54 -5.13 -25.17
N SER D 98 -12.74 -5.70 -25.39
CA SER D 98 -13.89 -5.54 -24.50
C SER D 98 -14.33 -6.94 -24.00
N THR D 99 -15.05 -6.98 -22.86
CA THR D 99 -15.45 -8.28 -22.32
C THR D 99 -16.81 -8.75 -22.81
N THR D 100 -17.77 -7.83 -22.92
CA THR D 100 -19.12 -8.19 -23.33
C THR D 100 -19.69 -7.16 -24.37
N MET D 101 -20.95 -7.36 -24.76
CA MET D 101 -21.85 -6.47 -25.44
C MET D 101 -22.98 -6.09 -24.48
N ILE D 102 -23.24 -6.88 -23.38
CA ILE D 102 -24.23 -6.58 -22.36
C ILE D 102 -23.83 -5.27 -21.65
N GLN D 103 -22.55 -5.16 -21.20
CA GLN D 103 -22.01 -3.99 -20.52
C GLN D 103 -20.67 -3.71 -21.15
N GLN D 104 -20.67 -3.48 -22.45
CA GLN D 104 -19.47 -3.27 -23.23
C GLN D 104 -18.69 -2.01 -22.82
N TYR D 105 -17.35 -2.11 -22.83
CA TYR D 105 -16.35 -1.05 -22.68
C TYR D 105 -14.95 -1.61 -22.95
N PHE D 106 -14.00 -0.75 -23.33
CA PHE D 106 -12.66 -1.22 -23.62
C PHE D 106 -11.64 -1.25 -22.44
N ASP D 107 -11.45 -2.47 -21.86
CA ASP D 107 -10.53 -2.74 -20.75
C ASP D 107 -9.09 -2.52 -21.14
N TYR D 108 -8.65 -3.16 -22.24
CA TYR D 108 -7.28 -3.04 -22.65
C TYR D 108 -7.18 -2.51 -24.03
N TRP D 109 -6.18 -1.68 -24.23
CA TRP D 109 -5.87 -1.03 -25.49
C TRP D 109 -4.38 -1.20 -25.72
N GLY D 110 -3.99 -1.43 -26.97
CA GLY D 110 -2.61 -1.50 -27.38
C GLY D 110 -1.97 -0.13 -27.41
N ARG D 111 -0.69 -0.06 -27.78
CA ARG D 111 0.05 1.20 -27.80
C ARG D 111 -0.30 2.08 -29.04
N GLY D 112 -0.75 1.44 -30.11
CA GLY D 112 -1.16 2.10 -31.35
C GLY D 112 -0.01 2.37 -32.28
N THR D 113 -0.14 1.94 -33.55
CA THR D 113 0.92 2.16 -34.54
C THR D 113 0.38 2.95 -35.69
N LEU D 114 1.17 3.91 -36.14
CA LEU D 114 0.78 4.75 -37.25
C LEU D 114 0.99 4.01 -38.56
N VAL D 115 -0.05 3.99 -39.40
CA VAL D 115 0.00 3.42 -40.73
C VAL D 115 -0.29 4.56 -41.69
N THR D 116 0.67 4.90 -42.56
CA THR D 116 0.50 6.04 -43.46
C THR D 116 0.45 5.58 -44.90
N VAL D 117 -0.77 5.65 -45.49
CA VAL D 117 -0.98 5.27 -46.89
C VAL D 117 -0.49 6.42 -47.77
N SER D 118 0.54 6.16 -48.57
CA SER D 118 1.16 7.21 -49.35
C SER D 118 0.46 7.64 -50.67
N SER D 119 -0.64 8.44 -50.56
CA SER D 119 -1.35 9.11 -51.69
C SER D 119 -1.61 8.26 -52.97
N ASP D 135 -25.60 4.65 -38.58
CA ASP D 135 -24.74 4.75 -37.39
C ASP D 135 -25.24 5.82 -36.44
N ILE D 136 -25.06 5.66 -35.11
CA ILE D 136 -25.51 6.70 -34.17
C ILE D 136 -24.49 7.83 -34.16
N GLN D 137 -24.95 9.07 -34.36
CA GLN D 137 -24.06 10.22 -34.36
C GLN D 137 -23.92 10.75 -32.96
N MET D 138 -22.78 10.41 -32.31
CA MET D 138 -22.49 10.93 -30.98
C MET D 138 -21.91 12.30 -31.22
N THR D 139 -22.61 13.34 -30.76
CA THR D 139 -22.13 14.69 -30.98
C THR D 139 -21.58 15.22 -29.67
N GLN D 140 -20.26 15.43 -29.60
CA GLN D 140 -19.64 15.93 -28.38
C GLN D 140 -19.69 17.41 -28.42
N SER D 141 -20.22 18.04 -27.36
CA SER D 141 -20.48 19.48 -27.28
C SER D 141 -19.21 20.37 -27.17
N PRO D 142 -18.41 20.46 -26.08
CA PRO D 142 -17.22 21.32 -26.15
C PRO D 142 -16.16 20.58 -26.96
N SER D 143 -15.77 21.10 -28.12
CA SER D 143 -14.79 20.43 -28.98
C SER D 143 -13.39 20.63 -28.42
N SER D 144 -13.13 21.85 -27.93
CA SER D 144 -11.92 22.30 -27.25
C SER D 144 -12.36 23.05 -25.99
N LEU D 145 -11.47 23.13 -25.01
CA LEU D 145 -11.80 23.79 -23.76
C LEU D 145 -10.51 24.08 -23.04
N SER D 146 -10.32 25.33 -22.59
CA SER D 146 -9.13 25.66 -21.83
C SER D 146 -9.52 26.33 -20.53
N ALA D 147 -9.40 25.61 -19.43
CA ALA D 147 -9.74 26.12 -18.10
C ALA D 147 -8.50 26.16 -17.19
N SER D 148 -8.54 26.97 -16.13
CA SER D 148 -7.42 27.03 -15.17
C SER D 148 -7.55 25.85 -14.17
N LEU D 149 -6.48 25.55 -13.41
CA LEU D 149 -6.56 24.45 -12.44
C LEU D 149 -7.56 24.78 -11.36
N GLY D 150 -8.29 23.76 -10.93
CA GLY D 150 -9.32 23.93 -9.91
C GLY D 150 -10.69 24.10 -10.50
N ASP D 151 -10.79 24.64 -11.72
CA ASP D 151 -12.08 24.84 -12.36
C ASP D 151 -12.83 23.56 -12.56
N ARG D 152 -14.17 23.63 -12.54
CA ARG D 152 -14.98 22.46 -12.81
C ARG D 152 -15.24 22.43 -14.30
N VAL D 153 -14.81 21.37 -15.01
CA VAL D 153 -15.09 21.28 -16.44
C VAL D 153 -16.20 20.29 -16.65
N THR D 154 -17.14 20.65 -17.52
CA THR D 154 -18.30 19.80 -17.79
CA THR D 154 -18.30 19.80 -17.79
C THR D 154 -18.58 19.73 -19.31
N ILE D 155 -18.41 18.53 -19.89
CA ILE D 155 -18.58 18.16 -21.29
C ILE D 155 -19.95 17.50 -21.50
N THR D 156 -20.46 17.53 -22.73
CA THR D 156 -21.74 16.91 -23.06
C THR D 156 -21.68 16.07 -24.32
N CYS D 157 -22.37 14.91 -24.30
CA CYS D 157 -22.47 14.03 -25.46
C CYS D 157 -23.92 13.80 -25.77
N GLN D 158 -24.32 13.96 -27.06
CA GLN D 158 -25.69 13.73 -27.44
C GLN D 158 -25.79 12.72 -28.54
N ALA D 159 -26.59 11.69 -28.36
CA ALA D 159 -26.75 10.67 -29.38
C ALA D 159 -27.80 11.05 -30.41
N SER D 160 -27.70 10.52 -31.63
CA SER D 160 -28.70 10.77 -32.66
C SER D 160 -30.09 10.18 -32.31
N GLN D 161 -30.12 9.18 -31.41
CA GLN D 161 -31.35 8.53 -30.96
C GLN D 161 -31.16 7.86 -29.57
N GLY D 162 -32.17 7.16 -29.06
CA GLY D 162 -32.11 6.49 -27.76
C GLY D 162 -31.00 5.47 -27.61
N ILE D 163 -30.04 5.79 -26.76
CA ILE D 163 -28.90 4.94 -26.47
C ILE D 163 -29.05 4.25 -25.09
N SER D 164 -30.14 4.53 -24.34
CA SER D 164 -30.38 4.03 -22.98
C SER D 164 -29.23 4.61 -22.12
N ASN D 165 -28.60 3.83 -21.24
CA ASN D 165 -27.43 4.29 -20.51
C ASN D 165 -26.19 3.66 -21.12
N SER D 166 -26.22 3.25 -22.40
CA SER D 166 -25.10 2.57 -23.02
C SER D 166 -24.05 3.55 -23.51
N LEU D 167 -23.46 4.29 -22.58
CA LEU D 167 -22.48 5.31 -22.90
C LEU D 167 -21.27 5.14 -22.04
N ASN D 168 -20.11 5.38 -22.63
CA ASN D 168 -18.86 5.30 -21.91
C ASN D 168 -18.02 6.53 -22.20
N TRP D 169 -17.17 6.91 -21.26
CA TRP D 169 -16.28 8.04 -21.41
C TRP D 169 -14.84 7.55 -21.31
N TYR D 170 -13.95 8.07 -22.15
CA TYR D 170 -12.54 7.70 -22.16
C TYR D 170 -11.69 8.93 -22.05
N GLN D 171 -10.50 8.79 -21.50
CA GLN D 171 -9.57 9.91 -21.41
C GLN D 171 -8.34 9.52 -22.21
N GLN D 172 -8.13 10.18 -23.36
CA GLN D 172 -6.96 9.88 -24.17
C GLN D 172 -5.83 10.86 -23.88
N LYS D 173 -4.88 10.47 -23.00
CA LYS D 173 -3.70 11.28 -22.65
C LYS D 173 -2.89 11.61 -23.93
N PRO D 174 -2.21 12.78 -24.02
CA PRO D 174 -1.50 13.13 -25.27
C PRO D 174 -0.48 12.07 -25.70
N GLY D 175 -0.69 11.50 -26.90
CA GLY D 175 0.19 10.46 -27.42
C GLY D 175 -0.24 9.06 -27.03
N LYS D 176 -0.90 8.94 -25.88
CA LYS D 176 -1.36 7.65 -25.38
C LYS D 176 -2.72 7.20 -25.95
N ALA D 177 -3.10 5.93 -25.73
CA ALA D 177 -4.35 5.37 -26.22
C ALA D 177 -5.45 5.79 -25.30
N PRO D 178 -6.72 5.77 -25.76
CA PRO D 178 -7.82 6.12 -24.84
C PRO D 178 -7.94 5.10 -23.68
N LYS D 179 -8.47 5.55 -22.53
CA LYS D 179 -8.60 4.67 -21.38
C LYS D 179 -9.91 4.94 -20.69
N VAL D 180 -10.69 3.88 -20.39
CA VAL D 180 -12.03 3.98 -19.79
C VAL D 180 -12.00 4.76 -18.53
N LEU D 181 -12.94 5.68 -18.34
CA LEU D 181 -13.11 6.40 -17.08
C LEU D 181 -14.48 6.00 -16.50
N ILE D 182 -15.51 6.03 -17.35
CA ILE D 182 -16.87 5.71 -16.95
C ILE D 182 -17.56 4.79 -17.94
N TYR D 183 -18.16 3.70 -17.47
CA TYR D 183 -19.01 2.83 -18.28
C TYR D 183 -20.47 3.02 -17.86
N ASP D 184 -21.42 2.60 -18.73
CA ASP D 184 -22.86 2.71 -18.48
C ASP D 184 -23.28 4.03 -17.87
N ALA D 185 -22.82 5.10 -18.52
CA ALA D 185 -23.09 6.52 -18.33
C ALA D 185 -22.58 7.17 -17.06
N SER D 186 -22.60 6.46 -15.91
CA SER D 186 -22.26 7.04 -14.60
C SER D 186 -21.26 6.25 -13.78
N ASN D 187 -21.08 4.95 -14.10
CA ASN D 187 -20.24 4.04 -13.33
C ASN D 187 -18.74 4.22 -13.56
N LEU D 188 -18.02 4.57 -12.52
CA LEU D 188 -16.56 4.74 -12.56
C LEU D 188 -15.85 3.37 -12.48
N GLU D 189 -14.76 3.21 -13.22
CA GLU D 189 -14.00 1.97 -13.20
C GLU D 189 -12.97 1.91 -12.07
N THR D 190 -13.25 1.25 -10.96
CA THR D 190 -12.31 1.06 -9.83
C THR D 190 -11.33 2.35 -9.62
N GLY D 191 -10.01 2.25 -9.81
CA GLY D 191 -9.05 3.32 -9.58
C GLY D 191 -9.27 4.73 -10.10
N VAL D 192 -10.22 4.96 -11.05
CA VAL D 192 -10.48 6.31 -11.60
C VAL D 192 -10.89 7.27 -10.47
N PRO D 193 -10.29 8.49 -10.42
CA PRO D 193 -10.53 9.42 -9.30
C PRO D 193 -11.97 9.83 -9.13
N SER D 194 -12.33 10.34 -7.96
CA SER D 194 -13.71 10.75 -7.70
C SER D 194 -14.12 11.96 -8.47
N ARG D 195 -13.18 12.89 -8.87
CA ARG D 195 -13.56 14.10 -9.64
C ARG D 195 -14.39 13.78 -10.85
N PHE D 196 -14.03 12.69 -11.48
CA PHE D 196 -14.73 12.21 -12.65
C PHE D 196 -16.09 11.70 -12.23
N SER D 197 -17.05 12.06 -13.02
CA SER D 197 -18.43 11.70 -12.76
C SER D 197 -19.19 11.86 -14.02
N GLY D 198 -19.86 10.80 -14.34
CA GLY D 198 -20.70 10.78 -15.52
C GLY D 198 -22.14 10.87 -15.10
N SER D 199 -22.98 11.05 -16.09
CA SER D 199 -24.39 11.20 -15.85
C SER D 199 -25.18 11.20 -17.14
N GLY D 200 -26.46 10.88 -17.05
CA GLY D 200 -27.33 10.90 -18.21
C GLY D 200 -27.89 9.59 -18.70
N SER D 201 -28.99 9.68 -19.47
CA SER D 201 -29.68 8.55 -20.06
C SER D 201 -30.60 8.98 -21.19
N GLY D 202 -30.71 8.10 -22.16
CA GLY D 202 -31.55 8.35 -23.32
C GLY D 202 -30.78 8.96 -24.48
N THR D 203 -30.67 10.29 -24.47
CA THR D 203 -30.00 10.98 -25.57
C THR D 203 -28.95 11.99 -25.07
N ASP D 204 -29.23 12.67 -23.95
CA ASP D 204 -28.33 13.69 -23.44
C ASP D 204 -27.51 13.15 -22.27
N PHE D 205 -26.18 13.18 -22.43
CA PHE D 205 -25.22 12.70 -21.45
C PHE D 205 -24.21 13.75 -21.07
N THR D 206 -23.64 13.66 -19.88
CA THR D 206 -22.70 14.66 -19.41
C THR D 206 -21.60 14.10 -18.51
N PHE D 207 -20.38 14.49 -18.83
CA PHE D 207 -19.15 14.14 -18.12
C PHE D 207 -18.73 15.38 -17.39
N THR D 208 -18.25 15.24 -16.15
CA THR D 208 -17.85 16.42 -15.38
C THR D 208 -16.68 16.10 -14.42
N ILE D 209 -15.62 16.92 -14.51
CA ILE D 209 -14.46 16.92 -13.63
C ILE D 209 -14.79 18.05 -12.64
N THR D 210 -15.03 17.70 -11.37
CA THR D 210 -15.43 18.66 -10.35
C THR D 210 -14.34 19.67 -10.00
N SER D 211 -13.07 19.32 -10.21
CA SER D 211 -11.93 20.19 -9.95
C SER D 211 -10.76 19.76 -10.82
N LEU D 212 -10.37 20.58 -11.79
CA LEU D 212 -9.29 20.32 -12.74
C LEU D 212 -7.92 20.13 -12.08
N GLN D 213 -7.23 19.10 -12.50
CA GLN D 213 -5.91 18.77 -12.02
C GLN D 213 -4.94 18.78 -13.20
N PRO D 214 -3.65 19.09 -12.98
CA PRO D 214 -2.67 19.04 -14.07
C PRO D 214 -2.66 17.70 -14.81
N GLU D 215 -3.06 16.60 -14.13
CA GLU D 215 -3.12 15.25 -14.73
C GLU D 215 -4.30 15.03 -15.67
N ASP D 216 -5.10 16.06 -15.93
CA ASP D 216 -6.31 15.91 -16.73
C ASP D 216 -6.23 16.46 -18.13
N ILE D 217 -5.10 17.12 -18.48
CA ILE D 217 -4.88 17.68 -19.81
C ILE D 217 -4.81 16.54 -20.79
N ALA D 218 -5.96 16.22 -21.36
CA ALA D 218 -6.14 15.11 -22.29
C ALA D 218 -7.40 15.39 -23.12
N THR D 219 -7.62 14.61 -24.19
CA THR D 219 -8.83 14.77 -24.96
C THR D 219 -9.81 13.66 -24.53
N TYR D 220 -11.02 14.05 -24.14
CA TYR D 220 -12.00 13.09 -23.65
C TYR D 220 -12.97 12.71 -24.70
N TYR D 221 -13.28 11.41 -24.85
CA TYR D 221 -14.24 10.93 -25.86
C TYR D 221 -15.36 10.17 -25.19
N CYS D 222 -16.53 10.16 -25.80
CA CYS D 222 -17.65 9.36 -25.35
C CYS D 222 -17.87 8.25 -26.38
N GLN D 223 -18.64 7.21 -26.07
CA GLN D 223 -18.87 6.13 -27.03
C GLN D 223 -20.11 5.36 -26.66
N GLN D 224 -20.87 4.92 -27.67
CA GLN D 224 -22.08 4.15 -27.42
C GLN D 224 -21.89 2.70 -27.79
N TYR D 225 -22.69 1.81 -27.26
CA TYR D 225 -22.67 0.41 -27.67
C TYR D 225 -24.09 -0.16 -27.87
N HIS D 226 -25.12 0.70 -27.80
CA HIS D 226 -26.50 0.28 -27.91
C HIS D 226 -26.78 -0.24 -29.28
N TYR D 227 -26.30 0.44 -30.32
CA TYR D 227 -26.52 -0.02 -31.68
C TYR D 227 -25.19 -0.42 -32.30
N LEU D 228 -25.20 -1.64 -32.86
CA LEU D 228 -24.09 -2.43 -33.38
C LEU D 228 -22.92 -1.63 -33.98
N PRO D 229 -23.03 -0.74 -35.03
CA PRO D 229 -21.81 0.00 -35.46
C PRO D 229 -21.44 0.97 -34.32
N LEU D 230 -20.45 0.55 -33.47
CA LEU D 230 -19.97 1.25 -32.29
C LEU D 230 -19.43 2.60 -32.70
N THR D 231 -20.03 3.69 -32.16
CA THR D 231 -19.59 5.05 -32.52
C THR D 231 -19.04 5.86 -31.34
N PHE D 232 -18.04 6.72 -31.64
CA PHE D 232 -17.39 7.62 -30.69
C PHE D 232 -17.88 9.07 -30.85
N GLY D 233 -17.52 9.92 -29.92
CA GLY D 233 -17.81 11.33 -30.02
C GLY D 233 -16.66 12.07 -30.69
N GLY D 234 -16.82 13.36 -30.90
CA GLY D 234 -15.78 14.19 -31.49
C GLY D 234 -14.61 14.50 -30.58
N GLY D 235 -14.80 14.30 -29.28
CA GLY D 235 -13.78 14.56 -28.29
C GLY D 235 -13.76 15.99 -27.81
N THR D 236 -13.15 16.20 -26.66
CA THR D 236 -13.00 17.52 -26.09
C THR D 236 -11.54 17.70 -25.73
N LYS D 237 -10.81 18.50 -26.52
CA LYS D 237 -9.40 18.73 -26.25
C LYS D 237 -9.34 19.69 -25.10
N LEU D 238 -9.06 19.17 -23.93
CA LEU D 238 -8.98 19.97 -22.71
C LEU D 238 -7.52 20.39 -22.47
N GLU D 239 -7.29 21.68 -22.18
CA GLU D 239 -5.94 22.25 -21.96
C GLU D 239 -5.97 23.27 -20.82
N ILE D 240 -4.80 23.70 -20.31
CA ILE D 240 -4.78 24.70 -19.22
C ILE D 240 -4.57 26.12 -19.72
N LYS D 241 -5.36 27.08 -19.18
CA LYS D 241 -5.24 28.49 -19.52
C LYS D 241 -4.54 29.26 -18.37
N ALA E 19 -45.33 -13.11 27.27
CA ALA E 19 -46.35 -13.15 28.29
C ALA E 19 -47.63 -13.80 27.74
N ASN E 20 -48.13 -13.30 26.60
CA ASN E 20 -49.32 -13.82 25.91
C ASN E 20 -49.23 -13.48 24.40
N SER E 21 -48.01 -13.60 23.86
CA SER E 21 -47.69 -13.36 22.47
C SER E 21 -46.90 -14.62 22.07
N ILE E 22 -47.57 -15.77 22.15
CA ILE E 22 -46.97 -17.07 21.87
C ILE E 22 -47.73 -17.63 20.68
N ASP E 23 -47.04 -17.91 19.57
CA ASP E 23 -47.72 -18.49 18.42
C ASP E 23 -47.45 -20.00 18.40
N ILE E 24 -48.51 -20.84 18.29
CA ILE E 24 -48.44 -22.30 18.22
C ILE E 24 -48.37 -22.72 16.74
N LEU E 25 -47.49 -23.69 16.41
CA LEU E 25 -47.26 -24.08 15.03
C LEU E 25 -47.20 -25.59 14.80
N GLN E 26 -48.09 -26.13 13.95
CA GLN E 26 -48.12 -27.53 13.58
C GLN E 26 -47.81 -27.71 12.09
N GLU E 27 -46.58 -27.38 11.70
CA GLU E 27 -46.15 -27.43 10.31
C GLU E 27 -46.20 -28.82 9.66
N LYS E 28 -45.90 -29.86 10.44
CA LYS E 28 -45.95 -31.25 9.98
C LYS E 28 -47.03 -32.03 10.78
N GLU E 29 -47.30 -33.30 10.42
CA GLU E 29 -48.29 -34.10 11.15
C GLU E 29 -47.66 -34.56 12.47
N GLY E 30 -48.29 -34.20 13.58
CA GLY E 30 -47.83 -34.55 14.92
C GLY E 30 -46.59 -33.80 15.37
N HIS E 31 -46.42 -32.57 14.87
CA HIS E 31 -45.26 -31.76 15.22
C HIS E 31 -45.72 -30.38 15.69
N LEU E 32 -45.94 -30.20 16.99
CA LEU E 32 -46.31 -28.89 17.53
C LEU E 32 -45.05 -28.20 18.10
N ASP E 33 -44.96 -26.87 17.94
CA ASP E 33 -43.89 -26.01 18.47
C ASP E 33 -44.47 -24.61 18.79
N PHE E 34 -43.70 -23.76 19.47
CA PHE E 34 -44.16 -22.43 19.83
C PHE E 34 -43.07 -21.38 19.65
N VAL E 35 -43.50 -20.16 19.39
CA VAL E 35 -42.60 -19.04 19.21
C VAL E 35 -43.08 -17.93 20.10
N ILE E 36 -42.22 -17.47 21.03
CA ILE E 36 -42.58 -16.35 21.86
C ILE E 36 -42.22 -15.15 21.00
N ILE E 37 -43.22 -14.53 20.34
CA ILE E 37 -43.04 -13.42 19.42
C ILE E 37 -42.01 -12.36 19.88
N PRO E 38 -42.10 -11.82 21.12
CA PRO E 38 -41.15 -10.78 21.54
C PRO E 38 -39.72 -11.27 21.68
N HIS E 39 -39.54 -12.54 22.04
CA HIS E 39 -38.22 -13.11 22.17
C HIS E 39 -37.59 -13.22 20.80
N TYR E 40 -38.37 -13.62 19.79
CA TYR E 40 -37.86 -13.76 18.43
C TYR E 40 -37.36 -12.41 17.92
N THR E 41 -38.20 -11.36 17.99
CA THR E 41 -37.83 -10.02 17.53
C THR E 41 -36.59 -9.50 18.28
N PHE E 42 -36.54 -9.70 19.62
CA PHE E 42 -35.45 -9.23 20.46
C PHE E 42 -34.13 -9.85 20.04
N LEU E 43 -34.05 -11.18 19.97
CA LEU E 43 -32.82 -11.85 19.57
C LEU E 43 -32.43 -11.49 18.14
N ASP E 44 -33.43 -11.24 17.28
CA ASP E 44 -33.16 -10.88 15.90
C ASP E 44 -32.57 -9.48 15.79
N TYR E 45 -33.06 -8.56 16.62
CA TYR E 45 -32.59 -7.19 16.65
C TYR E 45 -31.10 -7.14 16.99
N TYR E 46 -30.71 -7.93 18.01
CA TYR E 46 -29.32 -8.00 18.43
C TYR E 46 -28.47 -8.81 17.47
N LYS E 47 -29.08 -9.67 16.63
CA LYS E 47 -28.38 -10.40 15.59
C LYS E 47 -27.97 -9.37 14.53
N HIS E 48 -28.89 -8.48 14.11
CA HIS E 48 -28.57 -7.46 13.12
C HIS E 48 -27.59 -6.43 13.61
N LEU E 49 -27.72 -6.03 14.90
CA LEU E 49 -26.81 -5.05 15.53
C LEU E 49 -25.37 -5.57 15.49
N SER E 50 -25.20 -6.88 15.74
CA SER E 50 -23.92 -7.51 15.76
C SER E 50 -23.27 -7.44 14.39
N TYR E 51 -23.98 -7.86 13.35
CA TYR E 51 -23.43 -7.88 12.01
C TYR E 51 -23.13 -6.49 11.51
N ASN E 52 -24.02 -5.55 11.80
CA ASN E 52 -23.86 -4.16 11.41
C ASN E 52 -22.61 -3.50 12.01
N SER E 53 -22.28 -3.86 13.26
CA SER E 53 -21.14 -3.31 13.97
C SER E 53 -19.84 -3.90 13.42
N ILE E 54 -19.82 -5.23 13.15
CA ILE E 54 -18.61 -5.85 12.64
C ILE E 54 -18.38 -5.52 11.15
N TYR E 55 -19.45 -5.23 10.39
CA TYR E 55 -19.30 -4.94 8.97
C TYR E 55 -18.85 -3.54 8.65
N HIS E 56 -19.08 -2.60 9.57
CA HIS E 56 -18.78 -1.18 9.44
C HIS E 56 -17.37 -0.88 8.90
N LYS E 57 -16.35 -1.51 9.53
CA LYS E 57 -14.93 -1.40 9.22
C LYS E 57 -14.49 -2.76 8.63
N SER E 58 -13.54 -2.75 7.67
CA SER E 58 -13.05 -3.96 7.02
C SER E 58 -12.33 -4.87 7.99
N SER E 59 -11.42 -4.31 8.82
CA SER E 59 -10.69 -5.06 9.84
C SER E 59 -11.60 -6.00 10.67
N THR E 60 -12.83 -5.59 10.93
CA THR E 60 -13.74 -6.40 11.71
C THR E 60 -14.71 -7.34 10.94
N TYR E 61 -14.72 -7.41 9.58
CA TYR E 61 -15.68 -8.30 8.85
C TYR E 61 -15.55 -9.75 9.32
N GLY E 62 -14.31 -10.24 9.38
CA GLY E 62 -14.01 -11.61 9.77
C GLY E 62 -14.62 -12.08 11.07
N LYS E 63 -14.94 -11.13 11.95
CA LYS E 63 -15.56 -11.47 13.23
C LYS E 63 -16.90 -12.17 13.05
N TYR E 64 -17.52 -12.15 11.84
CA TYR E 64 -18.84 -12.79 11.65
C TYR E 64 -18.81 -14.27 11.99
N ILE E 65 -17.64 -14.92 11.89
CA ILE E 65 -17.48 -16.34 12.22
C ILE E 65 -17.84 -16.56 13.70
N ALA E 66 -17.30 -15.69 14.55
CA ALA E 66 -17.52 -15.75 15.98
C ALA E 66 -18.93 -15.40 16.33
N VAL E 67 -19.52 -14.41 15.63
CA VAL E 67 -20.89 -13.97 15.86
C VAL E 67 -21.85 -15.09 15.52
N ASP E 68 -21.61 -15.78 14.38
CA ASP E 68 -22.41 -16.91 13.96
C ASP E 68 -22.39 -18.01 15.04
N ALA E 69 -21.18 -18.27 15.61
CA ALA E 69 -20.96 -19.28 16.65
C ALA E 69 -21.68 -18.91 17.90
N PHE E 70 -21.63 -17.59 18.32
CA PHE E 70 -22.30 -17.15 19.52
C PHE E 70 -23.75 -17.31 19.38
N ILE E 71 -24.33 -16.80 18.30
CA ILE E 71 -25.77 -16.93 18.06
C ILE E 71 -26.24 -18.40 18.11
N LYS E 72 -25.43 -19.33 17.61
CA LYS E 72 -25.75 -20.76 17.68
C LYS E 72 -25.83 -21.21 19.13
N LYS E 73 -24.91 -20.75 20.01
CA LYS E 73 -24.96 -21.10 21.43
C LYS E 73 -26.25 -20.55 22.05
N ILE E 74 -26.68 -19.33 21.66
CA ILE E 74 -27.89 -18.69 22.16
C ILE E 74 -29.10 -19.53 21.77
N ASN E 75 -29.17 -19.97 20.53
CA ASN E 75 -30.29 -20.77 20.07
C ASN E 75 -30.30 -22.11 20.74
N GLU E 76 -29.13 -22.74 20.88
CA GLU E 76 -29.01 -24.03 21.55
C GLU E 76 -29.50 -23.92 23.00
N ALA E 77 -29.03 -22.88 23.70
CA ALA E 77 -29.38 -22.62 25.09
C ALA E 77 -30.87 -22.39 25.27
N TYR E 78 -31.50 -21.65 24.35
CA TYR E 78 -32.93 -21.34 24.35
C TYR E 78 -33.75 -22.60 24.08
N ASP E 79 -33.26 -23.43 23.17
CA ASP E 79 -33.91 -24.69 22.85
C ASP E 79 -33.92 -25.63 24.05
N LYS E 80 -32.85 -25.61 24.87
CA LYS E 80 -32.78 -26.42 26.08
C LYS E 80 -33.87 -25.98 27.08
N VAL E 81 -34.19 -24.68 27.14
CA VAL E 81 -35.25 -24.17 28.02
C VAL E 81 -36.64 -24.57 27.49
N LYS E 82 -36.85 -24.46 26.16
CA LYS E 82 -38.11 -24.85 25.51
C LYS E 82 -38.36 -26.35 25.74
N SER E 83 -37.28 -27.16 25.65
CA SER E 83 -37.34 -28.62 25.81
C SER E 83 -37.77 -29.08 27.21
N LYS E 84 -37.77 -28.18 28.21
CA LYS E 84 -38.26 -28.53 29.53
C LYS E 84 -39.78 -28.80 29.47
N CYS E 85 -40.49 -27.97 28.67
CA CYS E 85 -41.93 -28.08 28.45
C CYS E 85 -42.30 -29.14 27.41
N ASN E 86 -41.41 -30.11 27.14
CA ASN E 86 -41.66 -31.11 26.11
C ASN E 86 -42.67 -32.16 26.49
N ASP E 87 -42.78 -32.49 27.77
CA ASP E 87 -43.75 -33.50 28.21
C ASP E 87 -45.16 -32.98 28.02
N ILE E 88 -45.40 -31.71 28.38
CA ILE E 88 -46.68 -31.04 28.25
C ILE E 88 -47.04 -30.84 26.77
N LYS E 89 -46.02 -30.51 25.95
CA LYS E 89 -46.17 -30.32 24.51
C LYS E 89 -46.55 -31.65 23.86
N ASN E 90 -45.85 -32.75 24.21
CA ASN E 90 -46.14 -34.08 23.65
C ASN E 90 -47.50 -34.64 24.08
N ASP E 91 -48.01 -34.18 25.23
CA ASP E 91 -49.33 -34.55 25.74
C ASP E 91 -50.39 -33.86 24.88
N LEU E 92 -50.18 -32.58 24.56
CA LEU E 92 -51.09 -31.82 23.71
C LEU E 92 -51.05 -32.35 22.26
N ILE E 93 -49.88 -32.84 21.81
CA ILE E 93 -49.73 -33.43 20.48
C ILE E 93 -50.57 -34.70 20.41
N ALA E 94 -50.52 -35.52 21.46
CA ALA E 94 -51.28 -36.78 21.56
C ALA E 94 -52.79 -36.51 21.57
N THR E 95 -53.22 -35.41 22.23
CA THR E 95 -54.62 -34.98 22.29
C THR E 95 -55.09 -34.51 20.92
N ILE E 96 -54.33 -33.62 20.27
CA ILE E 96 -54.66 -33.12 18.94
C ILE E 96 -54.72 -34.27 17.92
N LYS E 97 -53.84 -35.29 18.09
CA LYS E 97 -53.84 -36.47 17.23
C LYS E 97 -55.17 -37.23 17.31
N LYS E 98 -55.70 -37.40 18.55
CA LYS E 98 -56.99 -38.06 18.80
C LYS E 98 -58.16 -37.26 18.23
N LEU E 99 -58.09 -35.92 18.34
CA LEU E 99 -59.12 -35.05 17.80
C LEU E 99 -59.13 -35.03 16.25
N GLU E 100 -58.03 -35.43 15.62
CA GLU E 100 -57.91 -35.49 14.17
C GLU E 100 -58.22 -36.89 13.63
N HIS E 101 -59.29 -37.54 14.16
CA HIS E 101 -59.79 -38.87 13.77
C HIS E 101 -61.30 -38.86 13.62
N LYS E 114 -66.72 -32.90 25.04
CA LYS E 114 -65.93 -34.02 24.56
C LYS E 114 -64.46 -33.83 24.93
N MET E 115 -63.51 -34.46 24.21
CA MET E 115 -62.08 -34.24 24.45
C MET E 115 -61.65 -32.82 24.05
N MET E 116 -62.53 -32.03 23.36
CA MET E 116 -62.29 -30.63 23.00
C MET E 116 -61.97 -29.82 24.28
N ASP E 117 -62.65 -30.13 25.39
CA ASP E 117 -62.42 -29.49 26.69
C ASP E 117 -61.04 -29.85 27.25
N GLU E 118 -60.61 -31.10 27.02
CA GLU E 118 -59.31 -31.64 27.42
C GLU E 118 -58.16 -30.99 26.61
N TYR E 119 -58.43 -30.63 25.36
CA TYR E 119 -57.48 -29.94 24.49
C TYR E 119 -57.22 -28.56 25.04
N ASN E 120 -58.29 -27.85 25.40
CA ASN E 120 -58.21 -26.50 25.94
C ASN E 120 -57.35 -26.46 27.19
N THR E 121 -57.58 -27.41 28.13
CA THR E 121 -56.84 -27.50 29.39
C THR E 121 -55.38 -27.90 29.18
N LYS E 122 -55.09 -28.76 28.19
CA LYS E 122 -53.72 -29.14 27.90
C LYS E 122 -52.95 -28.02 27.16
N LYS E 123 -53.67 -27.16 26.42
CA LYS E 123 -53.10 -26.00 25.71
C LYS E 123 -52.75 -24.93 26.73
N LYS E 124 -53.65 -24.69 27.70
CA LYS E 124 -53.40 -23.74 28.79
C LYS E 124 -52.21 -24.22 29.65
N LYS E 125 -52.08 -25.55 29.83
CA LYS E 125 -51.02 -26.21 30.59
C LYS E 125 -49.65 -25.96 29.97
N LEU E 126 -49.58 -25.93 28.64
CA LEU E 126 -48.33 -25.68 27.92
C LEU E 126 -47.94 -24.23 28.10
N ILE E 127 -48.89 -23.31 27.90
CA ILE E 127 -48.69 -21.87 28.09
C ILE E 127 -48.22 -21.57 29.50
N LYS E 128 -48.76 -22.29 30.49
CA LYS E 128 -48.37 -22.13 31.88
C LYS E 128 -46.87 -22.37 32.09
N CYS E 129 -46.34 -23.57 31.75
CA CYS E 129 -44.91 -23.80 32.00
C CYS E 129 -44.00 -22.96 31.12
N ILE E 130 -44.51 -22.37 30.01
CA ILE E 130 -43.71 -21.45 29.22
C ILE E 130 -43.50 -20.19 30.07
N LYS E 131 -44.60 -19.66 30.65
CA LYS E 131 -44.54 -18.52 31.56
C LYS E 131 -43.74 -18.83 32.82
N ASN E 132 -43.61 -20.11 33.21
CA ASN E 132 -42.81 -20.53 34.36
C ASN E 132 -41.34 -20.34 34.03
N HIS E 133 -40.91 -20.74 32.82
CA HIS E 133 -39.50 -20.57 32.43
C HIS E 133 -39.16 -19.20 31.91
N GLU E 134 -40.01 -18.20 32.16
CA GLU E 134 -39.87 -16.81 31.76
C GLU E 134 -38.48 -16.26 32.02
N ASN E 135 -37.96 -16.37 33.24
CA ASN E 135 -36.64 -15.82 33.55
C ASN E 135 -35.48 -16.64 33.03
N ASP E 136 -35.70 -17.93 32.71
CA ASP E 136 -34.65 -18.75 32.11
C ASP E 136 -34.39 -18.27 30.66
N PHE E 137 -35.47 -17.91 29.94
CA PHE E 137 -35.42 -17.39 28.58
C PHE E 137 -34.88 -15.96 28.63
N ASN E 138 -35.32 -15.15 29.61
CA ASN E 138 -34.89 -13.77 29.79
C ASN E 138 -33.39 -13.67 30.01
N LYS E 139 -32.79 -14.65 30.69
CA LYS E 139 -31.35 -14.64 30.93
C LYS E 139 -30.61 -14.78 29.59
N ILE E 140 -31.10 -15.65 28.70
CA ILE E 140 -30.51 -15.88 27.38
C ILE E 140 -30.65 -14.62 26.54
N CYS E 141 -31.84 -14.01 26.54
CA CYS E 141 -32.15 -12.80 25.80
C CYS E 141 -31.25 -11.67 26.25
N MET E 142 -31.05 -11.53 27.57
CA MET E 142 -30.18 -10.50 28.13
C MET E 142 -28.71 -10.67 27.74
N ASP E 143 -28.23 -11.91 27.73
CA ASP E 143 -26.87 -12.22 27.29
C ASP E 143 -26.70 -11.84 25.80
N MET E 144 -27.73 -12.07 24.98
CA MET E 144 -27.72 -11.71 23.58
C MET E 144 -27.65 -10.20 23.42
N LYS E 145 -28.44 -9.44 24.21
CA LYS E 145 -28.42 -7.97 24.21
C LYS E 145 -27.00 -7.48 24.54
N ASN E 146 -26.36 -8.06 25.56
CA ASN E 146 -24.99 -7.73 25.96
C ASN E 146 -23.99 -7.98 24.85
N TYR E 147 -24.12 -9.10 24.12
CA TYR E 147 -23.15 -9.45 23.08
C TYR E 147 -23.16 -8.44 21.95
N GLY E 148 -24.35 -8.16 21.41
CA GLY E 148 -24.55 -7.21 20.32
C GLY E 148 -24.24 -5.80 20.76
N THR E 149 -24.58 -5.44 22.00
CA THR E 149 -24.27 -4.13 22.53
C THR E 149 -22.77 -3.95 22.66
N ASN E 150 -22.02 -5.00 23.07
CA ASN E 150 -20.57 -4.88 23.15
C ASN E 150 -19.98 -4.61 21.78
N LEU E 151 -20.49 -5.27 20.75
CA LEU E 151 -19.99 -5.03 19.40
C LEU E 151 -20.34 -3.63 18.94
N PHE E 152 -21.57 -3.20 19.20
CA PHE E 152 -22.08 -1.87 18.85
C PHE E 152 -21.24 -0.75 19.47
N GLU E 153 -20.81 -0.96 20.71
CA GLU E 153 -20.01 -0.02 21.48
C GLU E 153 -18.59 0.12 20.95
N GLN E 154 -18.05 -0.92 20.32
CA GLN E 154 -16.71 -0.84 19.73
C GLN E 154 -16.96 -0.59 18.25
N LEU E 155 -17.12 0.66 17.86
CA LEU E 155 -17.44 0.98 16.48
C LEU E 155 -16.58 2.17 16.18
N SER E 156 -15.40 1.99 15.59
CA SER E 156 -14.55 3.16 15.28
C SER E 156 -15.09 3.92 14.09
N CYS E 157 -14.60 5.11 13.94
CA CYS E 157 -14.91 6.02 12.90
C CYS E 157 -13.60 6.80 12.88
N TYR E 158 -12.97 6.80 11.75
CA TYR E 158 -11.74 7.53 11.49
C TYR E 158 -11.97 9.04 11.71
N ASN E 159 -13.17 9.58 11.31
CA ASN E 159 -13.44 11.00 11.54
C ASN E 159 -14.50 11.28 12.57
N ASN E 160 -15.53 10.44 12.71
CA ASN E 160 -16.54 10.68 13.73
C ASN E 160 -17.52 11.77 13.34
N ASN E 161 -17.11 12.67 12.48
CA ASN E 161 -18.02 13.63 11.85
C ASN E 161 -18.46 13.04 10.46
N PHE E 162 -17.59 12.23 9.85
CA PHE E 162 -17.86 11.59 8.61
C PHE E 162 -17.60 10.12 8.92
N CYS E 163 -18.69 9.37 9.13
CA CYS E 163 -18.67 7.94 9.42
C CYS E 163 -19.18 7.22 8.19
N ASN E 164 -18.44 6.21 7.69
CA ASN E 164 -18.91 5.50 6.50
C ASN E 164 -20.08 4.57 6.74
N THR E 165 -21.11 4.72 5.91
CA THR E 165 -22.27 3.87 5.96
C THR E 165 -22.05 2.61 5.12
N ASN E 166 -20.81 2.04 5.17
CA ASN E 166 -20.45 0.84 4.41
C ASN E 166 -21.05 -0.36 5.06
N GLY E 167 -20.95 -0.45 6.38
CA GLY E 167 -21.52 -1.53 7.18
C GLY E 167 -23.00 -1.69 6.97
N ILE E 168 -23.72 -0.56 6.86
CA ILE E 168 -25.16 -0.60 6.59
C ILE E 168 -25.44 -1.26 5.23
N ARG E 169 -24.76 -0.83 4.12
CA ARG E 169 -25.04 -1.48 2.85
C ARG E 169 -24.55 -2.92 2.83
N TYR E 170 -23.31 -3.24 3.21
CA TYR E 170 -22.81 -4.63 3.18
C TYR E 170 -23.74 -5.59 3.94
N HIS E 171 -24.24 -5.15 5.12
CA HIS E 171 -25.19 -5.93 5.90
C HIS E 171 -26.53 -6.04 5.17
N TYR E 172 -27.21 -4.89 4.87
CA TYR E 172 -28.50 -4.85 4.14
C TYR E 172 -28.45 -5.74 2.91
N ASP E 173 -27.43 -5.58 2.06
CA ASP E 173 -27.25 -6.36 0.84
C ASP E 173 -27.15 -7.87 1.07
N GLU E 174 -26.34 -8.36 2.06
CA GLU E 174 -26.18 -9.82 2.20
C GLU E 174 -27.28 -10.49 2.99
N TYR E 175 -27.68 -9.87 4.12
CA TYR E 175 -28.64 -10.42 5.08
C TYR E 175 -30.14 -10.03 4.91
N ILE E 176 -30.44 -8.86 4.32
CA ILE E 176 -31.82 -8.39 4.22
C ILE E 176 -32.38 -8.31 2.81
N HIS E 177 -31.68 -7.62 1.89
CA HIS E 177 -32.11 -7.33 0.53
C HIS E 177 -32.80 -8.48 -0.16
N LYS E 178 -32.19 -9.66 -0.08
CA LYS E 178 -32.72 -10.88 -0.67
C LYS E 178 -34.17 -11.17 -0.22
N LEU E 179 -34.45 -11.02 1.09
CA LEU E 179 -35.76 -11.24 1.73
C LEU E 179 -36.78 -10.26 1.21
N ILE E 180 -36.37 -8.99 0.97
CA ILE E 180 -37.27 -7.95 0.44
C ILE E 180 -37.79 -8.40 -0.93
N LEU E 181 -36.87 -8.87 -1.79
CA LEU E 181 -37.20 -9.31 -3.13
C LEU E 181 -38.05 -10.57 -3.17
N SER E 182 -37.82 -11.55 -2.26
CA SER E 182 -38.63 -12.77 -2.24
C SER E 182 -40.06 -12.45 -1.90
N VAL E 183 -40.27 -11.58 -0.92
CA VAL E 183 -41.58 -11.14 -0.47
C VAL E 183 -42.28 -10.28 -1.54
N LYS E 184 -41.51 -9.41 -2.23
CA LYS E 184 -42.04 -8.58 -3.31
C LYS E 184 -42.62 -9.45 -4.43
N SER E 185 -41.96 -10.56 -4.75
CA SER E 185 -42.42 -11.49 -5.78
C SER E 185 -43.62 -12.36 -5.35
N LYS E 186 -43.75 -12.62 -4.05
CA LYS E 186 -44.76 -13.53 -3.52
C LYS E 186 -46.24 -13.11 -3.67
N ASN E 187 -46.58 -11.81 -3.47
CA ASN E 187 -48.00 -11.37 -3.53
C ASN E 187 -48.78 -12.11 -2.43
N LEU E 188 -48.51 -11.72 -1.18
CA LEU E 188 -49.10 -12.36 -0.01
C LEU E 188 -50.58 -12.10 0.18
N ASN E 189 -51.15 -11.16 -0.58
CA ASN E 189 -52.56 -10.83 -0.52
C ASN E 189 -53.38 -11.88 -1.28
N LYS E 190 -52.83 -12.36 -2.42
CA LYS E 190 -53.45 -13.43 -3.19
C LYS E 190 -53.45 -14.70 -2.38
N ASP E 191 -52.36 -14.98 -1.64
CA ASP E 191 -52.23 -16.15 -0.77
C ASP E 191 -53.37 -16.15 0.28
N LEU E 192 -53.68 -14.97 0.84
CA LEU E 192 -54.73 -14.78 1.84
C LEU E 192 -56.11 -14.96 1.21
N SER E 193 -56.29 -14.46 -0.02
CA SER E 193 -57.54 -14.58 -0.75
C SER E 193 -57.83 -16.06 -1.04
N ASP E 194 -56.81 -16.82 -1.43
CA ASP E 194 -56.94 -18.26 -1.68
C ASP E 194 -57.25 -19.05 -0.40
N MET E 195 -56.81 -18.56 0.75
CA MET E 195 -57.09 -19.19 2.03
C MET E 195 -58.51 -18.93 2.49
N THR E 196 -59.10 -17.78 2.12
CA THR E 196 -60.50 -17.51 2.50
C THR E 196 -61.39 -18.46 1.72
N ASN E 197 -61.11 -18.69 0.42
CA ASN E 197 -61.85 -19.60 -0.43
C ASN E 197 -61.83 -21.01 0.15
N ILE E 198 -60.69 -21.44 0.71
CA ILE E 198 -60.56 -22.74 1.35
C ILE E 198 -61.48 -22.84 2.57
N LEU E 199 -61.47 -21.80 3.41
CA LEU E 199 -62.31 -21.76 4.60
C LEU E 199 -63.81 -21.60 4.29
N GLN E 200 -64.14 -20.98 3.14
CA GLN E 200 -65.51 -20.81 2.67
C GLN E 200 -66.05 -22.12 2.14
N GLN E 201 -65.22 -22.89 1.42
CA GLN E 201 -65.59 -24.19 0.90
C GLN E 201 -65.87 -25.15 2.05
N SER E 202 -64.99 -25.13 3.06
CA SER E 202 -65.16 -25.96 4.23
C SER E 202 -66.39 -25.52 5.05
N GLU E 203 -66.64 -24.21 5.13
CA GLU E 203 -67.78 -23.64 5.85
C GLU E 203 -69.10 -24.03 5.20
N LEU E 204 -69.12 -24.14 3.86
CA LEU E 204 -70.31 -24.52 3.10
C LEU E 204 -70.58 -26.01 3.28
N LEU E 205 -69.54 -26.83 3.18
CA LEU E 205 -69.64 -28.28 3.36
C LEU E 205 -70.10 -28.60 4.79
N LEU E 206 -69.58 -27.87 5.77
CA LEU E 206 -69.87 -28.02 7.20
C LEU E 206 -71.33 -27.69 7.48
N THR E 207 -71.86 -26.64 6.84
CA THR E 207 -73.26 -26.24 7.04
C THR E 207 -74.22 -27.15 6.24
N ASN E 208 -73.77 -27.69 5.09
CA ASN E 208 -74.57 -28.62 4.29
C ASN E 208 -74.70 -29.97 5.00
N LEU E 209 -73.65 -30.39 5.73
CA LEU E 209 -73.70 -31.63 6.47
C LEU E 209 -74.64 -31.43 7.66
N ASN E 210 -74.49 -30.32 8.39
CA ASN E 210 -75.31 -30.00 9.57
C ASN E 210 -76.80 -29.89 9.22
N LYS E 211 -77.12 -29.21 8.10
CA LYS E 211 -78.49 -29.02 7.66
C LYS E 211 -79.08 -30.28 7.04
N LYS E 212 -78.39 -30.88 6.07
CA LYS E 212 -78.90 -32.08 5.41
C LYS E 212 -78.71 -33.37 6.24
N MET E 213 -77.49 -33.94 6.27
CA MET E 213 -77.25 -35.19 6.98
C MET E 213 -76.25 -35.06 8.12
N GLY E 214 -76.70 -34.55 9.26
CA GLY E 214 -75.85 -34.41 10.43
C GLY E 214 -75.54 -35.71 11.15
N SER E 215 -76.18 -36.82 10.73
CA SER E 215 -75.99 -38.15 11.30
C SER E 215 -74.72 -38.82 10.74
N TYR E 216 -73.63 -38.04 10.63
CA TYR E 216 -72.39 -38.55 10.08
C TYR E 216 -71.28 -38.68 11.08
N ILE E 217 -70.36 -39.61 10.83
CA ILE E 217 -69.16 -39.79 11.63
C ILE E 217 -68.15 -38.70 11.22
N TYR E 218 -67.27 -38.28 12.15
CA TYR E 218 -66.21 -37.28 11.95
C TYR E 218 -66.72 -35.87 11.70
N ILE E 219 -67.99 -35.55 12.01
CA ILE E 219 -68.51 -34.20 11.81
C ILE E 219 -67.88 -33.20 12.78
N ASP E 220 -67.59 -33.66 14.01
CA ASP E 220 -66.97 -32.86 15.05
C ASP E 220 -65.50 -32.58 14.72
N THR E 221 -64.80 -33.56 14.12
CA THR E 221 -63.40 -33.40 13.75
C THR E 221 -63.27 -32.37 12.62
N ILE E 222 -64.25 -32.31 11.70
CA ILE E 222 -64.26 -31.32 10.60
C ILE E 222 -64.44 -29.93 11.19
N LYS E 223 -65.39 -29.80 12.13
CA LYS E 223 -65.70 -28.55 12.80
C LYS E 223 -64.50 -28.04 13.60
N PHE E 224 -63.74 -28.96 14.23
CA PHE E 224 -62.55 -28.61 15.01
C PHE E 224 -61.43 -28.13 14.09
N ILE E 225 -61.14 -28.89 13.03
CA ILE E 225 -60.09 -28.55 12.09
C ILE E 225 -60.39 -27.22 11.42
N HIS E 226 -61.65 -26.97 11.04
CA HIS E 226 -62.03 -25.70 10.42
C HIS E 226 -61.91 -24.54 11.41
N LYS E 227 -62.24 -24.79 12.68
CA LYS E 227 -62.14 -23.77 13.72
C LYS E 227 -60.67 -23.42 13.95
N GLU E 228 -59.80 -24.44 13.97
CA GLU E 228 -58.37 -24.25 14.17
C GLU E 228 -57.74 -23.53 12.97
N MET E 229 -58.16 -23.90 11.75
CA MET E 229 -57.69 -23.29 10.51
C MET E 229 -58.18 -21.86 10.34
N LYS E 230 -59.34 -21.52 10.90
CA LYS E 230 -59.88 -20.17 10.82
C LYS E 230 -59.00 -19.23 11.66
N HIS E 231 -58.54 -19.70 12.85
CA HIS E 231 -57.68 -18.95 13.75
C HIS E 231 -56.26 -18.79 13.16
N ILE E 232 -55.74 -19.84 12.51
CA ILE E 232 -54.44 -19.82 11.83
C ILE E 232 -54.46 -18.73 10.75
N PHE E 233 -55.57 -18.63 10.01
CA PHE E 233 -55.75 -17.63 8.96
C PHE E 233 -55.62 -16.23 9.52
N ASN E 234 -56.25 -16.00 10.67
CA ASN E 234 -56.23 -14.67 11.25
C ASN E 234 -54.83 -14.27 11.68
N ARG E 235 -54.02 -15.24 12.15
CA ARG E 235 -52.64 -14.97 12.55
C ARG E 235 -51.75 -14.73 11.33
N ILE E 236 -52.03 -15.41 10.21
CA ILE E 236 -51.33 -15.18 8.95
C ILE E 236 -51.71 -13.80 8.42
N GLU E 237 -52.99 -13.45 8.49
CA GLU E 237 -53.53 -12.17 8.07
C GLU E 237 -52.86 -11.00 8.81
N TYR E 238 -52.50 -11.22 10.07
CA TYR E 238 -51.83 -10.24 10.90
C TYR E 238 -50.38 -10.08 10.45
N HIS E 239 -49.63 -11.18 10.38
CA HIS E 239 -48.25 -11.14 9.99
C HIS E 239 -48.05 -10.59 8.60
N THR E 240 -48.90 -10.96 7.64
CA THR E 240 -48.80 -10.44 6.26
C THR E 240 -49.01 -8.93 6.22
N LYS E 241 -49.84 -8.39 7.14
CA LYS E 241 -50.07 -6.95 7.21
C LYS E 241 -48.77 -6.25 7.61
N ILE E 242 -48.02 -6.84 8.57
CA ILE E 242 -46.72 -6.34 9.06
C ILE E 242 -45.71 -6.37 7.94
N ILE E 243 -45.52 -7.54 7.30
CA ILE E 243 -44.59 -7.70 6.20
C ILE E 243 -44.85 -6.69 5.09
N ASN E 244 -46.11 -6.49 4.74
CA ASN E 244 -46.49 -5.54 3.69
C ASN E 244 -45.96 -4.14 3.90
N ASP E 245 -46.23 -3.52 5.08
CA ASP E 245 -45.75 -2.16 5.30
C ASP E 245 -44.28 -2.11 5.70
N LYS E 246 -43.77 -3.11 6.44
CA LYS E 246 -42.35 -3.16 6.79
C LYS E 246 -41.46 -3.33 5.55
N THR E 247 -41.99 -3.91 4.47
CA THR E 247 -41.23 -4.02 3.23
C THR E 247 -41.05 -2.62 2.67
N LYS E 248 -42.12 -1.81 2.64
CA LYS E 248 -42.08 -0.44 2.15
C LYS E 248 -41.13 0.38 3.00
N ILE E 249 -41.28 0.31 4.33
CA ILE E 249 -40.47 1.07 5.28
C ILE E 249 -38.99 0.79 5.11
N ILE E 250 -38.57 -0.50 5.16
CA ILE E 250 -37.18 -0.88 4.98
C ILE E 250 -36.61 -0.34 3.68
N GLN E 251 -37.40 -0.41 2.62
CA GLN E 251 -36.97 0.06 1.33
C GLN E 251 -36.79 1.57 1.26
N ASP E 252 -37.68 2.29 1.89
CA ASP E 252 -37.62 3.75 1.89
C ASP E 252 -36.45 4.23 2.74
N LYS E 253 -36.30 3.61 3.92
CA LYS E 253 -35.32 4.00 4.91
C LYS E 253 -33.91 3.71 4.49
N ILE E 254 -33.64 2.50 3.96
CA ILE E 254 -32.30 2.12 3.55
C ILE E 254 -31.71 3.11 2.53
N LYS E 255 -32.55 3.66 1.64
CA LYS E 255 -32.12 4.65 0.66
C LYS E 255 -31.43 5.83 1.30
N LEU E 256 -31.86 6.21 2.49
CA LEU E 256 -31.39 7.40 3.23
C LEU E 256 -30.21 7.16 4.15
N ASN E 257 -29.81 5.90 4.38
CA ASN E 257 -28.70 5.54 5.26
C ASN E 257 -27.70 4.71 4.46
N ILE E 258 -27.40 5.11 3.20
CA ILE E 258 -26.58 4.20 2.42
C ILE E 258 -25.37 4.82 1.70
N TRP E 259 -25.46 5.99 1.06
CA TRP E 259 -24.23 6.53 0.43
C TRP E 259 -23.90 7.89 1.05
N ARG E 260 -24.01 7.95 2.39
CA ARG E 260 -23.83 9.12 3.24
C ARG E 260 -22.64 8.99 4.23
N THR E 261 -22.38 10.06 4.97
CA THR E 261 -21.46 10.12 6.08
C THR E 261 -22.17 10.81 7.21
N PHE E 262 -22.52 10.05 8.23
CA PHE E 262 -23.18 10.60 9.40
C PHE E 262 -22.13 10.93 10.44
N GLN E 263 -22.49 11.77 11.41
CA GLN E 263 -21.64 11.96 12.58
C GLN E 263 -21.86 10.67 13.42
N LYS E 264 -20.83 10.12 14.11
CA LYS E 264 -20.97 8.85 14.84
C LYS E 264 -22.30 8.65 15.60
N ASP E 265 -22.72 9.68 16.40
CA ASP E 265 -23.99 9.64 17.17
C ASP E 265 -25.19 9.34 16.28
N GLU E 266 -25.28 10.04 15.12
CA GLU E 266 -26.33 9.87 14.14
C GLU E 266 -26.23 8.55 13.41
N LEU E 267 -25.02 8.09 13.15
CA LEU E 267 -24.79 6.83 12.48
C LEU E 267 -25.30 5.70 13.36
N LEU E 268 -24.93 5.71 14.65
CA LEU E 268 -25.37 4.67 15.59
C LEU E 268 -26.87 4.60 15.66
N LYS E 269 -27.55 5.76 15.63
CA LYS E 269 -29.02 5.79 15.59
C LYS E 269 -29.57 5.05 14.35
N ARG E 270 -28.98 5.28 13.18
CA ARG E 270 -29.44 4.61 11.98
C ARG E 270 -29.26 3.12 12.06
N ILE E 271 -28.18 2.67 12.68
CA ILE E 271 -27.95 1.23 12.84
C ILE E 271 -29.03 0.62 13.73
N LEU E 272 -29.40 1.33 14.82
CA LEU E 272 -30.43 0.82 15.71
C LEU E 272 -31.78 0.83 15.03
N ASP E 273 -32.11 1.93 14.33
CA ASP E 273 -33.38 2.08 13.64
C ASP E 273 -33.56 1.01 12.57
N MET E 274 -32.50 0.76 11.80
CA MET E 274 -32.55 -0.24 10.76
C MET E 274 -32.70 -1.61 11.38
N SER E 275 -31.87 -1.94 12.40
CA SER E 275 -31.94 -3.21 13.14
C SER E 275 -33.35 -3.50 13.64
N ASN E 276 -34.05 -2.45 14.02
CA ASN E 276 -35.41 -2.56 14.53
C ASN E 276 -36.36 -2.94 13.41
N GLU E 277 -36.32 -2.20 12.28
CA GLU E 277 -37.18 -2.45 11.14
C GLU E 277 -36.92 -3.83 10.57
N TYR E 278 -35.64 -4.23 10.48
CA TYR E 278 -35.27 -5.55 10.00
C TYR E 278 -35.87 -6.65 10.92
N SER E 279 -35.74 -6.49 12.26
CA SER E 279 -36.21 -7.48 13.23
C SER E 279 -37.72 -7.71 13.20
N LEU E 280 -38.51 -6.64 13.08
CA LEU E 280 -39.97 -6.77 13.01
C LEU E 280 -40.39 -7.46 11.72
N PHE E 281 -39.73 -7.10 10.61
CA PHE E 281 -39.97 -7.69 9.33
C PHE E 281 -39.64 -9.20 9.34
N ILE E 282 -38.43 -9.57 9.77
CA ILE E 282 -38.01 -10.97 9.77
C ILE E 282 -38.86 -11.83 10.69
N THR E 283 -39.32 -11.28 11.83
CA THR E 283 -40.17 -12.02 12.75
C THR E 283 -41.51 -12.36 12.11
N SER E 284 -42.24 -11.35 11.61
CA SER E 284 -43.55 -11.55 11.00
C SER E 284 -43.45 -12.36 9.74
N ASP E 285 -42.35 -12.23 8.98
CA ASP E 285 -42.17 -13.02 7.76
C ASP E 285 -41.93 -14.49 8.09
N HIS E 286 -41.06 -14.75 9.07
CA HIS E 286 -40.73 -16.11 9.49
C HIS E 286 -41.98 -16.81 10.02
N LEU E 287 -42.73 -16.13 10.89
CA LEU E 287 -43.95 -16.69 11.46
C LEU E 287 -45.05 -16.90 10.43
N ARG E 288 -45.21 -15.97 9.47
CA ARG E 288 -46.23 -16.11 8.43
C ARG E 288 -45.97 -17.37 7.60
N GLN E 289 -44.70 -17.64 7.27
CA GLN E 289 -44.35 -18.81 6.49
C GLN E 289 -44.59 -20.06 7.30
N MET E 290 -44.28 -20.06 8.61
CA MET E 290 -44.51 -21.23 9.45
C MET E 290 -45.98 -21.52 9.58
N LEU E 291 -46.81 -20.49 9.83
CA LEU E 291 -48.26 -20.59 9.96
C LEU E 291 -48.91 -21.03 8.64
N TYR E 292 -48.35 -20.59 7.52
CA TYR E 292 -48.81 -20.96 6.19
C TYR E 292 -48.68 -22.48 6.02
N ASN E 293 -47.55 -23.05 6.45
CA ASN E 293 -47.31 -24.49 6.37
C ASN E 293 -48.26 -25.27 7.28
N THR E 294 -48.60 -24.71 8.46
CA THR E 294 -49.52 -25.37 9.39
C THR E 294 -50.96 -25.29 8.84
N PHE E 295 -51.31 -24.21 8.09
CA PHE E 295 -52.64 -24.07 7.50
C PHE E 295 -52.85 -25.17 6.49
N TYR E 296 -51.91 -25.31 5.56
CA TYR E 296 -52.05 -26.31 4.53
C TYR E 296 -51.74 -27.73 5.05
N SER E 297 -51.08 -27.89 6.23
CA SER E 297 -50.90 -29.23 6.82
C SER E 297 -52.24 -29.65 7.43
N LYS E 298 -52.94 -28.72 8.09
CA LYS E 298 -54.25 -29.01 8.66
C LYS E 298 -55.27 -29.24 7.54
N GLU E 299 -55.17 -28.51 6.41
CA GLU E 299 -56.07 -28.72 5.28
C GLU E 299 -55.80 -30.06 4.57
N LYS E 300 -54.59 -30.62 4.71
CA LYS E 300 -54.28 -31.92 4.13
C LYS E 300 -55.05 -32.99 4.94
N HIS E 301 -54.95 -32.97 6.28
CA HIS E 301 -55.69 -33.93 7.13
C HIS E 301 -57.20 -33.77 6.98
N LEU E 302 -57.65 -32.54 6.73
CA LEU E 302 -59.03 -32.15 6.50
C LEU E 302 -59.49 -32.77 5.18
N ASN E 303 -58.69 -32.67 4.11
CA ASN E 303 -59.05 -33.25 2.82
C ASN E 303 -58.97 -34.78 2.82
N ASN E 304 -58.23 -35.39 3.77
CA ASN E 304 -58.17 -36.85 3.92
C ASN E 304 -59.57 -37.33 4.37
N ILE E 305 -60.21 -36.59 5.28
CA ILE E 305 -61.56 -36.89 5.76
C ILE E 305 -62.58 -36.64 4.65
N PHE E 306 -62.37 -35.61 3.82
CA PHE E 306 -63.23 -35.30 2.69
C PHE E 306 -63.23 -36.39 1.66
N HIS E 307 -62.09 -37.06 1.44
CA HIS E 307 -62.05 -38.17 0.50
C HIS E 307 -62.91 -39.32 1.01
N HIS E 308 -62.90 -39.58 2.32
CA HIS E 308 -63.76 -40.63 2.88
C HIS E 308 -65.22 -40.20 2.91
N LEU E 309 -65.51 -38.91 3.02
CA LEU E 309 -66.87 -38.41 3.00
C LEU E 309 -67.45 -38.43 1.57
N ILE E 310 -66.59 -38.37 0.52
CA ILE E 310 -67.06 -38.51 -0.86
C ILE E 310 -67.35 -40.00 -1.07
N TYR E 311 -66.42 -40.87 -0.65
CA TYR E 311 -66.44 -42.33 -0.72
C TYR E 311 -67.69 -42.93 -0.03
N VAL E 312 -68.00 -42.45 1.17
CA VAL E 312 -69.18 -42.89 1.92
C VAL E 312 -70.49 -42.42 1.25
N LEU E 313 -70.46 -41.29 0.53
CA LEU E 313 -71.61 -40.79 -0.21
C LEU E 313 -71.87 -41.61 -1.49
N GLN E 314 -70.85 -42.31 -2.03
CA GLN E 314 -71.00 -43.15 -3.22
C GLN E 314 -71.50 -44.55 -2.85
N MET E 315 -71.09 -45.05 -1.67
CA MET E 315 -71.45 -46.37 -1.13
C MET E 315 -72.95 -46.44 -0.91
N LYS E 316 -73.55 -45.37 -0.35
CA LYS E 316 -74.99 -45.33 -0.13
C LYS E 316 -75.74 -45.34 -1.46
N PHE E 317 -75.18 -44.65 -2.47
CA PHE E 317 -75.73 -44.59 -3.81
C PHE E 317 -75.74 -45.96 -4.48
N GLN F 1 -11.81 4.11 25.44
CA GLN F 1 -11.88 2.66 25.67
C GLN F 1 -12.33 2.34 27.11
N VAL F 2 -13.04 1.20 27.31
CA VAL F 2 -13.56 0.82 28.63
C VAL F 2 -12.43 0.56 29.59
N GLN F 3 -12.52 1.11 30.82
CA GLN F 3 -11.47 0.98 31.82
C GLN F 3 -12.01 0.76 33.21
N LEU F 4 -11.45 -0.20 33.95
CA LEU F 4 -11.89 -0.47 35.31
C LEU F 4 -10.82 -0.05 36.32
N GLN F 5 -11.20 0.63 37.42
CA GLN F 5 -10.24 1.05 38.44
C GLN F 5 -10.75 0.85 39.84
N GLU F 6 -10.06 -0.01 40.58
CA GLU F 6 -10.42 -0.35 41.96
C GLU F 6 -9.79 0.62 42.93
N SER F 7 -10.56 1.00 43.94
CA SER F 7 -10.18 1.96 44.95
C SER F 7 -10.71 1.50 46.28
N GLY F 8 -9.83 1.24 47.21
CA GLY F 8 -10.22 0.69 48.50
C GLY F 8 -9.32 1.07 49.65
N PRO F 9 -9.55 0.43 50.80
CA PRO F 9 -8.77 0.76 52.00
C PRO F 9 -7.34 0.24 51.93
N GLY F 10 -7.15 -0.99 51.46
CA GLY F 10 -5.82 -1.57 51.36
C GLY F 10 -5.29 -2.15 52.65
N LEU F 11 -5.95 -1.87 53.78
CA LEU F 11 -5.58 -2.41 55.08
C LEU F 11 -6.83 -2.49 55.92
N VAL F 12 -7.27 -3.72 56.25
CA VAL F 12 -8.49 -3.90 57.03
C VAL F 12 -8.18 -4.69 58.29
N LYS F 13 -8.65 -4.20 59.47
CA LYS F 13 -8.42 -4.92 60.73
C LYS F 13 -9.33 -6.15 60.77
N PRO F 14 -8.81 -7.28 61.31
CA PRO F 14 -9.60 -8.52 61.34
C PRO F 14 -11.02 -8.42 61.94
N SER F 15 -11.95 -9.13 61.29
CA SER F 15 -13.38 -9.19 61.61
C SER F 15 -14.19 -7.98 61.13
N GLU F 16 -13.54 -6.98 60.55
CA GLU F 16 -14.25 -5.81 60.01
C GLU F 16 -14.66 -6.07 58.57
N THR F 17 -15.44 -5.17 57.96
CA THR F 17 -15.88 -5.35 56.58
C THR F 17 -14.94 -4.66 55.57
N LEU F 18 -14.38 -5.43 54.64
CA LEU F 18 -13.51 -4.93 53.57
C LEU F 18 -14.39 -4.29 52.51
N SER F 19 -14.17 -3.00 52.18
CA SER F 19 -15.00 -2.33 51.18
C SER F 19 -14.22 -1.66 50.06
N LEU F 20 -14.13 -2.32 48.93
CA LEU F 20 -13.49 -1.78 47.75
C LEU F 20 -14.56 -1.40 46.75
N THR F 21 -14.27 -0.40 45.92
CA THR F 21 -15.21 -0.03 44.86
C THR F 21 -14.49 0.00 43.54
N CYS F 22 -15.22 -0.25 42.48
CA CYS F 22 -14.67 -0.22 41.15
C CYS F 22 -15.34 0.84 40.31
N THR F 23 -14.54 1.66 39.65
CA THR F 23 -15.06 2.76 38.85
C THR F 23 -14.94 2.52 37.34
N VAL F 24 -16.07 2.15 36.70
CA VAL F 24 -16.17 1.88 35.25
C VAL F 24 -16.15 3.17 34.45
N SER F 25 -15.00 3.48 33.86
CA SER F 25 -14.81 4.70 33.09
C SER F 25 -14.70 4.40 31.62
N GLY F 26 -15.17 5.31 30.79
CA GLY F 26 -15.14 5.11 29.34
C GLY F 26 -16.06 4.01 28.87
N GLY F 27 -17.20 3.89 29.52
CA GLY F 27 -18.16 2.85 29.22
C GLY F 27 -19.20 2.71 30.30
N SER F 28 -20.38 2.17 29.96
CA SER F 28 -21.47 2.04 30.92
C SER F 28 -21.51 0.68 31.62
N ILE F 29 -22.17 0.63 32.78
CA ILE F 29 -22.30 -0.65 33.47
C ILE F 29 -23.37 -1.46 32.78
N SER F 30 -24.60 -0.91 32.72
CA SER F 30 -25.80 -1.52 32.16
C SER F 30 -25.95 -3.02 32.59
N THR F 31 -26.36 -3.90 31.69
CA THR F 31 -26.62 -5.28 32.04
C THR F 31 -25.39 -6.22 31.95
N TYR F 32 -24.15 -5.71 32.03
CA TYR F 32 -22.97 -6.58 31.99
C TYR F 32 -22.77 -7.33 33.32
N TYR F 33 -21.85 -8.32 33.34
CA TYR F 33 -21.52 -9.13 34.52
C TYR F 33 -20.24 -8.60 35.18
N TRP F 34 -20.42 -7.86 36.26
CA TRP F 34 -19.35 -7.22 37.01
C TRP F 34 -18.90 -8.10 38.16
N SER F 35 -17.68 -8.65 38.07
CA SER F 35 -17.16 -9.56 39.08
C SER F 35 -15.99 -8.96 39.87
N TRP F 36 -15.70 -9.60 40.99
CA TRP F 36 -14.59 -9.27 41.89
C TRP F 36 -13.83 -10.57 42.07
N ILE F 37 -12.57 -10.60 41.66
CA ILE F 37 -11.73 -11.80 41.73
C ILE F 37 -10.53 -11.48 42.59
N ARG F 38 -10.14 -12.35 43.54
CA ARG F 38 -8.98 -12.07 44.37
C ARG F 38 -7.84 -13.04 44.18
N GLN F 39 -6.64 -12.57 44.44
CA GLN F 39 -5.44 -13.38 44.30
C GLN F 39 -4.50 -13.23 45.50
N PRO F 40 -4.51 -14.20 46.43
CA PRO F 40 -3.60 -14.14 47.57
C PRO F 40 -2.14 -14.05 47.14
N PRO F 41 -1.28 -13.37 47.92
CA PRO F 41 0.14 -13.24 47.51
C PRO F 41 0.83 -14.57 47.20
N GLY F 42 1.29 -14.71 45.96
CA GLY F 42 1.95 -15.93 45.55
C GLY F 42 1.03 -17.12 45.33
N LYS F 43 -0.28 -16.88 45.28
CA LYS F 43 -1.25 -17.93 45.06
C LYS F 43 -2.06 -17.68 43.76
N GLY F 44 -3.06 -18.51 43.51
CA GLY F 44 -3.87 -18.44 42.29
C GLY F 44 -5.06 -17.52 42.40
N LEU F 45 -6.01 -17.67 41.47
CA LEU F 45 -7.18 -16.80 41.44
C LEU F 45 -8.48 -17.43 41.96
N GLU F 46 -9.29 -16.61 42.66
CA GLU F 46 -10.58 -17.02 43.20
C GLU F 46 -11.63 -15.99 42.82
N TRP F 47 -12.68 -16.42 42.14
CA TRP F 47 -13.77 -15.53 41.76
C TRP F 47 -14.67 -15.42 42.99
N LEU F 48 -14.89 -14.19 43.50
CA LEU F 48 -15.71 -13.98 44.69
C LEU F 48 -17.21 -13.95 44.37
N GLY F 49 -17.57 -13.32 43.27
CA GLY F 49 -18.96 -13.23 42.83
C GLY F 49 -19.16 -12.20 41.73
N TYR F 50 -20.39 -12.04 41.24
CA TYR F 50 -20.67 -11.01 40.24
C TYR F 50 -22.09 -10.48 40.34
N ILE F 51 -22.30 -9.31 39.77
CA ILE F 51 -23.60 -8.69 39.68
C ILE F 51 -23.88 -8.55 38.17
N TYR F 52 -25.07 -8.96 37.74
CA TYR F 52 -25.38 -8.95 36.33
C TYR F 52 -26.78 -8.60 35.98
N HIS F 53 -26.98 -8.24 34.69
CA HIS F 53 -28.27 -7.92 34.11
C HIS F 53 -28.98 -6.81 34.92
N SER F 54 -30.20 -7.04 35.38
CA SER F 54 -30.96 -6.06 36.12
C SER F 54 -30.64 -6.02 37.61
N GLY F 55 -29.39 -6.32 37.96
CA GLY F 55 -28.97 -6.29 39.36
C GLY F 55 -28.96 -7.62 40.07
N SER F 56 -29.13 -8.71 39.33
CA SER F 56 -29.10 -10.05 39.91
C SER F 56 -27.66 -10.39 40.37
N THR F 57 -27.51 -11.35 41.28
CA THR F 57 -26.18 -11.69 41.81
C THR F 57 -25.95 -13.14 42.11
N ASP F 58 -24.71 -13.59 41.86
CA ASP F 58 -24.25 -14.93 42.18
C ASP F 58 -22.89 -14.81 42.82
N TYR F 59 -22.70 -15.50 43.95
CA TYR F 59 -21.45 -15.47 44.72
C TYR F 59 -20.82 -16.85 44.88
N ASN F 60 -19.52 -16.90 45.26
CA ASN F 60 -18.81 -18.15 45.47
C ASN F 60 -19.22 -18.68 46.81
N PRO F 61 -19.74 -19.92 46.89
CA PRO F 61 -20.13 -20.48 48.19
C PRO F 61 -18.97 -20.54 49.18
N SER F 62 -17.72 -20.68 48.68
CA SER F 62 -16.54 -20.70 49.54
C SER F 62 -16.44 -19.43 50.39
N LEU F 63 -17.01 -18.30 49.91
CA LEU F 63 -17.02 -17.04 50.63
C LEU F 63 -18.00 -17.02 51.81
N GLU F 64 -18.60 -18.16 52.18
CA GLU F 64 -19.45 -18.34 53.35
C GLU F 64 -20.49 -17.24 53.57
N SER F 65 -21.12 -16.75 52.49
CA SER F 65 -22.19 -15.74 52.55
C SER F 65 -21.78 -14.34 53.08
N ARG F 66 -20.51 -14.14 53.42
CA ARG F 66 -20.06 -12.85 53.94
C ARG F 66 -19.70 -11.83 52.85
N VAL F 67 -20.09 -12.08 51.60
CA VAL F 67 -19.80 -11.17 50.51
C VAL F 67 -21.07 -10.53 49.95
N THR F 68 -20.94 -9.30 49.42
CA THR F 68 -22.05 -8.55 48.85
C THR F 68 -21.58 -7.60 47.77
N ILE F 69 -22.09 -7.77 46.55
CA ILE F 69 -21.73 -6.90 45.44
C ILE F 69 -22.93 -6.05 45.10
N SER F 70 -22.74 -4.75 45.10
CA SER F 70 -23.82 -3.80 44.83
C SER F 70 -23.39 -2.82 43.76
N VAL F 71 -24.36 -2.17 43.12
CA VAL F 71 -24.04 -1.21 42.09
C VAL F 71 -24.92 0.01 42.11
N ASP F 72 -24.33 1.20 42.26
CA ASP F 72 -25.11 2.42 42.11
C ASP F 72 -24.82 2.82 40.67
N THR F 73 -25.58 2.25 39.68
CA THR F 73 -25.40 2.43 38.20
C THR F 73 -25.18 3.88 37.82
N SER F 74 -25.89 4.79 38.52
CA SER F 74 -25.84 6.24 38.39
C SER F 74 -24.43 6.78 38.62
N ARG F 75 -23.75 6.34 39.68
CA ARG F 75 -22.35 6.70 39.95
C ARG F 75 -21.38 6.06 38.91
N THR F 76 -21.84 4.99 38.20
CA THR F 76 -21.11 4.18 37.25
C THR F 76 -20.02 3.47 38.01
N ARG F 77 -20.41 2.77 39.06
CA ARG F 77 -19.50 2.05 39.93
C ARG F 77 -20.18 0.85 40.53
N PHE F 78 -19.43 -0.22 40.73
CA PHE F 78 -19.92 -1.36 41.48
C PHE F 78 -18.95 -1.56 42.65
N SER F 79 -19.40 -2.17 43.75
CA SER F 79 -18.56 -2.29 44.91
C SER F 79 -18.70 -3.59 45.66
N LEU F 80 -17.66 -3.97 46.39
CA LEU F 80 -17.58 -5.21 47.15
C LEU F 80 -17.58 -4.91 48.65
N ARG F 81 -18.21 -5.78 49.43
CA ARG F 81 -18.21 -5.71 50.89
C ARG F 81 -17.99 -7.12 51.40
N LEU F 82 -16.87 -7.35 52.06
CA LEU F 82 -16.52 -8.67 52.56
C LEU F 82 -16.46 -8.65 54.10
N ARG F 83 -17.53 -9.12 54.74
CA ARG F 83 -17.68 -9.10 56.18
C ARG F 83 -16.80 -10.09 56.92
N SER F 84 -16.49 -9.76 58.19
CA SER F 84 -15.68 -10.58 59.11
C SER F 84 -14.40 -11.12 58.45
N VAL F 85 -13.47 -10.22 58.08
CA VAL F 85 -12.23 -10.60 57.40
C VAL F 85 -11.29 -11.40 58.31
N THR F 86 -10.44 -12.19 57.69
CA THR F 86 -9.43 -13.06 58.28
C THR F 86 -8.11 -12.76 57.54
N ALA F 87 -6.95 -13.16 58.08
CA ALA F 87 -5.69 -13.03 57.32
C ALA F 87 -5.74 -13.82 55.99
N ALA F 88 -6.75 -14.71 55.86
CA ALA F 88 -7.09 -15.51 54.70
C ALA F 88 -7.51 -14.58 53.55
N ASP F 89 -8.19 -13.49 53.86
CA ASP F 89 -8.66 -12.53 52.87
C ASP F 89 -7.62 -11.49 52.46
N THR F 90 -6.35 -11.66 52.86
CA THR F 90 -5.28 -10.78 52.42
C THR F 90 -4.99 -11.20 50.98
N ALA F 91 -5.33 -10.35 50.00
CA ALA F 91 -5.17 -10.70 48.58
C ALA F 91 -5.14 -9.44 47.66
N VAL F 92 -4.80 -9.59 46.37
CA VAL F 92 -4.86 -8.50 45.41
C VAL F 92 -6.26 -8.59 44.82
N TYR F 93 -7.09 -7.58 45.07
CA TYR F 93 -8.46 -7.60 44.60
C TYR F 93 -8.63 -6.98 43.22
N TYR F 94 -8.97 -7.83 42.26
CA TYR F 94 -9.22 -7.44 40.89
C TYR F 94 -10.72 -7.30 40.71
N CYS F 95 -11.11 -6.25 40.05
CA CYS F 95 -12.46 -5.97 39.69
C CYS F 95 -12.47 -6.34 38.20
N ALA F 96 -13.44 -7.14 37.74
CA ALA F 96 -13.42 -7.57 36.32
C ALA F 96 -14.80 -7.48 35.61
N ARG F 97 -14.85 -7.66 34.29
CA ARG F 97 -16.11 -7.60 33.55
C ARG F 97 -16.20 -8.70 32.53
N SER F 98 -17.32 -9.45 32.55
CA SER F 98 -17.64 -10.46 31.52
C SER F 98 -18.94 -9.97 30.78
N THR F 99 -19.22 -10.46 29.57
CA THR F 99 -20.41 -9.99 28.85
C THR F 99 -21.61 -10.88 29.00
N THR F 100 -21.35 -12.18 29.07
CA THR F 100 -22.39 -13.21 29.08
C THR F 100 -22.03 -14.41 30.03
N MET F 101 -22.91 -15.43 30.03
CA MET F 101 -22.76 -16.77 30.57
C MET F 101 -22.88 -17.82 29.44
N ILE F 102 -23.41 -17.42 28.25
CA ILE F 102 -23.50 -18.29 27.10
C ILE F 102 -22.08 -18.53 26.62
N GLN F 103 -21.29 -17.45 26.45
CA GLN F 103 -19.90 -17.52 25.99
C GLN F 103 -19.07 -16.64 26.91
N GLN F 104 -19.08 -16.97 28.19
CA GLN F 104 -18.39 -16.19 29.20
C GLN F 104 -16.87 -16.18 29.01
N TYR F 105 -16.25 -15.05 29.44
CA TYR F 105 -14.83 -14.73 29.64
C TYR F 105 -14.67 -13.30 30.12
N PHE F 106 -13.53 -12.97 30.75
CA PHE F 106 -13.32 -11.62 31.27
C PHE F 106 -12.76 -10.59 30.23
N ASP F 107 -13.68 -9.81 29.66
CA ASP F 107 -13.47 -8.72 28.69
C ASP F 107 -12.44 -7.71 29.16
N TYR F 108 -12.68 -7.07 30.32
CA TYR F 108 -11.78 -6.08 30.87
C TYR F 108 -11.53 -6.36 32.34
N TRP F 109 -10.37 -5.97 32.81
CA TRP F 109 -9.98 -6.16 34.20
C TRP F 109 -9.45 -4.84 34.73
N GLY F 110 -9.52 -4.67 36.05
CA GLY F 110 -8.93 -3.51 36.69
C GLY F 110 -7.46 -3.70 36.96
N ARG F 111 -6.82 -2.71 37.57
CA ARG F 111 -5.39 -2.78 37.87
C ARG F 111 -5.06 -3.70 39.08
N GLY F 112 -6.02 -3.85 39.98
CA GLY F 112 -5.89 -4.70 41.16
C GLY F 112 -5.24 -3.99 42.31
N THR F 113 -5.89 -4.02 43.48
CA THR F 113 -5.31 -3.37 44.66
C THR F 113 -5.12 -4.38 45.75
N LEU F 114 -3.99 -4.29 46.41
CA LEU F 114 -3.67 -5.20 47.50
C LEU F 114 -4.44 -4.77 48.74
N VAL F 115 -5.12 -5.72 49.36
CA VAL F 115 -5.82 -5.51 50.63
C VAL F 115 -5.16 -6.45 51.61
N THR F 116 -4.55 -5.93 52.68
CA THR F 116 -3.83 -6.79 53.61
C THR F 116 -4.48 -6.76 55.01
N VAL F 117 -5.06 -7.90 55.43
CA VAL F 117 -5.72 -8.01 56.74
C VAL F 117 -4.71 -8.27 57.93
N SER F 118 -4.39 -7.21 58.69
CA SER F 118 -3.41 -7.27 59.77
C SER F 118 -3.77 -8.24 60.92
N SER F 134 -17.80 -27.97 47.29
CA SER F 134 -17.49 -28.91 46.21
C SER F 134 -17.71 -28.33 44.76
N ASP F 135 -16.86 -27.35 44.39
CA ASP F 135 -16.89 -26.68 43.08
C ASP F 135 -16.15 -27.54 42.00
N ILE F 136 -15.98 -27.05 40.73
CA ILE F 136 -15.23 -27.85 39.76
C ILE F 136 -13.75 -27.59 39.99
N GLN F 137 -13.02 -28.62 40.43
CA GLN F 137 -11.59 -28.46 40.70
C GLN F 137 -10.82 -28.52 39.37
N MET F 138 -10.22 -27.38 38.97
CA MET F 138 -9.41 -27.32 37.74
C MET F 138 -7.96 -27.65 38.09
N THR F 139 -7.51 -28.85 37.72
CA THR F 139 -6.16 -29.33 38.03
C THR F 139 -5.18 -28.92 36.90
N GLN F 140 -4.38 -27.88 37.14
CA GLN F 140 -3.37 -27.46 36.13
C GLN F 140 -2.18 -28.42 36.18
N SER F 141 -1.72 -28.91 35.03
CA SER F 141 -0.64 -29.92 35.01
C SER F 141 0.73 -29.30 35.31
N PRO F 142 1.30 -28.40 34.49
CA PRO F 142 2.58 -27.78 34.82
C PRO F 142 2.31 -26.68 35.85
N SER F 143 2.92 -26.73 37.02
CA SER F 143 2.71 -25.57 37.95
C SER F 143 3.77 -24.53 37.62
N SER F 144 4.99 -24.97 37.36
CA SER F 144 6.11 -24.14 36.95
C SER F 144 6.70 -24.76 35.69
N LEU F 145 7.43 -23.96 34.91
CA LEU F 145 8.05 -24.45 33.69
C LEU F 145 9.08 -23.46 33.26
N SER F 146 10.30 -23.92 32.94
CA SER F 146 11.34 -23.02 32.44
C SER F 146 11.92 -23.55 31.15
N ALA F 147 11.54 -22.95 30.03
CA ALA F 147 12.01 -23.38 28.72
C ALA F 147 12.84 -22.28 28.05
N SER F 148 13.68 -22.64 27.08
CA SER F 148 14.48 -21.65 26.32
C SER F 148 13.60 -21.01 25.24
N LEU F 149 14.04 -19.88 24.65
CA LEU F 149 13.24 -19.26 23.59
C LEU F 149 13.17 -20.16 22.38
N GLY F 150 12.03 -20.16 21.74
CA GLY F 150 11.81 -21.01 20.57
C GLY F 150 11.13 -22.31 20.91
N ASP F 151 11.32 -22.80 22.14
CA ASP F 151 10.70 -24.05 22.56
C ASP F 151 9.20 -23.99 22.51
N ARG F 152 8.56 -25.13 22.28
CA ARG F 152 7.11 -25.20 22.29
C ARG F 152 6.72 -25.57 23.70
N VAL F 153 5.94 -24.71 24.40
CA VAL F 153 5.49 -25.04 25.74
C VAL F 153 4.04 -25.46 25.68
N THR F 154 3.71 -26.53 26.37
CA THR F 154 2.36 -27.07 26.36
CA THR F 154 2.36 -27.07 26.36
C THR F 154 1.90 -27.44 27.79
N ILE F 155 0.87 -26.73 28.29
CA ILE F 155 0.22 -26.84 29.59
C ILE F 155 -1.08 -27.64 29.46
N THR F 156 -1.53 -28.27 30.54
CA THR F 156 -2.77 -29.03 30.56
C THR F 156 -3.68 -28.65 31.71
N CYS F 157 -4.99 -28.63 31.48
CA CYS F 157 -6.00 -28.40 32.53
C CYS F 157 -6.98 -29.56 32.49
N GLN F 158 -7.25 -30.18 33.62
CA GLN F 158 -8.21 -31.27 33.67
C GLN F 158 -9.32 -30.89 34.62
N ALA F 159 -10.59 -31.09 34.23
CA ALA F 159 -11.70 -30.70 35.11
C ALA F 159 -12.19 -31.84 36.01
N SER F 160 -12.86 -31.49 37.15
CA SER F 160 -13.40 -32.54 38.01
C SER F 160 -14.54 -33.31 37.33
N GLN F 161 -15.22 -32.67 36.35
CA GLN F 161 -16.31 -33.28 35.60
C GLN F 161 -16.51 -32.64 34.22
N GLY F 162 -17.51 -33.09 33.49
CA GLY F 162 -17.81 -32.62 32.14
C GLY F 162 -18.06 -31.13 32.07
N ILE F 163 -17.06 -30.40 31.54
CA ILE F 163 -17.11 -28.96 31.41
C ILE F 163 -17.46 -28.53 29.96
N SER F 164 -17.73 -29.50 29.04
CA SER F 164 -18.02 -29.26 27.62
C SER F 164 -16.79 -28.52 27.03
N ASN F 165 -16.93 -27.42 26.29
CA ASN F 165 -15.79 -26.61 25.87
C ASN F 165 -15.78 -25.29 26.68
N SER F 166 -16.42 -25.24 27.86
CA SER F 166 -16.52 -24.00 28.64
C SER F 166 -15.21 -23.73 29.38
N LEU F 167 -14.14 -23.42 28.63
CA LEU F 167 -12.80 -23.22 29.18
C LEU F 167 -12.14 -22.04 28.53
N ASN F 168 -11.47 -21.22 29.32
CA ASN F 168 -10.77 -20.07 28.81
C ASN F 168 -9.34 -20.09 29.33
N TRP F 169 -8.43 -19.46 28.62
CA TRP F 169 -7.05 -19.38 29.03
C TRP F 169 -6.68 -17.91 29.19
N TYR F 170 -6.04 -17.55 30.31
CA TYR F 170 -5.60 -16.19 30.60
C TYR F 170 -4.10 -16.19 30.81
N GLN F 171 -3.46 -15.07 30.52
CA GLN F 171 -2.01 -14.95 30.67
C GLN F 171 -1.81 -13.81 31.62
N GLN F 172 -1.29 -14.08 32.81
CA GLN F 172 -1.08 -13.02 33.78
C GLN F 172 0.34 -12.50 33.78
N LYS F 173 0.61 -11.40 33.03
CA LYS F 173 1.94 -10.79 32.97
C LYS F 173 2.45 -10.43 34.41
N PRO F 174 3.76 -10.50 34.70
CA PRO F 174 4.22 -10.22 36.07
C PRO F 174 3.77 -8.84 36.58
N GLY F 175 2.99 -8.84 37.67
CA GLY F 175 2.49 -7.61 38.26
C GLY F 175 1.16 -7.17 37.69
N LYS F 176 0.89 -7.54 36.44
CA LYS F 176 -0.34 -7.17 35.75
C LYS F 176 -1.51 -8.13 36.04
N ALA F 177 -2.72 -7.75 35.64
CA ALA F 177 -3.93 -8.54 35.82
C ALA F 177 -3.98 -9.62 34.76
N PRO F 178 -4.71 -10.73 34.98
CA PRO F 178 -4.83 -11.73 33.92
C PRO F 178 -5.54 -11.15 32.67
N LYS F 179 -5.23 -11.70 31.50
CA LYS F 179 -5.82 -11.21 30.25
C LYS F 179 -6.13 -12.39 29.34
N VAL F 180 -7.36 -12.43 28.79
CA VAL F 180 -7.86 -13.52 27.93
C VAL F 180 -6.98 -13.72 26.76
N LEU F 181 -6.60 -14.99 26.49
CA LEU F 181 -5.88 -15.39 25.28
C LEU F 181 -6.87 -16.23 24.46
N ILE F 182 -7.41 -17.29 25.08
CA ILE F 182 -8.34 -18.20 24.46
C ILE F 182 -9.63 -18.24 25.27
N TYR F 183 -10.77 -18.46 24.62
CA TYR F 183 -12.07 -18.68 25.26
C TYR F 183 -12.78 -19.85 24.57
N ASP F 184 -13.80 -20.47 25.22
CA ASP F 184 -14.52 -21.62 24.63
C ASP F 184 -13.57 -22.67 24.07
N ALA F 185 -12.55 -22.96 24.90
CA ALA F 185 -11.49 -23.95 24.86
C ALA F 185 -10.44 -23.78 23.79
N SER F 186 -10.79 -23.20 22.62
CA SER F 186 -9.91 -23.14 21.45
C SER F 186 -9.89 -21.84 20.67
N ASN F 187 -10.84 -20.94 20.90
CA ASN F 187 -10.94 -19.70 20.14
C ASN F 187 -10.01 -18.69 20.67
N LEU F 188 -9.31 -18.03 19.80
CA LEU F 188 -8.41 -16.94 20.18
C LEU F 188 -9.17 -15.64 20.20
N GLU F 189 -8.84 -14.74 21.14
CA GLU F 189 -9.40 -13.39 21.12
C GLU F 189 -8.82 -12.60 19.95
N THR F 190 -9.47 -11.54 19.51
CA THR F 190 -9.08 -10.83 18.29
C THR F 190 -7.56 -10.60 18.07
N GLY F 191 -6.85 -9.89 18.95
CA GLY F 191 -5.45 -9.59 18.71
C GLY F 191 -4.40 -10.60 19.15
N VAL F 192 -4.76 -11.59 19.98
CA VAL F 192 -3.79 -12.53 20.54
C VAL F 192 -3.03 -13.28 19.44
N PRO F 193 -1.67 -13.38 19.57
CA PRO F 193 -0.87 -14.01 18.52
C PRO F 193 -1.24 -15.44 18.24
N SER F 194 -1.02 -15.88 16.99
CA SER F 194 -1.34 -17.24 16.57
C SER F 194 -0.47 -18.29 17.21
N ARG F 195 0.69 -17.92 17.79
CA ARG F 195 1.53 -18.91 18.46
C ARG F 195 0.81 -19.59 19.64
N PHE F 196 -0.29 -19.01 20.14
CA PHE F 196 -1.09 -19.57 21.20
C PHE F 196 -2.18 -20.47 20.62
N SER F 197 -2.39 -21.65 21.21
CA SER F 197 -3.36 -22.62 20.69
C SER F 197 -4.14 -23.25 21.78
N GLY F 198 -5.44 -23.17 21.64
CA GLY F 198 -6.33 -23.79 22.61
C GLY F 198 -6.92 -25.07 22.06
N SER F 199 -7.00 -26.10 22.89
CA SER F 199 -7.52 -27.39 22.42
C SER F 199 -8.18 -28.19 23.53
N GLY F 200 -9.13 -29.05 23.17
CA GLY F 200 -9.78 -29.89 24.17
C GLY F 200 -11.26 -29.68 24.42
N SER F 201 -11.90 -30.73 24.96
CA SER F 201 -13.31 -30.74 25.29
C SER F 201 -13.63 -31.86 26.26
N GLY F 202 -14.61 -31.58 27.09
CA GLY F 202 -15.07 -32.50 28.11
C GLY F 202 -14.35 -32.29 29.43
N THR F 203 -13.23 -32.99 29.60
CA THR F 203 -12.51 -32.93 30.85
C THR F 203 -11.02 -32.60 30.66
N ASP F 204 -10.40 -33.06 29.58
CA ASP F 204 -8.98 -32.83 29.35
C ASP F 204 -8.76 -31.73 28.31
N PHE F 205 -8.05 -30.66 28.72
CA PHE F 205 -7.78 -29.50 27.90
C PHE F 205 -6.30 -29.20 27.84
N THR F 206 -5.88 -28.50 26.77
CA THR F 206 -4.47 -28.19 26.60
C THR F 206 -4.23 -26.86 25.90
N PHE F 207 -3.37 -26.06 26.51
CA PHE F 207 -2.89 -24.75 26.02
C PHE F 207 -1.50 -24.98 25.51
N THR F 208 -1.15 -24.38 24.37
CA THR F 208 0.17 -24.60 23.80
C THR F 208 0.67 -23.37 23.04
N ILE F 209 1.89 -22.92 23.40
CA ILE F 209 2.63 -21.86 22.73
C ILE F 209 3.57 -22.62 21.79
N THR F 210 3.37 -22.50 20.48
CA THR F 210 4.14 -23.23 19.48
C THR F 210 5.61 -22.83 19.43
N SER F 211 5.94 -21.59 19.83
CA SER F 211 7.31 -21.10 19.86
C SER F 211 7.42 -20.00 20.90
N LEU F 212 8.16 -20.24 21.97
CA LEU F 212 8.34 -19.31 23.09
C LEU F 212 9.01 -18.01 22.70
N GLN F 213 8.41 -16.91 23.14
CA GLN F 213 8.91 -15.57 22.88
C GLN F 213 9.24 -14.89 24.21
N PRO F 214 10.22 -13.96 24.21
CA PRO F 214 10.54 -13.23 25.44
C PRO F 214 9.33 -12.53 26.08
N GLU F 215 8.36 -12.12 25.24
CA GLU F 215 7.14 -11.47 25.69
C GLU F 215 6.13 -12.44 26.31
N ASP F 216 6.51 -13.69 26.59
CA ASP F 216 5.57 -14.68 27.13
C ASP F 216 5.89 -15.18 28.53
N ILE F 217 6.88 -14.59 29.19
CA ILE F 217 7.25 -14.95 30.54
C ILE F 217 6.15 -14.39 31.42
N ALA F 218 5.19 -15.21 31.75
CA ALA F 218 4.01 -14.85 32.53
C ALA F 218 3.43 -16.14 33.15
N THR F 219 2.48 -16.02 34.10
CA THR F 219 1.83 -17.21 34.63
C THR F 219 0.47 -17.38 33.93
N TYR F 220 0.24 -18.56 33.34
CA TYR F 220 -0.98 -18.80 32.59
C TYR F 220 -1.99 -19.55 33.39
N TYR F 221 -3.27 -19.15 33.34
CA TYR F 221 -4.32 -19.81 34.11
C TYR F 221 -5.42 -20.28 33.17
N CYS F 222 -6.13 -21.33 33.56
CA CYS F 222 -7.30 -21.78 32.82
C CYS F 222 -8.53 -21.46 33.66
N GLN F 223 -9.72 -21.46 33.06
CA GLN F 223 -10.93 -21.12 33.82
C GLN F 223 -12.16 -21.77 33.24
N GLN F 224 -13.10 -22.24 34.09
CA GLN F 224 -14.34 -22.81 33.59
C GLN F 224 -15.53 -21.92 33.91
N TYR F 225 -16.57 -22.00 33.09
CA TYR F 225 -17.81 -21.26 33.35
C TYR F 225 -19.05 -22.16 33.23
N HIS F 226 -18.86 -23.47 33.02
CA HIS F 226 -19.96 -24.41 32.83
C HIS F 226 -20.80 -24.53 34.07
N TYR F 227 -20.17 -24.72 35.24
CA TYR F 227 -20.91 -24.81 36.50
C TYR F 227 -20.63 -23.56 37.32
N LEU F 228 -21.73 -22.91 37.73
CA LEU F 228 -21.83 -21.59 38.31
C LEU F 228 -20.70 -21.15 39.23
N PRO F 229 -20.23 -21.83 40.33
CA PRO F 229 -19.06 -21.28 41.06
C PRO F 229 -17.83 -21.35 40.11
N LEU F 230 -17.51 -20.20 39.45
CA LEU F 230 -16.47 -20.04 38.46
C LEU F 230 -15.14 -20.36 39.08
N THR F 231 -14.44 -21.36 38.51
CA THR F 231 -13.15 -21.77 39.05
C THR F 231 -12.00 -21.64 38.08
N PHE F 232 -10.83 -21.33 38.63
CA PHE F 232 -9.58 -21.16 37.88
C PHE F 232 -8.67 -22.38 38.10
N GLY F 233 -7.59 -22.44 37.34
CA GLY F 233 -6.58 -23.47 37.52
C GLY F 233 -5.49 -22.96 38.46
N GLY F 234 -4.53 -23.83 38.76
CA GLY F 234 -3.41 -23.48 39.63
C GLY F 234 -2.37 -22.57 39.00
N GLY F 235 -2.42 -22.46 37.67
CA GLY F 235 -1.50 -21.63 36.91
C GLY F 235 -0.20 -22.33 36.58
N THR F 236 0.48 -21.79 35.59
CA THR F 236 1.78 -22.29 35.20
C THR F 236 2.74 -21.13 35.17
N LYS F 237 3.64 -21.04 36.15
CA LYS F 237 4.62 -19.98 36.17
C LYS F 237 5.67 -20.32 35.13
N LEU F 238 5.59 -19.69 33.97
CA LEU F 238 6.50 -19.91 32.87
C LEU F 238 7.65 -18.90 32.93
N GLU F 239 8.90 -19.37 32.85
CA GLU F 239 10.12 -18.53 32.89
C GLU F 239 11.14 -18.99 31.85
N ILE F 240 12.19 -18.18 31.57
CA ILE F 240 13.18 -18.58 30.57
C ILE F 240 14.42 -19.18 31.17
N LYS F 241 14.89 -20.29 30.59
CA LYS F 241 16.10 -20.99 31.06
C LYS F 241 17.29 -20.72 30.10
N ALA G 19 17.91 28.92 31.88
CA ALA G 19 18.22 29.73 33.05
C ALA G 19 19.74 30.11 33.08
N ASN G 20 20.59 29.13 32.83
CA ASN G 20 22.05 29.26 32.83
C ASN G 20 22.68 28.13 31.95
N SER G 21 21.95 27.71 30.91
CA SER G 21 22.39 26.62 30.05
C SER G 21 22.25 27.07 28.61
N ILE G 22 23.02 28.08 28.25
CA ILE G 22 23.03 28.65 26.90
C ILE G 22 24.38 28.33 26.27
N ASP G 23 24.40 28.11 24.95
CA ASP G 23 25.66 27.82 24.25
C ASP G 23 25.83 28.81 23.11
N ILE G 24 26.87 29.64 23.18
CA ILE G 24 27.18 30.64 22.15
C ILE G 24 27.96 29.97 21.03
N LEU G 25 27.60 30.26 19.78
CA LEU G 25 28.19 29.60 18.62
C LEU G 25 28.56 30.54 17.46
N GLN G 26 29.85 30.60 17.11
CA GLN G 26 30.37 31.40 16.00
C GLN G 26 30.92 30.50 14.87
N GLU G 27 30.04 29.72 14.21
CA GLU G 27 30.45 28.78 13.16
C GLU G 27 31.16 29.44 11.96
N LYS G 28 30.70 30.62 11.55
CA LYS G 28 31.27 31.39 10.44
C LYS G 28 31.91 32.71 10.97
N GLU G 29 32.59 33.47 10.11
CA GLU G 29 33.17 34.74 10.54
C GLU G 29 32.05 35.79 10.68
N GLY G 30 31.93 36.34 11.89
CA GLY G 30 30.93 37.35 12.19
C GLY G 30 29.51 36.82 12.24
N HIS G 31 29.35 35.55 12.64
CA HIS G 31 28.04 34.93 12.73
C HIS G 31 27.87 34.30 14.12
N LEU G 32 27.33 35.05 15.08
CA LEU G 32 27.08 34.51 16.42
C LEU G 32 25.60 34.08 16.56
N ASP G 33 25.34 33.00 17.31
CA ASP G 33 24.02 32.46 17.63
C ASP G 33 24.04 31.78 19.02
N PHE G 34 22.88 31.41 19.57
CA PHE G 34 22.82 30.76 20.86
C PHE G 34 21.81 29.63 20.90
N VAL G 35 22.05 28.65 21.77
CA VAL G 35 21.15 27.52 21.91
C VAL G 35 20.85 27.38 23.39
N ILE G 36 19.58 27.44 23.77
CA ILE G 36 19.19 27.22 25.15
C ILE G 36 19.10 25.71 25.23
N ILE G 37 20.13 25.06 25.78
CA ILE G 37 20.24 23.59 25.88
C ILE G 37 18.94 22.87 26.27
N PRO G 38 18.25 23.28 27.37
CA PRO G 38 17.02 22.58 27.76
C PRO G 38 15.87 22.70 26.79
N HIS G 39 15.79 23.83 26.11
CA HIS G 39 14.75 24.07 25.11
C HIS G 39 14.98 23.14 23.93
N TYR G 40 16.23 22.97 23.51
CA TYR G 40 16.54 22.11 22.39
C TYR G 40 16.12 20.67 22.68
N THR G 41 16.53 20.12 23.84
CA THR G 41 16.20 18.75 24.24
C THR G 41 14.68 18.59 24.33
N PHE G 42 13.98 19.56 24.93
CA PHE G 42 12.53 19.50 25.11
C PHE G 42 11.78 19.42 23.80
N LEU G 43 12.05 20.35 22.88
CA LEU G 43 11.40 20.33 21.58
C LEU G 43 11.76 19.05 20.78
N ASP G 44 12.99 18.54 20.97
CA ASP G 44 13.43 17.33 20.28
C ASP G 44 12.72 16.10 20.83
N TYR G 45 12.46 16.07 22.14
CA TYR G 45 11.77 14.95 22.78
C TYR G 45 10.35 14.82 22.21
N TYR G 46 9.65 15.96 22.08
CA TYR G 46 8.31 15.97 21.54
C TYR G 46 8.30 15.78 20.03
N LYS G 47 9.41 16.05 19.33
CA LYS G 47 9.53 15.79 17.91
C LYS G 47 9.51 14.27 17.72
N HIS G 48 10.27 13.52 18.54
CA HIS G 48 10.35 12.07 18.50
C HIS G 48 9.08 11.39 18.97
N LEU G 49 8.40 11.99 19.95
CA LEU G 49 7.13 11.44 20.44
C LEU G 49 6.09 11.49 19.34
N SER G 50 6.07 12.58 18.57
CA SER G 50 5.15 12.80 17.48
C SER G 50 5.31 11.74 16.41
N TYR G 51 6.52 11.58 15.91
CA TYR G 51 6.79 10.61 14.86
C TYR G 51 6.51 9.20 15.30
N ASN G 52 6.85 8.88 16.53
CA ASN G 52 6.64 7.56 17.09
C ASN G 52 5.16 7.19 17.16
N SER G 53 4.32 8.16 17.50
CA SER G 53 2.88 7.94 17.63
C SER G 53 2.22 7.76 16.24
N ILE G 54 2.63 8.59 15.25
CA ILE G 54 2.04 8.47 13.92
C ILE G 54 2.57 7.25 13.18
N TYR G 55 3.80 6.78 13.49
CA TYR G 55 4.38 5.64 12.79
C TYR G 55 3.87 4.30 13.27
N HIS G 56 3.36 4.24 14.50
CA HIS G 56 2.86 3.02 15.15
C HIS G 56 1.95 2.16 14.30
N LYS G 57 0.91 2.78 13.72
CA LYS G 57 -0.10 2.20 12.84
C LYS G 57 0.16 2.72 11.43
N SER G 58 -0.14 1.91 10.41
CA SER G 58 0.10 2.29 9.02
C SER G 58 -0.82 3.42 8.60
N SER G 59 -2.12 3.32 8.93
CA SER G 59 -3.10 4.37 8.63
C SER G 59 -2.61 5.81 8.95
N THR G 60 -1.82 5.96 10.02
CA THR G 60 -1.33 7.24 10.44
C THR G 60 0.07 7.65 9.96
N TYR G 61 0.83 6.83 9.15
CA TYR G 61 2.19 7.25 8.71
C TYR G 61 2.16 8.59 8.01
N GLY G 62 1.23 8.75 7.07
CA GLY G 62 1.08 9.94 6.26
C GLY G 62 0.95 11.23 7.04
N LYS G 63 0.57 11.15 8.32
CA LYS G 63 0.48 12.33 9.15
C LYS G 63 1.83 13.02 9.34
N TYR G 64 2.97 12.41 8.97
CA TYR G 64 4.28 13.04 9.14
C TYR G 64 4.36 14.36 8.39
N ILE G 65 3.58 14.55 7.30
CA ILE G 65 3.53 15.79 6.49
C ILE G 65 3.12 16.94 7.41
N ALA G 66 2.04 16.72 8.17
CA ALA G 66 1.47 17.69 9.09
C ALA G 66 2.39 17.94 10.24
N VAL G 67 3.05 16.89 10.75
CA VAL G 67 3.98 17.02 11.88
C VAL G 67 5.17 17.85 11.47
N ASP G 68 5.71 17.59 10.28
CA ASP G 68 6.83 18.34 9.73
C ASP G 68 6.44 19.84 9.61
N ALA G 69 5.23 20.11 9.09
CA ALA G 69 4.72 21.46 8.92
C ALA G 69 4.58 22.18 10.25
N PHE G 70 4.07 21.46 11.28
CA PHE G 70 3.88 22.03 12.61
C PHE G 70 5.19 22.34 13.26
N ILE G 71 6.16 21.42 13.15
CA ILE G 71 7.48 21.63 13.73
C ILE G 71 8.16 22.85 13.11
N LYS G 72 7.95 23.07 11.80
CA LYS G 72 8.46 24.26 11.11
C LYS G 72 7.82 25.51 11.71
N LYS G 73 6.51 25.46 12.06
CA LYS G 73 5.85 26.61 12.71
C LYS G 73 6.47 26.86 14.08
N ILE G 74 6.82 25.79 14.83
CA ILE G 74 7.44 25.91 16.14
C ILE G 74 8.81 26.58 16.02
N ASN G 75 9.61 26.17 15.03
CA ASN G 75 10.92 26.75 14.80
C ASN G 75 10.81 28.20 14.35
N GLU G 76 9.93 28.51 13.39
CA GLU G 76 9.74 29.88 12.95
C GLU G 76 9.29 30.79 14.10
N ALA G 77 8.42 30.26 14.99
CA ALA G 77 7.91 31.01 16.14
C ALA G 77 9.00 31.27 17.19
N TYR G 78 9.81 30.25 17.46
CA TYR G 78 10.90 30.35 18.43
C TYR G 78 12.00 31.29 17.91
N ASP G 79 12.27 31.25 16.59
CA ASP G 79 13.24 32.13 15.95
C ASP G 79 12.80 33.60 16.04
N LYS G 80 11.48 33.87 15.96
CA LYS G 80 10.93 35.21 16.09
C LYS G 80 11.24 35.77 17.50
N VAL G 81 11.24 34.91 18.53
CA VAL G 81 11.54 35.31 19.90
C VAL G 81 13.06 35.57 20.07
N LYS G 82 13.91 34.69 19.48
CA LYS G 82 15.37 34.85 19.49
C LYS G 82 15.75 36.15 18.79
N SER G 83 15.07 36.47 17.67
CA SER G 83 15.31 37.66 16.86
C SER G 83 15.06 38.97 17.59
N LYS G 84 14.37 38.94 18.75
CA LYS G 84 14.16 40.17 19.52
C LYS G 84 15.52 40.63 20.09
N CYS G 85 16.33 39.68 20.51
CA CYS G 85 17.66 39.95 21.04
C CYS G 85 18.71 40.14 19.94
N ASN G 86 18.31 40.50 18.70
CA ASN G 86 19.25 40.62 17.59
C ASN G 86 20.10 41.85 17.64
N ASP G 87 19.61 42.93 18.22
CA ASP G 87 20.37 44.17 18.31
C ASP G 87 21.56 43.98 19.25
N ILE G 88 21.30 43.33 20.39
CA ILE G 88 22.31 43.03 21.41
C ILE G 88 23.32 42.02 20.87
N LYS G 89 22.85 41.03 20.09
CA LYS G 89 23.69 40.01 19.47
C LYS G 89 24.60 40.64 18.42
N ASN G 90 24.06 41.52 17.56
CA ASN G 90 24.84 42.19 16.54
C ASN G 90 25.87 43.18 17.09
N ASP G 91 25.61 43.70 18.30
CA ASP G 91 26.51 44.58 19.03
C ASP G 91 27.69 43.76 19.53
N LEU G 92 27.43 42.58 20.08
CA LEU G 92 28.47 41.69 20.55
C LEU G 92 29.30 41.14 19.38
N ILE G 93 28.67 40.94 18.20
CA ILE G 93 29.37 40.48 17.00
C ILE G 93 30.36 41.56 16.55
N ALA G 94 29.93 42.83 16.58
CA ALA G 94 30.77 43.98 16.22
C ALA G 94 31.96 44.14 17.17
N THR G 95 31.75 43.85 18.48
CA THR G 95 32.78 43.91 19.51
C THR G 95 33.81 42.80 19.29
N ILE G 96 33.34 41.56 19.12
CA ILE G 96 34.20 40.41 18.89
C ILE G 96 35.01 40.61 17.59
N LYS G 97 34.40 41.25 16.57
CA LYS G 97 35.07 41.53 15.30
C LYS G 97 36.30 42.45 15.53
N LYS G 98 36.13 43.48 16.38
CA LYS G 98 37.20 44.43 16.72
C LYS G 98 38.30 43.76 17.53
N LEU G 99 37.93 42.86 18.45
CA LEU G 99 38.89 42.11 19.25
C LEU G 99 39.70 41.10 18.41
N GLU G 100 39.20 40.72 17.22
CA GLU G 100 39.86 39.79 16.34
C GLU G 100 40.69 40.52 15.27
N HIS G 101 41.43 41.58 15.68
CA HIS G 101 42.31 42.39 14.82
C HIS G 101 43.64 42.64 15.52
N LYS G 114 41.89 47.96 24.85
CA LYS G 114 41.58 46.96 25.86
C LYS G 114 40.06 46.83 26.09
N MET G 115 39.30 46.63 24.98
CA MET G 115 37.83 46.50 25.04
C MET G 115 37.29 45.18 25.54
N MET G 116 38.16 44.34 26.12
CA MET G 116 37.85 43.02 26.70
C MET G 116 36.73 43.17 27.76
N ASP G 117 36.77 44.26 28.53
CA ASP G 117 35.77 44.56 29.56
C ASP G 117 34.40 44.86 28.91
N GLU G 118 34.42 45.52 27.75
CA GLU G 118 33.24 45.86 26.94
C GLU G 118 32.60 44.59 26.35
N TYR G 119 33.42 43.58 26.01
CA TYR G 119 32.96 42.30 25.49
C TYR G 119 32.17 41.59 26.57
N ASN G 120 32.70 41.55 27.80
CA ASN G 120 32.04 40.86 28.91
C ASN G 120 30.68 41.47 29.22
N THR G 121 30.58 42.81 29.23
CA THR G 121 29.34 43.50 29.50
C THR G 121 28.31 43.31 28.38
N LYS G 122 28.78 43.24 27.11
CA LYS G 122 27.85 43.01 25.98
C LYS G 122 27.40 41.53 25.90
N LYS G 123 28.22 40.59 26.43
CA LYS G 123 27.90 39.17 26.51
C LYS G 123 26.87 38.94 27.60
N LYS G 124 27.05 39.60 28.76
CA LYS G 124 26.09 39.54 29.86
C LYS G 124 24.73 40.14 29.41
N LYS G 125 24.79 41.20 28.59
CA LYS G 125 23.64 41.91 28.04
C LYS G 125 22.77 41.01 27.16
N LEU G 126 23.42 40.14 26.39
CA LEU G 126 22.73 39.21 25.51
C LEU G 126 22.02 38.15 26.35
N ILE G 127 22.73 37.56 27.32
CA ILE G 127 22.18 36.59 28.25
C ILE G 127 20.99 37.15 29.00
N LYS G 128 21.07 38.43 29.40
CA LYS G 128 19.99 39.08 30.10
C LYS G 128 18.69 39.06 29.30
N CYS G 129 18.68 39.61 28.07
CA CYS G 129 17.43 39.63 27.29
C CYS G 129 16.93 38.24 26.89
N ILE G 130 17.82 37.22 26.92
CA ILE G 130 17.37 35.86 26.66
C ILE G 130 16.50 35.44 27.85
N LYS G 131 17.00 35.65 29.07
CA LYS G 131 16.25 35.35 30.29
C LYS G 131 14.99 36.18 30.41
N ASN G 132 14.93 37.35 29.74
CA ASN G 132 13.76 38.23 29.73
C ASN G 132 12.65 37.56 28.91
N HIS G 133 13.01 37.01 27.74
CA HIS G 133 12.01 36.35 26.90
C HIS G 133 11.72 34.92 27.30
N GLU G 134 12.09 34.52 28.52
CA GLU G 134 11.90 33.20 29.09
C GLU G 134 10.50 32.65 28.87
N ASN G 135 9.45 33.40 29.22
CA ASN G 135 8.08 32.91 29.08
C ASN G 135 7.55 32.95 27.66
N ASP G 136 8.17 33.75 26.77
CA ASP G 136 7.78 33.77 25.37
C ASP G 136 8.21 32.45 24.69
N PHE G 137 9.42 31.94 25.07
CA PHE G 137 9.97 30.68 24.59
C PHE G 137 9.21 29.54 25.22
N ASN G 138 8.89 29.64 26.54
CA ASN G 138 8.16 28.62 27.29
C ASN G 138 6.80 28.36 26.70
N LYS G 139 6.13 29.38 26.17
CA LYS G 139 4.81 29.23 25.56
C LYS G 139 4.92 28.35 24.31
N ILE G 140 5.97 28.56 23.50
CA ILE G 140 6.22 27.77 22.29
C ILE G 140 6.52 26.33 22.66
N CYS G 141 7.39 26.12 23.65
CA CYS G 141 7.79 24.80 24.16
C CYS G 141 6.57 24.05 24.65
N MET G 142 5.71 24.72 25.42
CA MET G 142 4.49 24.13 25.94
C MET G 142 3.51 23.70 24.84
N ASP G 143 3.35 24.53 23.79
CA ASP G 143 2.52 24.19 22.64
C ASP G 143 3.06 22.94 21.93
N MET G 144 4.41 22.81 21.87
CA MET G 144 5.05 21.64 21.27
C MET G 144 4.76 20.39 22.10
N LYS G 145 4.82 20.50 23.45
CA LYS G 145 4.51 19.40 24.35
C LYS G 145 3.07 18.94 24.10
N ASN G 146 2.14 19.89 23.98
CA ASN G 146 0.72 19.61 23.71
C ASN G 146 0.53 18.89 22.39
N TYR G 147 1.24 19.29 21.33
CA TYR G 147 1.07 18.69 20.02
C TYR G 147 1.46 17.23 20.01
N GLY G 148 2.66 16.93 20.50
CA GLY G 148 3.20 15.57 20.58
C GLY G 148 2.42 14.73 21.55
N THR G 149 1.97 15.32 22.66
CA THR G 149 1.17 14.60 23.63
C THR G 149 -0.19 14.24 23.05
N ASN G 150 -0.82 15.13 22.22
CA ASN G 150 -2.08 14.78 21.58
C ASN G 150 -1.90 13.59 20.67
N LEU G 151 -0.79 13.54 19.92
CA LEU G 151 -0.55 12.42 19.03
C LEU G 151 -0.33 11.16 19.84
N PHE G 152 0.46 11.25 20.93
CA PHE G 152 0.80 10.15 21.82
C PHE G 152 -0.45 9.52 22.44
N GLU G 153 -1.42 10.37 22.79
CA GLU G 153 -2.69 9.99 23.40
C GLU G 153 -3.64 9.27 22.46
N GLN G 154 -3.52 9.51 21.14
CA GLN G 154 -4.33 8.80 20.15
C GLN G 154 -3.40 7.74 19.62
N LEU G 155 -3.31 6.60 20.27
CA LEU G 155 -2.39 5.56 19.87
C LEU G 155 -3.18 4.29 19.96
N SER G 156 -3.76 3.80 18.87
CA SER G 156 -4.56 2.57 18.91
C SER G 156 -3.67 1.31 19.09
N CYS G 157 -4.31 0.16 19.41
CA CYS G 157 -3.53 -1.02 19.56
C CYS G 157 -4.12 -2.34 19.01
N TYR G 158 -5.41 -2.46 18.67
CA TYR G 158 -6.00 -3.72 18.17
C TYR G 158 -6.15 -4.72 19.34
N ASN G 159 -5.05 -5.07 20.08
CA ASN G 159 -5.21 -5.94 21.21
C ASN G 159 -4.92 -5.30 22.51
N ASN G 160 -3.91 -4.42 22.60
CA ASN G 160 -3.63 -3.74 23.87
C ASN G 160 -2.81 -4.61 24.83
N ASN G 161 -2.97 -5.91 24.75
CA ASN G 161 -2.12 -6.83 25.48
C ASN G 161 -0.92 -7.22 24.54
N PHE G 162 -1.09 -7.00 23.21
CA PHE G 162 -0.09 -7.23 22.19
C PHE G 162 -0.20 -5.99 21.30
N CYS G 163 0.76 -5.05 21.48
CA CYS G 163 0.87 -3.78 20.76
C CYS G 163 2.12 -3.88 19.92
N ASN G 164 2.02 -3.66 18.60
CA ASN G 164 3.17 -3.80 17.73
C ASN G 164 4.22 -2.76 17.88
N THR G 165 5.47 -3.20 18.01
CA THR G 165 6.57 -2.26 18.14
C THR G 165 7.07 -1.85 16.79
N ASN G 166 6.14 -1.62 15.82
CA ASN G 166 6.51 -1.25 14.46
C ASN G 166 6.94 0.17 14.40
N GLY G 167 6.18 1.04 15.07
CA GLY G 167 6.45 2.46 15.12
C GLY G 167 7.83 2.76 15.69
N ILE G 168 8.25 1.96 16.70
CA ILE G 168 9.57 2.13 17.30
C ILE G 168 10.65 1.86 16.28
N ARG G 169 10.60 0.69 15.56
CA ARG G 169 11.65 0.45 14.56
C ARG G 169 11.57 1.41 13.38
N TYR G 170 10.40 1.61 12.72
CA TYR G 170 10.29 2.51 11.57
C TYR G 170 10.87 3.85 11.82
N HIS G 171 10.58 4.41 13.00
CA HIS G 171 11.12 5.69 13.42
C HIS G 171 12.61 5.58 13.66
N TYR G 172 13.08 4.63 14.54
CA TYR G 172 14.48 4.42 14.86
C TYR G 172 15.30 4.32 13.59
N ASP G 173 14.94 3.38 12.71
CA ASP G 173 15.60 3.14 11.45
C ASP G 173 15.71 4.39 10.60
N GLU G 174 14.62 5.18 10.44
CA GLU G 174 14.73 6.36 9.57
C GLU G 174 15.46 7.50 10.26
N TYR G 175 14.96 7.98 11.36
CA TYR G 175 15.54 9.15 12.02
C TYR G 175 16.82 8.95 12.88
N ILE G 176 16.91 7.89 13.70
CA ILE G 176 18.02 7.77 14.66
C ILE G 176 19.17 6.85 14.28
N HIS G 177 18.89 5.72 13.63
CA HIS G 177 19.92 4.74 13.31
C HIS G 177 21.09 5.29 12.53
N LYS G 178 20.80 6.05 11.50
CA LYS G 178 21.81 6.68 10.66
C LYS G 178 22.81 7.54 11.48
N LEU G 179 22.30 8.31 12.45
CA LEU G 179 23.09 9.17 13.34
C LEU G 179 24.00 8.37 14.22
N ILE G 180 23.54 7.21 14.69
CA ILE G 180 24.34 6.31 15.53
C ILE G 180 25.58 5.88 14.75
N LEU G 181 25.38 5.47 13.50
CA LEU G 181 26.46 5.01 12.64
C LEU G 181 27.44 6.11 12.25
N SER G 182 26.97 7.36 12.00
CA SER G 182 27.88 8.46 11.65
C SER G 182 28.82 8.74 12.81
N VAL G 183 28.28 8.77 14.02
CA VAL G 183 29.05 9.02 15.24
C VAL G 183 29.99 7.86 15.56
N LYS G 184 29.54 6.62 15.33
CA LYS G 184 30.38 5.43 15.56
C LYS G 184 31.64 5.47 14.69
N SER G 185 31.50 5.94 13.45
CA SER G 185 32.61 6.04 12.51
C SER G 185 33.55 7.23 12.81
N LYS G 186 33.02 8.28 13.43
CA LYS G 186 33.76 9.51 13.67
C LYS G 186 34.96 9.43 14.63
N ASN G 187 34.87 8.68 15.76
CA ASN G 187 35.96 8.66 16.76
C ASN G 187 36.16 10.07 17.31
N LEU G 188 35.20 10.52 18.10
CA LEU G 188 35.18 11.87 18.69
C LEU G 188 36.28 12.11 19.74
N ASN G 189 36.95 11.06 20.20
CA ASN G 189 38.02 11.19 21.17
C ASN G 189 39.30 11.65 20.48
N LYS G 190 39.55 11.15 19.26
CA LYS G 190 40.69 11.58 18.46
C LYS G 190 40.51 13.05 18.08
N ASP G 191 39.28 13.48 17.76
CA ASP G 191 38.96 14.87 17.43
C ASP G 191 39.35 15.78 18.60
N LEU G 192 39.06 15.34 19.85
CA LEU G 192 39.36 16.06 21.08
C LEU G 192 40.87 16.11 21.32
N SER G 193 41.57 14.99 21.04
CA SER G 193 43.01 14.90 21.19
C SER G 193 43.69 15.87 20.24
N ASP G 194 43.20 15.96 18.99
CA ASP G 194 43.73 16.89 17.98
C ASP G 194 43.49 18.36 18.35
N MET G 195 42.44 18.63 19.11
CA MET G 195 42.12 19.97 19.58
C MET G 195 42.99 20.38 20.74
N THR G 196 43.45 19.43 21.57
CA THR G 196 44.36 19.77 22.67
C THR G 196 45.70 20.16 22.08
N ASN G 197 46.17 19.44 21.05
CA ASN G 197 47.42 19.73 20.36
C ASN G 197 47.38 21.15 19.77
N ILE G 198 46.25 21.57 19.24
CA ILE G 198 46.09 22.90 18.69
C ILE G 198 46.24 23.95 19.80
N LEU G 199 45.59 23.73 20.94
CA LEU G 199 45.65 24.62 22.09
C LEU G 199 47.04 24.63 22.76
N GLN G 200 47.77 23.51 22.68
CA GLN G 200 49.12 23.38 23.22
C GLN G 200 50.11 24.14 22.34
N GLN G 201 49.94 24.07 21.00
CA GLN G 201 50.81 24.78 20.06
C GLN G 201 50.63 26.27 20.25
N SER G 202 49.38 26.72 20.40
CA SER G 202 49.08 28.12 20.61
C SER G 202 49.58 28.57 21.99
N GLU G 203 49.48 27.71 23.01
CA GLU G 203 49.92 28.01 24.37
C GLU G 203 51.45 28.15 24.44
N LEU G 204 52.18 27.38 23.61
CA LEU G 204 53.63 27.44 23.57
C LEU G 204 54.07 28.71 22.85
N LEU G 205 53.42 29.03 21.73
CA LEU G 205 53.72 30.23 20.94
C LEU G 205 53.43 31.49 21.77
N LEU G 206 52.33 31.47 22.55
CA LEU G 206 51.87 32.55 23.41
C LEU G 206 52.88 32.81 24.51
N THR G 207 53.43 31.75 25.11
CA THR G 207 54.42 31.90 26.19
C THR G 207 55.81 32.26 25.64
N ASN G 208 56.14 31.81 24.42
CA ASN G 208 57.40 32.15 23.76
C ASN G 208 57.42 33.61 23.34
N LEU G 209 56.27 34.16 22.94
CA LEU G 209 56.17 35.56 22.57
C LEU G 209 56.31 36.39 23.83
N ASN G 210 55.59 36.02 24.92
CA ASN G 210 55.63 36.72 26.20
C ASN G 210 57.02 36.74 26.83
N LYS G 211 57.72 35.59 26.79
CA LYS G 211 59.07 35.45 27.36
C LYS G 211 60.12 36.12 26.47
N LYS G 212 60.15 35.78 25.18
CA LYS G 212 61.15 36.33 24.27
C LYS G 212 60.83 37.76 23.79
N MET G 213 59.91 37.92 22.83
CA MET G 213 59.60 39.24 22.29
C MET G 213 58.16 39.66 22.52
N GLY G 214 57.86 40.15 23.72
CA GLY G 214 56.52 40.62 24.06
C GLY G 214 56.16 41.96 23.44
N SER G 215 57.12 42.64 22.80
CA SER G 215 56.94 43.94 22.15
C SER G 215 56.29 43.77 20.76
N TYR G 216 55.28 42.90 20.66
CA TYR G 216 54.63 42.63 19.39
C TYR G 216 53.22 43.14 19.32
N ILE G 217 52.77 43.44 18.11
CA ILE G 217 51.40 43.83 17.83
C ILE G 217 50.55 42.53 17.81
N TYR G 218 49.25 42.63 18.16
CA TYR G 218 48.28 41.53 18.17
C TYR G 218 48.53 40.45 19.22
N ILE G 219 49.37 40.71 20.23
CA ILE G 219 49.63 39.71 21.27
C ILE G 219 48.40 39.45 22.14
N ASP G 220 47.61 40.51 22.39
CA ASP G 220 46.38 40.46 23.17
C ASP G 220 45.28 39.73 22.43
N THR G 221 45.20 39.91 21.10
CA THR G 221 44.20 39.24 20.28
C THR G 221 44.46 37.73 20.23
N ILE G 222 45.74 37.31 20.25
CA ILE G 222 46.11 35.88 20.27
C ILE G 222 45.66 35.28 21.60
N LYS G 223 45.94 36.00 22.71
CA LYS G 223 45.59 35.59 24.07
C LYS G 223 44.08 35.45 24.22
N PHE G 224 43.32 36.36 23.60
CA PHE G 224 41.85 36.35 23.66
C PHE G 224 41.28 35.17 22.87
N ILE G 225 41.76 34.97 21.64
CA ILE G 225 41.30 33.89 20.78
C ILE G 225 41.61 32.53 21.41
N HIS G 226 42.81 32.38 21.97
CA HIS G 226 43.18 31.12 22.63
C HIS G 226 42.35 30.90 23.88
N LYS G 227 42.02 31.97 24.62
CA LYS G 227 41.19 31.85 25.81
C LYS G 227 39.77 31.44 25.44
N GLU G 228 39.25 32.01 24.36
CA GLU G 228 37.91 31.69 23.87
C GLU G 228 37.86 30.26 23.32
N MET G 229 38.90 29.83 22.60
CA MET G 229 39.03 28.50 22.05
C MET G 229 39.21 27.43 23.12
N LYS G 230 39.81 27.80 24.25
CA LYS G 230 39.99 26.87 25.37
C LYS G 230 38.63 26.54 25.99
N HIS G 231 37.74 27.52 26.08
CA HIS G 231 36.40 27.32 26.66
C HIS G 231 35.44 26.63 25.69
N ILE G 232 35.64 26.82 24.36
CA ILE G 232 34.89 26.11 23.32
C ILE G 232 35.22 24.63 23.43
N PHE G 233 36.52 24.33 23.61
CA PHE G 233 37.02 22.96 23.76
C PHE G 233 36.35 22.26 24.95
N ASN G 234 36.21 22.94 26.08
CA ASN G 234 35.60 22.34 27.25
C ASN G 234 34.13 22.00 27.02
N ARG G 235 33.41 22.84 26.24
CA ARG G 235 32.02 22.58 25.91
C ARG G 235 31.88 21.43 24.92
N ILE G 236 32.84 21.27 24.00
CA ILE G 236 32.90 20.16 23.06
C ILE G 236 33.20 18.88 23.84
N GLU G 237 34.15 18.96 24.79
CA GLU G 237 34.55 17.87 25.67
C GLU G 237 33.36 17.34 26.48
N TYR G 238 32.43 18.25 26.86
CA TYR G 238 31.22 17.91 27.62
C TYR G 238 30.24 17.16 26.74
N HIS G 239 29.94 17.70 25.56
CA HIS G 239 29.00 17.11 24.64
C HIS G 239 29.46 15.78 24.10
N THR G 240 30.76 15.63 23.78
CA THR G 240 31.28 14.35 23.29
C THR G 240 31.16 13.26 24.35
N LYS G 241 31.23 13.62 25.64
CA LYS G 241 31.09 12.66 26.73
C LYS G 241 29.66 12.11 26.72
N ILE G 242 28.67 12.99 26.52
CA ILE G 242 27.26 12.60 26.44
C ILE G 242 27.00 11.72 25.24
N ILE G 243 27.44 12.15 24.03
CA ILE G 243 27.27 11.38 22.81
C ILE G 243 27.82 9.98 22.96
N ASN G 244 29.02 9.86 23.55
CA ASN G 244 29.69 8.59 23.76
C ASN G 244 28.83 7.59 24.50
N ASP G 245 28.31 7.93 25.68
CA ASP G 245 27.52 6.96 26.43
C ASP G 245 26.10 6.84 25.91
N LYS G 246 25.50 7.95 25.44
CA LYS G 246 24.16 7.89 24.87
C LYS G 246 24.11 7.04 23.60
N THR G 247 25.22 6.91 22.88
CA THR G 247 25.28 6.04 21.71
C THR G 247 25.15 4.59 22.19
N LYS G 248 25.88 4.22 23.26
CA LYS G 248 25.84 2.87 23.83
C LYS G 248 24.43 2.59 24.35
N ILE G 249 23.87 3.53 25.14
CA ILE G 249 22.53 3.38 25.71
C ILE G 249 21.46 3.16 24.63
N ILE G 250 21.37 4.06 23.64
CA ILE G 250 20.40 3.93 22.54
C ILE G 250 20.53 2.60 21.81
N GLN G 251 21.75 2.17 21.53
CA GLN G 251 22.01 0.92 20.84
C GLN G 251 21.61 -0.31 21.63
N ASP G 252 21.75 -0.25 22.95
CA ASP G 252 21.39 -1.37 23.80
C ASP G 252 19.88 -1.44 23.99
N LYS G 253 19.27 -0.26 24.23
CA LYS G 253 17.86 -0.14 24.52
C LYS G 253 17.00 -0.49 23.34
N ILE G 254 17.35 0.02 22.14
CA ILE G 254 16.56 -0.22 20.95
C ILE G 254 16.38 -1.71 20.68
N LYS G 255 17.42 -2.52 20.97
CA LYS G 255 17.34 -3.96 20.77
C LYS G 255 16.17 -4.61 21.53
N LEU G 256 15.83 -4.02 22.69
CA LEU G 256 14.82 -4.56 23.61
C LEU G 256 13.42 -4.10 23.36
N ASN G 257 13.24 -3.05 22.55
CA ASN G 257 11.92 -2.51 22.26
C ASN G 257 11.67 -2.57 20.74
N ILE G 258 12.05 -3.69 20.09
CA ILE G 258 11.97 -3.68 18.64
C ILE G 258 11.24 -4.88 18.00
N TRP G 259 11.43 -6.16 18.43
CA TRP G 259 10.66 -7.21 17.77
C TRP G 259 9.79 -7.93 18.81
N ARG G 260 9.11 -7.12 19.63
CA ARG G 260 8.25 -7.49 20.76
C ARG G 260 6.76 -7.06 20.57
N THR G 261 5.91 -7.37 21.53
CA THR G 261 4.53 -6.91 21.58
C THR G 261 4.26 -6.56 23.03
N PHE G 262 4.39 -5.26 23.33
CA PHE G 262 4.15 -4.81 24.68
C PHE G 262 2.66 -4.60 24.97
N GLN G 263 2.28 -4.54 26.24
CA GLN G 263 0.92 -4.16 26.63
C GLN G 263 0.92 -2.64 26.48
N LYS G 264 -0.18 -2.02 26.02
CA LYS G 264 -0.24 -0.58 25.75
C LYS G 264 0.50 0.29 26.78
N ASP G 265 0.25 0.08 28.09
CA ASP G 265 0.92 0.82 29.17
C ASP G 265 2.45 0.76 29.06
N GLU G 266 2.97 -0.45 28.85
CA GLU G 266 4.40 -0.69 28.69
C GLU G 266 4.95 -0.18 27.37
N LEU G 267 4.14 -0.27 26.30
CA LEU G 267 4.50 0.22 24.97
C LEU G 267 4.73 1.72 25.03
N LEU G 268 3.79 2.46 25.66
CA LEU G 268 3.86 3.89 25.80
C LEU G 268 5.06 4.29 26.62
N LYS G 269 5.35 3.54 27.71
CA LYS G 269 6.50 3.77 28.57
C LYS G 269 7.81 3.71 27.76
N ARG G 270 7.92 2.71 26.82
CA ARG G 270 9.11 2.57 26.00
C ARG G 270 9.25 3.72 25.06
N ILE G 271 8.16 4.15 24.41
CA ILE G 271 8.19 5.29 23.49
C ILE G 271 8.72 6.54 24.18
N LEU G 272 8.30 6.78 25.43
CA LEU G 272 8.76 7.94 26.17
C LEU G 272 10.26 7.80 26.49
N ASP G 273 10.66 6.61 26.95
CA ASP G 273 12.04 6.31 27.33
C ASP G 273 12.98 6.50 26.17
N MET G 274 12.58 5.99 25.01
CA MET G 274 13.38 6.11 23.82
C MET G 274 13.45 7.56 23.39
N SER G 275 12.30 8.25 23.28
CA SER G 275 12.25 9.67 22.91
C SER G 275 13.15 10.52 23.82
N ASN G 276 13.36 10.08 25.07
CA ASN G 276 14.22 10.79 26.01
C ASN G 276 15.69 10.57 25.66
N GLU G 277 16.09 9.30 25.47
CA GLU G 277 17.45 8.95 25.12
C GLU G 277 17.83 9.59 23.78
N TYR G 278 16.92 9.56 22.79
CA TYR G 278 17.12 10.16 21.47
C TYR G 278 17.36 11.67 21.63
N SER G 279 16.51 12.36 22.42
CA SER G 279 16.61 13.81 22.61
C SER G 279 17.93 14.28 23.24
N LEU G 280 18.42 13.59 24.29
CA LEU G 280 19.68 13.96 24.93
C LEU G 280 20.83 13.76 23.96
N PHE G 281 20.80 12.65 23.19
CA PHE G 281 21.81 12.33 22.22
C PHE G 281 21.84 13.36 21.09
N ILE G 282 20.69 13.64 20.48
CA ILE G 282 20.63 14.56 19.35
C ILE G 282 21.02 15.97 19.76
N THR G 283 20.69 16.38 20.99
CA THR G 283 21.06 17.71 21.48
C THR G 283 22.59 17.85 21.57
N SER G 284 23.24 16.95 22.32
CA SER G 284 24.68 16.99 22.52
C SER G 284 25.42 16.76 21.22
N ASP G 285 24.89 15.93 20.31
CA ASP G 285 25.53 15.71 19.01
C ASP G 285 25.46 16.95 18.13
N HIS G 286 24.28 17.57 18.07
CA HIS G 286 24.07 18.77 17.28
C HIS G 286 24.97 19.90 17.77
N LEU G 287 25.00 20.12 19.08
CA LEU G 287 25.82 21.16 19.67
C LEU G 287 27.30 20.92 19.53
N ARG G 288 27.75 19.65 19.66
CA ARG G 288 29.16 19.31 19.51
C ARG G 288 29.64 19.67 18.11
N GLN G 289 28.81 19.37 17.09
CA GLN G 289 29.18 19.67 15.71
C GLN G 289 29.22 21.16 15.48
N MET G 290 28.29 21.91 16.07
CA MET G 290 28.27 23.36 15.90
C MET G 290 29.48 24.00 16.56
N LEU G 291 29.81 23.57 17.79
CA LEU G 291 30.96 24.06 18.57
C LEU G 291 32.27 23.70 17.89
N TYR G 292 32.31 22.54 17.24
CA TYR G 292 33.48 22.06 16.50
C TYR G 292 33.78 23.04 15.37
N ASN G 293 32.74 23.49 14.65
CA ASN G 293 32.88 24.45 13.56
C ASN G 293 33.36 25.79 14.05
N THR G 294 32.91 26.21 15.25
CA THR G 294 33.31 27.50 15.82
C THR G 294 34.76 27.43 16.32
N PHE G 295 35.19 26.26 16.85
CA PHE G 295 36.56 26.10 17.34
C PHE G 295 37.52 26.24 16.16
N TYR G 296 37.21 25.59 15.03
CA TYR G 296 38.05 25.67 13.86
C TYR G 296 37.87 26.99 13.07
N SER G 297 36.74 27.69 13.23
CA SER G 297 36.57 29.01 12.62
C SER G 297 37.46 30.00 13.38
N LYS G 298 37.50 29.90 14.72
CA LYS G 298 38.35 30.75 15.52
C LYS G 298 39.82 30.43 15.27
N GLU G 299 40.16 29.14 15.07
CA GLU G 299 41.55 28.75 14.74
C GLU G 299 41.97 29.23 13.34
N LYS G 300 41.00 29.47 12.43
CA LYS G 300 41.31 29.97 11.10
C LYS G 300 41.77 31.41 11.24
N HIS G 301 40.99 32.26 11.96
CA HIS G 301 41.36 33.67 12.19
C HIS G 301 42.68 33.78 12.99
N LEU G 302 42.92 32.81 13.88
CA LEU G 302 44.10 32.68 14.72
C LEU G 302 45.30 32.40 13.81
N ASN G 303 45.16 31.47 12.87
CA ASN G 303 46.24 31.13 11.92
C ASN G 303 46.50 32.23 10.89
N ASN G 304 45.52 33.12 10.65
CA ASN G 304 45.71 34.25 9.75
C ASN G 304 46.75 35.21 10.36
N ILE G 305 46.69 35.41 11.68
CA ILE G 305 47.66 36.25 12.39
C ILE G 305 49.00 35.56 12.38
N PHE G 306 49.02 34.26 12.66
CA PHE G 306 50.24 33.47 12.65
C PHE G 306 51.01 33.58 11.34
N HIS G 307 50.31 33.68 10.20
CA HIS G 307 50.99 33.84 8.92
C HIS G 307 51.72 35.17 8.85
N HIS G 308 51.09 36.25 9.37
CA HIS G 308 51.74 37.56 9.41
C HIS G 308 52.88 37.60 10.42
N LEU G 309 52.80 36.83 11.50
CA LEU G 309 53.84 36.74 12.50
C LEU G 309 55.08 36.07 11.92
N ILE G 310 54.90 35.03 11.10
CA ILE G 310 56.03 34.39 10.43
C ILE G 310 56.65 35.36 9.42
N TYR G 311 55.81 36.08 8.67
CA TYR G 311 56.19 37.09 7.69
C TYR G 311 57.04 38.19 8.38
N VAL G 312 56.59 38.68 9.55
CA VAL G 312 57.27 39.70 10.34
C VAL G 312 58.59 39.15 10.89
N LEU G 313 58.57 37.93 11.42
CA LEU G 313 59.76 37.28 11.96
C LEU G 313 60.86 37.14 10.92
N GLN G 314 60.49 36.92 9.66
CA GLN G 314 61.46 36.76 8.58
C GLN G 314 62.25 38.03 8.24
N MET G 315 61.55 39.12 7.88
CA MET G 315 62.16 40.38 7.50
C MET G 315 63.01 40.94 8.64
N LYS G 316 62.42 41.08 9.84
CA LYS G 316 63.15 41.56 10.99
C LYS G 316 63.74 40.41 11.78
N GLN H 1 -12.53 7.74 23.87
CA GLN H 1 -12.32 8.99 23.12
C GLN H 1 -12.60 10.23 24.01
N VAL H 2 -11.87 11.34 23.78
CA VAL H 2 -12.03 12.57 24.57
C VAL H 2 -13.42 13.14 24.38
N GLN H 3 -14.08 13.50 25.49
CA GLN H 3 -15.45 14.00 25.44
C GLN H 3 -15.67 15.15 26.40
N LEU H 4 -16.34 16.21 25.93
CA LEU H 4 -16.63 17.35 26.77
C LEU H 4 -18.13 17.43 27.03
N GLN H 5 -18.53 17.69 28.28
CA GLN H 5 -19.94 17.79 28.64
C GLN H 5 -20.23 18.94 29.58
N GLU H 6 -21.01 19.91 29.08
CA GLU H 6 -21.36 21.10 29.85
C GLU H 6 -22.58 20.86 30.71
N SER H 7 -22.55 21.39 31.91
CA SER H 7 -23.61 21.23 32.91
C SER H 7 -23.78 22.54 33.67
N GLY H 8 -24.95 23.15 33.53
CA GLY H 8 -25.19 24.45 34.14
C GLY H 8 -26.62 24.72 34.54
N PRO H 9 -26.90 26.00 34.89
CA PRO H 9 -28.25 26.35 35.35
C PRO H 9 -29.30 26.39 34.26
N GLY H 10 -28.95 26.94 33.11
CA GLY H 10 -29.88 27.05 31.99
C GLY H 10 -30.86 28.20 32.07
N LEU H 11 -30.94 28.86 33.23
CA LEU H 11 -31.80 30.02 33.43
C LEU H 11 -31.18 30.87 34.53
N VAL H 12 -30.69 32.07 34.18
CA VAL H 12 -30.08 32.96 35.15
C VAL H 12 -30.83 34.30 35.19
N LYS H 13 -31.15 34.79 36.40
CA LYS H 13 -31.85 36.05 36.56
C LYS H 13 -30.87 37.20 36.28
N PRO H 14 -31.36 38.28 35.63
CA PRO H 14 -30.46 39.40 35.29
C PRO H 14 -29.59 39.97 36.41
N SER H 15 -28.32 40.27 36.06
CA SER H 15 -27.26 40.81 36.93
C SER H 15 -26.62 39.78 37.86
N GLU H 16 -27.09 38.52 37.84
CA GLU H 16 -26.50 37.46 38.64
C GLU H 16 -25.34 36.80 37.88
N THR H 17 -24.58 35.91 38.54
CA THR H 17 -23.46 35.25 37.89
C THR H 17 -23.85 33.89 37.26
N LEU H 18 -23.65 33.77 35.94
CA LEU H 18 -23.93 32.54 35.19
C LEU H 18 -22.77 31.57 35.45
N SER H 19 -23.07 30.35 35.95
CA SER H 19 -22.01 29.39 36.25
C SER H 19 -22.21 28.03 35.63
N LEU H 20 -21.53 27.78 34.51
CA LEU H 20 -21.56 26.49 33.82
C LEU H 20 -20.24 25.81 34.07
N THR H 21 -20.24 24.48 34.10
CA THR H 21 -18.99 23.73 34.23
C THR H 21 -18.90 22.72 33.10
N CYS H 22 -17.69 22.38 32.72
CA CYS H 22 -17.46 21.40 31.69
C CYS H 22 -16.69 20.23 32.22
N THR H 23 -17.18 19.03 31.96
CA THR H 23 -16.56 17.82 32.49
C THR H 23 -15.80 17.02 31.41
N VAL H 24 -14.45 17.13 31.39
CA VAL H 24 -13.56 16.45 30.45
C VAL H 24 -13.43 14.98 30.81
N SER H 25 -14.12 14.13 30.05
CA SER H 25 -14.13 12.70 30.25
C SER H 25 -13.38 11.98 29.14
N GLY H 26 -12.76 10.86 29.47
CA GLY H 26 -11.99 10.10 28.50
C GLY H 26 -10.75 10.84 28.00
N GLY H 27 -10.13 11.59 28.88
CA GLY H 27 -8.95 12.36 28.54
C GLY H 27 -8.61 13.32 29.64
N SER H 28 -7.34 13.76 29.69
CA SER H 28 -6.90 14.68 30.75
C SER H 28 -6.97 16.16 30.36
N ILE H 29 -7.00 17.07 31.37
CA ILE H 29 -6.99 18.49 31.03
C ILE H 29 -5.59 18.89 30.68
N SER H 30 -4.65 18.68 31.64
CA SER H 30 -3.24 19.04 31.56
C SER H 30 -3.02 20.45 30.93
N THR H 31 -2.01 20.63 30.07
CA THR H 31 -1.69 21.95 29.54
C THR H 31 -2.44 22.35 28.25
N TYR H 32 -3.61 21.75 27.96
CA TYR H 32 -4.38 22.14 26.77
C TYR H 32 -5.12 23.46 26.96
N TYR H 33 -5.73 23.98 25.87
CA TYR H 33 -6.45 25.25 25.90
C TYR H 33 -7.95 24.98 25.95
N TRP H 34 -8.52 25.22 27.10
CA TRP H 34 -9.93 25.00 27.38
C TRP H 34 -10.73 26.29 27.27
N SER H 35 -11.55 26.38 26.22
CA SER H 35 -12.30 27.59 25.94
C SER H 35 -13.80 27.41 26.14
N TRP H 36 -14.51 28.54 26.25
CA TRP H 36 -15.95 28.60 26.36
C TRP H 36 -16.38 29.51 25.23
N ILE H 37 -17.18 29.00 24.31
CA ILE H 37 -17.65 29.76 23.16
C ILE H 37 -19.17 29.81 23.22
N ARG H 38 -19.81 30.98 22.99
CA ARG H 38 -21.25 31.04 23.02
C ARG H 38 -21.87 31.37 21.68
N GLN H 39 -23.12 30.95 21.50
CA GLN H 39 -23.83 31.22 20.28
C GLN H 39 -25.27 31.67 20.56
N PRO H 40 -25.54 32.98 20.46
CA PRO H 40 -26.92 33.45 20.66
C PRO H 40 -27.90 32.78 19.69
N PRO H 41 -29.16 32.58 20.10
CA PRO H 41 -30.14 31.93 19.21
C PRO H 41 -30.28 32.60 17.83
N GLY H 42 -29.96 31.84 16.80
CA GLY H 42 -30.01 32.34 15.43
C GLY H 42 -28.88 33.27 15.03
N LYS H 43 -27.83 33.35 15.87
CA LYS H 43 -26.71 34.23 15.60
C LYS H 43 -25.40 33.40 15.47
N GLY H 44 -24.28 34.08 15.33
CA GLY H 44 -22.98 33.45 15.13
C GLY H 44 -22.27 33.07 16.40
N LEU H 45 -20.97 32.81 16.29
CA LEU H 45 -20.19 32.36 17.45
C LEU H 45 -19.27 33.43 18.04
N GLU H 46 -19.14 33.41 19.37
CA GLU H 46 -18.26 34.33 20.08
C GLU H 46 -17.42 33.55 21.07
N TRP H 47 -16.10 33.66 20.96
CA TRP H 47 -15.21 33.01 21.89
C TRP H 47 -15.14 33.88 23.12
N LEU H 48 -15.49 33.34 24.31
CA LEU H 48 -15.49 34.12 25.55
C LEU H 48 -14.09 34.23 26.18
N GLY H 49 -13.34 33.14 26.14
CA GLY H 49 -12.00 33.09 26.70
C GLY H 49 -11.50 31.66 26.84
N TYR H 50 -10.26 31.47 27.33
CA TYR H 50 -9.72 30.12 27.55
C TYR H 50 -8.71 30.09 28.69
N ILE H 51 -8.49 28.91 29.20
CA ILE H 51 -7.50 28.66 30.23
C ILE H 51 -6.55 27.65 29.62
N TYR H 52 -5.26 27.88 29.76
CA TYR H 52 -4.27 27.03 29.11
C TYR H 52 -3.01 26.89 29.89
N HIS H 53 -2.29 25.81 29.62
CA HIS H 53 -1.00 25.59 30.23
C HIS H 53 -1.15 25.47 31.74
N SER H 54 -0.21 26.07 32.46
CA SER H 54 -0.10 26.09 33.90
C SER H 54 -1.11 27.04 34.57
N GLY H 55 -2.29 27.16 33.99
CA GLY H 55 -3.36 27.98 34.54
C GLY H 55 -3.48 29.38 33.98
N SER H 56 -2.73 29.69 32.91
CA SER H 56 -2.78 31.00 32.30
C SER H 56 -4.12 31.22 31.62
N THR H 57 -4.53 32.47 31.44
CA THR H 57 -5.84 32.77 30.85
C THR H 57 -5.86 33.99 30.00
N ASP H 58 -6.65 33.91 28.94
CA ASP H 58 -6.89 35.01 28.03
C ASP H 58 -8.39 35.07 27.76
N TYR H 59 -8.98 36.25 27.89
CA TYR H 59 -10.41 36.45 27.68
C TYR H 59 -10.69 37.46 26.57
N ASN H 60 -11.92 37.47 26.08
CA ASN H 60 -12.33 38.39 25.06
C ASN H 60 -12.61 39.72 25.74
N PRO H 61 -12.00 40.81 25.25
CA PRO H 61 -12.28 42.13 25.85
C PRO H 61 -13.75 42.52 25.75
N SER H 62 -14.48 42.05 24.72
CA SER H 62 -15.90 42.36 24.58
C SER H 62 -16.72 41.90 25.81
N LEU H 63 -16.20 40.91 26.55
CA LEU H 63 -16.86 40.42 27.76
C LEU H 63 -16.75 41.37 28.96
N GLU H 64 -16.12 42.54 28.78
CA GLU H 64 -16.00 43.60 29.78
C GLU H 64 -15.51 43.14 31.16
N SER H 65 -14.52 42.21 31.20
CA SER H 65 -13.90 41.74 32.44
C SER H 65 -14.81 40.94 33.39
N ARG H 66 -16.08 40.75 33.05
CA ARG H 66 -16.99 40.02 33.92
C ARG H 66 -16.92 38.49 33.75
N VAL H 67 -15.93 37.97 33.00
CA VAL H 67 -15.75 36.55 32.77
C VAL H 67 -14.57 35.98 33.55
N THR H 68 -14.68 34.73 34.03
CA THR H 68 -13.63 34.06 34.76
C THR H 68 -13.65 32.56 34.46
N ILE H 69 -12.55 32.02 33.91
CA ILE H 69 -12.45 30.60 33.64
C ILE H 69 -11.46 30.00 34.61
N SER H 70 -11.90 28.98 35.33
CA SER H 70 -11.07 28.34 36.34
C SER H 70 -11.07 26.85 36.12
N VAL H 71 -10.07 26.15 36.67
CA VAL H 71 -9.98 24.71 36.49
C VAL H 71 -9.49 24.02 37.73
N ASP H 72 -10.29 23.07 38.25
CA ASP H 72 -9.81 22.24 39.34
C ASP H 72 -9.39 20.97 38.60
N THR H 73 -8.11 20.93 38.07
CA THR H 73 -7.52 19.83 37.25
C THR H 73 -7.80 18.45 37.83
N SER H 74 -7.77 18.36 39.18
CA SER H 74 -8.06 17.18 39.99
C SER H 74 -9.46 16.62 39.74
N ARG H 75 -10.49 17.48 39.73
CA ARG H 75 -11.86 17.10 39.39
C ARG H 75 -12.00 16.73 37.88
N THR H 76 -11.03 17.18 37.02
CA THR H 76 -10.96 17.04 35.58
C THR H 76 -12.12 17.82 35.01
N ARG H 77 -12.21 19.09 35.37
CA ARG H 77 -13.28 19.98 34.96
C ARG H 77 -12.78 21.39 34.89
N PHE H 78 -13.29 22.15 33.95
CA PHE H 78 -13.03 23.58 33.90
C PHE H 78 -14.40 24.26 33.94
N SER H 79 -14.48 25.51 34.41
CA SER H 79 -15.77 26.16 34.56
C SER H 79 -15.76 27.63 34.24
N LEU H 80 -16.92 28.16 33.86
CA LEU H 80 -17.14 29.54 33.47
C LEU H 80 -17.99 30.25 34.51
N ARG H 81 -17.69 31.55 34.76
CA ARG H 81 -18.47 32.40 35.64
C ARG H 81 -18.62 33.74 34.93
N LEU H 82 -19.84 34.08 34.57
CA LEU H 82 -20.11 35.31 33.83
C LEU H 82 -20.95 36.25 34.69
N ARG H 83 -20.31 37.22 35.33
CA ARG H 83 -20.96 38.15 36.22
C ARG H 83 -21.84 39.16 35.51
N SER H 84 -22.84 39.68 36.25
CA SER H 84 -23.79 40.70 35.77
C SER H 84 -24.39 40.41 34.40
N VAL H 85 -25.17 39.32 34.30
CA VAL H 85 -25.78 38.92 33.03
C VAL H 85 -26.89 39.88 32.56
N THR H 86 -27.11 39.87 31.26
CA THR H 86 -28.09 40.68 30.52
C THR H 86 -28.81 39.71 29.58
N ALA H 87 -29.97 40.10 29.00
CA ALA H 87 -30.62 39.26 27.97
C ALA H 87 -29.68 39.05 26.76
N ALA H 88 -28.59 39.87 26.67
CA ALA H 88 -27.52 39.80 25.69
C ALA H 88 -26.77 38.47 25.82
N ASP H 89 -26.61 37.98 27.06
CA ASP H 89 -25.92 36.75 27.36
C ASP H 89 -26.77 35.50 27.24
N THR H 90 -28.00 35.60 26.66
CA THR H 90 -28.83 34.43 26.39
C THR H 90 -28.20 33.77 25.18
N ALA H 91 -27.60 32.58 25.35
CA ALA H 91 -26.90 31.90 24.26
C ALA H 91 -26.71 30.39 24.54
N VAL H 92 -26.27 29.60 23.53
CA VAL H 92 -25.98 28.19 23.71
C VAL H 92 -24.49 28.19 24.06
N TYR H 93 -24.16 27.77 25.27
CA TYR H 93 -22.77 27.78 25.71
C TYR H 93 -22.05 26.47 25.42
N TYR H 94 -21.08 26.56 24.50
CA TYR H 94 -20.24 25.45 24.10
C TYR H 94 -18.93 25.53 24.87
N CYS H 95 -18.53 24.41 25.38
CA CYS H 95 -17.28 24.24 26.08
C CYS H 95 -16.42 23.56 25.01
N ALA H 96 -15.23 24.08 24.68
CA ALA H 96 -14.42 23.46 23.61
C ALA H 96 -12.91 23.36 23.97
N ARG H 97 -12.09 22.74 23.09
CA ARG H 97 -10.68 22.55 23.36
C ARG H 97 -9.85 22.73 22.11
N SER H 98 -8.66 23.34 22.26
CA SER H 98 -7.65 23.54 21.22
C SER H 98 -6.29 23.05 21.80
N THR H 99 -5.34 22.60 20.93
CA THR H 99 -4.07 22.10 21.47
C THR H 99 -2.98 23.16 21.58
N THR H 100 -2.86 24.05 20.58
CA THR H 100 -1.84 25.10 20.62
C THR H 100 -2.46 26.48 20.25
N MET H 101 -1.62 27.54 20.29
CA MET H 101 -1.84 28.85 19.73
C MET H 101 -0.95 28.99 18.44
N ILE H 102 0.18 28.24 18.35
CA ILE H 102 1.08 28.18 17.18
C ILE H 102 0.26 27.81 15.94
N GLN H 103 -0.66 26.85 16.09
CA GLN H 103 -1.59 26.33 15.08
C GLN H 103 -2.92 26.02 15.77
N GLN H 104 -3.66 27.04 16.13
CA GLN H 104 -4.91 26.86 16.85
C GLN H 104 -6.02 26.38 15.92
N TYR H 105 -6.93 25.59 16.47
CA TYR H 105 -8.16 25.05 15.89
C TYR H 105 -8.86 24.22 16.98
N PHE H 106 -10.18 24.09 16.90
CA PHE H 106 -10.93 23.40 17.93
C PHE H 106 -11.13 21.89 17.72
N ASP H 107 -10.33 21.06 18.43
CA ASP H 107 -10.33 19.58 18.39
C ASP H 107 -11.66 18.96 18.88
N TYR H 108 -12.11 19.34 20.07
CA TYR H 108 -13.31 18.76 20.63
C TYR H 108 -14.20 19.84 21.15
N TRP H 109 -15.50 19.69 20.93
CA TRP H 109 -16.48 20.64 21.46
C TRP H 109 -17.53 19.84 22.22
N GLY H 110 -18.05 20.42 23.26
CA GLY H 110 -19.13 19.80 24.03
C GLY H 110 -20.43 19.81 23.26
N ARG H 111 -21.49 19.33 23.90
CA ARG H 111 -22.81 19.27 23.27
C ARG H 111 -23.52 20.65 23.22
N GLY H 112 -23.17 21.54 24.15
CA GLY H 112 -23.72 22.88 24.21
C GLY H 112 -25.01 22.94 24.98
N THR H 113 -25.09 23.86 25.99
CA THR H 113 -26.30 24.01 26.78
C THR H 113 -26.82 25.41 26.66
N LEU H 114 -28.11 25.54 26.48
CA LEU H 114 -28.75 26.83 26.38
C LEU H 114 -28.87 27.45 27.75
N VAL H 115 -28.45 28.71 27.86
CA VAL H 115 -28.58 29.51 29.08
C VAL H 115 -29.42 30.70 28.67
N THR H 116 -30.60 30.87 29.29
CA THR H 116 -31.48 31.95 28.89
C THR H 116 -31.68 32.95 30.05
N VAL H 117 -31.07 34.15 29.94
CA VAL H 117 -31.19 35.19 30.97
C VAL H 117 -32.57 35.79 30.94
N SER H 118 -33.25 35.89 32.12
CA SER H 118 -34.62 36.41 32.24
C SER H 118 -34.75 37.94 32.40
N SER H 134 -10.96 47.34 18.17
CA SER H 134 -11.52 46.30 19.02
C SER H 134 -10.96 44.82 18.71
N ASP H 135 -11.35 44.18 17.57
CA ASP H 135 -10.93 42.80 17.22
C ASP H 135 -10.87 42.58 15.67
N ILE H 136 -10.34 41.41 15.19
CA ILE H 136 -10.33 41.19 13.73
C ILE H 136 -11.75 40.83 13.26
N GLN H 137 -12.32 41.66 12.39
CA GLN H 137 -13.66 41.42 11.92
C GLN H 137 -13.62 40.60 10.65
N MET H 138 -13.99 39.33 10.83
CA MET H 138 -14.04 38.27 9.82
C MET H 138 -15.36 38.32 9.07
N THR H 139 -15.39 39.06 7.97
CA THR H 139 -16.61 39.23 7.18
C THR H 139 -16.85 38.05 6.26
N GLN H 140 -17.79 37.17 6.63
CA GLN H 140 -18.06 35.99 5.82
C GLN H 140 -19.11 36.26 4.82
N SER H 141 -18.69 36.30 3.55
CA SER H 141 -19.39 36.77 2.38
C SER H 141 -20.78 36.14 2.12
N PRO H 142 -21.02 34.88 1.67
CA PRO H 142 -22.42 34.43 1.47
C PRO H 142 -22.99 34.15 2.84
N SER H 143 -24.01 34.91 3.25
CA SER H 143 -24.62 34.76 4.57
C SER H 143 -25.55 33.54 4.59
N SER H 144 -26.28 33.35 3.49
CA SER H 144 -27.16 32.23 3.18
C SER H 144 -26.83 31.77 1.76
N LEU H 145 -27.18 30.53 1.45
CA LEU H 145 -26.92 29.97 0.14
C LEU H 145 -27.77 28.74 -0.05
N SER H 146 -28.49 28.65 -1.15
CA SER H 146 -29.29 27.47 -1.43
C SER H 146 -28.97 26.95 -2.81
N ALA H 147 -28.21 25.85 -2.87
CA ALA H 147 -27.82 25.23 -4.14
C ALA H 147 -28.41 23.82 -4.27
N SER H 148 -28.53 23.30 -5.49
CA SER H 148 -29.01 21.93 -5.71
C SER H 148 -27.85 20.95 -5.48
N LEU H 149 -28.13 19.64 -5.32
CA LEU H 149 -27.06 18.67 -5.10
C LEU H 149 -26.18 18.58 -6.34
N GLY H 150 -24.88 18.44 -6.11
CA GLY H 150 -23.92 18.38 -7.19
C GLY H 150 -23.26 19.71 -7.46
N ASP H 151 -23.95 20.82 -7.19
CA ASP H 151 -23.40 22.15 -7.41
C ASP H 151 -22.17 22.40 -6.58
N ARG H 152 -21.27 23.24 -7.09
CA ARG H 152 -20.08 23.59 -6.35
C ARG H 152 -20.39 24.85 -5.56
N VAL H 153 -20.30 24.79 -4.23
CA VAL H 153 -20.55 25.99 -3.43
C VAL H 153 -19.24 26.57 -2.97
N THR H 154 -19.10 27.89 -3.05
CA THR H 154 -17.86 28.55 -2.69
CA THR H 154 -17.86 28.55 -2.69
C THR H 154 -18.14 29.84 -1.87
N ILE H 155 -17.71 29.82 -0.61
CA ILE H 155 -17.84 30.86 0.42
C ILE H 155 -16.51 31.65 0.52
N THR H 156 -16.58 32.89 1.01
CA THR H 156 -15.40 33.73 1.20
C THR H 156 -15.35 34.37 2.57
N CYS H 157 -14.15 34.44 3.17
CA CYS H 157 -13.92 35.10 4.46
C CYS H 157 -12.85 36.14 4.29
N GLN H 158 -13.12 37.36 4.77
CA GLN H 158 -12.13 38.42 4.67
C GLN H 158 -11.84 39.01 6.04
N ALA H 159 -10.55 39.02 6.41
CA ALA H 159 -10.14 39.58 7.69
C ALA H 159 -10.00 41.11 7.62
N SER H 160 -10.19 41.77 8.76
CA SER H 160 -10.02 43.22 8.84
C SER H 160 -8.54 43.64 8.57
N GLN H 161 -7.58 42.72 8.76
CA GLN H 161 -6.16 42.98 8.56
C GLN H 161 -5.36 41.67 8.29
N GLY H 162 -4.05 41.79 8.13
CA GLY H 162 -3.16 40.67 7.83
C GLY H 162 -3.16 39.58 8.88
N ILE H 163 -3.75 38.46 8.53
CA ILE H 163 -3.94 37.27 9.37
C ILE H 163 -2.95 36.14 9.00
N SER H 164 -2.26 36.25 7.84
CA SER H 164 -1.39 35.17 7.36
C SER H 164 -2.30 33.95 7.05
N ASN H 165 -1.86 32.71 7.30
CA ASN H 165 -2.73 31.57 7.05
C ASN H 165 -3.40 31.15 8.35
N SER H 166 -3.61 32.05 9.33
CA SER H 166 -4.19 31.65 10.60
C SER H 166 -5.70 31.54 10.52
N LEU H 167 -6.21 30.75 9.57
CA LEU H 167 -7.64 30.63 9.32
C LEU H 167 -8.10 29.21 9.42
N ASN H 168 -9.28 28.98 10.00
CA ASN H 168 -9.87 27.66 10.12
C ASN H 168 -11.29 27.68 9.53
N TRP H 169 -11.92 26.54 9.31
CA TRP H 169 -13.29 26.51 8.79
C TRP H 169 -14.09 25.40 9.50
N TYR H 170 -15.20 25.73 10.16
CA TYR H 170 -16.00 24.70 10.83
C TYR H 170 -17.32 24.44 10.12
N GLN H 171 -17.87 23.24 10.26
CA GLN H 171 -19.17 22.91 9.70
C GLN H 171 -20.09 22.62 10.87
N GLN H 172 -21.06 23.52 11.10
CA GLN H 172 -22.01 23.36 12.18
C GLN H 172 -23.31 22.75 11.72
N LYS H 173 -23.45 21.43 11.91
CA LYS H 173 -24.64 20.67 11.54
C LYS H 173 -25.86 21.17 12.35
N PRO H 174 -27.09 21.10 11.80
CA PRO H 174 -28.26 21.61 12.55
C PRO H 174 -28.43 21.00 13.93
N GLY H 175 -28.36 21.82 14.98
CA GLY H 175 -28.50 21.33 16.34
C GLY H 175 -27.18 20.93 16.98
N LYS H 176 -26.23 20.47 16.15
CA LYS H 176 -24.92 20.04 16.61
C LYS H 176 -23.91 21.20 16.81
N ALA H 177 -22.77 20.93 17.48
CA ALA H 177 -21.71 21.92 17.71
C ALA H 177 -20.88 22.04 16.43
N PRO H 178 -20.16 23.17 16.23
CA PRO H 178 -19.31 23.29 15.04
C PRO H 178 -18.17 22.25 15.05
N LYS H 179 -17.63 21.86 13.87
CA LYS H 179 -16.58 20.88 13.82
C LYS H 179 -15.60 21.22 12.73
N VAL H 180 -14.30 21.18 13.03
CA VAL H 180 -13.18 21.53 12.12
C VAL H 180 -13.22 20.80 10.81
N LEU H 181 -13.10 21.52 9.70
CA LEU H 181 -12.96 20.92 8.38
C LEU H 181 -11.55 21.25 7.89
N ILE H 182 -11.17 22.54 7.92
CA ILE H 182 -9.82 22.92 7.53
C ILE H 182 -9.12 23.67 8.65
N TYR H 183 -7.84 23.60 8.73
CA TYR H 183 -7.05 24.40 9.64
C TYR H 183 -5.94 25.01 8.83
N ASP H 184 -5.47 26.17 9.24
CA ASP H 184 -4.40 26.85 8.55
C ASP H 184 -4.65 27.06 7.06
N ALA H 185 -5.89 27.48 6.83
CA ALA H 185 -6.53 27.96 5.64
C ALA H 185 -6.62 26.99 4.51
N SER H 186 -5.95 25.86 4.55
CA SER H 186 -6.00 24.95 3.40
C SER H 186 -5.90 23.48 3.74
N ASN H 187 -5.31 23.18 4.91
CA ASN H 187 -5.03 21.85 5.42
C ASN H 187 -6.28 21.15 5.93
N LEU H 188 -6.68 20.04 5.32
CA LEU H 188 -7.87 19.31 5.75
C LEU H 188 -7.57 18.51 7.02
N GLU H 189 -8.53 18.39 7.96
CA GLU H 189 -8.34 17.50 9.10
C GLU H 189 -8.40 16.05 8.63
N THR H 190 -7.84 15.10 9.39
CA THR H 190 -7.68 13.70 8.92
C THR H 190 -8.86 13.08 8.12
N GLY H 191 -10.05 12.95 8.70
CA GLY H 191 -11.14 12.29 7.99
C GLY H 191 -11.99 13.11 7.03
N VAL H 192 -11.95 14.45 7.12
CA VAL H 192 -12.82 15.31 6.32
C VAL H 192 -12.73 15.03 4.81
N PRO H 193 -13.89 14.87 4.11
CA PRO H 193 -13.87 14.50 2.69
C PRO H 193 -13.12 15.47 1.82
N SER H 194 -12.58 14.96 0.73
CA SER H 194 -11.82 15.77 -0.21
C SER H 194 -12.63 16.79 -0.93
N ARG H 195 -13.99 16.64 -0.99
CA ARG H 195 -14.81 17.64 -1.66
C ARG H 195 -14.69 19.03 -1.02
N PHE H 196 -14.17 19.13 0.22
CA PHE H 196 -13.95 20.39 0.91
C PHE H 196 -12.55 20.92 0.60
N SER H 197 -12.46 22.24 0.32
CA SER H 197 -11.20 22.84 -0.07
C SER H 197 -11.00 24.19 0.56
N GLY H 198 -9.96 24.32 1.34
CA GLY H 198 -9.61 25.59 1.94
C GLY H 198 -8.52 26.24 1.13
N SER H 199 -8.55 27.55 1.02
CA SER H 199 -7.56 28.28 0.26
C SER H 199 -7.42 29.70 0.78
N GLY H 200 -6.27 30.31 0.51
CA GLY H 200 -6.06 31.70 0.89
C GLY H 200 -5.01 32.02 1.92
N SER H 201 -4.55 33.26 1.92
CA SER H 201 -3.57 33.81 2.85
C SER H 201 -3.57 35.33 2.83
N GLY H 202 -3.30 35.87 4.01
CA GLY H 202 -3.25 37.30 4.24
C GLY H 202 -4.58 37.82 4.72
N THR H 203 -5.44 38.20 3.78
CA THR H 203 -6.71 38.80 4.12
C THR H 203 -7.90 38.11 3.44
N ASP H 204 -7.72 37.65 2.19
CA ASP H 204 -8.81 37.02 1.46
C ASP H 204 -8.68 35.51 1.44
N PHE H 205 -9.71 34.84 1.98
CA PHE H 205 -9.79 33.38 2.12
C PHE H 205 -11.03 32.83 1.46
N THR H 206 -10.96 31.58 0.99
CA THR H 206 -12.09 30.96 0.32
C THR H 206 -12.23 29.47 0.63
N PHE H 207 -13.45 29.08 1.02
CA PHE H 207 -13.86 27.71 1.32
C PHE H 207 -14.69 27.26 0.15
N THR H 208 -14.53 26.01 -0.29
CA THR H 208 -15.26 25.54 -1.44
C THR H 208 -15.55 24.03 -1.36
N ILE H 209 -16.84 23.67 -1.52
CA ILE H 209 -17.33 22.30 -1.63
C ILE H 209 -17.45 22.09 -3.14
N THR H 210 -16.61 21.21 -3.72
CA THR H 210 -16.56 20.98 -5.16
C THR H 210 -17.83 20.33 -5.73
N SER H 211 -18.59 19.61 -4.88
CA SER H 211 -19.84 18.97 -5.28
C SER H 211 -20.70 18.77 -4.06
N LEU H 212 -21.82 19.47 -3.98
CA LEU H 212 -22.76 19.44 -2.85
C LEU H 212 -23.37 18.09 -2.61
N GLN H 213 -23.35 17.65 -1.35
CA GLN H 213 -23.90 16.36 -0.94
C GLN H 213 -24.99 16.59 0.06
N PRO H 214 -26.00 15.69 0.14
CA PRO H 214 -27.08 15.86 1.13
C PRO H 214 -26.57 16.02 2.56
N GLU H 215 -25.42 15.38 2.88
CA GLU H 215 -24.77 15.46 4.19
C GLU H 215 -24.01 16.78 4.38
N ASP H 216 -24.35 17.84 3.62
CA ASP H 216 -23.63 19.12 3.71
C ASP H 216 -24.46 20.31 4.14
N ILE H 217 -25.78 20.12 4.28
CA ILE H 217 -26.71 21.17 4.71
C ILE H 217 -26.41 21.46 6.17
N ALA H 218 -25.61 22.49 6.38
CA ALA H 218 -25.13 22.96 7.67
C ALA H 218 -24.68 24.44 7.51
N THR H 219 -24.43 25.15 8.62
CA THR H 219 -23.93 26.51 8.52
C THR H 219 -22.43 26.47 8.75
N TYR H 220 -21.67 27.04 7.82
CA TYR H 220 -20.21 26.99 7.87
C TYR H 220 -19.66 28.29 8.40
N TYR H 221 -18.68 28.22 9.30
CA TYR H 221 -18.07 29.41 9.86
C TYR H 221 -16.58 29.41 9.62
N CYS H 222 -15.97 30.59 9.53
CA CYS H 222 -14.52 30.67 9.46
C CYS H 222 -14.02 31.22 10.80
N GLN H 223 -12.72 31.08 11.09
CA GLN H 223 -12.20 31.55 12.36
C GLN H 223 -10.76 31.97 12.26
N GLN H 224 -10.35 33.02 12.94
CA GLN H 224 -8.93 33.39 12.95
C GLN H 224 -8.29 33.15 14.32
N TYR H 225 -6.98 32.95 14.37
CA TYR H 225 -6.26 32.83 15.64
C TYR H 225 -4.98 33.71 15.67
N HIS H 226 -4.75 34.53 14.61
CA HIS H 226 -3.57 35.35 14.48
C HIS H 226 -3.53 36.40 15.57
N TYR H 227 -4.62 37.14 15.76
CA TYR H 227 -4.66 38.13 16.83
C TYR H 227 -5.56 37.65 17.93
N LEU H 228 -5.00 37.63 19.15
CA LEU H 228 -5.50 36.99 20.36
C LEU H 228 -7.02 37.02 20.56
N PRO H 229 -7.84 38.13 20.53
CA PRO H 229 -9.30 37.94 20.65
C PRO H 229 -9.79 37.13 19.43
N LEU H 230 -9.95 35.81 19.61
CA LEU H 230 -10.31 34.82 18.61
C LEU H 230 -11.68 35.18 18.06
N THR H 231 -11.75 35.41 16.74
CA THR H 231 -13.01 35.79 16.13
C THR H 231 -13.47 34.84 15.06
N PHE H 232 -14.78 34.69 14.97
CA PHE H 232 -15.44 33.86 13.97
C PHE H 232 -16.06 34.75 12.84
N GLY H 233 -16.53 34.09 11.80
CA GLY H 233 -17.22 34.78 10.72
C GLY H 233 -18.70 34.78 10.97
N GLY H 234 -19.43 35.39 10.05
CA GLY H 234 -20.88 35.47 10.10
C GLY H 234 -21.61 34.16 9.81
N GLY H 235 -20.90 33.25 9.17
CA GLY H 235 -21.45 31.96 8.79
C GLY H 235 -22.19 32.00 7.48
N THR H 236 -22.37 30.81 6.91
CA THR H 236 -23.09 30.67 5.66
C THR H 236 -24.11 29.57 5.86
N LYS H 237 -25.38 29.94 5.98
CA LYS H 237 -26.43 28.95 6.16
C LYS H 237 -26.67 28.32 4.82
N LEU H 238 -26.13 27.13 4.61
CA LEU H 238 -26.25 26.41 3.35
C LEU H 238 -27.47 25.45 3.41
N GLU H 239 -28.33 25.48 2.39
CA GLU H 239 -29.54 24.66 2.29
C GLU H 239 -29.74 24.13 0.86
N ILE H 240 -30.66 23.16 0.65
CA ILE H 240 -30.89 22.62 -0.70
C ILE H 240 -32.08 23.28 -1.40
N LYS H 241 -31.91 23.62 -2.68
CA LYS H 241 -32.98 24.21 -3.49
C LYS H 241 -33.53 23.15 -4.47
N ALA I 19 62.42 66.14 -21.33
CA ALA I 19 62.55 67.30 -22.20
C ALA I 19 63.42 68.39 -21.55
N ASN I 20 63.16 68.71 -20.27
CA ASN I 20 63.89 69.70 -19.47
C ASN I 20 63.76 69.37 -17.96
N SER I 21 63.72 68.07 -17.65
CA SER I 21 63.58 67.57 -16.28
C SER I 21 64.69 66.56 -16.03
N ILE I 22 65.93 67.05 -16.07
CA ILE I 22 67.13 66.25 -15.85
C ILE I 22 67.75 66.74 -14.54
N ASP I 23 68.37 65.81 -13.79
CA ASP I 23 69.04 66.16 -12.55
C ASP I 23 70.49 65.73 -12.62
N ILE I 24 71.42 66.70 -12.56
CA ILE I 24 72.85 66.44 -12.59
C ILE I 24 73.32 66.09 -11.18
N LEU I 25 74.13 65.04 -11.04
CA LEU I 25 74.56 64.55 -9.73
C LEU I 25 76.07 64.24 -9.63
N GLN I 26 76.79 64.94 -8.73
CA GLN I 26 78.20 64.73 -8.48
C GLN I 26 78.44 64.19 -7.05
N GLU I 27 77.98 62.96 -6.77
CA GLU I 27 78.10 62.35 -5.44
C GLU I 27 79.53 62.21 -4.89
N LYS I 28 80.49 61.89 -5.77
CA LYS I 28 81.91 61.76 -5.45
C LYS I 28 82.74 62.85 -6.19
N GLU I 29 84.06 62.94 -5.92
CA GLU I 29 84.89 63.92 -6.61
C GLU I 29 85.15 63.42 -8.03
N GLY I 30 84.75 64.22 -9.01
CA GLY I 30 84.93 63.89 -10.43
C GLY I 30 84.03 62.78 -10.94
N HIS I 31 82.83 62.66 -10.35
CA HIS I 31 81.87 61.62 -10.75
C HIS I 31 80.52 62.26 -11.06
N LEU I 32 80.28 62.66 -12.32
CA LEU I 32 78.99 63.26 -12.70
C LEU I 32 78.08 62.21 -13.36
N ASP I 33 76.77 62.30 -13.13
CA ASP I 33 75.72 61.46 -13.72
C ASP I 33 74.40 62.28 -13.86
N PHE I 34 73.40 61.75 -14.58
CA PHE I 34 72.14 62.46 -14.76
C PHE I 34 70.94 61.53 -14.62
N VAL I 35 69.80 62.08 -14.21
CA VAL I 35 68.58 61.32 -14.07
C VAL I 35 67.48 62.07 -14.81
N ILE I 36 66.85 61.43 -15.79
CA ILE I 36 65.73 62.06 -16.47
C ILE I 36 64.55 61.75 -15.56
N ILE I 37 64.14 62.73 -14.74
CA ILE I 37 63.06 62.59 -13.75
C ILE I 37 61.83 61.79 -14.24
N PRO I 38 61.23 62.15 -15.40
CA PRO I 38 60.02 61.42 -15.84
C PRO I 38 60.27 59.98 -16.21
N HIS I 39 61.46 59.68 -16.72
CA HIS I 39 61.81 58.31 -17.08
C HIS I 39 61.92 57.47 -15.82
N TYR I 40 62.53 58.01 -14.76
CA TYR I 40 62.67 57.30 -13.50
C TYR I 40 61.30 56.91 -12.94
N THR I 41 60.39 57.91 -12.78
CA THR I 41 59.04 57.67 -12.26
C THR I 41 58.28 56.63 -13.11
N PHE I 42 58.38 56.76 -14.45
CA PHE I 42 57.69 55.88 -15.38
C PHE I 42 58.12 54.44 -15.21
N LEU I 43 59.43 54.16 -15.29
CA LEU I 43 59.92 52.81 -15.13
C LEU I 43 59.60 52.25 -13.74
N ASP I 44 59.60 53.12 -12.72
CA ASP I 44 59.31 52.69 -11.36
C ASP I 44 57.84 52.32 -11.19
N TYR I 45 56.94 53.05 -11.88
CA TYR I 45 55.50 52.79 -11.82
C TYR I 45 55.20 51.40 -12.38
N TYR I 46 55.83 51.06 -13.51
CA TYR I 46 55.63 49.77 -14.14
C TYR I 46 56.38 48.65 -13.40
N LYS I 47 57.39 48.98 -12.59
CA LYS I 47 58.09 48.01 -11.76
C LYS I 47 57.10 47.56 -10.67
N HIS I 48 56.40 48.52 -10.04
CA HIS I 48 55.42 48.23 -9.00
C HIS I 48 54.17 47.56 -9.52
N LEU I 49 53.75 47.89 -10.74
CA LEU I 49 52.58 47.26 -11.35
C LEU I 49 52.86 45.78 -11.59
N SER I 50 54.08 45.45 -12.03
CA SER I 50 54.50 44.10 -12.31
C SER I 50 54.45 43.24 -11.05
N TYR I 51 55.10 43.70 -9.97
CA TYR I 51 55.13 42.94 -8.73
C TYR I 51 53.76 42.77 -8.14
N ASN I 52 52.95 43.81 -8.19
CA ASN I 52 51.61 43.78 -7.65
C ASN I 52 50.72 42.77 -8.35
N SER I 53 50.88 42.62 -9.67
CA SER I 53 50.10 41.70 -10.48
C SER I 53 50.50 40.26 -10.22
N ILE I 54 51.80 39.99 -10.08
CA ILE I 54 52.26 38.62 -9.84
C ILE I 54 52.01 38.14 -8.40
N TYR I 55 52.14 38.99 -7.35
CA TYR I 55 51.91 38.51 -5.99
C TYR I 55 50.42 38.42 -5.63
N HIS I 56 49.55 39.17 -6.34
CA HIS I 56 48.11 39.17 -6.08
C HIS I 56 47.47 37.83 -6.45
N LYS I 57 47.59 37.42 -7.73
CA LYS I 57 47.05 36.15 -8.26
C LYS I 57 47.38 34.97 -7.38
N SER I 58 48.51 35.06 -6.62
CA SER I 58 49.06 34.00 -5.80
C SER I 58 49.43 32.74 -6.62
N SER I 59 49.22 32.77 -7.95
CA SER I 59 49.64 31.76 -8.89
C SER I 59 51.18 31.71 -8.88
N THR I 60 51.83 32.89 -8.76
CA THR I 60 53.27 33.13 -8.73
C THR I 60 54.03 32.33 -7.68
N TYR I 61 54.83 31.44 -8.23
CA TYR I 61 55.77 30.55 -7.58
C TYR I 61 57.08 31.37 -7.59
N GLY I 62 57.80 31.35 -8.70
CA GLY I 62 59.00 32.12 -8.90
C GLY I 62 58.84 32.98 -10.14
N LYS I 63 57.68 33.64 -10.25
CA LYS I 63 57.41 34.51 -11.39
C LYS I 63 58.15 35.85 -11.24
N TYR I 64 58.33 36.33 -10.00
CA TYR I 64 59.13 37.51 -9.68
C TYR I 64 60.57 37.35 -10.19
N ILE I 65 61.06 36.10 -10.36
CA ILE I 65 62.40 35.78 -10.87
C ILE I 65 62.54 36.38 -12.27
N ALA I 66 61.52 36.16 -13.11
CA ALA I 66 61.49 36.64 -14.48
C ALA I 66 61.34 38.13 -14.53
N VAL I 67 60.54 38.71 -13.63
CA VAL I 67 60.33 40.15 -13.56
C VAL I 67 61.63 40.84 -13.18
N ASP I 68 62.34 40.31 -12.18
CA ASP I 68 63.64 40.82 -11.73
C ASP I 68 64.63 40.81 -12.91
N ALA I 69 64.66 39.68 -13.65
CA ALA I 69 65.55 39.50 -14.80
C ALA I 69 65.23 40.49 -15.90
N PHE I 70 63.93 40.72 -16.18
CA PHE I 70 63.50 41.64 -17.21
C PHE I 70 63.85 43.06 -16.85
N ILE I 71 63.61 43.44 -15.61
CA ILE I 71 63.93 44.79 -15.15
C ILE I 71 65.43 45.06 -15.24
N LYS I 72 66.27 44.03 -14.98
CA LYS I 72 67.71 44.13 -15.13
C LYS I 72 68.06 44.43 -16.58
N LYS I 73 67.36 43.78 -17.55
CA LYS I 73 67.59 44.02 -18.97
C LYS I 73 67.22 45.46 -19.32
N ILE I 74 66.11 45.98 -18.76
CA ILE I 74 65.66 47.36 -18.98
C ILE I 74 66.72 48.34 -18.49
N ASN I 75 67.27 48.11 -17.29
CA ASN I 75 68.29 48.99 -16.74
C ASN I 75 69.57 48.92 -17.54
N GLU I 76 70.04 47.72 -17.88
CA GLU I 76 71.24 47.56 -18.68
C GLU I 76 71.09 48.22 -20.05
N ALA I 77 69.89 48.13 -20.66
CA ALA I 77 69.59 48.73 -21.96
C ALA I 77 69.55 50.25 -21.90
N TYR I 78 68.93 50.81 -20.86
CA TYR I 78 68.83 52.25 -20.66
C TYR I 78 70.23 52.84 -20.36
N ASP I 79 71.06 52.12 -19.59
CA ASP I 79 72.44 52.53 -19.27
C ASP I 79 73.30 52.59 -20.53
N LYS I 80 73.06 51.67 -21.47
CA LYS I 80 73.79 51.64 -22.74
C LYS I 80 73.48 52.90 -23.57
N VAL I 81 72.25 53.43 -23.48
CA VAL I 81 71.86 54.66 -24.18
C VAL I 81 72.50 55.88 -23.48
N LYS I 82 72.51 55.91 -22.14
CA LYS I 82 73.13 56.99 -21.36
C LYS I 82 74.64 57.04 -21.66
N SER I 83 75.28 55.86 -21.77
CA SER I 83 76.71 55.73 -22.04
C SER I 83 77.15 56.30 -23.39
N LYS I 84 76.21 56.57 -24.31
CA LYS I 84 76.55 57.19 -25.59
C LYS I 84 77.04 58.63 -25.35
N CYS I 85 76.39 59.32 -24.40
CA CYS I 85 76.74 60.68 -24.01
C CYS I 85 77.89 60.74 -23.00
N ASN I 86 78.73 59.70 -22.93
CA ASN I 86 79.83 59.65 -21.97
C ASN I 86 80.99 60.55 -22.30
N ASP I 87 81.25 60.79 -23.58
CA ASP I 87 82.36 61.65 -23.98
C ASP I 87 82.08 63.09 -23.57
N ILE I 88 80.84 63.55 -23.80
CA ILE I 88 80.38 64.89 -23.45
C ILE I 88 80.33 65.07 -21.93
N LYS I 89 79.93 64.01 -21.20
CA LYS I 89 79.85 63.97 -19.75
C LYS I 89 81.26 64.08 -19.16
N ASN I 90 82.22 63.29 -19.68
CA ASN I 90 83.61 63.31 -19.22
C ASN I 90 84.33 64.63 -19.52
N ASP I 91 83.88 65.35 -20.56
CA ASP I 91 84.39 66.66 -20.93
C ASP I 91 83.92 67.69 -19.90
N LEU I 92 82.64 67.62 -19.50
CA LEU I 92 82.07 68.50 -18.49
C LEU I 92 82.69 68.21 -17.11
N ILE I 93 83.03 66.93 -16.83
CA ILE I 93 83.69 66.53 -15.58
C ILE I 93 85.08 67.19 -15.52
N ALA I 94 85.82 67.17 -16.64
CA ALA I 94 87.14 67.77 -16.76
C ALA I 94 87.10 69.29 -16.58
N THR I 95 86.03 69.94 -17.09
CA THR I 95 85.81 71.38 -16.96
C THR I 95 85.51 71.75 -15.50
N ILE I 96 84.57 71.04 -14.87
CA ILE I 96 84.20 71.26 -13.47
C ILE I 96 85.41 71.03 -12.56
N LYS I 97 86.28 70.06 -12.90
CA LYS I 97 87.51 69.78 -12.15
C LYS I 97 88.43 71.00 -12.15
N LYS I 98 88.59 71.65 -13.32
CA LYS I 98 89.42 72.85 -13.48
C LYS I 98 88.84 74.05 -12.72
N LEU I 99 87.51 74.17 -12.72
CA LEU I 99 86.81 75.24 -11.98
C LEU I 99 86.91 75.06 -10.46
N GLU I 100 87.20 73.84 -9.99
CA GLU I 100 87.34 73.53 -8.57
C GLU I 100 88.81 73.59 -8.13
N HIS I 101 89.56 74.62 -8.60
CA HIS I 101 90.97 74.88 -8.28
C HIS I 101 91.17 76.36 -8.00
N LYS I 114 87.86 82.45 -19.24
CA LYS I 114 86.97 82.62 -18.09
C LYS I 114 86.70 81.29 -17.40
N MET I 115 86.43 80.23 -18.21
CA MET I 115 86.12 78.84 -17.82
C MET I 115 84.65 78.66 -17.42
N MET I 116 84.02 79.71 -16.88
CA MET I 116 82.62 79.68 -16.46
C MET I 116 81.71 79.58 -17.68
N ASP I 117 82.03 80.35 -18.74
CA ASP I 117 81.28 80.36 -20.00
C ASP I 117 81.41 79.01 -20.72
N GLU I 118 82.60 78.39 -20.64
CA GLU I 118 82.92 77.08 -21.22
C GLU I 118 82.14 75.96 -20.50
N TYR I 119 81.91 76.12 -19.18
CA TYR I 119 81.14 75.18 -18.38
C TYR I 119 79.69 75.18 -18.86
N ASN I 120 79.11 76.38 -19.05
CA ASN I 120 77.72 76.50 -19.50
C ASN I 120 77.50 75.86 -20.86
N THR I 121 78.43 76.07 -21.80
CA THR I 121 78.34 75.50 -23.13
C THR I 121 78.54 73.98 -23.13
N LYS I 122 79.39 73.45 -22.23
CA LYS I 122 79.59 72.00 -22.12
C LYS I 122 78.41 71.31 -21.39
N LYS I 123 77.70 72.06 -20.51
CA LYS I 123 76.52 71.59 -19.79
C LYS I 123 75.35 71.54 -20.77
N LYS I 124 75.20 72.57 -21.61
CA LYS I 124 74.17 72.61 -22.66
C LYS I 124 74.41 71.48 -23.67
N LYS I 125 75.68 71.16 -23.97
CA LYS I 125 76.13 70.12 -24.88
C LYS I 125 75.70 68.73 -24.41
N LEU I 126 75.75 68.50 -23.10
CA LEU I 126 75.36 67.23 -22.50
C LEU I 126 73.85 67.07 -22.63
N ILE I 127 73.10 68.13 -22.25
CA ILE I 127 71.64 68.16 -22.34
C ILE I 127 71.20 67.93 -23.78
N LYS I 128 71.92 68.51 -24.75
CA LYS I 128 71.61 68.33 -26.16
C LYS I 128 71.62 66.86 -26.58
N CYS I 129 72.75 66.13 -26.39
CA CYS I 129 72.79 64.73 -26.81
C CYS I 129 71.83 63.84 -26.01
N ILE I 130 71.39 64.26 -24.81
CA ILE I 130 70.39 63.51 -24.06
C ILE I 130 69.08 63.61 -24.84
N LYS I 131 68.69 64.84 -25.22
CA LYS I 131 67.49 65.07 -26.03
C LYS I 131 67.59 64.42 -27.42
N ASN I 132 68.81 64.15 -27.92
CA ASN I 132 69.04 63.48 -29.19
C ASN I 132 68.64 62.01 -29.04
N HIS I 133 69.05 61.38 -27.94
CA HIS I 133 68.70 59.97 -27.70
C HIS I 133 67.31 59.76 -27.10
N GLU I 134 66.45 60.78 -27.16
CA GLU I 134 65.09 60.80 -26.66
C GLU I 134 64.31 59.55 -27.04
N ASN I 135 64.27 59.20 -28.34
CA ASN I 135 63.49 58.05 -28.79
C ASN I 135 64.17 56.71 -28.50
N ASP I 136 65.48 56.69 -28.26
CA ASP I 136 66.17 55.46 -27.88
C ASP I 136 65.76 55.05 -26.44
N PHE I 137 65.62 56.06 -25.55
CA PHE I 137 65.18 55.90 -24.17
C PHE I 137 63.68 55.58 -24.17
N ASN I 138 62.89 56.27 -25.01
CA ASN I 138 61.43 56.09 -25.13
C ASN I 138 61.08 54.67 -25.53
N LYS I 139 61.90 54.04 -26.38
CA LYS I 139 61.65 52.67 -26.80
C LYS I 139 61.76 51.72 -25.61
N ILE I 140 62.77 51.92 -24.75
CA ILE I 140 62.97 51.12 -23.54
C ILE I 140 61.82 51.32 -22.58
N CYS I 141 61.42 52.59 -22.35
CA CYS I 141 60.32 52.96 -21.46
C CYS I 141 59.03 52.31 -21.94
N MET I 142 58.76 52.36 -23.24
CA MET I 142 57.56 51.76 -23.82
C MET I 142 57.51 50.27 -23.66
N ASP I 143 58.64 49.59 -23.84
CA ASP I 143 58.74 48.14 -23.64
C ASP I 143 58.45 47.80 -22.17
N MET I 144 58.91 48.64 -21.23
CA MET I 144 58.65 48.44 -19.83
C MET I 144 57.16 48.59 -19.51
N LYS I 145 56.49 49.60 -20.12
CA LYS I 145 55.05 49.81 -19.96
C LYS I 145 54.30 48.55 -20.44
N ASN I 146 54.69 48.01 -21.61
CA ASN I 146 54.10 46.80 -22.17
C ASN I 146 54.25 45.60 -21.25
N TYR I 147 55.42 45.42 -20.64
CA TYR I 147 55.66 44.27 -19.77
C TYR I 147 54.76 44.27 -18.56
N GLY I 148 54.73 45.38 -17.83
CA GLY I 148 53.92 45.52 -16.64
C GLY I 148 52.44 45.52 -16.95
N THR I 149 52.06 46.11 -18.10
CA THR I 149 50.66 46.10 -18.50
C THR I 149 50.21 44.71 -18.83
N ASN I 150 51.07 43.89 -19.49
CA ASN I 150 50.69 42.52 -19.78
C ASN I 150 50.45 41.73 -18.50
N LEU I 151 51.28 41.93 -17.48
CA LEU I 151 51.09 41.24 -16.22
C LEU I 151 49.82 41.71 -15.55
N PHE I 152 49.57 43.03 -15.56
CA PHE I 152 48.39 43.66 -14.98
C PHE I 152 47.08 43.12 -15.58
N GLU I 153 47.10 42.91 -16.91
CA GLU I 153 45.98 42.40 -17.67
C GLU I 153 45.64 40.95 -17.37
N GLN I 154 46.63 40.14 -16.98
CA GLN I 154 46.38 38.75 -16.59
C GLN I 154 46.32 38.77 -15.07
N LEU I 155 45.15 39.06 -14.52
CA LEU I 155 45.01 39.18 -13.09
C LEU I 155 43.76 38.39 -12.71
N SER I 156 43.91 37.12 -12.32
CA SER I 156 42.76 36.29 -11.93
C SER I 156 42.18 36.73 -10.58
N CYS I 157 40.96 36.23 -10.22
CA CYS I 157 40.39 36.61 -8.94
C CYS I 157 39.61 35.53 -8.15
N TYR I 158 39.23 34.40 -8.75
CA TYR I 158 38.41 33.35 -8.12
C TYR I 158 36.98 33.83 -7.99
N ASN I 159 36.70 34.99 -7.33
CA ASN I 159 35.32 35.45 -7.26
C ASN I 159 35.01 36.70 -8.08
N ASN I 160 35.94 37.63 -8.32
CA ASN I 160 35.66 38.87 -9.10
C ASN I 160 34.88 39.88 -8.28
N ASN I 161 34.01 39.43 -7.39
CA ASN I 161 33.26 40.31 -6.48
C ASN I 161 34.01 40.45 -5.13
N PHE I 162 34.89 39.47 -4.83
CA PHE I 162 35.74 39.42 -3.66
C PHE I 162 37.11 39.01 -4.20
N CYS I 163 38.00 40.01 -4.35
CA CYS I 163 39.37 39.87 -4.85
C CYS I 163 40.28 40.11 -3.67
N ASN I 164 41.18 39.18 -3.38
CA ASN I 164 42.09 39.32 -2.24
C ASN I 164 43.14 40.39 -2.39
N THR I 165 43.21 41.27 -1.39
CA THR I 165 44.22 42.31 -1.37
C THR I 165 45.50 41.81 -0.73
N ASN I 166 45.88 40.56 -1.03
CA ASN I 166 47.09 39.99 -0.49
C ASN I 166 48.29 40.55 -1.21
N GLY I 167 48.22 40.63 -2.54
CA GLY I 167 49.27 41.18 -3.39
C GLY I 167 49.65 42.58 -2.99
N ILE I 168 48.65 43.40 -2.61
CA ILE I 168 48.91 44.76 -2.17
C ILE I 168 49.75 44.77 -0.88
N ARG I 169 49.37 43.98 0.18
CA ARG I 169 50.20 43.98 1.38
C ARG I 169 51.54 43.33 1.16
N TYR I 170 51.62 42.14 0.54
CA TYR I 170 52.91 41.48 0.31
C TYR I 170 53.91 42.38 -0.41
N HIS I 171 53.44 43.09 -1.46
CA HIS I 171 54.27 44.04 -2.22
C HIS I 171 54.67 45.24 -1.35
N TYR I 172 53.70 45.88 -0.67
CA TYR I 172 53.99 47.03 0.19
C TYR I 172 55.00 46.64 1.30
N ASP I 173 54.69 45.59 2.07
CA ASP I 173 55.55 45.14 3.17
C ASP I 173 56.99 44.89 2.74
N GLU I 174 57.22 44.19 1.62
CA GLU I 174 58.60 43.92 1.22
C GLU I 174 59.28 45.14 0.59
N TYR I 175 58.74 45.66 -0.49
CA TYR I 175 59.37 46.76 -1.24
C TYR I 175 59.22 48.19 -0.67
N ILE I 176 58.03 48.60 -0.20
CA ILE I 176 57.79 50.00 0.19
C ILE I 176 57.85 50.33 1.68
N HIS I 177 57.37 49.44 2.54
CA HIS I 177 57.29 49.71 3.97
C HIS I 177 58.60 50.12 4.60
N LYS I 178 59.66 49.40 4.29
CA LYS I 178 60.99 49.67 4.81
C LYS I 178 61.45 51.13 4.53
N LEU I 179 61.19 51.61 3.30
CA LEU I 179 61.53 52.97 2.84
C LEU I 179 60.77 54.03 3.63
N ILE I 180 59.49 53.74 3.96
CA ILE I 180 58.64 54.66 4.73
C ILE I 180 59.28 54.88 6.10
N LEU I 181 59.72 53.79 6.75
CA LEU I 181 60.33 53.85 8.07
C LEU I 181 61.70 54.53 8.10
N SER I 182 62.53 54.34 7.05
CA SER I 182 63.85 54.99 7.01
C SER I 182 63.68 56.51 6.94
N VAL I 183 62.76 56.96 6.10
CA VAL I 183 62.45 58.37 5.92
C VAL I 183 61.79 58.98 7.17
N LYS I 184 60.91 58.22 7.83
CA LYS I 184 60.26 58.66 9.06
C LYS I 184 61.28 58.97 10.16
N SER I 185 62.33 58.15 10.24
CA SER I 185 63.39 58.32 11.22
C SER I 185 64.36 59.47 10.89
N LYS I 186 64.51 59.77 9.60
CA LYS I 186 65.49 60.76 9.13
C LYS I 186 65.26 62.24 9.53
N ASN I 187 64.01 62.75 9.51
CA ASN I 187 63.72 64.17 9.79
C ASN I 187 64.43 65.04 8.73
N LEU I 188 63.91 64.99 7.50
CA LEU I 188 64.47 65.69 6.35
C LEU I 188 64.36 67.22 6.41
N ASN I 189 63.58 67.75 7.35
CA ASN I 189 63.42 69.19 7.52
C ASN I 189 64.63 69.76 8.25
N LYS I 190 65.14 69.02 9.27
CA LYS I 190 66.34 69.40 10.01
C LYS I 190 67.53 69.38 9.06
N ASP I 191 67.60 68.39 8.15
CA ASP I 191 68.66 68.27 7.15
C ASP I 191 68.70 69.53 6.28
N LEU I 192 67.51 70.04 5.87
CA LEU I 192 67.37 71.24 5.06
C LEU I 192 67.77 72.48 5.84
N SER I 193 67.40 72.54 7.13
CA SER I 193 67.75 73.65 8.00
C SER I 193 69.25 73.74 8.16
N ASP I 194 69.93 72.59 8.34
CA ASP I 194 71.39 72.53 8.47
C ASP I 194 72.09 72.93 7.17
N MET I 195 71.45 72.72 6.02
CA MET I 195 72.00 73.10 4.72
C MET I 195 71.89 74.59 4.48
N THR I 196 70.86 75.26 5.03
CA THR I 196 70.73 76.71 4.88
C THR I 196 71.84 77.38 5.67
N ASN I 197 72.13 76.88 6.90
CA ASN I 197 73.20 77.39 7.76
C ASN I 197 74.54 77.29 7.05
N ILE I 198 74.78 76.20 6.31
CA ILE I 198 76.01 76.01 5.55
C ILE I 198 76.12 77.08 4.45
N LEU I 199 75.03 77.31 3.70
CA LEU I 199 75.02 78.32 2.64
C LEU I 199 75.09 79.76 3.17
N GLN I 200 74.60 80.00 4.40
CA GLN I 200 74.65 81.30 5.07
C GLN I 200 76.07 81.58 5.55
N GLN I 201 76.75 80.55 6.10
CA GLN I 201 78.13 80.68 6.56
C GLN I 201 79.05 80.97 5.38
N SER I 202 78.83 80.27 4.26
CA SER I 202 79.61 80.49 3.06
C SER I 202 79.32 81.85 2.45
N GLU I 203 78.05 82.29 2.49
CA GLU I 203 77.63 83.60 1.98
C GLU I 203 78.25 84.75 2.78
N LEU I 204 78.43 84.56 4.10
CA LEU I 204 79.02 85.56 4.98
C LEU I 204 80.52 85.62 4.74
N LEU I 205 81.18 84.46 4.63
CA LEU I 205 82.60 84.39 4.37
C LEU I 205 82.95 84.98 3.00
N LEU I 206 82.09 84.73 2.00
CA LEU I 206 82.21 85.22 0.62
C LEU I 206 82.12 86.75 0.58
N THR I 207 81.19 87.33 1.37
CA THR I 207 81.02 88.78 1.40
C THR I 207 82.10 89.45 2.28
N ASN I 208 82.61 88.74 3.30
CA ASN I 208 83.70 89.23 4.15
C ASN I 208 85.02 89.25 3.38
N LEU I 209 85.22 88.30 2.46
CA LEU I 209 86.42 88.27 1.63
C LEU I 209 86.33 89.42 0.64
N ASN I 210 85.17 89.59 -0.02
CA ASN I 210 84.94 90.66 -1.00
C ASN I 210 85.11 92.06 -0.39
N LYS I 211 84.55 92.27 0.81
CA LYS I 211 84.63 93.55 1.50
C LYS I 211 86.00 93.81 2.12
N LYS I 212 86.50 92.85 2.92
CA LYS I 212 87.80 93.01 3.59
C LYS I 212 89.00 92.75 2.65
N MET I 213 89.36 91.48 2.37
CA MET I 213 90.52 91.18 1.54
C MET I 213 90.15 90.47 0.24
N GLY I 214 89.70 91.23 -0.75
CA GLY I 214 89.33 90.68 -2.05
C GLY I 214 90.51 90.30 -2.92
N SER I 215 91.74 90.67 -2.49
CA SER I 215 93.00 90.40 -3.17
C SER I 215 93.45 88.95 -2.93
N TYR I 216 92.50 87.99 -2.98
CA TYR I 216 92.81 86.58 -2.73
C TYR I 216 92.67 85.71 -3.97
N ILE I 217 93.48 84.66 -4.01
CA ILE I 217 93.42 83.64 -5.05
C ILE I 217 92.21 82.72 -4.71
N TYR I 218 91.59 82.08 -5.73
CA TYR I 218 90.46 81.15 -5.56
C TYR I 218 89.15 81.78 -5.07
N ILE I 219 89.01 83.11 -5.13
CA ILE I 219 87.77 83.77 -4.71
C ILE I 219 86.60 83.45 -5.66
N ASP I 220 86.90 83.30 -6.95
CA ASP I 220 85.93 82.97 -8.00
C ASP I 220 85.47 81.51 -7.88
N THR I 221 86.38 80.60 -7.50
CA THR I 221 86.04 79.19 -7.32
C THR I 221 85.10 79.01 -6.12
N ILE I 222 85.25 79.84 -5.07
CA ILE I 222 84.37 79.80 -3.89
C ILE I 222 82.96 80.25 -4.32
N LYS I 223 82.90 81.34 -5.09
CA LYS I 223 81.66 81.92 -5.61
C LYS I 223 80.92 80.92 -6.53
N PHE I 224 81.67 80.14 -7.33
CA PHE I 224 81.11 79.13 -8.23
C PHE I 224 80.54 77.96 -7.43
N ILE I 225 81.32 77.43 -6.48
CA ILE I 225 80.90 76.30 -5.66
C ILE I 225 79.66 76.65 -4.83
N HIS I 226 79.63 77.86 -4.25
CA HIS I 226 78.48 78.29 -3.47
C HIS I 226 77.26 78.49 -4.36
N LYS I 227 77.45 78.96 -5.60
CA LYS I 227 76.35 79.14 -6.55
C LYS I 227 75.78 77.78 -6.95
N GLU I 228 76.66 76.80 -7.19
CA GLU I 228 76.26 75.45 -7.56
C GLU I 228 75.56 74.75 -6.40
N MET I 229 76.07 74.93 -5.17
CA MET I 229 75.48 74.37 -3.95
C MET I 229 74.14 74.98 -3.60
N LYS I 230 73.93 76.25 -3.96
CA LYS I 230 72.66 76.92 -3.71
C LYS I 230 71.56 76.28 -4.58
N HIS I 231 71.89 75.93 -5.84
CA HIS I 231 70.97 75.28 -6.78
C HIS I 231 70.67 73.84 -6.37
N ILE I 232 71.70 73.12 -5.88
CA ILE I 232 71.56 71.74 -5.37
C ILE I 232 70.57 71.74 -4.21
N PHE I 233 70.70 72.72 -3.30
CA PHE I 233 69.82 72.87 -2.15
C PHE I 233 68.36 73.02 -2.60
N ASN I 234 68.11 73.83 -3.63
CA ASN I 234 66.75 74.04 -4.11
C ASN I 234 66.11 72.77 -4.68
N ARG I 235 66.90 71.92 -5.35
CA ARG I 235 66.37 70.67 -5.86
C ARG I 235 66.13 69.70 -4.71
N ILE I 236 66.99 69.70 -3.67
CA ILE I 236 66.78 68.87 -2.48
C ILE I 236 65.52 69.33 -1.77
N GLU I 237 65.33 70.64 -1.66
CA GLU I 237 64.17 71.29 -1.06
C GLU I 237 62.87 70.86 -1.78
N TYR I 238 62.94 70.67 -3.11
CA TYR I 238 61.82 70.24 -3.93
C TYR I 238 61.49 68.78 -3.65
N HIS I 239 62.49 67.90 -3.70
CA HIS I 239 62.29 66.48 -3.48
C HIS I 239 61.85 66.16 -2.07
N THR I 240 62.41 66.83 -1.05
CA THR I 240 62.01 66.60 0.35
C THR I 240 60.55 66.98 0.59
N LYS I 241 60.03 67.99 -0.15
CA LYS I 241 58.65 68.41 -0.05
C LYS I 241 57.75 67.27 -0.53
N ILE I 242 58.11 66.63 -1.65
CA ILE I 242 57.39 65.50 -2.22
C ILE I 242 57.41 64.32 -1.25
N ILE I 243 58.60 63.90 -0.79
CA ILE I 243 58.77 62.79 0.16
C ILE I 243 57.90 62.99 1.40
N ASN I 244 57.91 64.20 1.94
CA ASN I 244 57.13 64.53 3.13
C ASN I 244 55.65 64.20 3.01
N ASP I 245 54.97 64.73 1.98
CA ASP I 245 53.54 64.47 1.85
C ASP I 245 53.25 63.09 1.27
N LYS I 246 54.09 62.59 0.35
CA LYS I 246 53.91 61.25 -0.19
C LYS I 246 54.08 60.17 0.87
N THR I 247 54.84 60.43 1.95
CA THR I 247 54.97 59.48 3.04
C THR I 247 53.62 59.38 3.75
N LYS I 248 52.99 60.54 4.03
CA LYS I 248 51.68 60.60 4.67
C LYS I 248 50.64 59.92 3.78
N ILE I 249 50.59 60.28 2.48
CA ILE I 249 49.64 59.72 1.53
C ILE I 249 49.73 58.19 1.47
N ILE I 250 50.93 57.64 1.20
CA ILE I 250 51.16 56.20 1.13
C ILE I 250 50.71 55.49 2.42
N GLN I 251 51.08 56.05 3.58
CA GLN I 251 50.72 55.47 4.87
C GLN I 251 49.22 55.47 5.15
N ASP I 252 48.51 56.49 4.66
CA ASP I 252 47.06 56.60 4.85
C ASP I 252 46.31 55.69 3.88
N LYS I 253 46.73 55.70 2.59
CA LYS I 253 46.12 54.93 1.52
C LYS I 253 46.26 53.45 1.71
N ILE I 254 47.47 52.99 2.07
CA ILE I 254 47.70 51.56 2.26
C ILE I 254 46.75 50.93 3.29
N LYS I 255 46.42 51.67 4.36
CA LYS I 255 45.49 51.21 5.39
C LYS I 255 44.13 50.78 4.81
N LEU I 256 43.71 51.46 3.74
CA LEU I 256 42.40 51.27 3.11
C LEU I 256 42.35 50.22 2.02
N ASN I 257 43.49 49.74 1.54
CA ASN I 257 43.54 48.76 0.47
C ASN I 257 44.32 47.54 0.98
N ILE I 258 44.10 47.10 2.25
CA ILE I 258 44.95 46.05 2.77
C ILE I 258 44.25 44.80 3.37
N TRP I 259 43.18 44.91 4.17
CA TRP I 259 42.53 43.68 4.66
C TRP I 259 41.08 43.61 4.18
N ARG I 260 40.90 43.96 2.90
CA ARG I 260 39.64 44.08 2.17
C ARG I 260 39.47 43.03 1.04
N THR I 261 38.32 43.07 0.36
CA THR I 261 38.05 42.26 -0.82
C THR I 261 37.33 43.15 -1.79
N PHE I 262 38.07 43.75 -2.71
CA PHE I 262 37.48 44.63 -3.72
C PHE I 262 36.90 43.84 -4.88
N GLN I 263 36.02 44.48 -5.67
CA GLN I 263 35.56 43.87 -6.92
C GLN I 263 36.72 44.09 -7.89
N LYS I 264 37.02 43.14 -8.78
CA LYS I 264 38.15 43.24 -9.70
C LYS I 264 38.41 44.64 -10.28
N ASP I 265 37.37 45.32 -10.80
CA ASP I 265 37.49 46.69 -11.34
C ASP I 265 38.11 47.65 -10.33
N GLU I 266 37.59 47.62 -9.08
CA GLU I 266 38.07 48.45 -7.99
C GLU I 266 39.43 48.02 -7.47
N LEU I 267 39.71 46.72 -7.48
CA LEU I 267 40.99 46.16 -7.05
C LEU I 267 42.09 46.68 -7.99
N LEU I 268 41.86 46.61 -9.31
CA LEU I 268 42.81 47.09 -10.31
C LEU I 268 43.06 48.58 -10.17
N LYS I 269 41.99 49.35 -9.90
CA LYS I 269 42.08 50.80 -9.68
C LYS I 269 43.02 51.12 -8.51
N ARG I 270 42.93 50.35 -7.41
CA ARG I 270 43.78 50.55 -6.25
C ARG I 270 45.23 50.25 -6.57
N ILE I 271 45.49 49.14 -7.29
CA ILE I 271 46.84 48.77 -7.70
C ILE I 271 47.52 49.89 -8.51
N LEU I 272 46.78 50.51 -9.43
CA LEU I 272 47.33 51.60 -10.24
C LEU I 272 47.62 52.81 -9.36
N ASP I 273 46.66 53.16 -8.49
CA ASP I 273 46.77 54.30 -7.58
C ASP I 273 47.97 54.16 -6.67
N MET I 274 48.15 52.98 -6.09
CA MET I 274 49.27 52.72 -5.20
C MET I 274 50.56 52.78 -5.98
N SER I 275 50.67 52.05 -7.11
CA SER I 275 51.86 52.09 -7.97
C SER I 275 52.27 53.50 -8.37
N ASN I 276 51.30 54.42 -8.46
CA ASN I 276 51.55 55.82 -8.79
C ASN I 276 52.18 56.53 -7.60
N GLU I 277 51.56 56.41 -6.42
CA GLU I 277 52.05 57.02 -5.20
C GLU I 277 53.44 56.51 -4.85
N TYR I 278 53.64 55.19 -4.98
CA TYR I 278 54.93 54.56 -4.72
C TYR I 278 56.01 55.16 -5.67
N SER I 279 55.70 55.26 -6.98
CA SER I 279 56.65 55.77 -7.99
C SER I 279 57.09 57.22 -7.77
N LEU I 280 56.16 58.12 -7.43
CA LEU I 280 56.51 59.51 -7.16
C LEU I 280 57.38 59.60 -5.92
N PHE I 281 57.05 58.81 -4.88
CA PHE I 281 57.79 58.78 -3.63
C PHE I 281 59.21 58.26 -3.84
N ILE I 282 59.35 57.10 -4.48
CA ILE I 282 60.65 56.49 -4.67
C ILE I 282 61.56 57.35 -5.54
N THR I 283 60.99 58.05 -6.54
CA THR I 283 61.77 58.92 -7.40
C THR I 283 62.37 60.08 -6.61
N SER I 284 61.53 60.84 -5.91
CA SER I 284 61.96 61.99 -5.14
C SER I 284 62.86 61.59 -3.99
N ASP I 285 62.63 60.42 -3.38
CA ASP I 285 63.48 59.95 -2.29
C ASP I 285 64.87 59.59 -2.78
N HIS I 286 64.92 58.84 -3.89
CA HIS I 286 66.17 58.39 -4.50
C HIS I 286 67.01 59.61 -4.90
N LEU I 287 66.38 60.58 -5.59
CA LEU I 287 67.06 61.79 -6.04
C LEU I 287 67.50 62.68 -4.90
N ARG I 288 66.69 62.80 -3.84
CA ARG I 288 67.05 63.63 -2.68
C ARG I 288 68.32 63.10 -2.02
N GLN I 289 68.43 61.77 -1.88
CA GLN I 289 69.61 61.17 -1.28
C GLN I 289 70.83 61.38 -2.15
N MET I 290 70.67 61.25 -3.47
CA MET I 290 71.80 61.46 -4.38
C MET I 290 72.28 62.90 -4.35
N LEU I 291 71.34 63.87 -4.40
CA LEU I 291 71.62 65.30 -4.34
C LEU I 291 72.23 65.72 -3.01
N TYR I 292 71.82 65.06 -1.92
CA TYR I 292 72.34 65.29 -0.58
C TYR I 292 73.84 64.98 -0.56
N ASN I 293 74.23 63.85 -1.18
CA ASN I 293 75.62 63.44 -1.27
C ASN I 293 76.44 64.41 -2.09
N THR I 294 75.85 64.96 -3.17
CA THR I 294 76.55 65.91 -4.03
C THR I 294 76.70 67.28 -3.32
N PHE I 295 75.70 67.67 -2.51
CA PHE I 295 75.77 68.94 -1.78
C PHE I 295 76.93 68.88 -0.79
N TYR I 296 77.06 67.77 -0.07
CA TYR I 296 78.13 67.62 0.90
C TYR I 296 79.48 67.26 0.27
N SER I 297 79.48 66.72 -0.95
CA SER I 297 80.73 66.48 -1.67
C SER I 297 81.27 67.83 -2.14
N LYS I 298 80.39 68.72 -2.63
CA LYS I 298 80.80 70.04 -3.04
C LYS I 298 81.23 70.88 -1.82
N GLU I 299 80.56 70.70 -0.66
CA GLU I 299 80.95 71.41 0.57
C GLU I 299 82.29 70.90 1.13
N LYS I 300 82.69 69.65 0.80
CA LYS I 300 83.97 69.12 1.23
C LYS I 300 85.07 69.87 0.47
N HIS I 301 84.96 69.97 -0.88
CA HIS I 301 85.94 70.71 -1.70
C HIS I 301 85.97 72.20 -1.32
N LEU I 302 84.82 72.74 -0.90
CA LEU I 302 84.61 74.13 -0.51
C LEU I 302 85.26 74.47 0.84
N ASN I 303 85.25 73.53 1.79
CA ASN I 303 85.85 73.76 3.10
C ASN I 303 87.34 73.93 2.99
N ASN I 304 87.99 73.10 2.17
CA ASN I 304 89.43 73.14 1.96
C ASN I 304 89.87 74.46 1.32
N ILE I 305 89.08 75.01 0.37
CA ILE I 305 89.40 76.31 -0.26
C ILE I 305 89.15 77.45 0.74
N PHE I 306 88.16 77.31 1.61
CA PHE I 306 87.83 78.30 2.63
C PHE I 306 88.91 78.39 3.69
N HIS I 307 89.42 77.24 4.14
CA HIS I 307 90.47 77.19 5.14
C HIS I 307 91.80 77.70 4.58
N HIS I 308 92.07 77.44 3.30
CA HIS I 308 93.27 77.91 2.62
C HIS I 308 93.32 79.44 2.61
N LEU I 309 92.17 80.10 2.43
CA LEU I 309 92.11 81.56 2.41
C LEU I 309 92.15 82.20 3.81
N ILE I 310 91.89 81.43 4.87
CA ILE I 310 92.02 81.96 6.23
C ILE I 310 93.53 82.01 6.63
N TYR I 311 94.37 81.12 6.02
CA TYR I 311 95.81 81.07 6.27
C TYR I 311 96.53 82.20 5.52
N VAL I 312 96.05 82.57 4.32
CA VAL I 312 96.63 83.69 3.57
C VAL I 312 96.23 85.06 4.18
N LEU I 313 95.20 85.08 5.06
CA LEU I 313 94.76 86.25 5.83
C LEU I 313 95.84 86.57 6.89
N GLN I 314 96.48 85.53 7.47
CA GLN I 314 97.56 85.66 8.44
C GLN I 314 98.82 86.25 7.81
N MET I 315 99.07 85.97 6.53
CA MET I 315 100.22 86.55 5.84
C MET I 315 99.94 87.93 5.21
N LYS I 316 98.70 88.43 5.32
CA LYS I 316 98.30 89.76 4.87
C LYS I 316 98.51 90.75 6.02
N PHE I 317 98.19 90.32 7.27
CA PHE I 317 98.28 91.05 8.53
C PHE I 317 99.73 91.45 8.90
N ASN I 318 100.72 90.68 8.43
CA ASN I 318 102.15 90.90 8.67
C ASN I 318 102.63 92.23 8.08
N GLN J 1 39.88 36.17 -23.63
CA GLN J 1 41.30 36.00 -23.95
C GLN J 1 41.66 36.63 -25.30
N VAL J 2 42.90 37.12 -25.44
CA VAL J 2 43.36 37.77 -26.67
C VAL J 2 43.37 36.79 -27.84
N GLN J 3 42.80 37.21 -28.99
CA GLN J 3 42.70 36.36 -30.18
C GLN J 3 42.99 37.11 -31.47
N LEU J 4 43.79 36.51 -32.35
CA LEU J 4 44.11 37.13 -33.64
C LEU J 4 43.47 36.34 -34.78
N GLN J 5 42.85 37.02 -35.76
CA GLN J 5 42.21 36.34 -36.88
C GLN J 5 42.47 37.02 -38.21
N GLU J 6 43.18 36.33 -39.10
CA GLU J 6 43.53 36.85 -40.41
C GLU J 6 42.43 36.59 -41.41
N SER J 7 42.18 37.57 -42.28
CA SER J 7 41.13 37.55 -43.29
C SER J 7 41.66 38.21 -44.55
N GLY J 8 41.73 37.45 -45.63
CA GLY J 8 42.25 37.97 -46.89
C GLY J 8 41.70 37.35 -48.15
N PRO J 9 42.38 37.59 -49.28
CA PRO J 9 41.89 37.07 -50.56
C PRO J 9 42.09 35.57 -50.76
N GLY J 10 43.27 35.07 -50.37
CA GLY J 10 43.59 33.65 -50.53
C GLY J 10 44.06 33.24 -51.92
N LEU J 11 43.90 34.12 -52.91
CA LEU J 11 44.32 33.89 -54.28
C LEU J 11 44.60 35.24 -54.92
N VAL J 12 45.87 35.52 -55.23
CA VAL J 12 46.23 36.79 -55.84
C VAL J 12 46.92 36.55 -57.18
N LYS J 13 46.51 37.26 -58.22
CA LYS J 13 47.13 37.11 -59.55
C LYS J 13 48.50 37.78 -59.54
N PRO J 14 49.48 37.18 -60.24
CA PRO J 14 50.84 37.74 -60.24
C PRO J 14 50.97 39.23 -60.58
N SER J 15 51.87 39.90 -59.83
CA SER J 15 52.20 41.33 -59.91
C SER J 15 51.17 42.26 -59.25
N GLU J 16 50.07 41.70 -58.72
CA GLU J 16 49.06 42.49 -58.00
C GLU J 16 49.45 42.63 -56.52
N THR J 17 48.72 43.46 -55.75
CA THR J 17 49.03 43.64 -54.33
C THR J 17 48.21 42.68 -53.43
N LEU J 18 48.91 41.85 -52.64
CA LEU J 18 48.29 40.93 -51.70
C LEU J 18 47.86 41.72 -50.47
N SER J 19 46.55 41.68 -50.10
CA SER J 19 46.08 42.43 -48.94
C SER J 19 45.30 41.63 -47.92
N LEU J 20 45.98 41.23 -46.85
CA LEU J 20 45.37 40.52 -45.75
C LEU J 20 45.22 41.46 -44.56
N THR J 21 44.20 41.24 -43.73
CA THR J 21 44.04 42.04 -42.52
C THR J 21 43.93 41.11 -41.32
N CYS J 22 44.34 41.59 -40.16
CA CYS J 22 44.24 40.83 -38.94
C CYS J 22 43.36 41.54 -37.94
N THR J 23 42.41 40.81 -37.36
CA THR J 23 41.45 41.40 -36.43
C THR J 23 41.72 40.98 -34.98
N VAL J 24 42.31 41.91 -34.18
CA VAL J 24 42.63 41.69 -32.76
C VAL J 24 41.39 41.76 -31.90
N SER J 25 40.89 40.60 -31.48
CA SER J 25 39.69 40.51 -30.67
C SER J 25 40.02 40.09 -29.25
N GLY J 26 39.22 40.56 -28.29
CA GLY J 26 39.43 40.24 -26.88
C GLY J 26 40.71 40.84 -26.33
N GLY J 27 41.07 42.01 -26.81
CA GLY J 27 42.28 42.70 -26.40
C GLY J 27 42.58 43.89 -27.29
N SER J 28 43.35 44.84 -26.75
CA SER J 28 43.68 46.05 -27.48
C SER J 28 45.01 45.97 -28.22
N ILE J 29 45.18 46.84 -29.24
CA ILE J 29 46.43 46.88 -29.99
C ILE J 29 47.45 47.67 -29.18
N SER J 30 47.11 48.92 -28.80
CA SER J 30 47.93 49.87 -28.07
C SER J 30 49.43 49.85 -28.56
N THR J 31 50.41 49.89 -27.64
CA THR J 31 51.82 49.95 -28.04
C THR J 31 52.51 48.59 -28.21
N TYR J 32 51.76 47.50 -28.47
CA TYR J 32 52.39 46.19 -28.69
C TYR J 32 53.03 46.08 -30.10
N TYR J 33 53.82 45.02 -30.34
CA TYR J 33 54.52 44.74 -31.61
C TYR J 33 53.71 43.77 -32.47
N TRP J 34 52.97 44.27 -33.45
CA TRP J 34 52.13 43.43 -34.31
C TRP J 34 52.82 43.12 -35.65
N SER J 35 53.21 41.84 -35.82
CA SER J 35 53.98 41.32 -36.97
C SER J 35 53.17 40.43 -37.96
N TRP J 36 53.71 40.19 -39.19
CA TRP J 36 53.15 39.31 -40.20
C TRP J 36 54.28 38.35 -40.57
N ILE J 37 54.08 37.06 -40.36
CA ILE J 37 55.08 36.04 -40.64
C ILE J 37 54.49 35.06 -41.66
N ARG J 38 55.24 34.68 -42.72
CA ARG J 38 54.72 33.73 -43.69
C ARG J 38 55.46 32.40 -43.71
N GLN J 39 54.77 31.36 -44.16
CA GLN J 39 55.35 30.03 -44.23
C GLN J 39 55.00 29.34 -45.55
N PRO J 40 55.94 29.32 -46.51
CA PRO J 40 55.68 28.62 -47.78
C PRO J 40 55.32 27.15 -47.55
N PRO J 41 54.48 26.56 -48.43
CA PRO J 41 54.09 25.15 -48.23
C PRO J 41 55.25 24.18 -48.09
N GLY J 42 55.32 23.53 -46.94
CA GLY J 42 56.39 22.57 -46.64
C GLY J 42 57.74 23.21 -46.36
N LYS J 43 57.78 24.52 -46.15
CA LYS J 43 59.02 25.23 -45.86
C LYS J 43 58.97 25.87 -44.45
N GLY J 44 60.00 26.64 -44.10
CA GLY J 44 60.11 27.27 -42.79
C GLY J 44 59.41 28.61 -42.67
N LEU J 45 59.76 29.38 -41.63
CA LEU J 45 59.10 30.66 -41.37
C LEU J 45 59.94 31.89 -41.74
N GLU J 46 59.28 32.92 -42.26
CA GLU J 46 59.91 34.19 -42.63
C GLU J 46 59.13 35.34 -42.02
N TRP J 47 59.79 36.17 -41.21
CA TRP J 47 59.14 37.34 -40.63
C TRP J 47 59.16 38.43 -41.70
N LEU J 48 57.98 38.95 -42.08
CA LEU J 48 57.88 39.98 -43.13
C LEU J 48 58.17 41.39 -42.60
N GLY J 49 57.67 41.68 -41.41
CA GLY J 49 57.84 42.99 -40.77
C GLY J 49 56.91 43.19 -39.59
N TYR J 50 56.99 44.36 -38.91
CA TYR J 50 56.09 44.65 -37.79
C TYR J 50 55.75 46.14 -37.61
N ILE J 51 54.63 46.42 -36.95
CA ILE J 51 54.20 47.76 -36.61
C ILE J 51 54.12 47.80 -35.07
N TYR J 52 54.89 48.71 -34.44
CA TYR J 52 54.98 48.73 -32.99
C TYR J 52 54.83 50.12 -32.35
N HIS J 53 54.65 50.13 -31.01
CA HIS J 53 54.53 51.33 -30.18
C HIS J 53 53.51 52.35 -30.79
N SER J 54 53.94 53.57 -31.15
CA SER J 54 53.05 54.57 -31.71
C SER J 54 52.99 54.52 -33.24
N GLY J 55 53.17 53.35 -33.82
CA GLY J 55 53.09 53.18 -35.26
C GLY J 55 54.40 53.07 -36.01
N SER J 56 55.50 52.86 -35.28
CA SER J 56 56.82 52.71 -35.93
C SER J 56 56.86 51.38 -36.72
N THR J 57 57.57 51.37 -37.86
CA THR J 57 57.63 50.15 -38.68
C THR J 57 59.04 49.70 -39.09
N ASP J 58 59.29 48.38 -38.97
CA ASP J 58 60.52 47.73 -39.39
C ASP J 58 60.16 46.53 -40.25
N TYR J 59 60.74 46.43 -41.45
CA TYR J 59 60.45 45.33 -42.37
C TYR J 59 61.71 44.52 -42.71
N ASN J 60 61.53 43.30 -43.27
CA ASN J 60 62.67 42.47 -43.66
C ASN J 60 63.21 43.04 -44.99
N PRO J 61 64.52 43.32 -45.07
CA PRO J 61 65.10 43.91 -46.29
C PRO J 61 64.90 43.08 -47.55
N SER J 62 64.86 41.74 -47.42
CA SER J 62 64.66 40.78 -48.51
C SER J 62 63.37 41.07 -49.30
N LEU J 63 62.36 41.67 -48.65
CA LEU J 63 61.09 42.01 -49.29
C LEU J 63 61.21 43.14 -50.33
N GLU J 64 62.38 43.84 -50.40
CA GLU J 64 62.65 44.90 -51.38
C GLU J 64 61.60 46.06 -51.45
N SER J 65 61.35 46.73 -50.32
CA SER J 65 60.44 47.88 -50.25
C SER J 65 59.03 47.61 -50.82
N ARG J 66 58.57 46.35 -50.78
CA ARG J 66 57.22 46.01 -51.27
C ARG J 66 56.25 45.59 -50.15
N VAL J 67 56.68 45.66 -48.90
CA VAL J 67 55.87 45.30 -47.74
C VAL J 67 55.40 46.56 -46.98
N THR J 68 54.10 46.66 -46.67
CA THR J 68 53.57 47.80 -45.91
C THR J 68 52.60 47.32 -44.85
N ILE J 69 52.91 47.57 -43.58
CA ILE J 69 52.02 47.18 -42.48
C ILE J 69 51.44 48.45 -41.88
N SER J 70 50.12 48.51 -41.83
CA SER J 70 49.40 49.67 -41.32
C SER J 70 48.41 49.26 -40.27
N VAL J 71 47.97 50.20 -39.43
CA VAL J 71 47.01 49.90 -38.38
C VAL J 71 45.99 50.99 -38.19
N ASP J 72 44.70 50.67 -38.33
CA ASP J 72 43.65 51.61 -37.99
C ASP J 72 43.24 51.16 -36.59
N THR J 73 43.97 51.64 -35.53
CA THR J 73 43.80 51.28 -34.12
C THR J 73 42.34 51.27 -33.68
N SER J 74 41.55 52.23 -34.20
CA SER J 74 40.12 52.41 -33.98
C SER J 74 39.31 51.17 -34.39
N ARG J 75 39.60 50.62 -35.58
CA ARG J 75 38.97 49.37 -36.05
C ARG J 75 39.45 48.15 -35.24
N THR J 76 40.61 48.27 -34.53
CA THR J 76 41.29 47.24 -33.76
C THR J 76 41.77 46.18 -34.73
N ARG J 77 42.49 46.62 -35.75
CA ARG J 77 42.99 45.76 -36.81
C ARG J 77 44.28 46.29 -37.36
N PHE J 78 45.16 45.41 -37.76
CA PHE J 78 46.37 45.79 -38.50
C PHE J 78 46.34 45.01 -39.82
N SER J 79 46.99 45.52 -40.86
CA SER J 79 46.92 44.87 -42.17
C SER J 79 48.21 44.90 -42.96
N LEU J 80 48.37 43.93 -43.86
CA LEU J 80 49.53 43.74 -44.72
C LEU J 80 49.19 44.05 -46.17
N ARG J 81 50.14 44.63 -46.91
CA ARG J 81 50.01 44.88 -48.33
C ARG J 81 51.34 44.51 -48.96
N LEU J 82 51.35 43.49 -49.83
CA LEU J 82 52.56 43.01 -50.47
C LEU J 82 52.46 43.23 -51.99
N ARG J 83 53.07 44.33 -52.49
CA ARG J 83 53.04 44.72 -53.90
C ARG J 83 53.86 43.81 -54.84
N SER J 84 53.43 43.68 -56.11
CA SER J 84 54.07 42.88 -57.15
C SER J 84 54.38 41.44 -56.73
N VAL J 85 53.33 40.64 -56.47
CA VAL J 85 53.49 39.25 -56.02
C VAL J 85 54.05 38.33 -57.12
N THR J 86 54.69 37.26 -56.67
CA THR J 86 55.33 36.21 -57.45
C THR J 86 54.83 34.88 -56.88
N ALA J 87 55.00 33.75 -57.62
CA ALA J 87 54.67 32.44 -57.05
C ALA J 87 55.53 32.14 -55.78
N ALA J 88 56.60 32.94 -55.57
CA ALA J 88 57.49 32.96 -54.41
C ALA J 88 56.70 33.34 -53.15
N ASP J 89 55.73 34.25 -53.29
CA ASP J 89 54.90 34.73 -52.18
C ASP J 89 53.69 33.81 -51.87
N THR J 90 53.63 32.60 -52.46
CA THR J 90 52.59 31.63 -52.13
C THR J 90 52.98 31.07 -50.78
N ALA J 91 52.22 31.38 -49.72
CA ALA J 91 52.57 30.95 -48.35
C ALA J 91 51.34 31.00 -47.39
N VAL J 92 51.45 30.44 -46.17
CA VAL J 92 50.42 30.53 -45.16
C VAL J 92 50.78 31.79 -44.36
N TYR J 93 49.95 32.82 -44.42
CA TYR J 93 50.24 34.06 -43.74
C TYR J 93 49.70 34.12 -42.31
N TYR J 94 50.62 34.14 -41.34
CA TYR J 94 50.34 34.23 -39.92
C TYR J 94 50.48 35.69 -39.44
N CYS J 95 49.60 36.09 -38.50
CA CYS J 95 49.55 37.41 -37.85
C CYS J 95 49.91 37.16 -36.36
N ALA J 96 50.97 37.79 -35.83
CA ALA J 96 51.41 37.53 -34.44
C ALA J 96 51.63 38.79 -33.57
N ARG J 97 51.72 38.62 -32.22
CA ARG J 97 51.91 39.71 -31.28
C ARG J 97 53.11 39.49 -30.37
N SER J 98 54.07 40.40 -30.43
CA SER J 98 55.21 40.39 -29.53
C SER J 98 55.04 41.56 -28.54
N THR J 99 55.50 41.42 -27.28
CA THR J 99 55.35 42.51 -26.30
C THR J 99 56.49 43.51 -26.31
N THR J 100 57.74 43.02 -26.37
CA THR J 100 58.91 43.88 -26.33
C THR J 100 59.99 43.45 -27.34
N MET J 101 60.97 44.31 -27.59
CA MET J 101 62.18 43.96 -28.37
C MET J 101 63.36 43.62 -27.41
N ILE J 102 63.27 44.05 -26.12
CA ILE J 102 64.24 43.80 -25.06
C ILE J 102 64.20 42.30 -24.72
N GLN J 103 62.99 41.73 -24.55
CA GLN J 103 62.79 40.31 -24.27
C GLN J 103 61.74 39.77 -25.27
N GLN J 104 62.11 39.71 -26.55
CA GLN J 104 61.19 39.34 -27.63
C GLN J 104 60.82 37.86 -27.72
N TYR J 105 59.50 37.62 -27.81
CA TYR J 105 58.86 36.33 -28.06
C TYR J 105 57.38 36.56 -28.47
N PHE J 106 56.81 35.68 -29.32
CA PHE J 106 55.46 35.89 -29.83
C PHE J 106 54.33 35.28 -28.96
N ASP J 107 53.72 36.14 -28.11
CA ASP J 107 52.62 35.86 -27.18
C ASP J 107 51.40 35.18 -27.82
N TYR J 108 50.90 35.74 -28.94
CA TYR J 108 49.71 35.21 -29.59
C TYR J 108 49.88 35.09 -31.08
N TRP J 109 49.28 34.05 -31.67
CA TRP J 109 49.36 33.79 -33.10
C TRP J 109 47.96 33.61 -33.69
N GLY J 110 47.75 34.12 -34.90
CA GLY J 110 46.49 33.90 -35.60
C GLY J 110 46.41 32.48 -36.13
N ARG J 111 45.30 32.16 -36.79
CA ARG J 111 45.09 30.81 -37.31
C ARG J 111 45.91 30.53 -38.61
N GLY J 112 46.23 31.58 -39.34
CA GLY J 112 47.00 31.50 -40.58
C GLY J 112 46.15 31.20 -41.78
N THR J 113 46.26 32.03 -42.84
CA THR J 113 45.49 31.80 -44.05
C THR J 113 46.41 31.60 -45.22
N LEU J 114 46.11 30.62 -46.05
CA LEU J 114 46.89 30.32 -47.22
C LEU J 114 46.58 31.33 -48.31
N VAL J 115 47.62 31.92 -48.89
CA VAL J 115 47.51 32.84 -50.02
C VAL J 115 48.32 32.20 -51.14
N THR J 116 47.67 31.87 -52.25
CA THR J 116 48.34 31.19 -53.35
C THR J 116 48.40 32.07 -54.62
N VAL J 117 49.61 32.53 -55.00
CA VAL J 117 49.77 33.35 -56.20
C VAL J 117 49.86 32.46 -57.41
N GLN J 137 71.01 32.36 -41.69
CA GLN J 137 71.26 33.06 -40.43
C GLN J 137 71.20 32.08 -39.26
N MET J 138 70.08 31.36 -39.10
CA MET J 138 69.91 30.38 -38.03
C MET J 138 69.92 28.96 -38.58
N THR J 139 71.04 28.25 -38.39
CA THR J 139 71.18 26.89 -38.89
C THR J 139 70.76 25.81 -37.86
N GLN J 140 69.61 25.15 -38.09
CA GLN J 140 69.16 24.07 -37.18
C GLN J 140 69.79 22.73 -37.59
N SER J 141 70.60 22.11 -36.69
CA SER J 141 71.28 20.85 -37.00
C SER J 141 70.30 19.68 -37.33
N PRO J 142 69.48 19.10 -36.41
CA PRO J 142 68.56 18.03 -36.85
C PRO J 142 67.41 18.63 -37.66
N SER J 143 67.33 18.29 -38.96
CA SER J 143 66.27 18.79 -39.83
C SER J 143 64.98 17.97 -39.62
N SER J 144 65.17 16.65 -39.45
CA SER J 144 64.14 15.65 -39.15
C SER J 144 64.68 14.80 -38.00
N LEU J 145 63.78 14.13 -37.28
CA LEU J 145 64.19 13.29 -36.16
C LEU J 145 63.04 12.37 -35.82
N SER J 146 63.31 11.07 -35.71
CA SER J 146 62.27 10.12 -35.32
C SER J 146 62.74 9.28 -34.16
N ALA J 147 62.23 9.56 -32.96
CA ALA J 147 62.60 8.81 -31.76
C ALA J 147 61.37 8.12 -31.17
N SER J 148 61.58 7.08 -30.34
CA SER J 148 60.48 6.39 -29.67
C SER J 148 60.05 7.20 -28.42
N LEU J 149 58.86 6.90 -27.84
CA LEU J 149 58.43 7.63 -26.65
C LEU J 149 59.36 7.33 -25.48
N GLY J 150 59.61 8.35 -24.67
CA GLY J 150 60.52 8.23 -23.54
C GLY J 150 61.91 8.71 -23.86
N ASP J 151 62.34 8.60 -25.12
CA ASP J 151 63.67 9.04 -25.54
C ASP J 151 63.89 10.52 -25.30
N ARG J 152 65.13 10.90 -25.04
CA ARG J 152 65.48 12.30 -24.86
C ARG J 152 65.88 12.84 -26.23
N VAL J 153 65.15 13.85 -26.73
CA VAL J 153 65.52 14.43 -28.02
C VAL J 153 66.20 15.76 -27.78
N THR J 154 67.29 16.01 -28.50
CA THR J 154 68.07 17.22 -28.33
CA THR J 154 68.07 17.22 -28.33
C THR J 154 68.47 17.82 -29.69
N ILE J 155 67.93 19.02 -29.99
CA ILE J 155 68.11 19.84 -31.20
C ILE J 155 69.16 20.93 -30.94
N THR J 156 69.80 21.42 -32.01
CA THR J 156 70.79 22.49 -31.89
C THR J 156 70.56 23.61 -32.91
N CYS J 157 70.76 24.86 -32.49
CA CYS J 157 70.65 26.03 -33.36
C CYS J 157 71.93 26.83 -33.29
N GLN J 158 72.48 27.20 -34.44
CA GLN J 158 73.71 27.98 -34.47
C GLN J 158 73.52 29.25 -35.27
N ALA J 159 73.85 30.39 -34.66
CA ALA J 159 73.72 31.67 -35.32
C ALA J 159 74.94 32.00 -36.17
N SER J 160 74.76 32.84 -37.20
CA SER J 160 75.85 33.25 -38.07
C SER J 160 76.89 34.12 -37.31
N GLN J 161 76.48 34.75 -36.19
CA GLN J 161 77.35 35.59 -35.37
C GLN J 161 76.85 35.70 -33.91
N GLY J 162 77.52 36.49 -33.08
CA GLY J 162 77.18 36.68 -31.67
C GLY J 162 75.79 37.26 -31.43
N ILE J 163 74.93 36.48 -30.75
CA ILE J 163 73.53 36.83 -30.44
C ILE J 163 73.27 36.97 -28.91
N SER J 164 74.28 36.65 -28.05
CA SER J 164 74.15 36.66 -26.59
C SER J 164 73.07 35.60 -26.22
N ASN J 165 72.00 35.91 -25.45
CA ASN J 165 70.97 34.89 -25.19
C ASN J 165 69.65 35.27 -25.88
N SER J 166 69.70 35.99 -27.02
CA SER J 166 68.50 36.41 -27.76
C SER J 166 67.94 35.31 -28.67
N LEU J 167 67.50 34.21 -28.07
CA LEU J 167 66.97 33.08 -28.80
C LEU J 167 65.64 32.60 -28.22
N ASN J 168 64.73 32.16 -29.08
CA ASN J 168 63.42 31.64 -28.66
C ASN J 168 63.10 30.34 -29.37
N TRP J 169 62.32 29.45 -28.73
CA TRP J 169 61.94 28.18 -29.35
C TRP J 169 60.42 28.06 -29.47
N TYR J 170 59.92 27.65 -30.65
CA TYR J 170 58.49 27.50 -30.94
C TYR J 170 58.12 26.10 -31.41
N GLN J 171 57.07 25.52 -30.82
CA GLN J 171 56.58 24.20 -31.20
C GLN J 171 55.37 24.36 -32.14
N GLN J 172 55.56 24.07 -33.43
CA GLN J 172 54.48 24.19 -34.40
C GLN J 172 53.78 22.85 -34.63
N LYS J 173 52.65 22.63 -33.96
CA LYS J 173 51.85 21.41 -34.10
C LYS J 173 51.39 21.23 -35.55
N PRO J 174 51.23 19.98 -36.04
CA PRO J 174 50.85 19.79 -37.46
C PRO J 174 49.59 20.53 -37.89
N GLY J 175 49.73 21.46 -38.82
CA GLY J 175 48.61 22.26 -39.31
C GLY J 175 48.36 23.52 -38.51
N LYS J 176 48.75 23.51 -37.24
CA LYS J 176 48.56 24.64 -36.34
C LYS J 176 49.69 25.70 -36.45
N ALA J 177 49.48 26.89 -35.84
CA ALA J 177 50.48 27.95 -35.83
C ALA J 177 51.55 27.63 -34.76
N PRO J 178 52.77 28.19 -34.88
CA PRO J 178 53.79 27.94 -33.84
C PRO J 178 53.39 28.49 -32.45
N LYS J 179 53.95 27.94 -31.37
CA LYS J 179 53.64 28.38 -30.01
C LYS J 179 54.92 28.44 -29.15
N VAL J 180 55.11 29.50 -28.36
CA VAL J 180 56.30 29.69 -27.50
C VAL J 180 56.48 28.62 -26.44
N LEU J 181 57.71 28.09 -26.33
CA LEU J 181 58.04 27.14 -25.28
C LEU J 181 59.12 27.79 -24.40
N ILE J 182 60.19 28.31 -25.02
CA ILE J 182 61.29 28.93 -24.29
C ILE J 182 61.66 30.32 -24.83
N TYR J 183 61.82 31.29 -23.92
CA TYR J 183 62.22 32.67 -24.25
C TYR J 183 63.54 33.00 -23.53
N ASP J 184 64.37 33.86 -24.16
CA ASP J 184 65.69 34.29 -23.64
C ASP J 184 66.65 33.13 -23.46
N ALA J 185 66.63 32.20 -24.43
CA ALA J 185 67.48 31.01 -24.56
C ALA J 185 67.46 30.02 -23.39
N SER J 186 66.70 30.26 -22.30
CA SER J 186 66.67 29.32 -21.18
C SER J 186 65.40 29.34 -20.35
N ASN J 187 64.74 30.48 -20.27
CA ASN J 187 63.53 30.63 -19.44
C ASN J 187 62.30 30.01 -20.08
N LEU J 188 61.58 29.19 -19.32
CA LEU J 188 60.35 28.54 -19.78
C LEU J 188 59.17 29.50 -19.57
N GLU J 189 58.20 29.49 -20.50
CA GLU J 189 56.97 30.27 -20.33
C GLU J 189 56.13 29.61 -19.20
N THR J 190 55.23 30.35 -18.58
CA THR J 190 54.47 29.86 -17.42
C THR J 190 53.96 28.38 -17.48
N GLY J 191 53.13 28.03 -18.46
CA GLY J 191 52.55 26.69 -18.52
C GLY J 191 53.35 25.57 -19.15
N VAL J 192 54.36 25.89 -19.96
CA VAL J 192 55.13 24.86 -20.69
C VAL J 192 55.77 23.82 -19.75
N PRO J 193 55.61 22.52 -20.08
CA PRO J 193 56.12 21.46 -19.21
C PRO J 193 57.61 21.51 -18.97
N SER J 194 58.03 21.01 -17.80
CA SER J 194 59.43 21.00 -17.42
C SER J 194 60.31 20.10 -18.27
N ARG J 195 59.71 19.13 -19.00
CA ARG J 195 60.50 18.25 -19.86
C ARG J 195 61.25 19.03 -20.95
N PHE J 196 60.85 20.27 -21.25
CA PHE J 196 61.51 21.12 -22.23
C PHE J 196 62.63 21.93 -21.55
N SER J 197 63.80 22.01 -22.21
CA SER J 197 64.96 22.68 -21.64
C SER J 197 65.70 23.49 -22.67
N GLY J 198 65.81 24.79 -22.42
CA GLY J 198 66.58 25.67 -23.30
C GLY J 198 67.96 25.89 -22.71
N SER J 199 68.97 26.01 -23.58
CA SER J 199 70.33 26.22 -23.11
C SER J 199 71.19 26.90 -24.18
N GLY J 200 72.24 27.59 -23.75
CA GLY J 200 73.16 28.22 -24.69
C GLY J 200 73.23 29.72 -24.70
N SER J 201 74.34 30.25 -25.22
CA SER J 201 74.61 31.67 -25.35
C SER J 201 75.75 31.93 -26.34
N GLY J 202 75.64 33.06 -27.01
CA GLY J 202 76.60 33.47 -28.01
C GLY J 202 76.22 33.01 -29.40
N THR J 203 76.67 31.81 -29.78
CA THR J 203 76.42 31.30 -31.11
C THR J 203 75.80 29.90 -31.11
N ASP J 204 76.18 29.05 -30.14
CA ASP J 204 75.68 27.68 -30.09
C ASP J 204 74.60 27.51 -29.04
N PHE J 205 73.40 27.10 -29.47
CA PHE J 205 72.22 26.92 -28.64
C PHE J 205 71.66 25.52 -28.75
N THR J 206 71.00 25.05 -27.69
CA THR J 206 70.45 23.70 -27.68
C THR J 206 69.11 23.58 -26.94
N PHE J 207 68.13 22.99 -27.61
CA PHE J 207 66.78 22.69 -27.11
C PHE J 207 66.77 21.21 -26.81
N THR J 208 66.15 20.82 -25.69
CA THR J 208 66.13 19.40 -25.33
C THR J 208 64.85 19.01 -24.57
N ILE J 209 64.17 17.96 -25.06
CA ILE J 209 63.01 17.32 -24.44
C ILE J 209 63.62 16.13 -23.71
N THR J 210 63.59 16.14 -22.36
CA THR J 210 64.21 15.11 -21.54
C THR J 210 63.54 13.74 -21.66
N SER J 211 62.25 13.71 -22.03
CA SER J 211 61.50 12.47 -22.23
C SER J 211 60.36 12.73 -23.18
N LEU J 212 60.42 12.13 -24.37
CA LEU J 212 59.43 12.29 -25.44
C LEU J 212 58.03 11.82 -25.06
N GLN J 213 57.04 12.66 -25.32
CA GLN J 213 55.63 12.39 -25.06
C GLN J 213 54.86 12.39 -26.38
N PRO J 214 53.76 11.64 -26.48
CA PRO J 214 52.97 11.65 -27.73
C PRO J 214 52.53 13.04 -28.21
N GLU J 215 52.34 14.03 -27.33
CA GLU J 215 51.94 15.38 -27.78
C GLU J 215 53.12 16.22 -28.35
N ASP J 216 54.35 15.68 -28.33
CA ASP J 216 55.52 16.38 -28.86
C ASP J 216 55.72 16.25 -30.36
N ILE J 217 54.89 15.46 -31.06
CA ILE J 217 55.02 15.26 -32.52
C ILE J 217 54.67 16.55 -33.21
N ALA J 218 55.67 17.40 -33.41
CA ALA J 218 55.52 18.70 -34.01
C ALA J 218 56.89 19.14 -34.58
N THR J 219 56.91 20.22 -35.39
CA THR J 219 58.18 20.71 -35.91
C THR J 219 58.60 21.91 -35.04
N TYR J 220 59.83 21.85 -34.50
CA TYR J 220 60.32 22.89 -33.61
C TYR J 220 61.20 23.85 -34.35
N TYR J 221 61.01 25.16 -34.13
CA TYR J 221 61.83 26.17 -34.78
C TYR J 221 62.52 27.04 -33.75
N CYS J 222 63.70 27.51 -34.07
CA CYS J 222 64.37 28.48 -33.21
C CYS J 222 64.23 29.88 -33.86
N GLN J 223 64.52 30.95 -33.11
CA GLN J 223 64.36 32.31 -33.63
C GLN J 223 65.26 33.28 -32.91
N GLN J 224 65.87 34.22 -33.63
CA GLN J 224 66.70 35.24 -33.00
C GLN J 224 66.04 36.61 -33.07
N TYR J 225 66.36 37.48 -32.11
CA TYR J 225 65.88 38.86 -32.11
C TYR J 225 67.02 39.88 -31.87
N HIS J 226 68.28 39.42 -31.78
CA HIS J 226 69.43 40.26 -31.51
C HIS J 226 69.66 41.26 -32.63
N TYR J 227 69.66 40.79 -33.88
CA TYR J 227 69.84 41.69 -35.02
C TYR J 227 68.52 41.80 -35.77
N LEU J 228 68.07 43.06 -35.93
CA LEU J 228 66.76 43.52 -36.42
C LEU J 228 66.08 42.64 -37.47
N PRO J 229 66.64 42.22 -38.64
CA PRO J 229 65.87 41.30 -39.51
C PRO J 229 65.72 39.95 -38.77
N LEU J 230 64.55 39.75 -38.14
CA LEU J 230 64.21 38.61 -37.30
C LEU J 230 64.25 37.35 -38.14
N THR J 231 65.11 36.39 -37.75
CA THR J 231 65.23 35.16 -38.52
C THR J 231 64.92 33.91 -37.73
N PHE J 232 64.34 32.93 -38.43
CA PHE J 232 63.99 31.63 -37.86
C PHE J 232 65.00 30.54 -38.31
N GLY J 233 64.91 29.38 -37.69
CA GLY J 233 65.71 28.23 -38.06
C GLY J 233 65.00 27.39 -39.11
N GLY J 234 65.67 26.34 -39.57
CA GLY J 234 65.10 25.43 -40.56
C GLY J 234 64.02 24.52 -40.03
N GLY J 235 63.98 24.36 -38.72
CA GLY J 235 63.00 23.50 -38.06
C GLY J 235 63.47 22.06 -37.93
N THR J 236 62.87 21.36 -36.99
CA THR J 236 63.16 19.96 -36.77
C THR J 236 61.85 19.21 -36.77
N LYS J 237 61.57 18.49 -37.85
CA LYS J 237 60.34 17.73 -37.95
C LYS J 237 60.51 16.50 -37.08
N LEU J 238 59.93 16.53 -35.89
CA LEU J 238 60.01 15.44 -34.93
C LEU J 238 58.81 14.49 -35.10
N GLU J 239 59.07 13.17 -35.20
CA GLU J 239 58.04 12.13 -35.37
C GLU J 239 58.34 10.90 -34.50
N ILE J 240 57.38 9.96 -34.35
CA ILE J 240 57.62 8.76 -33.55
C ILE J 240 58.04 7.55 -34.40
N LYS J 241 59.05 6.82 -33.94
CA LYS J 241 59.51 5.60 -34.59
C LYS J 241 59.04 4.36 -33.82
N ALA K 19 -62.67 -83.28 -0.26
CA ALA K 19 -62.57 -84.72 -0.02
C ALA K 19 -63.89 -85.27 0.58
N ASN K 20 -64.42 -84.59 1.62
CA ASN K 20 -65.67 -84.94 2.29
C ASN K 20 -66.29 -83.67 2.96
N SER K 21 -66.12 -82.53 2.29
CA SER K 21 -66.60 -81.24 2.77
C SER K 21 -67.42 -80.60 1.65
N ILE K 22 -68.51 -81.27 1.28
CA ILE K 22 -69.43 -80.82 0.25
C ILE K 22 -70.74 -80.44 0.93
N ASP K 23 -71.42 -79.41 0.40
CA ASP K 23 -72.71 -79.00 0.95
C ASP K 23 -73.77 -79.09 -0.14
N ILE K 24 -74.77 -79.96 0.05
CA ILE K 24 -75.87 -80.12 -0.90
C ILE K 24 -76.92 -79.04 -0.63
N LEU K 25 -77.42 -78.39 -1.68
CA LEU K 25 -78.36 -77.28 -1.53
C LEU K 25 -79.56 -77.34 -2.47
N GLN K 26 -80.77 -77.39 -1.91
CA GLN K 26 -82.02 -77.39 -2.67
C GLN K 26 -82.83 -76.11 -2.37
N GLU K 27 -82.33 -74.94 -2.80
CA GLU K 27 -82.98 -73.65 -2.53
C GLU K 27 -84.41 -73.52 -3.11
N LYS K 28 -84.63 -74.08 -4.31
CA LYS K 28 -85.93 -74.08 -4.99
C LYS K 28 -86.48 -75.54 -5.10
N GLU K 29 -87.72 -75.72 -5.59
CA GLU K 29 -88.29 -77.06 -5.76
C GLU K 29 -87.65 -77.72 -6.99
N GLY K 30 -86.99 -78.85 -6.76
CA GLY K 30 -86.32 -79.60 -7.82
C GLY K 30 -85.05 -78.95 -8.34
N HIS K 31 -84.35 -78.21 -7.50
CA HIS K 31 -83.11 -77.52 -7.89
C HIS K 31 -82.00 -77.87 -6.91
N LEU K 32 -81.22 -78.92 -7.19
CA LEU K 32 -80.11 -79.31 -6.32
C LEU K 32 -78.77 -78.79 -6.90
N ASP K 33 -77.84 -78.40 -6.00
CA ASP K 33 -76.48 -77.95 -6.31
C ASP K 33 -75.53 -78.32 -5.15
N PHE K 34 -74.22 -78.17 -5.35
CA PHE K 34 -73.25 -78.51 -4.31
C PHE K 34 -72.13 -77.48 -4.23
N VAL K 35 -71.54 -77.35 -3.04
CA VAL K 35 -70.44 -76.43 -2.80
C VAL K 35 -69.33 -77.20 -2.12
N ILE K 36 -68.15 -77.25 -2.72
CA ILE K 36 -67.01 -77.90 -2.08
C ILE K 36 -66.46 -76.81 -1.18
N ILE K 37 -66.76 -76.88 0.13
CA ILE K 37 -66.38 -75.89 1.14
C ILE K 37 -64.93 -75.36 1.01
N PRO K 38 -63.91 -76.24 0.94
CA PRO K 38 -62.53 -75.74 0.85
C PRO K 38 -62.21 -75.00 -0.43
N HIS K 39 -62.85 -75.38 -1.54
CA HIS K 39 -62.66 -74.71 -2.82
C HIS K 39 -63.21 -73.31 -2.76
N TYR K 40 -64.38 -73.14 -2.13
CA TYR K 40 -64.99 -71.83 -2.00
C TYR K 40 -64.09 -70.87 -1.23
N THR K 41 -63.63 -71.29 -0.01
CA THR K 41 -62.75 -70.46 0.82
C THR K 41 -61.45 -70.11 0.07
N PHE K 42 -60.85 -71.10 -0.61
CA PHE K 42 -59.61 -70.93 -1.34
C PHE K 42 -59.73 -69.88 -2.43
N LEU K 43 -60.71 -70.03 -3.34
CA LEU K 43 -60.89 -69.07 -4.41
C LEU K 43 -61.24 -67.69 -3.86
N ASP K 44 -61.97 -67.63 -2.74
CA ASP K 44 -62.34 -66.37 -2.12
C ASP K 44 -61.14 -65.66 -1.51
N TYR K 45 -60.20 -66.42 -0.92
CA TYR K 45 -58.99 -65.87 -0.32
C TYR K 45 -58.15 -65.17 -1.39
N TYR K 46 -57.99 -65.82 -2.54
CA TYR K 46 -57.23 -65.26 -3.64
C TYR K 46 -57.98 -64.15 -4.38
N LYS K 47 -59.31 -64.10 -4.25
CA LYS K 47 -60.11 -63.02 -4.80
C LYS K 47 -59.77 -61.76 -4.01
N HIS K 48 -59.73 -61.86 -2.66
CA HIS K 48 -59.40 -60.74 -1.78
C HIS K 48 -57.95 -60.31 -1.86
N LEU K 49 -57.04 -61.26 -2.07
CA LEU K 49 -55.62 -60.94 -2.22
C LEU K 49 -55.40 -60.10 -3.48
N SER K 50 -56.11 -60.44 -4.56
CA SER K 50 -56.03 -59.75 -5.84
C SER K 50 -56.46 -58.31 -5.72
N TYR K 51 -57.65 -58.08 -5.15
CA TYR K 51 -58.17 -56.72 -4.98
C TYR K 51 -57.28 -55.89 -4.08
N ASN K 52 -56.69 -56.49 -3.04
CA ASN K 52 -55.79 -55.77 -2.14
C ASN K 52 -54.49 -55.30 -2.82
N SER K 53 -54.17 -55.81 -4.01
CA SER K 53 -52.96 -55.46 -4.75
C SER K 53 -53.17 -54.41 -5.83
N ILE K 54 -54.25 -54.52 -6.63
CA ILE K 54 -54.54 -53.54 -7.68
C ILE K 54 -54.95 -52.17 -7.11
N TYR K 55 -55.54 -52.16 -5.89
CA TYR K 55 -55.98 -50.95 -5.20
C TYR K 55 -54.88 -50.34 -4.32
N HIS K 56 -53.80 -51.08 -4.01
CA HIS K 56 -52.70 -50.56 -3.20
C HIS K 56 -51.65 -49.91 -4.10
N LYS K 57 -51.36 -50.54 -5.26
CA LYS K 57 -50.39 -50.03 -6.23
C LYS K 57 -50.79 -48.62 -6.69
N SER K 58 -52.10 -48.40 -6.87
CA SER K 58 -52.71 -47.14 -7.29
C SER K 58 -52.13 -46.66 -8.61
N SER K 59 -52.07 -47.57 -9.57
CA SER K 59 -51.57 -47.34 -10.92
C SER K 59 -52.21 -48.37 -11.86
N THR K 60 -52.29 -49.63 -11.40
CA THR K 60 -52.89 -50.73 -12.14
C THR K 60 -54.37 -50.94 -11.71
N TYR K 61 -55.12 -49.83 -11.55
CA TYR K 61 -56.55 -49.90 -11.19
C TYR K 61 -57.41 -50.17 -12.44
N GLY K 62 -56.95 -49.77 -13.64
CA GLY K 62 -57.65 -50.11 -14.88
C GLY K 62 -57.78 -51.61 -15.05
N LYS K 63 -56.80 -52.36 -14.48
CA LYS K 63 -56.69 -53.81 -14.40
C LYS K 63 -57.77 -54.45 -13.51
N TYR K 64 -58.52 -53.66 -12.71
CA TYR K 64 -59.65 -54.19 -11.91
C TYR K 64 -60.70 -54.82 -12.84
N ILE K 65 -60.87 -54.26 -14.05
CA ILE K 65 -61.80 -54.76 -15.07
C ILE K 65 -61.29 -56.14 -15.60
N ALA K 66 -59.95 -56.36 -15.63
CA ALA K 66 -59.27 -57.61 -16.03
C ALA K 66 -59.13 -58.63 -14.89
N VAL K 67 -59.29 -58.19 -13.64
CA VAL K 67 -59.32 -59.04 -12.45
C VAL K 67 -60.78 -59.56 -12.32
N ASP K 68 -61.79 -58.67 -12.56
CA ASP K 68 -63.22 -59.02 -12.62
C ASP K 68 -63.46 -59.99 -13.81
N ALA K 69 -62.72 -59.79 -14.92
CA ALA K 69 -62.80 -60.64 -16.10
C ALA K 69 -62.15 -61.99 -15.82
N PHE K 70 -60.99 -62.01 -15.14
CA PHE K 70 -60.27 -63.25 -14.83
C PHE K 70 -61.07 -64.11 -13.89
N ILE K 71 -61.63 -63.51 -12.83
CA ILE K 71 -62.42 -64.26 -11.87
C ILE K 71 -63.67 -64.86 -12.54
N LYS K 72 -64.25 -64.15 -13.52
CA LYS K 72 -65.38 -64.66 -14.30
C LYS K 72 -64.95 -65.91 -15.08
N LYS K 73 -63.72 -65.91 -15.64
CA LYS K 73 -63.20 -67.08 -16.35
C LYS K 73 -63.04 -68.25 -15.38
N ILE K 74 -62.56 -67.99 -14.15
CA ILE K 74 -62.39 -69.02 -13.11
C ILE K 74 -63.73 -69.65 -12.77
N ASN K 75 -64.76 -68.82 -12.59
CA ASN K 75 -66.08 -69.32 -12.26
C ASN K 75 -66.69 -70.11 -13.41
N GLU K 76 -66.62 -69.58 -14.64
CA GLU K 76 -67.13 -70.28 -15.81
C GLU K 76 -66.42 -71.62 -16.01
N ALA K 77 -65.10 -71.67 -15.76
CA ALA K 77 -64.30 -72.88 -15.90
C ALA K 77 -64.65 -73.92 -14.83
N TYR K 78 -64.83 -73.49 -13.58
CA TYR K 78 -65.19 -74.36 -12.46
C TYR K 78 -66.60 -74.92 -12.67
N ASP K 79 -67.53 -74.08 -13.18
CA ASP K 79 -68.90 -74.49 -13.47
C ASP K 79 -68.96 -75.55 -14.57
N LYS K 80 -68.05 -75.47 -15.55
CA LYS K 80 -67.95 -76.45 -16.63
C LYS K 80 -67.56 -77.83 -16.06
N VAL K 81 -66.72 -77.86 -15.01
CA VAL K 81 -66.32 -79.10 -14.34
C VAL K 81 -67.48 -79.68 -13.52
N LYS K 82 -68.22 -78.81 -12.79
CA LYS K 82 -69.39 -79.20 -12.00
C LYS K 82 -70.46 -79.79 -12.93
N SER K 83 -70.64 -79.19 -14.12
CA SER K 83 -71.62 -79.61 -15.14
C SER K 83 -71.39 -81.01 -15.70
N LYS K 84 -70.20 -81.58 -15.50
CA LYS K 84 -69.94 -82.95 -15.94
C LYS K 84 -70.80 -83.93 -15.10
N CYS K 85 -70.93 -83.65 -13.81
CA CYS K 85 -71.72 -84.44 -12.88
C CYS K 85 -73.22 -84.08 -12.93
N ASN K 86 -73.70 -83.48 -14.03
CA ASN K 86 -75.10 -83.06 -14.14
C ASN K 86 -76.08 -84.18 -14.33
N ASP K 87 -75.66 -85.26 -14.99
CA ASP K 87 -76.55 -86.39 -15.23
C ASP K 87 -76.88 -87.09 -13.91
N ILE K 88 -75.85 -87.28 -13.07
CA ILE K 88 -75.97 -87.90 -11.75
C ILE K 88 -76.78 -87.01 -10.79
N LYS K 89 -76.57 -85.68 -10.90
CA LYS K 89 -77.28 -84.68 -10.11
C LYS K 89 -78.77 -84.68 -10.47
N ASN K 90 -79.09 -84.67 -11.79
CA ASN K 90 -80.48 -84.69 -12.26
C ASN K 90 -81.22 -85.99 -11.94
N ASP K 91 -80.47 -87.09 -11.78
CA ASP K 91 -81.00 -88.39 -11.39
C ASP K 91 -81.40 -88.33 -9.91
N LEU K 92 -80.54 -87.74 -9.07
CA LEU K 92 -80.82 -87.57 -7.64
C LEU K 92 -81.97 -86.58 -7.43
N ILE K 93 -82.11 -85.56 -8.30
CA ILE K 93 -83.21 -84.59 -8.24
C ILE K 93 -84.53 -85.32 -8.51
N ALA K 94 -84.54 -86.21 -9.52
CA ALA K 94 -85.72 -87.00 -9.89
C ALA K 94 -86.13 -87.95 -8.76
N THR K 95 -85.14 -88.52 -8.04
CA THR K 95 -85.36 -89.42 -6.92
C THR K 95 -85.96 -88.66 -5.74
N ILE K 96 -85.34 -87.53 -5.36
CA ILE K 96 -85.83 -86.69 -4.27
C ILE K 96 -87.25 -86.18 -4.56
N LYS K 97 -87.55 -85.89 -5.85
CA LYS K 97 -88.88 -85.44 -6.26
C LYS K 97 -89.93 -86.53 -5.96
N LYS K 98 -89.60 -87.80 -6.25
CA LYS K 98 -90.48 -88.95 -5.99
C LYS K 98 -90.67 -89.18 -4.49
N LEU K 99 -89.61 -88.99 -3.71
CA LEU K 99 -89.66 -89.13 -2.25
C LEU K 99 -90.50 -88.02 -1.57
N GLU K 100 -90.70 -86.90 -2.27
CA GLU K 100 -91.48 -85.78 -1.78
C GLU K 100 -92.94 -85.85 -2.27
N HIS K 101 -93.55 -87.06 -2.25
CA HIS K 101 -94.93 -87.33 -2.65
C HIS K 101 -95.59 -88.26 -1.63
N LYS K 114 -89.11 -99.61 -0.69
CA LYS K 114 -88.84 -98.18 -0.50
C LYS K 114 -87.75 -97.68 -1.44
N MET K 115 -87.83 -96.39 -1.80
CA MET K 115 -86.83 -95.71 -2.66
C MET K 115 -85.79 -94.92 -1.83
N MET K 116 -85.87 -94.97 -0.49
CA MET K 116 -84.95 -94.32 0.45
C MET K 116 -83.53 -94.89 0.23
N ASP K 117 -83.42 -96.19 0.00
CA ASP K 117 -82.16 -96.89 -0.27
C ASP K 117 -81.56 -96.43 -1.60
N GLU K 118 -82.42 -96.19 -2.60
CA GLU K 118 -82.07 -95.69 -3.94
C GLU K 118 -81.55 -94.24 -3.87
N TYR K 119 -82.08 -93.44 -2.93
CA TYR K 119 -81.66 -92.07 -2.72
C TYR K 119 -80.22 -92.07 -2.20
N ASN K 120 -79.92 -92.93 -1.21
CA ASN K 120 -78.59 -93.01 -0.62
C ASN K 120 -77.54 -93.40 -1.65
N THR K 121 -77.86 -94.38 -2.51
CA THR K 121 -76.94 -94.84 -3.56
C THR K 121 -76.75 -93.76 -4.64
N LYS K 122 -77.79 -92.99 -4.97
CA LYS K 122 -77.67 -91.91 -5.97
C LYS K 122 -76.94 -90.68 -5.40
N LYS K 123 -77.00 -90.48 -4.06
CA LYS K 123 -76.29 -89.41 -3.36
C LYS K 123 -74.82 -89.75 -3.28
N LYS K 124 -74.48 -91.01 -2.97
CA LYS K 124 -73.10 -91.49 -2.95
C LYS K 124 -72.49 -91.40 -4.37
N LYS K 125 -73.30 -91.67 -5.40
CA LYS K 125 -72.93 -91.61 -6.82
C LYS K 125 -72.51 -90.21 -7.25
N LEU K 126 -73.20 -89.19 -6.72
CA LEU K 126 -72.90 -87.80 -7.04
C LEU K 126 -71.57 -87.43 -6.39
N ILE K 127 -71.40 -87.75 -5.10
CA ILE K 127 -70.18 -87.51 -4.35
C ILE K 127 -68.99 -88.18 -5.03
N LYS K 128 -69.20 -89.40 -5.54
CA LYS K 128 -68.16 -90.14 -6.24
C LYS K 128 -67.61 -89.36 -7.44
N CYS K 129 -68.46 -88.97 -8.42
CA CYS K 129 -67.95 -88.24 -9.59
C CYS K 129 -67.40 -86.86 -9.24
N ILE K 130 -67.76 -86.28 -8.09
CA ILE K 130 -67.17 -85.01 -7.66
C ILE K 130 -65.71 -85.30 -7.31
N LYS K 131 -65.46 -86.35 -6.50
CA LYS K 131 -64.11 -86.78 -6.15
C LYS K 131 -63.30 -87.24 -7.36
N ASN K 132 -63.97 -87.66 -8.45
CA ASN K 132 -63.33 -88.07 -9.70
C ASN K 132 -62.75 -86.83 -10.38
N HIS K 133 -63.52 -85.73 -10.43
CA HIS K 133 -63.05 -84.50 -11.05
C HIS K 133 -62.19 -83.63 -10.12
N GLU K 134 -61.68 -84.21 -9.03
CA GLU K 134 -60.83 -83.56 -8.03
C GLU K 134 -59.71 -82.74 -8.65
N ASN K 135 -58.91 -83.32 -9.55
CA ASN K 135 -57.79 -82.61 -10.14
C ASN K 135 -58.19 -81.62 -11.23
N ASP K 136 -59.40 -81.75 -11.81
CA ASP K 136 -59.89 -80.78 -12.79
C ASP K 136 -60.23 -79.45 -12.06
N PHE K 137 -60.81 -79.56 -10.85
CA PHE K 137 -61.14 -78.42 -9.99
C PHE K 137 -59.85 -77.84 -9.41
N ASN K 138 -58.91 -78.71 -8.98
CA ASN K 138 -57.62 -78.32 -8.41
C ASN K 138 -56.80 -77.48 -9.37
N LYS K 139 -56.89 -77.78 -10.68
CA LYS K 139 -56.16 -77.03 -11.70
C LYS K 139 -56.66 -75.58 -11.73
N ILE K 140 -57.99 -75.39 -11.65
CA ILE K 140 -58.63 -74.07 -11.65
C ILE K 140 -58.23 -73.31 -10.40
N CYS K 141 -58.30 -73.98 -9.23
CA CYS K 141 -57.94 -73.42 -7.92
C CYS K 141 -56.49 -72.97 -7.94
N MET K 142 -55.59 -73.80 -8.46
CA MET K 142 -54.17 -73.48 -8.54
C MET K 142 -53.87 -72.28 -9.43
N ASP K 143 -54.57 -72.18 -10.57
CA ASP K 143 -54.43 -71.03 -11.47
C ASP K 143 -54.89 -69.74 -10.75
N MET K 144 -55.94 -69.84 -9.94
CA MET K 144 -56.44 -68.71 -9.16
C MET K 144 -55.40 -68.28 -8.12
N LYS K 145 -54.76 -69.25 -7.42
CA LYS K 145 -53.70 -68.97 -6.45
C LYS K 145 -52.56 -68.21 -7.14
N ASN K 146 -52.16 -68.68 -8.33
CA ASN K 146 -51.10 -68.06 -9.12
C ASN K 146 -51.44 -66.62 -9.50
N TYR K 147 -52.69 -66.35 -9.91
CA TYR K 147 -53.09 -65.02 -10.34
C TYR K 147 -52.98 -64.01 -9.23
N GLY K 148 -53.58 -64.33 -8.08
CA GLY K 148 -53.56 -63.47 -6.91
C GLY K 148 -52.18 -63.32 -6.31
N THR K 149 -51.40 -64.41 -6.33
CA THR K 149 -50.04 -64.37 -5.82
C THR K 149 -49.18 -63.49 -6.70
N ASN K 150 -49.37 -63.53 -8.04
CA ASN K 150 -48.60 -62.65 -8.92
C ASN K 150 -48.88 -61.20 -8.62
N LEU K 151 -50.14 -60.85 -8.38
CA LEU K 151 -50.50 -59.47 -8.04
C LEU K 151 -49.89 -59.08 -6.71
N PHE K 152 -49.97 -59.97 -5.71
CA PHE K 152 -49.43 -59.78 -4.36
C PHE K 152 -47.93 -59.51 -4.37
N GLU K 153 -47.21 -60.23 -5.24
CA GLU K 153 -45.78 -60.14 -5.41
C GLU K 153 -45.32 -58.83 -6.03
N GLN K 154 -46.17 -58.21 -6.88
CA GLN K 154 -45.84 -56.91 -7.46
C GLN K 154 -46.57 -55.91 -6.60
N LEU K 155 -45.96 -55.50 -5.50
CA LEU K 155 -46.60 -54.59 -4.57
C LEU K 155 -45.57 -53.54 -4.24
N SER K 156 -45.59 -52.39 -4.94
CA SER K 156 -44.64 -51.30 -4.68
C SER K 156 -44.99 -50.56 -3.37
N CYS K 157 -44.05 -49.74 -2.87
CA CYS K 157 -44.35 -49.00 -1.65
C CYS K 157 -43.84 -47.55 -1.55
N TYR K 158 -42.93 -47.10 -2.41
CA TYR K 158 -42.29 -45.77 -2.38
C TYR K 158 -41.32 -45.69 -1.21
N ASN K 159 -41.76 -45.96 0.05
CA ASN K 159 -40.82 -45.93 1.16
C ASN K 159 -40.47 -47.27 1.72
N ASN K 160 -41.39 -48.23 1.72
CA ASN K 160 -41.15 -49.58 2.24
C ASN K 160 -41.08 -49.61 3.78
N ASN K 161 -40.72 -48.50 4.42
CA ASN K 161 -40.78 -48.35 5.89
C ASN K 161 -42.15 -47.71 6.26
N PHE K 162 -42.79 -47.03 5.29
CA PHE K 162 -44.10 -46.40 5.40
C PHE K 162 -44.81 -46.80 4.12
N CYS K 163 -45.71 -47.80 4.25
CA CYS K 163 -46.53 -48.36 3.17
C CYS K 163 -47.95 -47.98 3.45
N ASN K 164 -48.64 -47.34 2.50
CA ASN K 164 -50.02 -46.91 2.70
C ASN K 164 -51.05 -48.01 2.80
N THR K 165 -51.85 -47.95 3.86
CA THR K 165 -52.92 -48.91 4.04
C THR K 165 -54.19 -48.47 3.34
N ASN K 166 -54.04 -47.90 2.13
CA ASN K 166 -55.16 -47.44 1.33
C ASN K 166 -55.85 -48.63 0.69
N GLY K 167 -55.07 -49.57 0.18
CA GLY K 167 -55.59 -50.79 -0.44
C GLY K 167 -56.46 -51.59 0.51
N ILE K 168 -56.09 -51.63 1.80
CA ILE K 168 -56.87 -52.35 2.79
C ILE K 168 -58.20 -51.65 3.06
N ARG K 169 -58.12 -50.33 3.33
CA ARG K 169 -59.22 -49.43 3.66
C ARG K 169 -60.26 -49.37 2.52
N TYR K 170 -59.79 -49.30 1.28
CA TYR K 170 -60.67 -49.23 0.13
C TYR K 170 -61.36 -50.57 -0.13
N HIS K 171 -60.60 -51.67 -0.06
CA HIS K 171 -61.16 -52.99 -0.27
C HIS K 171 -62.19 -53.32 0.80
N TYR K 172 -61.88 -53.03 2.08
CA TYR K 172 -62.80 -53.31 3.18
C TYR K 172 -64.14 -52.61 3.01
N ASP K 173 -64.17 -51.28 2.89
CA ASP K 173 -65.44 -50.56 2.77
C ASP K 173 -66.31 -50.97 1.54
N GLU K 174 -65.69 -51.28 0.36
CA GLU K 174 -66.50 -51.68 -0.79
C GLU K 174 -66.99 -53.13 -0.71
N TYR K 175 -66.06 -54.09 -0.64
CA TYR K 175 -66.42 -55.51 -0.64
C TYR K 175 -66.92 -56.13 0.67
N ILE K 176 -66.28 -55.82 1.81
CA ILE K 176 -66.59 -56.51 3.07
C ILE K 176 -67.51 -55.78 4.06
N HIS K 177 -67.38 -54.46 4.18
CA HIS K 177 -68.13 -53.68 5.15
C HIS K 177 -69.62 -53.86 5.08
N LYS K 178 -70.18 -53.81 3.87
CA LYS K 178 -71.60 -53.97 3.64
C LYS K 178 -72.15 -55.30 4.22
N LEU K 179 -71.39 -56.40 4.02
CA LEU K 179 -71.73 -57.74 4.50
C LEU K 179 -71.76 -57.80 6.01
N ILE K 180 -70.81 -57.10 6.68
CA ILE K 180 -70.73 -57.04 8.14
C ILE K 180 -72.03 -56.44 8.70
N LEU K 181 -72.49 -55.34 8.08
CA LEU K 181 -73.70 -54.65 8.51
C LEU K 181 -74.98 -55.44 8.27
N SER K 182 -75.08 -56.17 7.14
CA SER K 182 -76.28 -56.97 6.87
C SER K 182 -76.44 -58.07 7.92
N VAL K 183 -75.34 -58.73 8.26
CA VAL K 183 -75.29 -59.79 9.25
C VAL K 183 -75.55 -59.26 10.67
N LYS K 184 -75.00 -58.08 10.98
CA LYS K 184 -75.20 -57.44 12.28
C LYS K 184 -76.69 -57.17 12.54
N SER K 185 -77.42 -56.76 11.49
CA SER K 185 -78.85 -56.48 11.58
C SER K 185 -79.73 -57.75 11.65
N LYS K 186 -79.24 -58.85 11.09
CA LYS K 186 -80.00 -60.08 10.98
C LYS K 186 -80.36 -60.84 12.28
N ASN K 187 -79.44 -60.93 13.27
CA ASN K 187 -79.69 -61.71 14.51
C ASN K 187 -79.92 -63.18 14.12
N LEU K 188 -78.83 -63.85 13.71
CA LEU K 188 -78.83 -65.25 13.26
C LEU K 188 -79.13 -66.26 14.35
N ASN K 189 -79.11 -65.85 15.62
CA ASN K 189 -79.39 -66.74 16.75
C ASN K 189 -80.90 -66.94 16.88
N LYS K 190 -81.69 -65.87 16.67
CA LYS K 190 -83.14 -65.93 16.68
C LYS K 190 -83.61 -66.82 15.53
N ASP K 191 -82.96 -66.70 14.34
CA ASP K 191 -83.28 -67.51 13.16
C ASP K 191 -83.14 -69.00 13.49
N LEU K 192 -82.07 -69.37 14.24
CA LEU K 192 -81.78 -70.74 14.66
C LEU K 192 -82.81 -71.23 15.68
N SER K 193 -83.20 -70.34 16.62
CA SER K 193 -84.19 -70.65 17.64
C SER K 193 -85.54 -70.96 16.97
N ASP K 194 -85.93 -70.15 15.97
CA ASP K 194 -87.17 -70.34 15.23
C ASP K 194 -87.16 -71.64 14.40
N MET K 195 -85.98 -72.10 13.98
CA MET K 195 -85.83 -73.35 13.23
C MET K 195 -85.95 -74.57 14.13
N THR K 196 -85.54 -74.45 15.42
CA THR K 196 -85.69 -75.56 16.35
C THR K 196 -87.17 -75.79 16.62
N ASN K 197 -87.93 -74.70 16.81
CA ASN K 197 -89.38 -74.74 17.05
C ASN K 197 -90.09 -75.43 15.89
N ILE K 198 -89.64 -75.18 14.65
CA ILE K 198 -90.19 -75.81 13.46
C ILE K 198 -89.96 -77.32 13.50
N LEU K 199 -88.73 -77.74 13.83
CA LEU K 199 -88.36 -79.17 13.92
C LEU K 199 -89.04 -79.88 15.11
N GLN K 200 -89.35 -79.13 16.18
CA GLN K 200 -90.04 -79.66 17.36
C GLN K 200 -91.53 -79.87 17.05
N GLN K 201 -92.13 -78.93 16.32
CA GLN K 201 -93.53 -79.02 15.92
C GLN K 201 -93.72 -80.21 14.98
N SER K 202 -92.78 -80.39 14.04
CA SER K 202 -92.82 -81.50 13.11
C SER K 202 -92.58 -82.83 13.84
N GLU K 203 -91.68 -82.83 14.82
CA GLU K 203 -91.36 -84.01 15.62
C GLU K 203 -92.55 -84.45 16.47
N LEU K 204 -93.38 -83.49 16.94
CA LEU K 204 -94.56 -83.78 17.74
C LEU K 204 -95.67 -84.33 16.85
N LEU K 205 -95.86 -83.73 15.67
CA LEU K 205 -96.86 -84.18 14.71
C LEU K 205 -96.53 -85.60 14.20
N LEU K 206 -95.23 -85.87 13.98
CA LEU K 206 -94.71 -87.14 13.51
C LEU K 206 -94.96 -88.24 14.55
N THR K 207 -94.76 -87.93 15.84
CA THR K 207 -94.98 -88.90 16.92
C THR K 207 -96.48 -89.06 17.24
N ASN K 208 -97.29 -88.01 17.03
CA ASN K 208 -98.74 -88.07 17.23
C ASN K 208 -99.39 -88.92 16.13
N LEU K 209 -98.85 -88.89 14.91
CA LEU K 209 -99.37 -89.71 13.82
C LEU K 209 -99.01 -91.16 14.11
N ASN K 210 -97.73 -91.42 14.49
CA ASN K 210 -97.24 -92.76 14.82
C ASN K 210 -98.00 -93.40 15.99
N LYS K 211 -98.26 -92.62 17.05
CA LYS K 211 -98.96 -93.10 18.24
C LYS K 211 -100.48 -93.24 17.99
N LYS K 212 -101.13 -92.17 17.49
CA LYS K 212 -102.56 -92.19 17.25
C LYS K 212 -102.96 -92.96 15.97
N MET K 213 -102.83 -92.34 14.78
CA MET K 213 -103.24 -93.00 13.54
C MET K 213 -102.07 -93.20 12.58
N GLY K 214 -101.30 -94.26 12.80
CA GLY K 214 -100.16 -94.59 11.93
C GLY K 214 -100.55 -95.19 10.59
N SER K 215 -101.84 -95.50 10.41
CA SER K 215 -102.40 -96.07 9.19
C SER K 215 -102.63 -94.98 8.13
N TYR K 216 -101.67 -94.06 7.98
CA TYR K 216 -101.79 -92.95 7.03
C TYR K 216 -100.85 -93.05 5.86
N ILE K 217 -101.28 -92.48 4.74
CA ILE K 217 -100.47 -92.35 3.53
C ILE K 217 -99.50 -91.16 3.77
N TYR K 218 -98.32 -91.17 3.12
CA TYR K 218 -97.30 -90.10 3.20
C TYR K 218 -96.61 -89.96 4.56
N ILE K 219 -96.74 -90.94 5.47
CA ILE K 219 -96.08 -90.85 6.78
C ILE K 219 -94.56 -90.95 6.66
N ASP K 220 -94.07 -91.74 5.68
CA ASP K 220 -92.66 -91.94 5.41
C ASP K 220 -92.05 -90.70 4.77
N THR K 221 -92.81 -90.01 3.91
CA THR K 221 -92.33 -88.78 3.26
C THR K 221 -92.15 -87.65 4.29
N ILE K 222 -93.01 -87.61 5.34
CA ILE K 222 -92.91 -86.64 6.42
C ILE K 222 -91.63 -86.91 7.22
N LYS K 223 -91.40 -88.19 7.55
CA LYS K 223 -90.25 -88.65 8.30
C LYS K 223 -88.93 -88.36 7.55
N PHE K 224 -88.95 -88.49 6.21
CA PHE K 224 -87.79 -88.21 5.35
C PHE K 224 -87.48 -86.73 5.32
N ILE K 225 -88.51 -85.89 5.08
CA ILE K 225 -88.34 -84.45 5.02
C ILE K 225 -87.85 -83.90 6.35
N HIS K 226 -88.41 -84.37 7.47
CA HIS K 226 -87.96 -83.92 8.79
C HIS K 226 -86.53 -84.37 9.07
N LYS K 227 -86.16 -85.56 8.61
CA LYS K 227 -84.79 -86.06 8.80
C LYS K 227 -83.80 -85.21 8.00
N GLU K 228 -84.18 -84.85 6.77
CA GLU K 228 -83.35 -84.04 5.88
C GLU K 228 -83.22 -82.61 6.43
N MET K 229 -84.33 -82.06 6.94
CA MET K 229 -84.37 -80.72 7.54
C MET K 229 -83.60 -80.63 8.85
N LYS K 230 -83.51 -81.74 9.59
CA LYS K 230 -82.76 -81.77 10.85
C LYS K 230 -81.26 -81.62 10.55
N HIS K 231 -80.79 -82.27 9.46
CA HIS K 231 -79.39 -82.22 9.01
C HIS K 231 -79.03 -80.85 8.45
N ILE K 232 -79.97 -80.22 7.70
CA ILE K 232 -79.82 -78.87 7.14
C ILE K 232 -79.62 -77.88 8.28
N PHE K 233 -80.43 -78.02 9.35
CA PHE K 233 -80.35 -77.18 10.53
C PHE K 233 -78.96 -77.25 11.17
N ASN K 234 -78.38 -78.45 11.27
CA ASN K 234 -77.07 -78.61 11.88
C ASN K 234 -75.98 -77.92 11.07
N ARG K 235 -76.11 -77.93 9.74
CA ARG K 235 -75.15 -77.26 8.87
C ARG K 235 -75.30 -75.74 8.95
N ILE K 236 -76.53 -75.24 9.14
CA ILE K 236 -76.80 -73.81 9.34
C ILE K 236 -76.24 -73.39 10.71
N GLU K 237 -76.45 -74.22 11.72
CA GLU K 237 -75.96 -74.04 13.09
C GLU K 237 -74.43 -73.90 13.12
N TYR K 238 -73.73 -74.65 12.25
CA TYR K 238 -72.29 -74.63 12.11
C TYR K 238 -71.83 -73.31 11.49
N HIS K 239 -72.41 -72.95 10.35
CA HIS K 239 -72.04 -71.74 9.63
C HIS K 239 -72.35 -70.48 10.42
N THR K 240 -73.50 -70.41 11.10
CA THR K 240 -73.85 -69.24 11.91
C THR K 240 -72.87 -69.03 13.05
N LYS K 241 -72.29 -70.12 13.60
CA LYS K 241 -71.30 -70.03 14.67
C LYS K 241 -70.05 -69.32 14.14
N ILE K 242 -69.61 -69.69 12.92
CA ILE K 242 -68.47 -69.08 12.25
C ILE K 242 -68.72 -67.61 11.98
N ILE K 243 -69.86 -67.28 11.32
CA ILE K 243 -70.23 -65.89 11.01
C ILE K 243 -70.22 -65.03 12.26
N ASN K 244 -70.79 -65.53 13.35
CA ASN K 244 -70.85 -64.82 14.62
C ASN K 244 -69.50 -64.32 15.11
N ASP K 245 -68.51 -65.21 15.26
CA ASP K 245 -67.20 -64.78 15.77
C ASP K 245 -66.37 -64.10 14.70
N LYS K 246 -66.45 -64.54 13.44
CA LYS K 246 -65.72 -63.91 12.35
C LYS K 246 -66.17 -62.46 12.11
N THR K 247 -67.42 -62.12 12.46
CA THR K 247 -67.91 -60.75 12.35
C THR K 247 -67.14 -59.90 13.37
N LYS K 248 -67.02 -60.39 14.62
CA LYS K 248 -66.29 -59.71 15.68
C LYS K 248 -64.82 -59.55 15.29
N ILE K 249 -64.18 -60.65 14.87
CA ILE K 249 -62.78 -60.65 14.48
C ILE K 249 -62.49 -59.63 13.36
N ILE K 250 -63.20 -59.71 12.24
CA ILE K 250 -63.02 -58.78 11.11
C ILE K 250 -63.18 -57.32 11.55
N GLN K 251 -64.21 -57.03 12.33
CA GLN K 251 -64.50 -55.68 12.80
C GLN K 251 -63.41 -55.13 13.73
N ASP K 252 -62.79 -56.00 14.54
CA ASP K 252 -61.74 -55.59 15.47
C ASP K 252 -60.42 -55.40 14.72
N LYS K 253 -60.07 -56.37 13.85
CA LYS K 253 -58.83 -56.39 13.09
C LYS K 253 -58.73 -55.24 12.11
N ILE K 254 -59.81 -54.97 11.35
CA ILE K 254 -59.78 -53.90 10.36
C ILE K 254 -59.42 -52.55 10.96
N LYS K 255 -59.87 -52.27 12.20
CA LYS K 255 -59.57 -51.03 12.92
C LYS K 255 -58.05 -50.78 13.03
N LEU K 256 -57.28 -51.86 13.15
CA LEU K 256 -55.84 -51.84 13.38
C LEU K 256 -54.97 -51.81 12.13
N ASN K 257 -55.56 -52.05 10.96
CA ASN K 257 -54.80 -52.08 9.71
C ASN K 257 -55.45 -51.08 8.74
N ILE K 258 -55.85 -49.87 9.23
CA ILE K 258 -56.59 -48.98 8.33
C ILE K 258 -56.05 -47.54 8.17
N TRP K 259 -55.61 -46.83 9.24
CA TRP K 259 -55.06 -45.48 9.03
C TRP K 259 -53.60 -45.43 9.52
N ARG K 260 -52.85 -46.47 9.14
CA ARG K 260 -51.46 -46.73 9.51
C ARG K 260 -50.50 -46.70 8.30
N THR K 261 -49.20 -46.90 8.57
CA THR K 261 -48.18 -47.05 7.56
C THR K 261 -47.26 -48.15 8.04
N PHE K 262 -47.51 -49.36 7.57
CA PHE K 262 -46.70 -50.51 7.96
C PHE K 262 -45.42 -50.60 7.13
N GLN K 263 -44.44 -51.36 7.62
CA GLN K 263 -43.25 -51.67 6.83
C GLN K 263 -43.73 -52.74 5.85
N LYS K 264 -43.27 -52.74 4.59
CA LYS K 264 -43.72 -53.69 3.56
C LYS K 264 -43.96 -55.14 4.06
N ASP K 265 -42.99 -55.72 4.80
CA ASP K 265 -43.13 -57.07 5.38
C ASP K 265 -44.39 -57.21 6.22
N GLU K 266 -44.62 -56.25 7.12
CA GLU K 266 -45.78 -56.22 8.00
C GLU K 266 -47.07 -55.88 7.26
N LEU K 267 -46.99 -55.03 6.24
CA LEU K 267 -48.13 -54.65 5.40
C LEU K 267 -48.66 -55.89 4.70
N LEU K 268 -47.75 -56.68 4.07
CA LEU K 268 -48.11 -57.90 3.36
C LEU K 268 -48.72 -58.92 4.29
N LYS K 269 -48.16 -59.05 5.52
CA LYS K 269 -48.68 -59.94 6.55
C LYS K 269 -50.14 -59.62 6.88
N ARG K 270 -50.48 -58.32 7.00
CA ARG K 270 -51.84 -57.90 7.30
C ARG K 270 -52.77 -58.24 6.17
N ILE K 271 -52.36 -57.98 4.91
CA ILE K 271 -53.16 -58.30 3.72
C ILE K 271 -53.54 -59.78 3.69
N LEU K 272 -52.58 -60.67 4.00
CA LEU K 272 -52.86 -62.11 4.00
C LEU K 272 -53.82 -62.46 5.14
N ASP K 273 -53.57 -61.92 6.34
CA ASP K 273 -54.39 -62.15 7.51
C ASP K 273 -55.83 -61.72 7.29
N MET K 274 -56.02 -60.54 6.71
CA MET K 274 -57.34 -60.02 6.43
C MET K 274 -58.01 -60.88 5.38
N SER K 275 -57.34 -61.13 4.24
CA SER K 275 -57.87 -62.00 3.17
C SER K 275 -58.31 -63.37 3.68
N ASN K 276 -57.68 -63.86 4.75
CA ASN K 276 -58.02 -65.13 5.39
C ASN K 276 -59.33 -65.00 6.17
N GLU K 277 -59.41 -63.98 7.04
CA GLU K 277 -60.59 -63.73 7.84
C GLU K 277 -61.80 -63.45 6.96
N TYR K 278 -61.61 -62.65 5.90
CA TYR K 278 -62.66 -62.33 4.95
C TYR K 278 -63.17 -63.62 4.28
N SER K 279 -62.25 -64.50 3.80
CA SER K 279 -62.61 -65.74 3.11
C SER K 279 -63.42 -66.73 3.95
N LEU K 280 -63.04 -66.94 5.22
CA LEU K 280 -63.78 -67.84 6.11
C LEU K 280 -65.17 -67.29 6.39
N PHE K 281 -65.26 -65.96 6.59
CA PHE K 281 -66.53 -65.30 6.85
C PHE K 281 -67.46 -65.38 5.65
N ILE K 282 -66.98 -65.00 4.46
CA ILE K 282 -67.81 -65.00 3.27
C ILE K 282 -68.29 -66.38 2.89
N THR K 283 -67.45 -67.41 3.12
CA THR K 283 -67.82 -68.78 2.82
C THR K 283 -69.00 -69.22 3.70
N SER K 284 -68.85 -69.13 5.02
CA SER K 284 -69.87 -69.54 5.97
C SER K 284 -71.11 -68.70 5.85
N ASP K 285 -70.98 -67.39 5.52
CA ASP K 285 -72.16 -66.55 5.35
C ASP K 285 -72.94 -66.92 4.09
N HIS K 286 -72.23 -67.13 2.98
CA HIS K 286 -72.84 -67.50 1.72
C HIS K 286 -73.59 -68.83 1.85
N LEU K 287 -72.93 -69.82 2.45
CA LEU K 287 -73.52 -71.14 2.65
C LEU K 287 -74.69 -71.13 3.62
N ARG K 288 -74.61 -70.34 4.70
CA ARG K 288 -75.70 -70.27 5.67
C ARG K 288 -76.96 -69.74 5.00
N GLN K 289 -76.83 -68.72 4.15
CA GLN K 289 -77.98 -68.15 3.45
C GLN K 289 -78.56 -69.14 2.47
N MET K 290 -77.71 -69.90 1.76
CA MET K 290 -78.19 -70.88 0.80
C MET K 290 -78.93 -72.01 1.51
N LEU K 291 -78.36 -72.52 2.62
CA LEU K 291 -78.94 -73.59 3.44
C LEU K 291 -80.25 -73.15 4.10
N TYR K 292 -80.34 -71.87 4.48
CA TYR K 292 -81.52 -71.26 5.07
C TYR K 292 -82.68 -71.37 4.08
N ASN K 293 -82.42 -71.05 2.80
CA ASN K 293 -83.42 -71.12 1.73
C ASN K 293 -83.87 -72.54 1.50
N THR K 294 -82.95 -73.51 1.59
CA THR K 294 -83.28 -74.93 1.38
C THR K 294 -84.08 -75.47 2.58
N PHE K 295 -83.78 -75.01 3.81
CA PHE K 295 -84.51 -75.45 4.99
C PHE K 295 -85.98 -75.02 4.88
N TYR K 296 -86.20 -73.77 4.48
CA TYR K 296 -87.55 -73.26 4.33
C TYR K 296 -88.24 -73.73 3.03
N SER K 297 -87.47 -74.14 2.01
CA SER K 297 -88.06 -74.72 0.79
C SER K 297 -88.57 -76.12 1.14
N LYS K 298 -87.80 -76.89 1.93
CA LYS K 298 -88.22 -78.20 2.37
C LYS K 298 -89.41 -78.09 3.33
N GLU K 299 -89.43 -77.06 4.20
CA GLU K 299 -90.57 -76.84 5.10
C GLU K 299 -91.83 -76.39 4.36
N LYS K 300 -91.69 -75.81 3.16
CA LYS K 300 -92.84 -75.41 2.36
C LYS K 300 -93.52 -76.68 1.86
N HIS K 301 -92.76 -77.65 1.33
CA HIS K 301 -93.34 -78.93 0.89
C HIS K 301 -93.73 -79.86 2.05
N LEU K 302 -93.22 -79.58 3.27
CA LEU K 302 -93.49 -80.29 4.52
C LEU K 302 -94.85 -79.87 5.06
N ASN K 303 -95.17 -78.57 5.01
CA ASN K 303 -96.46 -78.09 5.50
C ASN K 303 -97.61 -78.38 4.51
N ASN K 304 -97.30 -78.48 3.20
CA ASN K 304 -98.28 -78.84 2.17
C ASN K 304 -98.80 -80.26 2.41
N ILE K 305 -97.89 -81.18 2.82
CA ILE K 305 -98.25 -82.57 3.15
C ILE K 305 -98.81 -82.66 4.58
N PHE K 306 -98.24 -81.89 5.51
CA PHE K 306 -98.66 -81.85 6.91
C PHE K 306 -100.13 -81.53 7.05
N HIS K 307 -100.60 -80.54 6.30
CA HIS K 307 -101.98 -80.08 6.33
C HIS K 307 -102.94 -81.13 5.71
N HIS K 308 -102.47 -81.83 4.67
CA HIS K 308 -103.24 -82.89 4.02
C HIS K 308 -103.53 -84.03 5.00
N LEU K 309 -102.56 -84.40 5.86
CA LEU K 309 -102.78 -85.50 6.80
C LEU K 309 -103.63 -85.10 8.01
N ILE K 310 -103.72 -83.79 8.32
CA ILE K 310 -104.62 -83.32 9.38
C ILE K 310 -106.08 -83.28 8.86
N TYR K 311 -106.28 -83.13 7.52
CA TYR K 311 -107.61 -83.13 6.91
C TYR K 311 -108.13 -84.56 6.81
N VAL K 312 -107.26 -85.50 6.37
CA VAL K 312 -107.60 -86.93 6.29
C VAL K 312 -107.77 -87.58 7.70
N LEU K 313 -107.37 -86.85 8.77
CA LEU K 313 -107.58 -87.20 10.17
C LEU K 313 -109.10 -87.05 10.47
N GLN K 314 -109.72 -85.95 9.96
CA GLN K 314 -111.14 -85.62 10.07
C GLN K 314 -112.05 -86.49 9.16
N MET K 315 -111.47 -87.10 8.10
CA MET K 315 -112.15 -88.00 7.16
C MET K 315 -112.46 -89.37 7.81
N LYS K 316 -111.69 -89.76 8.85
CA LYS K 316 -111.87 -91.00 9.61
C LYS K 316 -112.86 -90.79 10.79
N PHE K 317 -112.96 -89.54 11.31
CA PHE K 317 -113.83 -89.15 12.43
C PHE K 317 -115.35 -89.17 12.11
N ASN K 318 -115.72 -88.92 10.84
CA ASN K 318 -117.10 -88.86 10.34
C ASN K 318 -118.02 -89.98 10.81
#